data_2H3C
#
_entry.id   2H3C
#
loop_
_entity.id
_entity.type
_entity.pdbx_description
1 polymer "5'-D(P*AP*TP*AP*TP*GP*TP*AP*TP*AP*CP*CP*CP*G)-3'"
2 polymer "5'-D(P*TP*CP*GP*GP*GP*TP*AP*TP*AP*CP*AP*TP*A)-3'"
3 polymer CcdA
#
loop_
_entity_poly.entity_id
_entity_poly.type
_entity_poly.pdbx_seq_one_letter_code
_entity_poly.pdbx_strand_id
1 'polydeoxyribonucleotide' (DA)(DT)(DA)(DT)(DG)(DT)(DA)(DT)(DA)(DC)(DC)(DC)(DG) C
2 'polydeoxyribonucleotide' (DT)(DC)(DG)(DG)(DG)(DT)(DA)(DT)(DA)(DC)(DA)(DT)(DA) D
3 'polypeptide(L)' MKQRITVTVDSDSYQLLKAYDVNISGLVSTTMQNEARRLRAERWKVENQEGMVEVARFIEMNGSFADENKDW A,B
#
# COMPACT_ATOMS: atom_id res chain seq x y z
N MET C 1 -23.82 5.77 4.31
CA MET C 1 -23.61 4.35 4.69
C MET C 1 -22.44 3.73 3.91
N LYS C 2 -21.22 3.96 4.41
CA LYS C 2 -20.00 3.45 3.77
C LYS C 2 -19.71 4.21 2.47
N GLN C 3 -18.44 4.49 2.22
CA GLN C 3 -18.04 5.22 1.03
C GLN C 3 -17.26 4.36 0.07
N ARG C 4 -17.78 4.22 -1.14
CA ARG C 4 -17.13 3.39 -2.13
C ARG C 4 -15.95 4.10 -2.76
N ILE C 5 -14.77 3.61 -2.41
CA ILE C 5 -13.53 4.13 -2.92
C ILE C 5 -12.94 3.07 -3.82
N THR C 6 -12.79 3.37 -5.09
CA THR C 6 -12.28 2.34 -5.97
C THR C 6 -11.16 2.80 -6.90
N VAL C 7 -10.10 1.99 -7.00
CA VAL C 7 -8.97 2.25 -7.91
C VAL C 7 -9.15 1.39 -9.16
N THR C 8 -9.42 2.01 -10.31
CA THR C 8 -9.62 1.25 -11.55
C THR C 8 -8.31 0.66 -12.07
N VAL C 9 -7.74 -0.31 -11.36
CA VAL C 9 -6.51 -0.92 -11.81
C VAL C 9 -6.79 -2.26 -12.50
N ASP C 10 -6.23 -3.35 -11.97
CA ASP C 10 -6.36 -4.68 -12.52
C ASP C 10 -5.17 -5.45 -11.98
N SER C 11 -4.04 -5.34 -12.66
CA SER C 11 -2.83 -6.00 -12.23
C SER C 11 -1.85 -5.03 -11.54
N ASP C 12 -2.28 -3.79 -11.19
CA ASP C 12 -1.39 -2.87 -10.51
C ASP C 12 -1.20 -3.34 -9.06
N SER C 13 -0.68 -4.55 -8.91
CA SER C 13 -0.46 -5.18 -7.60
C SER C 13 -1.77 -5.38 -6.81
N TYR C 14 -2.81 -4.59 -7.13
CA TYR C 14 -4.11 -4.67 -6.47
C TYR C 14 -4.61 -6.11 -6.40
N GLN C 15 -4.78 -6.72 -7.59
CA GLN C 15 -5.30 -8.07 -7.70
C GLN C 15 -4.59 -9.06 -6.76
N LEU C 16 -3.28 -8.91 -6.57
CA LEU C 16 -2.52 -9.81 -5.70
C LEU C 16 -3.05 -9.79 -4.25
N LEU C 17 -3.22 -8.58 -3.71
CA LEU C 17 -3.71 -8.42 -2.33
C LEU C 17 -4.98 -9.21 -2.09
N LYS C 18 -5.99 -8.95 -2.91
CA LYS C 18 -7.26 -9.65 -2.80
C LYS C 18 -7.09 -11.09 -3.24
N ALA C 19 -6.14 -11.30 -4.14
CA ALA C 19 -5.83 -12.61 -4.67
C ALA C 19 -5.30 -13.53 -3.57
N TYR C 20 -4.71 -12.93 -2.53
CA TYR C 20 -4.20 -13.73 -1.43
C TYR C 20 -5.31 -13.95 -0.40
N ASP C 21 -6.13 -12.91 -0.09
CA ASP C 21 -7.25 -13.08 0.86
C ASP C 21 -7.71 -11.77 1.51
N VAL C 22 -7.69 -10.66 0.78
CA VAL C 22 -8.10 -9.40 1.37
C VAL C 22 -8.32 -8.28 0.34
N ASN C 23 -9.58 -8.11 -0.07
CA ASN C 23 -9.93 -7.08 -1.05
C ASN C 23 -9.72 -5.70 -0.44
N ILE C 24 -8.45 -5.39 -0.16
CA ILE C 24 -7.94 -4.14 0.39
C ILE C 24 -8.77 -3.39 1.44
N SER C 25 -10.00 -3.81 1.73
CA SER C 25 -10.85 -3.11 2.70
C SER C 25 -10.03 -2.58 3.89
N GLY C 26 -9.41 -3.49 4.64
CA GLY C 26 -8.60 -3.11 5.78
C GLY C 26 -7.21 -2.63 5.41
N LEU C 27 -6.64 -3.19 4.33
CA LEU C 27 -5.31 -2.81 3.89
C LEU C 27 -5.26 -1.35 3.46
N VAL C 28 -6.04 -1.00 2.43
CA VAL C 28 -6.08 0.36 1.95
C VAL C 28 -6.20 1.34 3.10
N SER C 29 -7.35 1.32 3.77
CA SER C 29 -7.61 2.19 4.92
C SER C 29 -6.49 2.12 5.95
N THR C 30 -5.90 0.94 6.17
CA THR C 30 -4.80 0.82 7.11
C THR C 30 -3.65 1.63 6.57
N THR C 31 -3.34 1.37 5.30
CA THR C 31 -2.30 2.07 4.61
C THR C 31 -2.62 3.57 4.56
N MET C 32 -3.90 3.87 4.32
CA MET C 32 -4.38 5.23 4.25
C MET C 32 -4.08 6.00 5.52
N GLN C 33 -4.58 5.51 6.65
CA GLN C 33 -4.35 6.20 7.92
C GLN C 33 -2.86 6.46 8.14
N ASN C 34 -2.02 5.52 7.70
CA ASN C 34 -0.58 5.65 7.83
C ASN C 34 -0.04 6.75 6.91
N GLU C 35 -0.32 6.64 5.60
CA GLU C 35 0.11 7.68 4.66
C GLU C 35 -0.69 8.95 4.89
N ALA C 36 -1.83 8.81 5.58
CA ALA C 36 -2.68 9.94 5.91
C ALA C 36 -2.06 10.73 7.05
N ARG C 37 -1.69 10.00 8.11
CA ARG C 37 -1.04 10.62 9.27
C ARG C 37 0.32 11.13 8.90
N ARG C 38 1.13 10.23 8.38
CA ARG C 38 2.48 10.56 7.99
C ARG C 38 2.47 11.60 6.87
N LEU C 39 1.64 11.34 5.85
CA LEU C 39 1.50 12.23 4.69
C LEU C 39 2.83 12.86 4.28
N ARG C 40 3.90 12.07 4.36
CA ARG C 40 5.25 12.52 4.01
C ARG C 40 6.26 11.38 4.18
N ALA C 41 6.77 10.89 3.06
CA ALA C 41 7.74 9.79 3.04
C ALA C 41 7.06 8.43 3.22
N GLU C 42 6.79 7.76 2.10
CA GLU C 42 6.15 6.45 2.12
C GLU C 42 7.11 5.38 2.67
N ARG C 43 6.60 4.15 2.82
CA ARG C 43 7.43 3.06 3.34
C ARG C 43 7.36 1.82 2.45
N TRP C 44 8.51 1.42 1.90
CA TRP C 44 8.58 0.26 1.02
C TRP C 44 9.56 -0.79 1.55
N LYS C 45 9.65 -1.92 0.85
CA LYS C 45 10.54 -3.02 1.25
C LYS C 45 10.71 -4.03 0.10
N VAL C 46 11.96 -4.45 -0.15
CA VAL C 46 12.23 -5.40 -1.23
C VAL C 46 13.58 -6.11 -1.06
N GLU C 47 13.52 -7.39 -0.65
CA GLU C 47 14.73 -8.21 -0.49
C GLU C 47 14.75 -9.26 -1.60
N ASN C 48 13.80 -10.19 -1.54
CA ASN C 48 13.65 -11.23 -2.54
C ASN C 48 12.18 -11.34 -2.96
N GLN C 49 11.94 -11.50 -4.26
CA GLN C 49 10.57 -11.61 -4.77
C GLN C 49 9.94 -12.95 -4.39
N GLU C 50 9.49 -13.05 -3.13
CA GLU C 50 8.88 -14.26 -2.58
C GLU C 50 9.63 -15.53 -3.02
N GLY C 51 9.17 -16.17 -4.10
CA GLY C 51 9.82 -17.38 -4.59
C GLY C 51 9.39 -18.63 -3.83
N MET C 52 8.20 -18.57 -3.20
CA MET C 52 7.67 -19.69 -2.43
C MET C 52 8.43 -19.92 -1.12
N VAL C 53 9.74 -20.04 -1.21
CA VAL C 53 10.60 -20.27 -0.04
C VAL C 53 10.84 -18.97 0.75
N GLU C 54 10.86 -19.10 2.08
CA GLU C 54 11.10 -17.96 2.96
C GLU C 54 12.19 -18.29 4.01
N VAL C 55 12.33 -17.42 5.01
CA VAL C 55 13.33 -17.62 6.06
C VAL C 55 12.92 -16.97 7.38
N ALA C 56 12.75 -15.65 7.37
CA ALA C 56 12.36 -14.88 8.56
C ALA C 56 13.47 -14.89 9.61
N ARG C 57 14.26 -13.82 9.63
CA ARG C 57 15.37 -13.68 10.57
C ARG C 57 15.03 -12.73 11.73
N PHE C 58 14.13 -11.78 11.50
CA PHE C 58 13.75 -10.82 12.54
C PHE C 58 12.42 -10.13 12.25
N ILE C 59 12.10 -9.10 13.05
CA ILE C 59 10.85 -8.35 12.90
C ILE C 59 11.08 -7.07 12.08
N GLU C 60 10.05 -6.63 11.35
CA GLU C 60 10.16 -5.43 10.53
C GLU C 60 8.85 -4.62 10.50
N MET C 61 7.76 -5.27 10.08
CA MET C 61 6.45 -4.61 9.99
C MET C 61 5.31 -5.60 10.23
N ASN C 62 4.16 -5.09 10.71
CA ASN C 62 3.00 -5.94 10.97
C ASN C 62 1.86 -5.63 9.99
N GLY C 63 0.97 -6.60 9.78
CA GLY C 63 -0.14 -6.41 8.83
C GLY C 63 -1.48 -6.90 9.35
N SER C 64 -1.49 -8.10 9.95
CA SER C 64 -2.72 -8.70 10.49
C SER C 64 -3.47 -9.45 9.39
N PHE C 65 -4.73 -9.81 9.66
CA PHE C 65 -5.56 -10.54 8.71
C PHE C 65 -4.88 -11.84 8.23
N ALA C 66 -4.31 -11.84 7.02
CA ALA C 66 -3.63 -13.03 6.49
C ALA C 66 -2.63 -12.66 5.40
N ASP C 67 -1.61 -11.93 5.79
CA ASP C 67 -0.56 -11.47 4.88
C ASP C 67 0.75 -11.19 5.63
N GLU C 68 0.72 -10.25 6.56
CA GLU C 68 1.90 -9.88 7.36
C GLU C 68 3.07 -9.36 6.50
N ASN C 69 4.09 -8.88 7.19
CA ASN C 69 5.28 -8.35 6.52
C ASN C 69 6.57 -8.92 7.15
N LYS C 70 7.01 -10.07 6.66
CA LYS C 70 8.23 -10.72 7.17
C LYS C 70 9.45 -10.39 6.31
N ASP C 71 10.63 -10.70 6.83
CA ASP C 71 11.88 -10.43 6.12
C ASP C 71 12.35 -11.63 5.30
N TRP C 72 12.37 -11.45 3.98
CA TRP C 72 12.80 -12.48 3.02
C TRP C 72 12.40 -12.08 1.59
N MET D 1 -9.13 -5.53 -20.25
CA MET D 1 -10.00 -4.55 -19.53
C MET D 1 -9.48 -4.29 -18.12
N LYS D 2 -9.62 -3.06 -17.63
CA LYS D 2 -9.17 -2.69 -16.29
C LYS D 2 -10.13 -3.21 -15.23
N GLN D 3 -9.66 -3.38 -14.00
CA GLN D 3 -10.50 -3.87 -12.93
C GLN D 3 -10.73 -2.81 -11.86
N ARG D 4 -11.97 -2.43 -11.71
CA ARG D 4 -12.32 -1.45 -10.71
C ARG D 4 -12.40 -2.12 -9.35
N ILE D 5 -11.48 -1.73 -8.48
CA ILE D 5 -11.41 -2.27 -7.13
C ILE D 5 -11.92 -1.23 -6.16
N THR D 6 -12.93 -1.55 -5.38
CA THR D 6 -13.50 -0.58 -4.47
C THR D 6 -13.55 -1.06 -3.01
N VAL D 7 -12.93 -0.28 -2.12
CA VAL D 7 -12.98 -0.51 -0.67
C VAL D 7 -14.00 0.47 -0.11
N THR D 8 -15.19 -0.01 0.22
CA THR D 8 -16.23 0.86 0.73
C THR D 8 -15.87 1.37 2.15
N VAL D 9 -15.17 2.51 2.19
CA VAL D 9 -14.74 3.11 3.45
C VAL D 9 -15.84 3.95 4.10
N ASP D 10 -15.54 5.20 4.54
CA ASP D 10 -16.50 6.05 5.25
C ASP D 10 -16.43 5.71 6.75
N SER D 11 -15.60 4.70 7.05
CA SER D 11 -15.37 4.24 8.41
C SER D 11 -13.88 3.99 8.64
N ASP D 12 -13.28 3.08 7.85
CA ASP D 12 -11.87 2.71 8.00
C ASP D 12 -10.92 3.92 8.16
N SER D 13 -10.36 4.46 7.07
CA SER D 13 -9.43 5.60 7.13
C SER D 13 -8.93 6.00 5.73
N TYR D 14 -9.83 5.88 4.75
CA TYR D 14 -9.51 6.18 3.33
C TYR D 14 -9.60 7.67 3.01
N GLN D 15 -10.68 8.31 3.47
CA GLN D 15 -10.91 9.72 3.17
C GLN D 15 -9.68 10.59 3.43
N LEU D 16 -8.88 10.28 4.45
CA LEU D 16 -7.69 11.10 4.74
C LEU D 16 -6.71 11.15 3.56
N LEU D 17 -6.25 9.97 3.10
CA LEU D 17 -5.27 9.94 2.00
C LEU D 17 -5.77 10.74 0.79
N LYS D 18 -7.05 10.61 0.49
CA LYS D 18 -7.65 11.35 -0.61
C LYS D 18 -7.94 12.78 -0.20
N ALA D 19 -8.14 12.97 1.10
CA ALA D 19 -8.40 14.27 1.68
C ALA D 19 -7.21 15.18 1.45
N TYR D 20 -6.01 14.58 1.37
CA TYR D 20 -4.82 15.36 1.13
C TYR D 20 -4.61 15.49 -0.38
N ASP D 21 -4.77 14.39 -1.15
CA ASP D 21 -4.64 14.45 -2.63
C ASP D 21 -4.39 13.08 -3.28
N VAL D 22 -4.62 11.98 -2.57
CA VAL D 22 -4.34 10.68 -3.15
C VAL D 22 -5.18 9.58 -2.56
N ASN D 23 -6.32 9.27 -3.18
CA ASN D 23 -7.16 8.19 -2.68
C ASN D 23 -6.28 6.92 -2.64
N ILE D 24 -6.37 6.08 -3.66
CA ILE D 24 -5.55 4.87 -3.66
C ILE D 24 -5.01 4.46 -5.02
N SER D 25 -5.33 5.20 -6.08
CA SER D 25 -4.87 4.81 -7.41
C SER D 25 -3.42 4.28 -7.35
N GLY D 26 -2.48 5.16 -6.96
CA GLY D 26 -1.09 4.74 -6.82
C GLY D 26 -0.79 4.15 -5.45
N LEU D 27 -1.58 4.56 -4.45
CA LEU D 27 -1.44 4.07 -3.09
C LEU D 27 -1.67 2.57 -3.03
N VAL D 28 -2.89 2.16 -3.42
CA VAL D 28 -3.28 0.76 -3.42
C VAL D 28 -2.22 -0.10 -4.11
N SER D 29 -2.05 0.09 -5.42
CA SER D 29 -1.07 -0.66 -6.19
C SER D 29 0.32 -0.67 -5.53
N THR D 30 0.70 0.44 -4.88
CA THR D 30 1.98 0.54 -4.19
C THR D 30 1.95 -0.34 -2.97
N THR D 31 0.95 -0.13 -2.12
CA THR D 31 0.84 -0.90 -0.92
C THR D 31 0.64 -2.38 -1.23
N MET D 32 -0.18 -2.67 -2.23
CA MET D 32 -0.44 -4.05 -2.62
C MET D 32 0.87 -4.78 -2.96
N GLN D 33 1.70 -4.20 -3.82
CA GLN D 33 2.97 -4.84 -4.19
C GLN D 33 3.82 -5.14 -2.96
N ASN D 34 3.82 -4.22 -2.00
CA ASN D 34 4.57 -4.41 -0.76
C ASN D 34 3.91 -5.53 0.06
N GLU D 35 2.59 -5.47 0.20
CA GLU D 35 1.85 -6.51 0.90
C GLU D 35 1.94 -7.82 0.11
N ALA D 36 2.09 -7.70 -1.22
CA ALA D 36 2.21 -8.86 -2.10
C ALA D 36 3.59 -9.51 -1.96
N ARG D 37 4.64 -8.71 -2.08
CA ARG D 37 5.99 -9.21 -1.94
C ARG D 37 6.16 -9.93 -0.63
N ARG D 38 5.74 -9.26 0.43
CA ARG D 38 5.89 -9.82 1.76
C ARG D 38 4.90 -10.96 2.02
N LEU D 39 3.69 -10.86 1.43
CA LEU D 39 2.62 -11.85 1.59
C LEU D 39 3.06 -13.15 2.28
N ARG D 40 2.76 -13.26 3.57
CA ARG D 40 3.10 -14.44 4.37
C ARG D 40 2.11 -14.59 5.53
N ALA D 41 0.90 -15.07 5.23
CA ALA D 41 -0.16 -15.25 6.22
C ALA D 41 0.40 -15.65 7.60
N GLU D 42 0.25 -14.75 8.57
CA GLU D 42 0.75 -14.99 9.92
C GLU D 42 0.19 -13.95 10.90
N ARG D 43 0.68 -14.01 12.14
CA ARG D 43 0.24 -13.06 13.18
C ARG D 43 1.26 -13.01 14.32
N TRP D 44 1.02 -12.11 15.29
CA TRP D 44 1.91 -11.94 16.44
C TRP D 44 3.30 -11.47 16.00
N LYS D 45 3.40 -10.20 15.58
CA LYS D 45 4.67 -9.64 15.13
C LYS D 45 4.73 -8.13 15.38
N VAL D 46 5.89 -7.66 15.84
CA VAL D 46 6.11 -6.24 16.12
C VAL D 46 7.03 -5.61 15.05
N GLU D 47 7.20 -4.28 15.10
CA GLU D 47 8.04 -3.59 14.13
C GLU D 47 8.94 -2.54 14.78
N ASN D 48 9.97 -2.12 14.05
CA ASN D 48 10.92 -1.11 14.52
C ASN D 48 12.00 -0.83 13.47
N GLN D 49 11.58 -0.51 12.25
CA GLN D 49 12.51 -0.22 11.15
C GLN D 49 11.85 0.63 10.06
N GLU D 50 12.67 1.32 9.26
CA GLU D 50 12.19 2.18 8.18
C GLU D 50 12.14 1.41 6.85
N GLY D 51 11.32 1.89 5.90
CA GLY D 51 11.21 1.24 4.61
C GLY D 51 11.46 2.16 3.44
N MET D 52 12.70 2.16 2.93
CA MET D 52 13.08 3.00 1.80
C MET D 52 13.34 2.15 0.53
N VAL D 53 14.37 2.52 -0.26
CA VAL D 53 14.72 1.81 -1.49
C VAL D 53 13.83 2.21 -2.66
N GLU D 54 14.43 2.28 -3.86
CA GLU D 54 13.70 2.68 -5.07
C GLU D 54 13.98 1.72 -6.23
N VAL D 55 13.15 1.79 -7.27
CA VAL D 55 13.30 0.93 -8.46
C VAL D 55 12.19 1.19 -9.50
N ALA D 56 12.04 2.46 -9.89
CA ALA D 56 11.01 2.85 -10.86
C ALA D 56 11.39 2.43 -12.29
N ARG D 57 10.39 2.34 -13.15
CA ARG D 57 10.60 1.95 -14.55
C ARG D 57 9.57 2.62 -15.47
N PHE D 58 10.02 2.99 -16.68
CA PHE D 58 9.15 3.64 -17.65
C PHE D 58 8.77 2.68 -18.78
N ILE D 59 7.49 2.28 -18.81
CA ILE D 59 6.99 1.38 -19.85
C ILE D 59 5.47 1.17 -19.73
N GLU D 60 4.97 1.04 -18.51
CA GLU D 60 3.54 0.85 -18.27
C GLU D 60 2.79 2.19 -18.26
N MET D 61 2.88 2.92 -17.14
CA MET D 61 2.21 4.21 -17.01
C MET D 61 2.51 4.87 -15.66
N ASN D 62 1.99 4.26 -14.58
CA ASN D 62 2.19 4.76 -13.21
C ASN D 62 1.86 6.25 -13.10
N GLY D 63 0.63 6.62 -13.42
CA GLY D 63 0.21 8.01 -13.34
C GLY D 63 -0.23 8.43 -11.95
N SER D 64 0.69 8.35 -10.98
CA SER D 64 0.38 8.73 -9.61
C SER D 64 0.88 10.15 -9.32
N PHE D 65 0.05 11.14 -9.67
CA PHE D 65 0.40 12.54 -9.46
C PHE D 65 -0.51 13.22 -8.44
N ALA D 66 0.10 13.89 -7.47
CA ALA D 66 -0.63 14.60 -6.42
C ALA D 66 0.28 15.61 -5.70
N ASP D 67 0.53 15.42 -4.41
CA ASP D 67 1.38 16.32 -3.63
C ASP D 67 2.86 16.17 -4.03
N GLU D 68 3.24 16.86 -5.11
CA GLU D 68 4.63 16.83 -5.62
C GLU D 68 5.24 15.42 -5.48
N ASN D 69 4.50 14.40 -5.89
CA ASN D 69 4.97 13.02 -5.80
C ASN D 69 5.46 12.49 -7.16
N LYS D 70 6.20 11.38 -7.11
CA LYS D 70 6.74 10.75 -8.31
C LYS D 70 7.21 9.32 -8.02
N ASP D 71 7.44 8.54 -9.07
CA ASP D 71 7.89 7.16 -8.92
C ASP D 71 9.24 7.10 -8.19
N TRP D 72 9.62 5.90 -7.76
CA TRP D 72 10.88 5.70 -7.05
C TRP D 72 12.04 5.42 -8.01
N MET C 1 -23.09 4.06 7.83
CA MET C 1 -22.34 4.98 6.93
C MET C 1 -21.25 4.22 6.17
N LYS C 2 -21.24 4.35 4.84
CA LYS C 2 -20.25 3.67 4.01
C LYS C 2 -19.99 4.41 2.69
N GLN C 3 -18.73 4.66 2.41
CA GLN C 3 -18.33 5.34 1.19
C GLN C 3 -17.59 4.40 0.26
N ARG C 4 -18.15 4.23 -0.93
CA ARG C 4 -17.57 3.33 -1.91
C ARG C 4 -16.39 3.97 -2.60
N ILE C 5 -15.22 3.48 -2.26
CA ILE C 5 -13.97 3.94 -2.84
C ILE C 5 -13.44 2.85 -3.74
N THR C 6 -13.34 3.13 -5.03
CA THR C 6 -12.87 2.10 -5.95
C THR C 6 -11.62 2.50 -6.73
N VAL C 7 -10.57 1.68 -6.63
CA VAL C 7 -9.32 1.88 -7.37
C VAL C 7 -9.32 0.90 -8.55
N THR C 8 -9.50 1.41 -9.77
CA THR C 8 -9.54 0.54 -10.93
C THR C 8 -8.15 -0.03 -11.22
N VAL C 9 -7.85 -1.16 -10.59
CA VAL C 9 -6.57 -1.83 -10.73
C VAL C 9 -6.50 -2.67 -12.01
N ASP C 10 -5.78 -3.82 -11.95
CA ASP C 10 -5.56 -4.69 -13.11
C ASP C 10 -4.30 -4.19 -13.85
N SER C 11 -3.86 -3.00 -13.43
CA SER C 11 -2.66 -2.37 -13.95
C SER C 11 -1.63 -2.23 -12.82
N ASP C 12 -1.91 -1.34 -11.85
CA ASP C 12 -0.99 -1.08 -10.75
C ASP C 12 -0.51 -2.35 -10.00
N SER C 13 -1.25 -2.87 -8.99
CA SER C 13 -0.78 -4.08 -8.26
C SER C 13 -1.73 -4.51 -7.12
N TYR C 14 -3.04 -4.50 -7.40
CA TYR C 14 -4.08 -4.88 -6.43
C TYR C 14 -4.28 -6.41 -6.35
N GLN C 15 -4.26 -7.03 -7.52
CA GLN C 15 -4.54 -8.46 -7.64
C GLN C 15 -3.76 -9.34 -6.65
N LEU C 16 -2.47 -9.10 -6.43
CA LEU C 16 -1.69 -9.94 -5.49
C LEU C 16 -2.31 -9.99 -4.09
N LEU C 17 -2.78 -8.84 -3.62
CA LEU C 17 -3.38 -8.77 -2.28
C LEU C 17 -4.65 -9.62 -2.21
N LYS C 18 -5.58 -9.36 -3.12
CA LYS C 18 -6.82 -10.11 -3.18
C LYS C 18 -6.54 -11.54 -3.62
N ALA C 19 -5.44 -11.69 -4.35
CA ALA C 19 -5.01 -12.98 -4.86
C ALA C 19 -4.73 -13.94 -3.71
N TYR C 20 -4.27 -13.39 -2.58
CA TYR C 20 -3.98 -14.23 -1.43
C TYR C 20 -5.25 -14.37 -0.58
N ASP C 21 -6.01 -13.27 -0.36
CA ASP C 21 -7.29 -13.34 0.39
C ASP C 21 -7.67 -12.02 1.10
N VAL C 22 -7.20 -10.88 0.58
CA VAL C 22 -7.49 -9.60 1.20
C VAL C 22 -7.38 -8.45 0.23
N ASN C 23 -8.50 -8.12 -0.41
CA ASN C 23 -8.54 -7.01 -1.36
C ASN C 23 -8.00 -5.76 -0.64
N ILE C 24 -8.88 -4.97 -0.03
CA ILE C 24 -8.42 -3.78 0.67
C ILE C 24 -9.31 -3.29 1.80
N SER C 25 -10.41 -3.97 2.09
CA SER C 25 -11.31 -3.47 3.14
C SER C 25 -10.49 -2.90 4.31
N GLY C 26 -9.72 -3.76 4.96
CA GLY C 26 -8.87 -3.32 6.06
C GLY C 26 -7.55 -2.76 5.57
N LEU C 27 -7.12 -3.16 4.36
CA LEU C 27 -5.88 -2.70 3.79
C LEU C 27 -5.92 -1.20 3.52
N VAL C 28 -6.85 -0.75 2.66
CA VAL C 28 -6.97 0.67 2.37
C VAL C 28 -7.03 1.46 3.67
N SER C 29 -8.10 1.24 4.43
CA SER C 29 -8.33 1.92 5.69
C SER C 29 -7.10 1.87 6.62
N THR C 30 -6.35 0.77 6.61
CA THR C 30 -5.16 0.67 7.45
C THR C 30 -4.02 1.44 6.83
N THR C 31 -3.75 1.15 5.55
CA THR C 31 -2.66 1.81 4.86
C THR C 31 -2.90 3.32 4.81
N MET C 32 -4.15 3.72 4.56
CA MET C 32 -4.52 5.11 4.52
C MET C 32 -4.12 5.83 5.80
N GLN C 33 -4.42 5.25 6.96
CA GLN C 33 -4.08 5.85 8.25
C GLN C 33 -2.56 6.02 8.38
N ASN C 34 -1.82 4.93 8.15
CA ASN C 34 -0.37 4.98 8.23
C ASN C 34 0.18 6.05 7.28
N GLU C 35 -0.31 6.04 6.04
CA GLU C 35 0.10 7.04 5.08
C GLU C 35 -0.47 8.41 5.45
N ALA C 36 -1.66 8.42 6.05
CA ALA C 36 -2.30 9.64 6.50
C ALA C 36 -1.47 10.26 7.62
N ARG C 37 -1.04 9.43 8.56
CA ARG C 37 -0.19 9.89 9.65
C ARG C 37 1.10 10.41 9.09
N ARG C 38 1.71 9.57 8.26
CA ARG C 38 2.98 9.90 7.65
C ARG C 38 2.88 11.19 6.82
N LEU C 39 1.79 11.32 6.03
CA LEU C 39 1.53 12.51 5.17
C LEU C 39 2.44 13.70 5.53
N ARG C 40 3.37 14.04 4.63
CA ARG C 40 4.28 15.14 4.87
C ARG C 40 4.42 16.05 3.64
N ALA C 41 5.32 15.69 2.71
CA ALA C 41 5.53 16.46 1.48
C ALA C 41 6.79 16.00 0.73
N GLU C 42 6.87 16.37 -0.54
CA GLU C 42 8.03 16.00 -1.38
C GLU C 42 9.28 16.76 -0.94
N ARG C 43 10.07 16.14 -0.07
CA ARG C 43 11.30 16.77 0.42
C ARG C 43 12.55 16.16 -0.22
N TRP C 44 12.38 15.03 -0.92
CA TRP C 44 13.49 14.35 -1.60
C TRP C 44 14.48 13.73 -0.61
N LYS C 45 15.07 14.58 0.25
CA LYS C 45 16.03 14.11 1.25
C LYS C 45 15.83 14.82 2.58
N VAL C 46 16.17 14.12 3.67
CA VAL C 46 16.05 14.65 5.04
C VAL C 46 14.63 14.50 5.60
N GLU C 47 14.50 13.64 6.60
CA GLU C 47 13.21 13.38 7.25
C GLU C 47 13.19 13.96 8.67
N ASN C 48 12.25 13.52 9.51
CA ASN C 48 12.15 14.01 10.89
C ASN C 48 11.24 13.12 11.73
N GLN C 49 11.65 12.87 12.97
CA GLN C 49 10.86 12.05 13.88
C GLN C 49 9.64 12.82 14.40
N GLU C 50 8.78 13.24 13.48
CA GLU C 50 7.58 13.99 13.81
C GLU C 50 6.34 13.11 13.64
N GLY C 51 6.29 12.00 14.37
CA GLY C 51 5.15 11.09 14.27
C GLY C 51 5.18 9.93 15.26
N MET C 52 6.37 9.39 15.55
CA MET C 52 6.53 8.26 16.48
C MET C 52 6.00 6.96 15.86
N VAL C 53 6.20 5.85 16.57
CA VAL C 53 5.75 4.53 16.09
C VAL C 53 4.75 3.87 17.06
N GLU C 54 4.46 2.59 16.81
CA GLU C 54 3.52 1.83 17.65
C GLU C 54 2.08 2.26 17.40
N VAL C 55 1.17 1.29 17.39
CA VAL C 55 -0.25 1.56 17.16
C VAL C 55 -1.16 0.81 18.14
N ALA C 56 -0.65 0.58 19.36
CA ALA C 56 -1.43 -0.12 20.39
C ALA C 56 -2.56 0.79 20.89
N ARG C 57 -3.46 1.14 19.98
CA ARG C 57 -4.59 2.03 20.29
C ARG C 57 -5.67 1.96 19.20
N PHE C 58 -5.99 0.74 18.75
CA PHE C 58 -7.01 0.56 17.71
C PHE C 58 -7.65 -0.81 17.80
N ILE C 59 -6.88 -1.87 17.52
CA ILE C 59 -7.40 -3.24 17.57
C ILE C 59 -6.30 -4.24 17.93
N GLU C 60 -6.66 -5.23 18.74
CA GLU C 60 -5.72 -6.27 19.17
C GLU C 60 -5.43 -7.28 18.04
N MET C 61 -4.40 -8.10 18.24
CA MET C 61 -4.02 -9.12 17.26
C MET C 61 -5.18 -10.08 16.98
N ASN C 62 -5.53 -10.25 15.71
CA ASN C 62 -6.61 -11.14 15.31
C ASN C 62 -6.14 -12.58 15.16
N GLY C 63 -5.08 -12.78 14.37
CA GLY C 63 -4.54 -14.12 14.14
C GLY C 63 -5.22 -14.82 12.97
N SER C 64 -4.47 -15.05 11.90
CA SER C 64 -5.01 -15.71 10.72
C SER C 64 -4.05 -16.73 10.14
N PHE C 65 -4.59 -17.73 9.47
CA PHE C 65 -3.79 -18.76 8.82
C PHE C 65 -3.36 -18.30 7.41
N ALA C 66 -3.94 -17.18 6.97
CA ALA C 66 -3.64 -16.60 5.67
C ALA C 66 -3.26 -15.13 5.85
N ASP C 67 -1.95 -14.89 5.89
CA ASP C 67 -1.38 -13.55 6.08
C ASP C 67 -1.34 -13.17 7.57
N GLU C 68 -0.27 -12.46 7.94
CA GLU C 68 -0.08 -12.00 9.32
C GLU C 68 -0.68 -10.61 9.50
N ASN C 69 -0.08 -9.63 8.84
CA ASN C 69 -0.54 -8.24 8.89
C ASN C 69 -0.58 -7.68 10.32
N LYS C 70 -1.02 -6.42 10.43
CA LYS C 70 -1.12 -5.74 11.72
C LYS C 70 0.26 -5.53 12.35
N ASP C 71 0.82 -4.34 12.15
CA ASP C 71 2.12 -3.98 12.69
C ASP C 71 2.17 -4.12 14.22
N TRP C 72 1.27 -3.40 14.90
CA TRP C 72 1.20 -3.45 16.36
C TRP C 72 -0.21 -3.79 16.83
N MET D 1 -7.73 -5.63 -18.22
CA MET D 1 -8.71 -4.53 -18.25
C MET D 1 -8.96 -4.00 -16.83
N LYS D 2 -8.77 -2.68 -16.64
CA LYS D 2 -8.94 -2.04 -15.33
C LYS D 2 -9.94 -2.79 -14.45
N GLN D 3 -9.46 -3.26 -13.30
CA GLN D 3 -10.30 -3.98 -12.35
C GLN D 3 -10.77 -3.05 -11.24
N ARG D 4 -12.07 -2.82 -11.20
CA ARG D 4 -12.63 -1.93 -10.20
C ARG D 4 -12.74 -2.59 -8.84
N ILE D 5 -11.85 -2.22 -7.95
CA ILE D 5 -11.90 -2.71 -6.58
C ILE D 5 -12.38 -1.57 -5.73
N THR D 6 -13.41 -1.79 -4.95
CA THR D 6 -13.95 -0.73 -4.14
C THR D 6 -14.01 -1.10 -2.66
N VAL D 7 -13.44 -0.22 -1.82
CA VAL D 7 -13.48 -0.37 -0.36
C VAL D 7 -14.59 0.55 0.14
N THR D 8 -15.80 0.03 0.30
CA THR D 8 -16.88 0.87 0.75
C THR D 8 -16.67 1.24 2.21
N VAL D 9 -15.61 2.01 2.42
CA VAL D 9 -15.21 2.48 3.73
C VAL D 9 -15.90 3.82 4.00
N ASP D 10 -15.14 4.86 4.31
CA ASP D 10 -15.67 6.18 4.59
C ASP D 10 -14.62 6.91 5.38
N SER D 11 -14.71 6.82 6.70
CA SER D 11 -13.75 7.47 7.54
C SER D 11 -12.64 6.53 8.03
N ASP D 12 -12.51 5.29 7.52
CA ASP D 12 -11.43 4.45 8.03
C ASP D 12 -10.15 4.87 7.33
N SER D 13 -9.69 6.07 7.66
CA SER D 13 -8.46 6.64 7.07
C SER D 13 -8.55 6.84 5.54
N TYR D 14 -9.41 6.07 4.85
CA TYR D 14 -9.57 6.18 3.41
C TYR D 14 -9.73 7.63 2.97
N GLN D 15 -10.81 8.27 3.44
CA GLN D 15 -11.11 9.65 3.06
C GLN D 15 -9.90 10.57 3.23
N LEU D 16 -9.07 10.31 4.25
CA LEU D 16 -7.89 11.13 4.52
C LEU D 16 -6.90 11.14 3.35
N LEU D 17 -6.46 9.96 2.92
CA LEU D 17 -5.48 9.87 1.83
C LEU D 17 -5.94 10.62 0.59
N LYS D 18 -7.19 10.44 0.23
CA LYS D 18 -7.76 11.13 -0.93
C LYS D 18 -7.91 12.61 -0.63
N ALA D 19 -8.03 12.91 0.66
CA ALA D 19 -8.15 14.27 1.13
C ALA D 19 -6.88 15.04 0.82
N TYR D 20 -5.73 14.34 0.75
CA TYR D 20 -4.49 15.00 0.43
C TYR D 20 -4.28 15.06 -1.08
N ASP D 21 -4.59 13.96 -1.84
CA ASP D 21 -4.50 13.97 -3.32
C ASP D 21 -4.08 12.63 -3.95
N VAL D 22 -4.66 11.53 -3.51
CA VAL D 22 -4.30 10.23 -4.07
C VAL D 22 -5.43 9.23 -4.02
N ASN D 23 -6.14 9.16 -2.89
CA ASN D 23 -7.19 8.17 -2.75
C ASN D 23 -6.46 6.85 -2.58
N ILE D 24 -6.69 5.89 -3.45
CA ILE D 24 -5.97 4.64 -3.34
C ILE D 24 -5.50 4.08 -4.67
N SER D 25 -5.79 4.80 -5.76
CA SER D 25 -5.40 4.34 -7.09
C SER D 25 -4.00 3.71 -7.03
N GLY D 26 -3.00 4.53 -6.67
CA GLY D 26 -1.64 4.04 -6.55
C GLY D 26 -1.35 3.52 -5.15
N LEU D 27 -1.96 4.13 -4.12
CA LEU D 27 -1.75 3.69 -2.75
C LEU D 27 -2.06 2.22 -2.59
N VAL D 28 -3.32 1.86 -2.85
CA VAL D 28 -3.77 0.49 -2.74
C VAL D 28 -2.84 -0.42 -3.54
N SER D 29 -2.81 -0.20 -4.85
CA SER D 29 -1.99 -0.98 -5.76
C SER D 29 -0.52 -1.07 -5.32
N THR D 30 0.08 0.05 -4.91
CA THR D 30 1.48 0.05 -4.48
C THR D 30 1.57 -0.61 -3.13
N THR D 31 0.72 -0.19 -2.20
CA THR D 31 0.70 -0.78 -0.88
C THR D 31 0.56 -2.30 -1.01
N MET D 32 -0.46 -2.72 -1.77
CA MET D 32 -0.70 -4.13 -2.00
C MET D 32 0.53 -4.81 -2.57
N GLN D 33 1.07 -4.28 -3.67
CA GLN D 33 2.26 -4.85 -4.28
C GLN D 33 3.37 -5.03 -3.24
N ASN D 34 3.55 -4.00 -2.40
CA ASN D 34 4.55 -4.06 -1.34
C ASN D 34 4.17 -5.15 -0.33
N GLU D 35 2.96 -5.06 0.20
CA GLU D 35 2.46 -6.07 1.14
C GLU D 35 2.43 -7.43 0.46
N ALA D 36 2.26 -7.43 -0.86
CA ALA D 36 2.23 -8.65 -1.66
C ALA D 36 3.63 -9.22 -1.84
N ARG D 37 4.56 -8.35 -2.27
CA ARG D 37 5.95 -8.75 -2.45
C ARG D 37 6.44 -9.40 -1.19
N ARG D 38 6.19 -8.72 -0.10
CA ARG D 38 6.63 -9.15 1.20
C ARG D 38 5.88 -10.41 1.71
N LEU D 39 4.71 -10.75 1.10
CA LEU D 39 3.90 -11.91 1.53
C LEU D 39 4.75 -13.16 1.81
N ARG D 40 5.32 -13.21 3.01
CA ARG D 40 6.17 -14.33 3.46
C ARG D 40 6.81 -13.98 4.80
N ALA D 41 6.31 -14.60 5.87
CA ALA D 41 6.82 -14.34 7.21
C ALA D 41 8.24 -14.90 7.40
N GLU D 42 9.21 -14.29 6.72
CA GLU D 42 10.62 -14.71 6.83
C GLU D 42 10.99 -14.95 8.30
N ARG D 43 10.66 -13.97 9.14
CA ARG D 43 10.90 -14.06 10.58
C ARG D 43 9.68 -13.54 11.33
N TRP D 44 9.76 -13.50 12.66
CA TRP D 44 8.64 -13.01 13.47
C TRP D 44 8.59 -11.47 13.47
N LYS D 45 8.88 -10.86 12.31
CA LYS D 45 8.87 -9.40 12.15
C LYS D 45 10.06 -8.78 12.91
N VAL D 46 10.12 -7.44 12.95
CA VAL D 46 11.20 -6.74 13.63
C VAL D 46 10.75 -6.18 14.98
N GLU D 47 9.94 -5.12 14.94
CA GLU D 47 9.44 -4.47 16.15
C GLU D 47 10.62 -4.09 17.07
N ASN D 48 10.73 -4.77 18.23
CA ASN D 48 11.80 -4.49 19.20
C ASN D 48 11.67 -3.11 19.83
N GLN D 49 11.54 -3.06 21.16
CA GLN D 49 11.41 -1.79 21.87
C GLN D 49 12.72 -0.99 21.81
N GLU D 50 13.14 -0.66 20.58
CA GLU D 50 14.37 0.08 20.35
C GLU D 50 14.32 0.75 18.96
N GLY D 51 14.50 -0.06 17.91
CA GLY D 51 14.47 0.46 16.54
C GLY D 51 15.61 1.41 16.22
N MET D 52 15.69 2.52 16.95
CA MET D 52 16.74 3.52 16.76
C MET D 52 16.62 4.19 15.39
N VAL D 53 15.63 5.09 15.27
CA VAL D 53 15.37 5.83 14.02
C VAL D 53 15.02 4.89 12.86
N GLU D 54 15.09 5.41 11.63
CA GLU D 54 14.80 4.63 10.43
C GLU D 54 16.06 3.90 9.95
N VAL D 55 15.88 2.77 9.24
CA VAL D 55 17.02 2.00 8.73
C VAL D 55 16.75 1.43 7.33
N ALA D 56 15.88 2.10 6.55
CA ALA D 56 15.57 1.67 5.20
C ALA D 56 16.57 2.25 4.20
N ARG D 57 17.02 1.43 3.25
CA ARG D 57 17.99 1.86 2.25
C ARG D 57 17.66 1.33 0.85
N PHE D 58 18.63 1.42 -0.06
CA PHE D 58 18.45 0.98 -1.45
C PHE D 58 18.17 -0.53 -1.57
N ILE D 59 17.00 -0.95 -1.08
CA ILE D 59 16.59 -2.35 -1.14
C ILE D 59 15.09 -2.47 -1.42
N GLU D 60 14.29 -1.81 -0.59
CA GLU D 60 12.83 -1.81 -0.74
C GLU D 60 12.33 -0.41 -1.14
N MET D 61 11.02 -0.26 -1.28
CA MET D 61 10.43 1.04 -1.68
C MET D 61 9.63 1.66 -0.54
N ASN D 62 8.39 1.20 -0.34
CA ASN D 62 7.51 1.72 0.73
C ASN D 62 7.09 3.18 0.47
N GLY D 63 6.87 3.52 -0.80
CA GLY D 63 6.44 4.88 -1.16
C GLY D 63 5.71 4.92 -2.49
N SER D 64 5.23 6.09 -2.90
CA SER D 64 4.50 6.23 -4.17
C SER D 64 4.93 7.47 -4.95
N PHE D 65 4.04 7.97 -5.82
CA PHE D 65 4.35 9.14 -6.67
C PHE D 65 3.57 10.41 -6.28
N ALA D 66 3.08 10.49 -5.05
CA ALA D 66 2.34 11.68 -4.60
C ALA D 66 2.90 12.24 -3.29
N ASP D 67 2.27 11.89 -2.17
CA ASP D 67 2.71 12.35 -0.85
C ASP D 67 2.64 11.23 0.19
N GLU D 68 3.32 10.12 -0.11
CA GLU D 68 3.34 8.96 0.79
C GLU D 68 4.73 8.33 0.83
N ASN D 69 5.54 8.75 1.79
CA ASN D 69 6.90 8.24 1.95
C ASN D 69 7.24 8.00 3.41
N LYS D 70 7.68 6.79 3.74
CA LYS D 70 8.04 6.46 5.13
C LYS D 70 9.21 5.47 5.22
N ASP D 71 9.16 4.40 4.43
CA ASP D 71 10.21 3.39 4.44
C ASP D 71 10.27 2.68 5.81
N TRP D 72 10.96 3.30 6.77
CA TRP D 72 11.05 2.73 8.12
C TRP D 72 10.28 3.61 9.13
N MET C 1 -25.56 4.80 4.66
CA MET C 1 -24.60 5.75 4.01
C MET C 1 -23.16 5.25 4.16
N LYS C 2 -22.39 5.34 3.08
CA LYS C 2 -21.00 4.89 3.08
C LYS C 2 -20.23 5.48 1.88
N GLN C 3 -18.92 5.23 1.81
CA GLN C 3 -18.12 5.74 0.71
C GLN C 3 -17.39 4.63 -0.01
N ARG C 4 -17.93 4.26 -1.16
CA ARG C 4 -17.32 3.22 -1.95
C ARG C 4 -16.15 3.81 -2.73
N ILE C 5 -14.96 3.39 -2.35
CA ILE C 5 -13.75 3.84 -3.00
C ILE C 5 -13.17 2.69 -3.77
N THR C 6 -12.98 2.86 -5.05
CA THR C 6 -12.48 1.79 -5.85
C THR C 6 -11.32 2.21 -6.75
N VAL C 7 -10.26 1.40 -6.71
CA VAL C 7 -9.10 1.63 -7.56
C VAL C 7 -9.20 0.69 -8.75
N THR C 8 -9.40 1.24 -9.93
CA THR C 8 -9.52 0.41 -11.11
C THR C 8 -8.16 -0.18 -11.47
N VAL C 9 -7.81 -1.27 -10.78
CA VAL C 9 -6.51 -1.95 -11.02
C VAL C 9 -6.55 -2.79 -12.30
N ASP C 10 -6.00 -4.02 -12.25
CA ASP C 10 -5.91 -4.88 -13.43
C ASP C 10 -4.64 -4.50 -14.23
N SER C 11 -4.05 -3.35 -13.84
CA SER C 11 -2.81 -2.85 -14.43
C SER C 11 -1.76 -2.69 -13.33
N ASP C 12 -2.05 -1.79 -12.36
CA ASP C 12 -1.13 -1.49 -11.26
C ASP C 12 -0.57 -2.76 -10.57
N SER C 13 -1.15 -3.19 -9.43
CA SER C 13 -0.63 -4.38 -8.73
C SER C 13 -1.53 -4.78 -7.53
N TYR C 14 -2.84 -4.72 -7.74
CA TYR C 14 -3.83 -5.04 -6.69
C TYR C 14 -4.07 -6.54 -6.53
N GLN C 15 -4.14 -7.24 -7.66
CA GLN C 15 -4.44 -8.67 -7.69
C GLN C 15 -3.61 -9.51 -6.72
N LEU C 16 -2.30 -9.29 -6.67
CA LEU C 16 -1.44 -10.07 -5.76
C LEU C 16 -1.93 -10.02 -4.30
N LEU C 17 -2.29 -8.82 -3.85
CA LEU C 17 -2.77 -8.64 -2.46
C LEU C 17 -4.08 -9.41 -2.21
N LYS C 18 -5.02 -9.24 -3.13
CA LYS C 18 -6.32 -9.89 -3.03
C LYS C 18 -6.23 -11.35 -3.43
N ALA C 19 -5.30 -11.64 -4.31
CA ALA C 19 -5.06 -12.99 -4.79
C ALA C 19 -4.64 -13.88 -3.64
N TYR C 20 -3.98 -13.27 -2.65
CA TYR C 20 -3.55 -14.01 -1.49
C TYR C 20 -4.64 -14.02 -0.42
N ASP C 21 -5.31 -12.86 -0.15
CA ASP C 21 -6.43 -12.82 0.84
C ASP C 21 -6.68 -11.43 1.46
N VAL C 22 -6.54 -10.35 0.71
CA VAL C 22 -6.77 -9.02 1.28
C VAL C 22 -7.27 -8.00 0.25
N ASN C 23 -8.59 -7.96 0.05
CA ASN C 23 -9.19 -7.01 -0.90
C ASN C 23 -9.24 -5.60 -0.30
N ILE C 24 -8.07 -5.14 0.14
CA ILE C 24 -7.80 -3.84 0.72
C ILE C 24 -8.82 -3.22 1.69
N SER C 25 -9.99 -3.84 1.92
CA SER C 25 -10.98 -3.24 2.82
C SER C 25 -10.28 -2.58 4.03
N GLY C 26 -9.62 -3.38 4.84
CA GLY C 26 -8.89 -2.86 5.98
C GLY C 26 -7.47 -2.45 5.62
N LEU C 27 -6.87 -3.18 4.67
CA LEU C 27 -5.53 -2.89 4.19
C LEU C 27 -5.41 -1.45 3.78
N VAL C 28 -6.20 -1.07 2.77
CA VAL C 28 -6.19 0.29 2.26
C VAL C 28 -6.40 1.29 3.39
N SER C 29 -7.58 1.28 3.98
CA SER C 29 -7.91 2.19 5.08
C SER C 29 -6.86 2.20 6.21
N THR C 30 -6.33 1.04 6.60
CA THR C 30 -5.33 0.99 7.65
C THR C 30 -4.04 1.54 7.11
N THR C 31 -3.60 0.98 5.99
CA THR C 31 -2.39 1.43 5.35
C THR C 31 -2.48 2.92 5.08
N MET C 32 -3.67 3.37 4.69
CA MET C 32 -3.89 4.76 4.42
C MET C 32 -3.77 5.59 5.68
N GLN C 33 -4.47 5.22 6.76
CA GLN C 33 -4.38 6.00 7.99
C GLN C 33 -2.91 6.26 8.34
N ASN C 34 -2.04 5.30 8.02
CA ASN C 34 -0.61 5.45 8.26
C ASN C 34 -0.05 6.58 7.41
N GLU C 35 -0.22 6.48 6.09
CA GLU C 35 0.25 7.51 5.18
C GLU C 35 -0.70 8.70 5.18
N ALA C 36 -1.87 8.54 5.80
CA ALA C 36 -2.86 9.61 5.95
C ALA C 36 -2.56 10.40 7.21
N ARG C 37 -1.97 9.72 8.20
CA ARG C 37 -1.62 10.37 9.46
C ARG C 37 -0.30 11.09 9.31
N ARG C 38 0.68 10.34 8.85
CA ARG C 38 2.01 10.89 8.67
C ARG C 38 2.09 11.72 7.37
N LEU C 39 1.32 11.30 6.36
CA LEU C 39 1.28 11.96 5.04
C LEU C 39 2.67 12.37 4.53
N ARG C 40 3.54 11.36 4.36
CA ARG C 40 4.89 11.61 3.86
C ARG C 40 5.54 10.33 3.34
N ALA C 41 5.04 9.83 2.21
CA ALA C 41 5.57 8.62 1.59
C ALA C 41 6.76 8.95 0.67
N GLU C 42 6.65 10.06 -0.07
CA GLU C 42 7.70 10.50 -0.99
C GLU C 42 7.90 9.53 -2.16
N ARG C 43 8.39 8.33 -1.87
CA ARG C 43 8.63 7.31 -2.90
C ARG C 43 9.24 6.04 -2.31
N TRP C 44 8.48 4.95 -2.36
CA TRP C 44 8.95 3.67 -1.83
C TRP C 44 9.42 2.75 -2.95
N LYS C 45 10.59 2.14 -2.76
CA LYS C 45 11.17 1.24 -3.76
C LYS C 45 11.97 0.13 -3.08
N VAL C 46 12.09 -1.01 -3.78
CA VAL C 46 12.84 -2.16 -3.26
C VAL C 46 14.18 -2.31 -3.99
N GLU C 47 15.03 -3.20 -3.48
CA GLU C 47 16.35 -3.44 -4.07
C GLU C 47 16.25 -4.36 -5.30
N ASN C 48 15.91 -5.62 -5.05
CA ASN C 48 15.77 -6.62 -6.13
C ASN C 48 14.29 -6.93 -6.39
N GLN C 49 14.03 -7.74 -7.43
CA GLN C 49 12.66 -8.11 -7.78
C GLN C 49 12.13 -9.26 -6.91
N GLU C 50 12.52 -10.50 -7.26
CA GLU C 50 12.10 -11.69 -6.51
C GLU C 50 10.56 -11.82 -6.47
N GLY C 51 10.08 -12.93 -5.88
CA GLY C 51 8.64 -13.17 -5.78
C GLY C 51 8.31 -14.64 -5.52
N MET C 52 7.93 -15.35 -6.58
CA MET C 52 7.58 -16.78 -6.51
C MET C 52 6.12 -16.99 -6.06
N VAL C 53 5.65 -18.22 -6.20
CA VAL C 53 4.28 -18.59 -5.83
C VAL C 53 4.13 -18.84 -4.32
N GLU C 54 2.87 -18.92 -3.86
CA GLU C 54 2.57 -19.16 -2.45
C GLU C 54 3.06 -20.53 -1.99
N VAL C 55 2.81 -20.88 -0.73
CA VAL C 55 3.23 -22.18 -0.20
C VAL C 55 2.63 -22.48 1.19
N ALA C 56 1.34 -22.15 1.37
CA ALA C 56 0.64 -22.39 2.63
C ALA C 56 0.83 -23.83 3.15
N ARG C 57 0.53 -24.81 2.30
CA ARG C 57 0.67 -26.23 2.66
C ARG C 57 -0.44 -26.68 3.61
N PHE C 58 -0.45 -26.15 4.84
CA PHE C 58 -1.47 -26.52 5.82
C PHE C 58 -1.22 -25.80 7.16
N ILE C 59 -0.18 -26.23 7.86
CA ILE C 59 0.17 -25.65 9.17
C ILE C 59 1.69 -25.66 9.38
N GLU C 60 2.26 -24.50 9.68
CA GLU C 60 3.70 -24.40 9.91
C GLU C 60 4.00 -23.66 11.21
N MET C 61 3.79 -22.35 11.21
CA MET C 61 4.03 -21.52 12.39
C MET C 61 2.91 -20.51 12.59
N ASN C 62 2.61 -20.22 13.86
CA ASN C 62 1.54 -19.26 14.18
C ASN C 62 1.97 -17.82 13.87
N GLY C 63 1.04 -17.05 13.31
CA GLY C 63 1.32 -15.67 12.95
C GLY C 63 0.59 -15.21 11.70
N SER C 64 -0.66 -14.79 11.88
CA SER C 64 -1.50 -14.34 10.77
C SER C 64 -1.17 -12.90 10.35
N PHE C 65 -0.17 -12.74 9.49
CA PHE C 65 0.24 -11.43 9.00
C PHE C 65 -0.44 -11.13 7.66
N ALA C 66 -0.40 -12.12 6.77
CA ALA C 66 -1.02 -12.01 5.46
C ALA C 66 -2.12 -13.07 5.30
N ASP C 67 -2.65 -13.55 6.44
CA ASP C 67 -3.69 -14.56 6.46
C ASP C 67 -3.20 -15.88 5.86
N GLU C 68 -4.08 -16.88 5.86
CA GLU C 68 -3.76 -18.21 5.32
C GLU C 68 -5.03 -18.95 4.91
N ASN C 69 -5.12 -19.33 3.64
CA ASN C 69 -6.30 -20.02 3.13
C ASN C 69 -6.04 -21.53 2.94
N LYS C 70 -5.76 -21.95 1.69
CA LYS C 70 -5.51 -23.36 1.39
C LYS C 70 -5.23 -23.57 -0.10
N ASP C 71 -4.17 -24.34 -0.40
CA ASP C 71 -3.77 -24.63 -1.77
C ASP C 71 -3.10 -23.42 -2.43
N TRP C 72 -1.85 -23.60 -2.86
CA TRP C 72 -1.08 -22.53 -3.49
C TRP C 72 -0.55 -22.96 -4.87
N MET D 1 -10.06 -2.96 -19.79
CA MET D 1 -9.08 -3.69 -18.93
C MET D 1 -8.79 -2.93 -17.62
N LYS D 2 -9.77 -2.93 -16.72
CA LYS D 2 -9.62 -2.25 -15.43
C LYS D 2 -10.43 -2.96 -14.35
N GLN D 3 -9.77 -3.32 -13.25
CA GLN D 3 -10.45 -4.01 -12.15
C GLN D 3 -10.91 -3.06 -11.09
N ARG D 4 -12.22 -2.96 -10.93
CA ARG D 4 -12.77 -2.08 -9.93
C ARG D 4 -12.76 -2.76 -8.57
N ILE D 5 -11.74 -2.43 -7.78
CA ILE D 5 -11.64 -2.95 -6.43
C ILE D 5 -12.12 -1.84 -5.53
N THR D 6 -13.22 -2.07 -4.87
CA THR D 6 -13.80 -1.02 -4.07
C THR D 6 -13.88 -1.37 -2.58
N VAL D 7 -13.21 -0.56 -1.78
CA VAL D 7 -13.27 -0.67 -0.32
C VAL D 7 -14.25 0.41 0.16
N THR D 8 -15.47 0.02 0.49
CA THR D 8 -16.45 1.00 0.94
C THR D 8 -16.04 1.57 2.29
N VAL D 9 -15.27 2.66 2.26
CA VAL D 9 -14.79 3.28 3.48
C VAL D 9 -15.86 4.18 4.11
N ASP D 10 -15.56 5.46 4.38
CA ASP D 10 -16.50 6.37 5.06
C ASP D 10 -16.44 6.13 6.58
N SER D 11 -15.75 5.05 6.94
CA SER D 11 -15.54 4.68 8.34
C SER D 11 -14.05 4.43 8.60
N ASP D 12 -13.48 3.44 7.90
CA ASP D 12 -12.07 3.05 8.07
C ASP D 12 -11.10 4.27 8.11
N SER D 13 -10.48 4.64 6.96
CA SER D 13 -9.53 5.79 6.94
C SER D 13 -8.96 6.02 5.52
N TYR D 14 -9.85 5.90 4.52
CA TYR D 14 -9.52 6.10 3.10
C TYR D 14 -9.54 7.56 2.68
N GLN D 15 -10.64 8.25 3.01
CA GLN D 15 -10.82 9.64 2.61
C GLN D 15 -9.61 10.51 2.93
N LEU D 16 -8.99 10.34 4.09
CA LEU D 16 -7.81 11.14 4.45
C LEU D 16 -6.75 11.10 3.33
N LEU D 17 -6.34 9.88 2.98
CA LEU D 17 -5.31 9.68 1.94
C LEU D 17 -5.59 10.55 0.72
N LYS D 18 -6.80 10.42 0.21
CA LYS D 18 -7.23 11.15 -0.97
C LYS D 18 -7.60 12.58 -0.66
N ALA D 19 -8.09 12.77 0.55
CA ALA D 19 -8.47 14.09 1.04
C ALA D 19 -7.24 14.96 1.15
N TYR D 20 -6.07 14.31 1.28
CA TYR D 20 -4.82 15.05 1.36
C TYR D 20 -4.28 15.32 -0.03
N ASP D 21 -4.34 14.34 -0.97
CA ASP D 21 -3.85 14.62 -2.34
C ASP D 21 -3.75 13.38 -3.23
N VAL D 22 -4.54 12.32 -2.96
CA VAL D 22 -4.41 11.13 -3.79
C VAL D 22 -5.48 10.07 -3.56
N ASN D 23 -6.39 9.95 -4.53
CA ASN D 23 -7.46 8.95 -4.46
C ASN D 23 -6.86 7.55 -4.56
N ILE D 24 -5.86 7.32 -3.70
CA ILE D 24 -5.10 6.08 -3.54
C ILE D 24 -4.81 5.20 -4.76
N SER D 25 -5.22 5.62 -5.94
CA SER D 25 -5.02 4.82 -7.15
C SER D 25 -3.65 4.13 -7.13
N GLY D 26 -2.58 4.93 -7.10
CA GLY D 26 -1.23 4.39 -7.05
C GLY D 26 -0.86 3.90 -5.65
N LEU D 27 -1.50 4.46 -4.62
CA LEU D 27 -1.24 4.08 -3.23
C LEU D 27 -1.70 2.65 -2.97
N VAL D 28 -3.00 2.39 -3.23
CA VAL D 28 -3.57 1.05 -3.03
C VAL D 28 -2.70 -0.01 -3.71
N SER D 29 -2.77 -0.07 -5.05
CA SER D 29 -2.01 -1.04 -5.83
C SER D 29 -0.53 -1.10 -5.45
N THR D 30 0.07 0.03 -5.06
CA THR D 30 1.46 0.01 -4.63
C THR D 30 1.52 -0.74 -3.32
N THR D 31 0.60 -0.37 -2.43
CA THR D 31 0.49 -1.02 -1.14
C THR D 31 0.23 -2.50 -1.35
N MET D 32 -0.62 -2.82 -2.34
CA MET D 32 -0.97 -4.20 -2.66
C MET D 32 0.26 -5.03 -2.98
N GLN D 33 1.02 -4.59 -3.97
CA GLN D 33 2.23 -5.31 -4.39
C GLN D 33 3.24 -5.45 -3.26
N ASN D 34 3.38 -4.41 -2.43
CA ASN D 34 4.33 -4.49 -1.31
C ASN D 34 3.82 -5.50 -0.28
N GLU D 35 2.53 -5.39 0.05
CA GLU D 35 1.89 -6.32 1.00
C GLU D 35 1.74 -7.70 0.38
N ALA D 36 1.60 -7.74 -0.94
CA ALA D 36 1.45 -9.00 -1.68
C ALA D 36 2.79 -9.69 -1.86
N ARG D 37 3.86 -8.92 -1.85
CA ARG D 37 5.20 -9.48 -1.98
C ARG D 37 5.70 -10.00 -0.65
N ARG D 38 5.64 -9.10 0.32
CA ARG D 38 6.14 -9.38 1.66
C ARG D 38 5.25 -10.36 2.46
N LEU D 39 3.99 -10.58 2.04
CA LEU D 39 3.06 -11.47 2.77
C LEU D 39 3.75 -12.66 3.43
N ARG D 40 4.65 -13.33 2.72
CA ARG D 40 5.36 -14.50 3.26
C ARG D 40 6.37 -15.06 2.25
N ALA D 41 7.49 -15.58 2.76
CA ALA D 41 8.53 -16.20 1.92
C ALA D 41 9.26 -15.17 1.03
N GLU D 42 10.32 -15.62 0.37
CA GLU D 42 11.12 -14.79 -0.52
C GLU D 42 11.98 -15.63 -1.46
N ARG D 43 11.67 -15.60 -2.76
CA ARG D 43 12.40 -16.39 -3.76
C ARG D 43 12.38 -15.71 -5.14
N TRP D 44 13.03 -16.33 -6.12
CA TRP D 44 13.08 -15.82 -7.51
C TRP D 44 14.15 -14.73 -7.66
N LYS D 45 15.37 -15.03 -7.21
CA LYS D 45 16.49 -14.08 -7.30
C LYS D 45 16.73 -13.63 -8.74
N VAL D 46 16.76 -14.59 -9.67
CA VAL D 46 17.00 -14.27 -11.08
C VAL D 46 15.69 -13.95 -11.81
N GLU D 47 15.65 -12.78 -12.43
CA GLU D 47 14.46 -12.35 -13.19
C GLU D 47 14.84 -11.92 -14.61
N ASN D 48 13.84 -11.70 -15.45
CA ASN D 48 14.08 -11.31 -16.84
C ASN D 48 13.13 -10.18 -17.30
N GLN D 49 13.33 -9.72 -18.54
CA GLN D 49 12.51 -8.66 -19.13
C GLN D 49 12.70 -7.32 -18.40
N GLU D 50 13.78 -6.61 -18.77
CA GLU D 50 14.09 -5.30 -18.16
C GLU D 50 14.94 -4.44 -19.11
N GLY D 51 15.02 -3.15 -18.83
CA GLY D 51 15.79 -2.24 -19.66
C GLY D 51 15.01 -1.05 -20.16
N MET D 52 13.99 -1.31 -20.98
CA MET D 52 13.16 -0.24 -21.55
C MET D 52 12.17 0.30 -20.51
N VAL D 53 12.66 1.16 -19.62
CA VAL D 53 11.82 1.75 -18.57
C VAL D 53 11.64 3.26 -18.77
N GLU D 54 10.44 3.75 -18.45
CA GLU D 54 10.10 5.16 -18.57
C GLU D 54 9.30 5.63 -17.36
N VAL D 55 8.89 6.90 -17.39
CA VAL D 55 8.09 7.48 -16.31
C VAL D 55 7.33 8.72 -16.79
N ALA D 56 6.05 8.53 -17.06
CA ALA D 56 5.17 9.59 -17.51
C ALA D 56 3.70 9.19 -17.36
N ARG D 57 2.91 10.05 -16.69
CA ARG D 57 1.50 9.77 -16.47
C ARG D 57 0.68 9.94 -17.76
N PHE D 58 0.79 8.96 -18.65
CA PHE D 58 0.07 8.96 -19.94
C PHE D 58 0.56 10.05 -20.90
N ILE D 59 0.46 11.31 -20.49
CA ILE D 59 0.89 12.43 -21.34
C ILE D 59 1.64 13.51 -20.55
N GLU D 60 1.01 14.05 -19.51
CA GLU D 60 1.63 15.09 -18.70
C GLU D 60 0.87 15.30 -17.39
N MET D 61 1.44 16.11 -16.49
CA MET D 61 0.82 16.40 -15.20
C MET D 61 0.11 17.76 -15.23
N ASN D 62 -0.89 17.92 -14.37
CA ASN D 62 -1.65 19.18 -14.29
C ASN D 62 -0.98 20.17 -13.32
N GLY D 63 -0.57 19.68 -12.15
CA GLY D 63 0.06 20.54 -11.16
C GLY D 63 -0.32 20.20 -9.74
N SER D 64 0.55 20.57 -8.79
CA SER D 64 0.34 20.31 -7.36
C SER D 64 0.63 18.85 -7.01
N PHE D 65 1.23 18.65 -5.83
CA PHE D 65 1.57 17.31 -5.35
C PHE D 65 1.94 17.31 -3.87
N ALA D 66 1.14 16.61 -3.06
CA ALA D 66 1.38 16.53 -1.63
C ALA D 66 2.15 15.26 -1.27
N ASP D 67 1.82 14.17 -1.94
CA ASP D 67 2.47 12.88 -1.71
C ASP D 67 2.62 12.08 -3.02
N GLU D 68 3.33 12.68 -3.98
CA GLU D 68 3.58 12.07 -5.29
C GLU D 68 4.51 12.97 -6.10
N ASN D 69 4.94 12.52 -7.28
CA ASN D 69 5.83 13.32 -8.11
C ASN D 69 5.85 12.85 -9.57
N LYS D 70 6.50 11.70 -9.82
CA LYS D 70 6.58 11.15 -11.18
C LYS D 70 6.41 9.63 -11.18
N ASP D 71 5.71 9.14 -12.19
CA ASP D 71 5.46 7.71 -12.31
C ASP D 71 5.14 7.33 -13.77
N TRP D 72 5.12 6.03 -14.04
CA TRP D 72 4.84 5.51 -15.39
C TRP D 72 3.62 4.58 -15.36
N MET C 1 -22.48 7.58 5.45
CA MET C 1 -22.75 6.49 4.47
C MET C 1 -21.46 6.00 3.82
N LYS C 2 -21.22 4.69 3.85
CA LYS C 2 -20.01 4.10 3.28
C LYS C 2 -19.60 4.82 1.98
N GLN C 3 -18.33 5.24 1.91
CA GLN C 3 -17.83 5.93 0.74
C GLN C 3 -17.13 4.98 -0.20
N ARG C 4 -17.67 4.87 -1.41
CA ARG C 4 -17.11 3.95 -2.38
C ARG C 4 -15.86 4.52 -3.02
N ILE C 5 -14.72 3.97 -2.60
CA ILE C 5 -13.43 4.33 -3.13
C ILE C 5 -12.95 3.18 -3.98
N THR C 6 -12.87 3.38 -5.26
CA THR C 6 -12.47 2.30 -6.14
C THR C 6 -11.17 2.61 -6.85
N VAL C 7 -10.22 1.68 -6.76
CA VAL C 7 -8.96 1.81 -7.45
C VAL C 7 -9.06 0.98 -8.72
N THR C 8 -9.29 1.65 -9.84
CA THR C 8 -9.43 0.96 -11.11
C THR C 8 -8.08 0.39 -11.53
N VAL C 9 -7.64 -0.59 -10.76
CA VAL C 9 -6.36 -1.25 -10.96
C VAL C 9 -6.43 -2.31 -12.09
N ASP C 10 -5.88 -3.52 -11.91
CA ASP C 10 -5.83 -4.55 -12.98
C ASP C 10 -4.53 -4.38 -13.78
N SER C 11 -3.74 -3.40 -13.35
CA SER C 11 -2.44 -3.12 -13.94
C SER C 11 -1.46 -2.81 -12.81
N ASP C 12 -1.82 -1.82 -11.97
CA ASP C 12 -0.98 -1.42 -10.85
C ASP C 12 -0.44 -2.64 -10.07
N SER C 13 -1.17 -3.17 -9.08
CA SER C 13 -0.70 -4.34 -8.30
C SER C 13 -1.69 -4.71 -7.16
N TYR C 14 -2.99 -4.57 -7.45
CA TYR C 14 -4.07 -4.85 -6.49
C TYR C 14 -4.47 -6.32 -6.42
N GLN C 15 -4.57 -6.98 -7.58
CA GLN C 15 -5.04 -8.38 -7.63
C GLN C 15 -4.29 -9.30 -6.66
N LEU C 16 -2.98 -9.10 -6.51
CA LEU C 16 -2.18 -9.95 -5.63
C LEU C 16 -2.67 -9.93 -4.17
N LEU C 17 -2.76 -8.74 -3.58
CA LEU C 17 -3.16 -8.65 -2.16
C LEU C 17 -4.49 -9.34 -1.90
N LYS C 18 -5.47 -9.09 -2.75
CA LYS C 18 -6.78 -9.71 -2.61
C LYS C 18 -6.69 -11.17 -3.03
N ALA C 19 -5.72 -11.46 -3.89
CA ALA C 19 -5.48 -12.81 -4.37
C ALA C 19 -5.07 -13.71 -3.22
N TYR C 20 -4.43 -13.12 -2.19
CA TYR C 20 -4.03 -13.90 -1.05
C TYR C 20 -5.16 -13.94 -0.02
N ASP C 21 -5.84 -12.80 0.26
CA ASP C 21 -6.98 -12.83 1.22
C ASP C 21 -7.41 -11.45 1.73
N VAL C 22 -7.01 -10.36 1.10
CA VAL C 22 -7.40 -9.05 1.63
C VAL C 22 -7.82 -8.06 0.55
N ASN C 23 -9.12 -8.07 0.21
CA ASN C 23 -9.67 -7.17 -0.80
C ASN C 23 -9.65 -5.72 -0.31
N ILE C 24 -8.44 -5.24 -0.03
CA ILE C 24 -8.11 -3.92 0.46
C ILE C 24 -8.95 -3.35 1.62
N SER C 25 -10.13 -3.91 1.91
CA SER C 25 -10.99 -3.35 2.95
C SER C 25 -10.17 -2.82 4.15
N GLY C 26 -9.49 -3.73 4.86
CA GLY C 26 -8.67 -3.32 5.99
C GLY C 26 -7.29 -2.83 5.57
N LEU C 27 -6.87 -3.25 4.38
CA LEU C 27 -5.59 -2.87 3.82
C LEU C 27 -5.56 -1.38 3.54
N VAL C 28 -6.44 -0.92 2.63
CA VAL C 28 -6.49 0.50 2.30
C VAL C 28 -6.53 1.35 3.55
N SER C 29 -7.58 1.22 4.36
CA SER C 29 -7.69 1.99 5.60
C SER C 29 -6.42 1.95 6.44
N THR C 30 -5.73 0.80 6.44
CA THR C 30 -4.48 0.68 7.18
C THR C 30 -3.42 1.51 6.48
N THR C 31 -3.28 1.26 5.19
CA THR C 31 -2.32 1.98 4.39
C THR C 31 -2.63 3.48 4.38
N MET C 32 -3.92 3.80 4.30
CA MET C 32 -4.39 5.17 4.29
C MET C 32 -3.98 5.91 5.54
N GLN C 33 -4.38 5.42 6.70
CA GLN C 33 -4.05 6.06 7.96
C GLN C 33 -2.54 6.22 8.13
N ASN C 34 -1.77 5.25 7.66
CA ASN C 34 -0.31 5.32 7.77
C ASN C 34 0.24 6.38 6.82
N GLU C 35 -0.17 6.33 5.55
CA GLU C 35 0.27 7.33 4.59
C GLU C 35 -0.44 8.66 4.86
N ALA C 36 -1.53 8.61 5.65
CA ALA C 36 -2.29 9.79 6.03
C ALA C 36 -1.67 10.43 7.26
N ARG C 37 -1.39 9.61 8.28
CA ARG C 37 -0.78 10.07 9.52
C ARG C 37 0.50 10.81 9.25
N ARG C 38 1.37 10.14 8.49
CA ARG C 38 2.66 10.69 8.16
C ARG C 38 2.56 11.84 7.14
N LEU C 39 1.84 11.59 6.02
CA LEU C 39 1.64 12.57 4.95
C LEU C 39 2.77 13.61 4.85
N ARG C 40 4.02 13.14 4.72
CA ARG C 40 5.17 14.05 4.62
C ARG C 40 6.49 13.29 4.47
N ALA C 41 6.79 12.84 3.24
CA ALA C 41 8.03 12.10 2.98
C ALA C 41 8.21 11.78 1.49
N GLU C 42 9.37 12.13 0.95
CA GLU C 42 9.67 11.88 -0.46
C GLU C 42 10.32 10.51 -0.64
N ARG C 43 10.21 9.98 -1.85
CA ARG C 43 10.78 8.66 -2.17
C ARG C 43 11.18 8.59 -3.64
N TRP C 44 10.21 8.73 -4.54
CA TRP C 44 10.44 8.66 -5.98
C TRP C 44 10.84 7.24 -6.37
N LYS C 45 11.94 6.76 -5.80
CA LYS C 45 12.43 5.41 -6.06
C LYS C 45 12.11 4.50 -4.87
N VAL C 46 11.26 3.50 -5.10
CA VAL C 46 10.88 2.55 -4.06
C VAL C 46 11.37 1.14 -4.40
N GLU C 47 12.53 1.08 -5.09
CA GLU C 47 13.16 -0.18 -5.48
C GLU C 47 12.24 -1.11 -6.27
N ASN C 48 11.30 -1.76 -5.58
CA ASN C 48 10.35 -2.68 -6.22
C ASN C 48 11.09 -3.85 -6.91
N GLN C 49 12.25 -4.22 -6.38
CA GLN C 49 13.05 -5.31 -6.96
C GLN C 49 13.87 -6.02 -5.87
N GLU C 50 14.36 -7.22 -6.21
CA GLU C 50 15.17 -8.02 -5.29
C GLU C 50 14.41 -8.28 -3.97
N GLY C 51 14.92 -7.76 -2.85
CA GLY C 51 14.26 -7.96 -1.56
C GLY C 51 15.23 -8.05 -0.39
N MET C 52 14.71 -7.92 0.82
CA MET C 52 15.52 -7.98 2.04
C MET C 52 14.94 -8.95 3.08
N VAL C 53 15.80 -9.43 3.98
CA VAL C 53 15.38 -10.37 5.02
C VAL C 53 14.72 -9.64 6.20
N GLU C 54 15.46 -8.72 6.81
CA GLU C 54 14.95 -7.94 7.93
C GLU C 54 13.94 -6.91 7.44
N VAL C 55 12.95 -6.59 8.29
CA VAL C 55 11.92 -5.62 7.93
C VAL C 55 11.72 -4.54 9.00
N ALA C 56 12.74 -4.33 9.84
CA ALA C 56 12.66 -3.31 10.89
C ALA C 56 12.79 -1.89 10.33
N ARG C 57 11.82 -1.49 9.50
CA ARG C 57 11.82 -0.15 8.90
C ARG C 57 10.49 0.58 9.19
N PHE C 58 9.79 0.16 10.25
CA PHE C 58 8.51 0.77 10.62
C PHE C 58 8.12 0.44 12.06
N ILE C 59 7.44 1.38 12.73
CA ILE C 59 7.02 1.17 14.12
C ILE C 59 5.79 2.02 14.47
N GLU C 60 4.77 2.00 13.60
CA GLU C 60 3.55 2.79 13.84
C GLU C 60 2.32 2.16 13.16
N MET C 61 1.95 0.95 13.59
CA MET C 61 0.78 0.25 13.03
C MET C 61 0.57 -1.11 13.69
N ASN C 62 -0.70 -1.44 13.93
CA ASN C 62 -1.05 -2.72 14.55
C ASN C 62 -2.32 -3.30 13.92
N GLY C 63 -2.26 -3.54 12.60
CA GLY C 63 -3.41 -4.09 11.89
C GLY C 63 -3.03 -4.81 10.60
N SER C 64 -3.62 -4.37 9.49
CA SER C 64 -3.38 -4.97 8.16
C SER C 64 -3.89 -6.42 8.10
N PHE C 65 -3.31 -7.29 8.94
CA PHE C 65 -3.71 -8.71 9.00
C PHE C 65 -3.90 -9.33 7.61
N ALA C 66 -2.80 -9.62 6.94
CA ALA C 66 -2.83 -10.23 5.61
C ALA C 66 -3.42 -11.64 5.64
N ASP C 67 -2.73 -12.51 6.36
CA ASP C 67 -3.13 -13.91 6.50
C ASP C 67 -2.25 -14.60 7.55
N GLU C 68 -0.99 -14.84 7.20
CA GLU C 68 -0.05 -15.47 8.10
C GLU C 68 0.67 -14.42 8.96
N ASN C 69 0.53 -14.54 10.29
CA ASN C 69 1.16 -13.59 11.21
C ASN C 69 2.69 -13.78 11.24
N LYS C 70 3.42 -12.78 10.73
CA LYS C 70 4.88 -12.85 10.71
C LYS C 70 5.50 -11.45 10.72
N ASP C 71 6.14 -11.09 11.83
CA ASP C 71 6.78 -9.79 11.98
C ASP C 71 8.29 -9.95 12.22
N TRP C 72 8.97 -8.84 12.50
CA TRP C 72 10.41 -8.85 12.76
C TRP C 72 10.74 -8.08 14.04
N MET D 1 -5.55 -4.32 -17.38
CA MET D 1 -6.65 -3.40 -17.82
C MET D 1 -7.08 -2.50 -16.66
N LYS D 2 -8.39 -2.25 -16.52
CA LYS D 2 -8.89 -1.42 -15.43
C LYS D 2 -9.85 -2.21 -14.56
N GLN D 3 -9.38 -2.65 -13.41
CA GLN D 3 -10.19 -3.42 -12.49
C GLN D 3 -10.67 -2.54 -11.37
N ARG D 4 -11.97 -2.34 -11.31
CA ARG D 4 -12.55 -1.49 -10.32
C ARG D 4 -12.69 -2.17 -8.96
N ILE D 5 -11.75 -1.88 -8.07
CA ILE D 5 -11.80 -2.44 -6.73
C ILE D 5 -12.17 -1.30 -5.80
N THR D 6 -13.37 -1.37 -5.26
CA THR D 6 -13.88 -0.31 -4.41
C THR D 6 -13.93 -0.69 -2.92
N VAL D 7 -13.24 0.08 -2.09
CA VAL D 7 -13.29 -0.11 -0.63
C VAL D 7 -14.24 0.93 -0.08
N THR D 8 -15.51 0.57 0.11
CA THR D 8 -16.50 1.51 0.61
C THR D 8 -16.19 1.88 2.06
N VAL D 9 -15.46 2.98 2.23
CA VAL D 9 -15.05 3.45 3.55
C VAL D 9 -16.15 4.22 4.29
N ASP D 10 -15.81 5.39 4.86
CA ASP D 10 -16.74 6.19 5.68
C ASP D 10 -16.60 5.76 7.15
N SER D 11 -15.89 4.63 7.35
CA SER D 11 -15.62 4.09 8.68
C SER D 11 -14.13 3.79 8.84
N ASP D 12 -13.56 2.99 7.91
CA ASP D 12 -12.15 2.59 7.98
C ASP D 12 -11.18 3.78 8.22
N SER D 13 -10.52 4.31 7.17
CA SER D 13 -9.58 5.44 7.33
C SER D 13 -8.98 5.85 5.96
N TYR D 14 -9.83 5.80 4.94
CA TYR D 14 -9.46 6.12 3.55
C TYR D 14 -9.53 7.62 3.23
N GLN D 15 -10.53 8.31 3.77
CA GLN D 15 -10.77 9.72 3.47
C GLN D 15 -9.50 10.58 3.58
N LEU D 16 -8.65 10.35 4.58
CA LEU D 16 -7.44 11.17 4.73
C LEU D 16 -6.49 11.09 3.52
N LEU D 17 -6.06 9.88 3.16
CA LEU D 17 -5.11 9.74 2.05
C LEU D 17 -5.67 10.34 0.76
N LYS D 18 -6.96 10.17 0.55
CA LYS D 18 -7.63 10.72 -0.62
C LYS D 18 -7.92 12.21 -0.45
N ALA D 19 -8.15 12.59 0.79
CA ALA D 19 -8.44 13.97 1.15
C ALA D 19 -7.29 14.86 0.76
N TYR D 20 -6.07 14.30 0.75
CA TYR D 20 -4.92 15.08 0.39
C TYR D 20 -4.69 15.04 -1.13
N ASP D 21 -4.83 13.83 -1.79
CA ASP D 21 -4.70 13.73 -3.27
C ASP D 21 -4.20 12.37 -3.80
N VAL D 22 -4.16 11.34 -2.97
CA VAL D 22 -3.68 10.03 -3.43
C VAL D 22 -4.80 9.16 -3.99
N ASN D 23 -6.02 9.33 -3.47
CA ASN D 23 -7.19 8.54 -3.88
C ASN D 23 -6.81 7.11 -4.19
N ILE D 24 -5.94 6.56 -3.36
CA ILE D 24 -5.42 5.21 -3.43
C ILE D 24 -5.00 4.66 -4.80
N SER D 25 -5.27 5.34 -5.90
CA SER D 25 -4.92 4.80 -7.22
C SER D 25 -3.56 4.09 -7.14
N GLY D 26 -2.51 4.86 -6.84
CA GLY D 26 -1.18 4.29 -6.69
C GLY D 26 -0.96 3.71 -5.30
N LEU D 27 -1.73 4.20 -4.32
CA LEU D 27 -1.63 3.75 -2.95
C LEU D 27 -2.07 2.29 -2.82
N VAL D 28 -3.32 1.97 -3.17
CA VAL D 28 -3.79 0.60 -3.09
C VAL D 28 -2.80 -0.32 -3.80
N SER D 29 -2.65 -0.11 -5.10
CA SER D 29 -1.73 -0.88 -5.92
C SER D 29 -0.31 -0.97 -5.34
N THR D 30 0.22 0.15 -4.84
CA THR D 30 1.57 0.15 -4.27
C THR D 30 1.54 -0.64 -2.99
N THR D 31 0.63 -0.26 -2.09
CA THR D 31 0.51 -0.95 -0.83
C THR D 31 0.27 -2.42 -1.08
N MET D 32 -0.56 -2.73 -2.08
CA MET D 32 -0.86 -4.10 -2.44
C MET D 32 0.39 -4.84 -2.87
N GLN D 33 1.07 -4.34 -3.90
CA GLN D 33 2.30 -4.99 -4.39
C GLN D 33 3.25 -5.28 -3.23
N ASN D 34 3.38 -4.34 -2.30
CA ASN D 34 4.26 -4.53 -1.15
C ASN D 34 3.72 -5.60 -0.21
N GLU D 35 2.50 -5.40 0.28
CA GLU D 35 1.87 -6.38 1.16
C GLU D 35 1.58 -7.67 0.39
N ALA D 36 1.66 -7.60 -0.94
CA ALA D 36 1.43 -8.73 -1.82
C ALA D 36 2.72 -9.52 -2.07
N ARG D 37 3.77 -8.81 -2.51
CA ARG D 37 5.05 -9.43 -2.81
C ARG D 37 5.58 -10.23 -1.64
N ARG D 38 5.72 -9.55 -0.52
CA ARG D 38 6.23 -10.19 0.65
C ARG D 38 5.12 -10.95 1.40
N LEU D 39 3.87 -10.50 1.20
CA LEU D 39 2.71 -11.12 1.85
C LEU D 39 3.02 -11.51 3.29
N ARG D 40 3.61 -10.54 4.01
CA ARG D 40 3.99 -10.73 5.42
C ARG D 40 4.38 -9.39 6.06
N ALA D 41 5.40 -8.73 5.51
CA ALA D 41 5.85 -7.44 6.04
C ALA D 41 6.34 -6.48 4.94
N GLU D 42 7.12 -7.00 3.99
CA GLU D 42 7.65 -6.20 2.88
C GLU D 42 8.41 -4.96 3.34
N ARG D 43 9.67 -5.14 3.69
CA ARG D 43 10.53 -4.05 4.12
C ARG D 43 11.97 -4.35 3.75
N TRP D 44 12.59 -3.46 3.00
CA TRP D 44 13.97 -3.64 2.56
C TRP D 44 14.82 -2.41 2.86
N LYS D 45 15.97 -2.30 2.21
CA LYS D 45 16.86 -1.17 2.41
C LYS D 45 16.26 0.13 1.89
N VAL D 46 15.69 0.10 0.69
CA VAL D 46 15.09 1.29 0.06
C VAL D 46 16.07 2.47 0.05
N GLU D 47 17.14 2.30 -0.71
CA GLU D 47 18.20 3.32 -0.83
C GLU D 47 17.88 4.34 -1.94
N ASN D 48 18.68 5.40 -2.00
CA ASN D 48 18.50 6.46 -3.00
C ASN D 48 19.23 6.14 -4.31
N GLN D 49 18.47 5.96 -5.38
CA GLN D 49 19.04 5.66 -6.70
C GLN D 49 17.97 5.74 -7.80
N GLU D 50 18.41 6.00 -9.03
CA GLU D 50 17.50 6.09 -10.17
C GLU D 50 18.05 5.34 -11.37
N GLY D 51 17.15 4.96 -12.30
CA GLY D 51 17.56 4.24 -13.49
C GLY D 51 17.55 5.11 -14.73
N MET D 52 17.86 4.51 -15.89
CA MET D 52 17.88 5.24 -17.16
C MET D 52 17.28 4.42 -18.30
N VAL D 53 16.07 3.89 -18.07
CA VAL D 53 15.37 3.08 -19.08
C VAL D 53 14.01 2.62 -18.56
N GLU D 54 12.95 2.95 -19.31
CA GLU D 54 11.59 2.59 -18.92
C GLU D 54 10.95 1.60 -19.90
N VAL D 55 10.09 0.74 -19.37
CA VAL D 55 9.39 -0.26 -20.18
C VAL D 55 8.09 -0.69 -19.51
N ALA D 56 7.18 0.26 -19.34
CA ALA D 56 5.89 -0.01 -18.68
C ALA D 56 4.72 -0.03 -19.69
N ARG D 57 4.69 0.93 -20.61
CA ARG D 57 3.62 1.00 -21.61
C ARG D 57 4.10 1.67 -22.90
N PHE D 58 3.24 1.68 -23.92
CA PHE D 58 3.57 2.29 -25.22
C PHE D 58 4.00 3.75 -25.06
N ILE D 59 3.34 4.48 -24.18
CA ILE D 59 3.67 5.88 -23.94
C ILE D 59 4.41 6.06 -22.62
N GLU D 60 5.66 6.50 -22.70
CA GLU D 60 6.50 6.70 -21.52
C GLU D 60 5.97 7.86 -20.65
N MET D 61 6.33 7.83 -19.36
CA MET D 61 5.91 8.85 -18.41
C MET D 61 4.40 8.78 -18.13
N ASN D 62 4.03 7.96 -17.14
CA ASN D 62 2.62 7.80 -16.75
C ASN D 62 1.96 9.15 -16.43
N GLY D 63 2.73 10.06 -15.83
CA GLY D 63 2.21 11.37 -15.47
C GLY D 63 2.46 11.71 -14.02
N SER D 64 1.73 11.03 -13.13
CA SER D 64 1.86 11.24 -11.68
C SER D 64 1.09 12.48 -11.22
N PHE D 65 1.24 12.80 -9.93
CA PHE D 65 0.59 13.95 -9.32
C PHE D 65 1.30 14.33 -8.02
N ALA D 66 0.58 14.95 -7.06
CA ALA D 66 1.17 15.34 -5.78
C ALA D 66 1.87 14.14 -5.13
N ASP D 67 1.09 13.23 -4.60
CA ASP D 67 1.61 12.02 -3.97
C ASP D 67 1.31 10.80 -4.85
N GLU D 68 1.89 10.80 -6.05
CA GLU D 68 1.70 9.72 -7.03
C GLU D 68 3.04 9.13 -7.46
N ASN D 69 3.00 7.95 -8.10
CA ASN D 69 4.22 7.30 -8.56
C ASN D 69 4.02 6.57 -9.89
N LYS D 70 5.08 6.47 -10.68
CA LYS D 70 5.04 5.80 -11.97
C LYS D 70 6.16 4.76 -12.09
N ASP D 71 5.77 3.50 -12.31
CA ASP D 71 6.73 2.41 -12.44
C ASP D 71 7.68 2.64 -13.61
N TRP D 72 8.94 2.20 -13.45
CA TRP D 72 9.97 2.35 -14.47
C TRP D 72 10.27 3.84 -14.73
N MET C 1 -22.28 5.95 6.24
CA MET C 1 -22.87 6.06 4.88
C MET C 1 -22.21 5.10 3.88
N LYS C 2 -20.95 4.72 4.15
CA LYS C 2 -20.19 3.82 3.28
C LYS C 2 -19.76 4.55 2.01
N GLN C 3 -18.47 4.82 1.89
CA GLN C 3 -17.96 5.50 0.73
C GLN C 3 -17.25 4.52 -0.18
N ARG C 4 -17.89 4.22 -1.29
CA ARG C 4 -17.32 3.28 -2.23
C ARG C 4 -16.23 3.95 -3.05
N ILE C 5 -14.99 3.66 -2.68
CA ILE C 5 -13.84 4.15 -3.40
C ILE C 5 -13.27 2.97 -4.13
N THR C 6 -13.06 3.11 -5.42
CA THR C 6 -12.58 1.99 -6.21
C THR C 6 -11.37 2.36 -7.07
N VAL C 7 -10.30 1.55 -6.96
CA VAL C 7 -9.10 1.73 -7.78
C VAL C 7 -9.16 0.70 -8.89
N THR C 8 -9.39 1.13 -10.12
CA THR C 8 -9.48 0.20 -11.23
C THR C 8 -8.11 -0.38 -11.54
N VAL C 9 -7.82 -1.54 -10.95
CA VAL C 9 -6.53 -2.19 -11.16
C VAL C 9 -6.55 -3.03 -12.43
N ASP C 10 -6.07 -4.29 -12.38
CA ASP C 10 -5.96 -5.14 -13.56
C ASP C 10 -4.66 -4.79 -14.30
N SER C 11 -4.04 -3.68 -13.86
CA SER C 11 -2.78 -3.21 -14.41
C SER C 11 -1.77 -2.97 -13.27
N ASP C 12 -2.13 -2.09 -12.31
CA ASP C 12 -1.24 -1.73 -11.21
C ASP C 12 -0.60 -2.92 -10.46
N SER C 13 -1.12 -3.27 -9.26
CA SER C 13 -0.56 -4.38 -8.46
C SER C 13 -1.48 -4.70 -7.26
N TYR C 14 -2.79 -4.58 -7.50
CA TYR C 14 -3.82 -4.86 -6.49
C TYR C 14 -4.11 -6.35 -6.38
N GLN C 15 -4.12 -7.02 -7.55
CA GLN C 15 -4.45 -8.43 -7.65
C GLN C 15 -3.70 -9.31 -6.65
N LEU C 16 -2.40 -9.13 -6.46
CA LEU C 16 -1.65 -9.96 -5.50
C LEU C 16 -2.28 -9.94 -4.11
N LEU C 17 -2.59 -8.73 -3.64
CA LEU C 17 -3.20 -8.57 -2.30
C LEU C 17 -4.51 -9.34 -2.19
N LYS C 18 -5.38 -9.15 -3.17
CA LYS C 18 -6.66 -9.85 -3.19
C LYS C 18 -6.46 -11.31 -3.60
N ALA C 19 -5.38 -11.55 -4.33
CA ALA C 19 -5.02 -12.88 -4.78
C ALA C 19 -4.66 -13.77 -3.61
N TYR C 20 -4.20 -13.17 -2.52
CA TYR C 20 -3.87 -13.93 -1.35
C TYR C 20 -5.12 -14.07 -0.48
N ASP C 21 -5.90 -12.97 -0.32
CA ASP C 21 -7.18 -13.00 0.45
C ASP C 21 -7.56 -11.66 1.07
N VAL C 22 -7.02 -10.57 0.55
CA VAL C 22 -7.31 -9.27 1.11
C VAL C 22 -7.10 -8.16 0.10
N ASN C 23 -8.17 -7.76 -0.57
CA ASN C 23 -8.07 -6.68 -1.53
C ASN C 23 -7.61 -5.43 -0.80
N ILE C 24 -8.53 -4.60 -0.35
CA ILE C 24 -8.13 -3.40 0.38
C ILE C 24 -9.12 -2.93 1.43
N SER C 25 -10.22 -3.66 1.66
CA SER C 25 -11.19 -3.23 2.66
C SER C 25 -10.47 -2.63 3.86
N GLY C 26 -9.67 -3.44 4.55
CA GLY C 26 -8.91 -2.96 5.70
C GLY C 26 -7.55 -2.39 5.29
N LEU C 27 -6.96 -2.90 4.21
CA LEU C 27 -5.66 -2.43 3.74
C LEU C 27 -5.70 -0.93 3.48
N VAL C 28 -6.55 -0.51 2.53
CA VAL C 28 -6.71 0.90 2.22
C VAL C 28 -7.05 1.67 3.50
N SER C 29 -8.13 1.24 4.13
CA SER C 29 -8.62 1.80 5.36
C SER C 29 -7.53 2.00 6.41
N THR C 30 -6.73 0.96 6.67
CA THR C 30 -5.66 1.06 7.66
C THR C 30 -4.44 1.75 7.08
N THR C 31 -4.04 1.33 5.88
CA THR C 31 -2.87 1.90 5.24
C THR C 31 -3.06 3.39 5.02
N MET C 32 -4.26 3.77 4.55
CA MET C 32 -4.58 5.17 4.33
C MET C 32 -4.32 6.01 5.55
N GLN C 33 -4.96 5.66 6.67
CA GLN C 33 -4.78 6.41 7.91
C GLN C 33 -3.31 6.52 8.30
N ASN C 34 -2.53 5.46 8.06
CA ASN C 34 -1.10 5.49 8.39
C ASN C 34 -0.35 6.44 7.46
N GLU C 35 -0.52 6.25 6.16
CA GLU C 35 0.12 7.13 5.18
C GLU C 35 -0.54 8.51 5.19
N ALA C 36 -1.79 8.57 5.62
CA ALA C 36 -2.54 9.82 5.72
C ALA C 36 -2.19 10.55 7.01
N ARG C 37 -1.76 9.81 8.01
CA ARG C 37 -1.35 10.38 9.29
C ARG C 37 0.03 10.93 9.15
N ARG C 38 0.87 10.09 8.56
CA ARG C 38 2.26 10.41 8.38
C ARG C 38 2.51 11.40 7.23
N LEU C 39 1.87 11.17 6.05
CA LEU C 39 2.05 12.03 4.83
C LEU C 39 3.17 13.06 4.99
N ARG C 40 4.40 12.56 5.12
CA ARG C 40 5.58 13.41 5.28
C ARG C 40 6.83 12.55 5.49
N ALA C 41 7.17 11.75 4.48
CA ALA C 41 8.32 10.86 4.53
C ALA C 41 8.42 10.04 3.24
N GLU C 42 9.62 9.52 2.96
CA GLU C 42 9.86 8.73 1.76
C GLU C 42 9.13 7.37 1.80
N ARG C 43 7.82 7.40 2.09
CA ARG C 43 6.98 6.19 2.15
C ARG C 43 7.27 5.35 3.39
N TRP C 44 6.21 4.89 4.05
CA TRP C 44 6.34 4.04 5.24
C TRP C 44 6.75 2.62 4.83
N LYS C 45 7.96 2.48 4.31
CA LYS C 45 8.45 1.17 3.84
C LYS C 45 9.11 0.36 4.96
N VAL C 46 9.05 -0.97 4.82
CA VAL C 46 9.66 -1.89 5.77
C VAL C 46 10.69 -2.78 5.08
N GLU C 47 11.92 -2.74 5.57
CA GLU C 47 13.01 -3.53 4.97
C GLU C 47 13.74 -4.39 6.01
N ASN C 48 14.96 -4.82 5.68
CA ASN C 48 15.78 -5.66 6.56
C ASN C 48 15.41 -7.14 6.44
N GLN C 49 16.39 -7.95 6.05
CA GLN C 49 16.20 -9.39 5.90
C GLN C 49 17.55 -10.08 5.64
N GLU C 50 17.88 -11.07 6.46
CA GLU C 50 19.16 -11.80 6.33
C GLU C 50 19.01 -13.08 5.50
N GLY C 51 18.41 -14.11 6.09
CA GLY C 51 18.24 -15.38 5.39
C GLY C 51 17.52 -16.42 6.21
N MET C 52 16.22 -16.25 6.36
CA MET C 52 15.39 -17.17 7.13
C MET C 52 14.03 -17.37 6.45
N VAL C 53 13.31 -18.42 6.84
CA VAL C 53 12.00 -18.70 6.27
C VAL C 53 10.88 -18.21 7.18
N GLU C 54 10.76 -18.81 8.36
CA GLU C 54 9.72 -18.45 9.32
C GLU C 54 10.17 -17.29 10.22
N VAL C 55 9.21 -16.48 10.67
CA VAL C 55 9.49 -15.33 11.53
C VAL C 55 8.70 -15.36 12.85
N ALA C 56 7.95 -16.45 13.08
CA ALA C 56 7.16 -16.59 14.30
C ALA C 56 8.03 -16.49 15.56
N ARG C 57 7.54 -15.75 16.56
CA ARG C 57 8.28 -15.57 17.81
C ARG C 57 7.33 -15.41 19.00
N PHE C 58 6.57 -14.31 19.00
CA PHE C 58 5.62 -14.04 20.09
C PHE C 58 4.48 -13.14 19.59
N ILE C 59 3.86 -12.41 20.52
CA ILE C 59 2.74 -11.50 20.19
C ILE C 59 1.45 -12.27 19.97
N GLU C 60 0.59 -12.27 20.99
CA GLU C 60 -0.70 -12.97 20.93
C GLU C 60 -1.63 -12.32 19.91
N MET C 61 -1.68 -10.99 19.90
CA MET C 61 -2.54 -10.26 18.96
C MET C 61 -2.14 -10.54 17.52
N ASN C 62 -3.10 -11.06 16.75
CA ASN C 62 -2.86 -11.40 15.33
C ASN C 62 -2.11 -10.29 14.60
N GLY C 63 -1.05 -10.69 13.89
CA GLY C 63 -0.24 -9.72 13.15
C GLY C 63 -0.93 -9.19 11.92
N SER C 64 -1.62 -8.06 12.07
CA SER C 64 -2.34 -7.44 10.95
C SER C 64 -3.53 -8.30 10.51
N PHE C 65 -3.89 -8.21 9.23
CA PHE C 65 -5.01 -8.99 8.69
C PHE C 65 -4.77 -9.42 7.25
N ALA C 66 -4.11 -10.58 7.09
CA ALA C 66 -3.81 -11.12 5.77
C ALA C 66 -4.02 -12.64 5.75
N ASP C 67 -2.99 -13.39 5.33
CA ASP C 67 -3.08 -14.85 5.28
C ASP C 67 -1.93 -15.50 6.04
N GLU C 68 -1.97 -15.40 7.37
CA GLU C 68 -0.94 -16.00 8.23
C GLU C 68 -1.41 -17.38 8.70
N ASN C 69 -1.88 -18.20 7.75
CA ASN C 69 -2.38 -19.53 8.06
C ASN C 69 -1.30 -20.47 8.59
N LYS C 70 -0.41 -20.94 7.71
CA LYS C 70 0.65 -21.88 8.10
C LYS C 70 1.73 -21.22 8.97
N ASP C 71 1.31 -20.66 10.11
CA ASP C 71 2.22 -20.02 11.06
C ASP C 71 2.92 -18.80 10.45
N TRP C 72 3.85 -19.04 9.51
CA TRP C 72 4.60 -17.96 8.85
C TRP C 72 5.38 -18.50 7.65
N MET D 1 -10.86 -3.69 -20.45
CA MET D 1 -11.38 -3.15 -19.16
C MET D 1 -10.39 -3.39 -18.01
N LYS D 2 -10.55 -2.66 -16.92
CA LYS D 2 -9.67 -2.79 -15.76
C LYS D 2 -10.36 -3.55 -14.63
N GLN D 3 -9.69 -3.69 -13.48
CA GLN D 3 -10.27 -4.40 -12.34
C GLN D 3 -10.72 -3.42 -11.27
N ARG D 4 -12.03 -3.27 -11.14
CA ARG D 4 -12.57 -2.34 -10.17
C ARG D 4 -12.55 -2.93 -8.76
N ILE D 5 -11.63 -2.39 -7.97
CA ILE D 5 -11.48 -2.78 -6.58
C ILE D 5 -11.92 -1.63 -5.71
N THR D 6 -12.91 -1.85 -4.87
CA THR D 6 -13.42 -0.78 -4.05
C THR D 6 -13.57 -1.15 -2.58
N VAL D 7 -12.96 -0.36 -1.71
CA VAL D 7 -13.14 -0.51 -0.26
C VAL D 7 -14.12 0.57 0.14
N THR D 8 -15.36 0.21 0.39
CA THR D 8 -16.36 1.20 0.76
C THR D 8 -16.06 1.76 2.14
N VAL D 9 -15.26 2.84 2.16
CA VAL D 9 -14.85 3.48 3.40
C VAL D 9 -15.97 4.38 3.95
N ASP D 10 -15.64 5.62 4.38
CA ASP D 10 -16.62 6.54 5.00
C ASP D 10 -16.64 6.32 6.53
N SER D 11 -15.89 5.30 6.95
CA SER D 11 -15.77 4.95 8.35
C SER D 11 -14.30 4.68 8.69
N ASP D 12 -13.70 3.69 8.01
CA ASP D 12 -12.31 3.30 8.27
C ASP D 12 -11.31 4.47 8.34
N SER D 13 -10.63 4.82 7.23
CA SER D 13 -9.65 5.92 7.23
C SER D 13 -9.05 6.14 5.83
N TYR D 14 -9.88 5.95 4.81
CA TYR D 14 -9.49 6.12 3.41
C TYR D 14 -9.53 7.59 3.00
N GLN D 15 -10.60 8.26 3.42
CA GLN D 15 -10.83 9.66 3.07
C GLN D 15 -9.61 10.53 3.33
N LEU D 16 -8.88 10.30 4.41
CA LEU D 16 -7.70 11.12 4.71
C LEU D 16 -6.67 11.11 3.56
N LEU D 17 -6.21 9.91 3.17
CA LEU D 17 -5.20 9.82 2.10
C LEU D 17 -5.65 10.54 0.82
N LYS D 18 -6.92 10.40 0.50
CA LYS D 18 -7.50 11.05 -0.67
C LYS D 18 -7.80 12.52 -0.39
N ALA D 19 -8.15 12.78 0.87
CA ALA D 19 -8.48 14.12 1.33
C ALA D 19 -7.28 15.04 1.21
N TYR D 20 -6.08 14.46 1.30
CA TYR D 20 -4.88 15.26 1.17
C TYR D 20 -4.49 15.35 -0.30
N ASP D 21 -4.49 14.21 -1.04
CA ASP D 21 -4.15 14.26 -2.49
C ASP D 21 -3.86 12.90 -3.12
N VAL D 22 -4.18 11.80 -2.45
CA VAL D 22 -3.87 10.49 -2.98
C VAL D 22 -4.80 9.43 -2.46
N ASN D 23 -5.89 9.18 -3.18
CA ASN D 23 -6.84 8.17 -2.79
C ASN D 23 -6.09 6.83 -2.72
N ILE D 24 -6.26 5.99 -3.73
CA ILE D 24 -5.55 4.71 -3.70
C ILE D 24 -5.09 4.23 -5.07
N SER D 25 -5.28 5.03 -6.10
CA SER D 25 -4.88 4.61 -7.44
C SER D 25 -3.48 4.00 -7.35
N GLY D 26 -2.50 4.81 -6.97
CA GLY D 26 -1.13 4.35 -6.80
C GLY D 26 -0.89 3.78 -5.41
N LEU D 27 -1.63 4.28 -4.41
CA LEU D 27 -1.50 3.82 -3.04
C LEU D 27 -1.72 2.31 -2.96
N VAL D 28 -2.91 1.86 -3.35
CA VAL D 28 -3.24 0.45 -3.34
C VAL D 28 -2.19 -0.34 -4.15
N SER D 29 -2.11 -0.02 -5.43
CA SER D 29 -1.19 -0.67 -6.34
C SER D 29 0.25 -0.74 -5.79
N THR D 30 0.76 0.33 -5.20
CA THR D 30 2.12 0.30 -4.65
C THR D 30 2.11 -0.42 -3.30
N THR D 31 1.17 -0.04 -2.44
CA THR D 31 1.07 -0.64 -1.12
C THR D 31 0.82 -2.15 -1.21
N MET D 32 -0.13 -2.56 -2.05
CA MET D 32 -0.43 -3.97 -2.25
C MET D 32 0.82 -4.73 -2.64
N GLN D 33 1.51 -4.27 -3.68
CA GLN D 33 2.73 -4.93 -4.14
C GLN D 33 3.71 -5.20 -3.00
N ASN D 34 3.84 -4.25 -2.07
CA ASN D 34 4.74 -4.42 -0.93
C ASN D 34 4.21 -5.47 0.03
N GLU D 35 2.93 -5.38 0.39
CA GLU D 35 2.31 -6.35 1.28
C GLU D 35 2.05 -7.67 0.52
N ALA D 36 2.14 -7.59 -0.82
CA ALA D 36 1.97 -8.76 -1.68
C ALA D 36 3.31 -9.45 -1.84
N ARG D 37 4.34 -8.66 -2.16
CA ARG D 37 5.68 -9.17 -2.32
C ARG D 37 6.08 -9.99 -1.13
N ARG D 38 5.95 -9.36 0.03
CA ARG D 38 6.32 -10.01 1.28
C ARG D 38 5.20 -10.92 1.79
N LEU D 39 3.96 -10.38 1.86
CA LEU D 39 2.79 -11.14 2.31
C LEU D 39 3.02 -11.93 3.61
N ARG D 40 3.04 -11.20 4.74
CA ARG D 40 3.22 -11.80 6.07
C ARG D 40 3.49 -10.74 7.15
N ALA D 41 3.24 -11.10 8.40
CA ALA D 41 3.44 -10.20 9.54
C ALA D 41 4.91 -10.18 9.99
N GLU D 42 5.48 -8.98 10.07
CA GLU D 42 6.86 -8.80 10.50
C GLU D 42 7.12 -7.34 10.88
N ARG D 43 8.19 -7.13 11.66
CA ARG D 43 8.61 -5.80 12.13
C ARG D 43 7.60 -4.68 11.82
N TRP D 44 6.67 -4.45 12.75
CA TRP D 44 5.65 -3.41 12.57
C TRP D 44 6.22 -1.99 12.79
N LYS D 45 7.45 -1.77 12.31
CA LYS D 45 8.15 -0.48 12.41
C LYS D 45 9.65 -0.67 12.14
N VAL D 46 10.31 0.38 11.65
CA VAL D 46 11.74 0.32 11.35
C VAL D 46 12.58 0.99 12.44
N GLU D 47 13.89 0.68 12.46
CA GLU D 47 14.81 1.24 13.44
C GLU D 47 16.17 1.59 12.81
N ASN D 48 16.13 2.01 11.54
CA ASN D 48 17.36 2.38 10.82
C ASN D 48 17.14 3.67 10.01
N GLN D 49 18.05 3.97 9.09
CA GLN D 49 17.95 5.17 8.27
C GLN D 49 16.90 5.01 7.16
N GLU D 50 17.32 4.48 6.01
CA GLU D 50 16.42 4.28 4.87
C GLU D 50 17.01 3.30 3.85
N GLY D 51 18.21 3.62 3.36
CA GLY D 51 18.88 2.76 2.38
C GLY D 51 19.55 3.56 1.28
N MET D 52 19.86 2.88 0.17
CA MET D 52 20.51 3.53 -0.96
C MET D 52 20.06 2.91 -2.30
N VAL D 53 18.79 3.13 -2.64
CA VAL D 53 18.22 2.59 -3.87
C VAL D 53 16.81 3.16 -4.11
N GLU D 54 16.26 2.91 -5.28
CA GLU D 54 14.92 3.38 -5.63
C GLU D 54 14.05 2.23 -6.14
N VAL D 55 12.73 2.32 -5.91
CA VAL D 55 11.81 1.29 -6.37
C VAL D 55 10.44 1.88 -6.71
N ALA D 56 10.47 3.05 -7.36
CA ALA D 56 9.24 3.73 -7.77
C ALA D 56 8.66 3.11 -9.05
N ARG D 57 7.82 3.87 -9.77
CA ARG D 57 7.20 3.39 -11.00
C ARG D 57 6.67 4.55 -11.83
N PHE D 58 6.53 4.32 -13.13
CA PHE D 58 6.02 5.34 -14.05
C PHE D 58 4.49 5.20 -14.18
N ILE D 59 3.92 5.76 -15.25
CA ILE D 59 2.47 5.68 -15.50
C ILE D 59 1.68 6.61 -14.56
N GLU D 60 1.72 6.33 -13.26
CA GLU D 60 0.98 7.12 -12.27
C GLU D 60 1.46 8.57 -12.24
N MET D 61 1.01 9.35 -13.23
CA MET D 61 1.38 10.76 -13.35
C MET D 61 0.40 11.50 -14.27
N ASN D 62 -0.79 11.80 -13.74
CA ASN D 62 -1.81 12.51 -14.51
C ASN D 62 -2.46 13.63 -13.68
N GLY D 63 -3.18 13.25 -12.63
CA GLY D 63 -3.84 14.23 -11.78
C GLY D 63 -2.90 14.93 -10.80
N SER D 64 -1.62 14.57 -10.83
CA SER D 64 -0.60 15.15 -9.94
C SER D 64 -0.67 14.53 -8.55
N PHE D 65 0.22 14.97 -7.66
CA PHE D 65 0.27 14.47 -6.29
C PHE D 65 1.23 15.27 -5.42
N ALA D 66 0.69 15.96 -4.41
CA ALA D 66 1.48 16.79 -3.51
C ALA D 66 2.43 15.96 -2.62
N ASP D 67 2.04 14.72 -2.32
CA ASP D 67 2.86 13.85 -1.48
C ASP D 67 3.75 12.92 -2.31
N GLU D 68 3.15 12.20 -3.26
CA GLU D 68 3.88 11.27 -4.11
C GLU D 68 5.14 11.92 -4.70
N ASN D 69 6.30 11.56 -4.15
CA ASN D 69 7.58 12.11 -4.58
C ASN D 69 8.01 11.60 -5.97
N LYS D 70 7.49 10.44 -6.38
CA LYS D 70 7.83 9.85 -7.69
C LYS D 70 9.28 9.34 -7.71
N ASP D 71 10.22 10.25 -7.48
CA ASP D 71 11.65 9.90 -7.46
C ASP D 71 11.99 8.93 -6.32
N TRP D 72 11.09 8.85 -5.33
CA TRP D 72 11.24 8.00 -4.14
C TRP D 72 11.92 8.79 -3.02
N MET C 1 -24.99 4.58 3.26
CA MET C 1 -24.41 5.15 4.51
C MET C 1 -22.89 5.33 4.39
N LYS C 2 -22.19 4.27 3.96
CA LYS C 2 -20.73 4.34 3.82
C LYS C 2 -20.33 4.88 2.44
N GLN C 3 -19.04 4.87 2.14
CA GLN C 3 -18.52 5.38 0.87
C GLN C 3 -17.71 4.33 0.14
N ARG C 4 -18.15 4.03 -1.06
CA ARG C 4 -17.47 3.06 -1.88
C ARG C 4 -16.25 3.67 -2.54
N ILE C 5 -15.09 3.20 -2.13
CA ILE C 5 -13.84 3.64 -2.70
C ILE C 5 -13.37 2.55 -3.64
N THR C 6 -13.12 2.89 -4.88
CA THR C 6 -12.72 1.87 -5.82
C THR C 6 -11.47 2.28 -6.60
N VAL C 7 -10.44 1.43 -6.53
CA VAL C 7 -9.19 1.65 -7.25
C VAL C 7 -9.21 0.75 -8.49
N THR C 8 -9.35 1.34 -9.67
CA THR C 8 -9.37 0.57 -10.91
C THR C 8 -7.98 0.02 -11.21
N VAL C 9 -7.69 -1.18 -10.68
CA VAL C 9 -6.38 -1.78 -10.88
C VAL C 9 -6.32 -2.58 -12.18
N ASP C 10 -5.80 -3.83 -12.13
CA ASP C 10 -5.60 -4.64 -13.33
C ASP C 10 -4.27 -4.21 -13.98
N SER C 11 -3.72 -3.12 -13.45
CA SER C 11 -2.44 -2.58 -13.90
C SER C 11 -1.52 -2.33 -12.70
N ASP C 12 -1.93 -1.42 -11.80
CA ASP C 12 -1.12 -1.05 -10.63
C ASP C 12 -0.44 -2.27 -9.95
N SER C 13 -1.11 -2.91 -8.96
CA SER C 13 -0.54 -4.07 -8.26
C SER C 13 -1.49 -4.54 -7.12
N TYR C 14 -2.78 -4.51 -7.44
CA TYR C 14 -3.87 -4.89 -6.53
C TYR C 14 -4.15 -6.39 -6.49
N GLN C 15 -4.18 -7.01 -7.67
CA GLN C 15 -4.53 -8.43 -7.79
C GLN C 15 -3.78 -9.34 -6.81
N LEU C 16 -2.51 -9.06 -6.53
CA LEU C 16 -1.74 -9.89 -5.59
C LEU C 16 -2.35 -9.90 -4.18
N LEU C 17 -2.51 -8.72 -3.59
CA LEU C 17 -3.07 -8.62 -2.21
C LEU C 17 -4.34 -9.46 -2.07
N LYS C 18 -5.20 -9.36 -3.07
CA LYS C 18 -6.46 -10.11 -3.09
C LYS C 18 -6.22 -11.54 -3.53
N ALA C 19 -5.21 -11.71 -4.37
CA ALA C 19 -4.81 -13.02 -4.88
C ALA C 19 -4.44 -13.93 -3.72
N TYR C 20 -3.94 -13.33 -2.64
CA TYR C 20 -3.58 -14.09 -1.47
C TYR C 20 -4.80 -14.24 -0.56
N ASP C 21 -5.54 -13.14 -0.31
CA ASP C 21 -6.79 -13.19 0.50
C ASP C 21 -7.14 -11.87 1.19
N VAL C 22 -6.59 -10.76 0.71
CA VAL C 22 -6.85 -9.48 1.34
C VAL C 22 -6.63 -8.33 0.38
N ASN C 23 -7.65 -8.01 -0.43
CA ASN C 23 -7.52 -6.90 -1.37
C ASN C 23 -7.21 -5.62 -0.59
N ILE C 24 -8.23 -4.82 -0.27
CA ILE C 24 -7.96 -3.59 0.45
C ILE C 24 -8.96 -3.25 1.55
N SER C 25 -10.03 -4.03 1.72
CA SER C 25 -11.01 -3.71 2.76
C SER C 25 -10.29 -3.20 4.02
N GLY C 26 -9.48 -4.07 4.64
CA GLY C 26 -8.72 -3.69 5.81
C GLY C 26 -7.39 -3.03 5.45
N LEU C 27 -6.81 -3.40 4.31
CA LEU C 27 -5.54 -2.84 3.85
C LEU C 27 -5.66 -1.33 3.69
N VAL C 28 -6.54 -0.91 2.79
CA VAL C 28 -6.75 0.52 2.53
C VAL C 28 -7.03 1.27 3.83
N SER C 29 -8.16 1.00 4.47
CA SER C 29 -8.52 1.69 5.71
C SER C 29 -7.38 1.71 6.74
N THR C 30 -6.59 0.64 6.83
CA THR C 30 -5.47 0.63 7.78
C THR C 30 -4.31 1.43 7.21
N THR C 31 -4.01 1.17 5.93
CA THR C 31 -2.92 1.84 5.24
C THR C 31 -3.18 3.35 5.12
N MET C 32 -4.37 3.71 4.64
CA MET C 32 -4.75 5.10 4.48
C MET C 32 -4.49 5.89 5.77
N GLN C 33 -4.85 5.32 6.91
CA GLN C 33 -4.63 5.98 8.21
C GLN C 33 -3.14 6.23 8.42
N ASN C 34 -2.33 5.18 8.21
CA ASN C 34 -0.89 5.29 8.36
C ASN C 34 -0.36 6.35 7.39
N GLU C 35 -0.79 6.28 6.13
CA GLU C 35 -0.39 7.27 5.14
C GLU C 35 -0.95 8.65 5.53
N ALA C 36 -2.18 8.67 6.05
CA ALA C 36 -2.81 9.90 6.51
C ALA C 36 -1.95 10.53 7.60
N ARG C 37 -1.54 9.72 8.56
CA ARG C 37 -0.67 10.18 9.63
C ARG C 37 0.61 10.69 9.02
N ARG C 38 1.20 9.83 8.20
CA ARG C 38 2.44 10.14 7.52
C ARG C 38 2.34 11.48 6.78
N LEU C 39 1.26 11.63 5.97
CA LEU C 39 0.98 12.82 5.18
C LEU C 39 1.77 14.06 5.64
N ARG C 40 2.75 14.46 4.83
CA ARG C 40 3.59 15.62 5.14
C ARG C 40 3.91 16.45 3.89
N ALA C 41 4.50 15.81 2.86
CA ALA C 41 4.85 16.50 1.62
C ALA C 41 5.09 15.50 0.47
N GLU C 42 4.88 15.96 -0.77
CA GLU C 42 5.08 15.12 -1.95
C GLU C 42 6.53 15.15 -2.45
N ARG C 43 6.81 14.39 -3.51
CA ARG C 43 8.15 14.34 -4.10
C ARG C 43 8.12 13.72 -5.50
N TRP C 44 8.09 12.38 -5.55
CA TRP C 44 8.06 11.61 -6.79
C TRP C 44 8.50 10.17 -6.55
N LYS C 45 9.74 10.01 -6.05
CA LYS C 45 10.31 8.70 -5.75
C LYS C 45 10.65 7.92 -7.03
N VAL C 46 11.94 7.60 -7.19
CA VAL C 46 12.40 6.85 -8.37
C VAL C 46 11.56 5.59 -8.60
N GLU C 47 11.07 5.42 -9.82
CA GLU C 47 10.25 4.28 -10.20
C GLU C 47 11.11 3.03 -10.46
N ASN C 48 10.93 2.00 -9.62
CA ASN C 48 11.68 0.76 -9.76
C ASN C 48 11.14 -0.35 -8.85
N GLN C 49 11.18 -1.59 -9.33
CA GLN C 49 10.68 -2.73 -8.58
C GLN C 49 11.83 -3.61 -8.08
N GLU C 50 12.15 -3.51 -6.79
CA GLU C 50 13.23 -4.30 -6.20
C GLU C 50 12.78 -5.71 -5.84
N GLY C 51 13.73 -6.64 -5.80
CA GLY C 51 13.43 -8.03 -5.47
C GLY C 51 14.64 -8.93 -5.60
N MET C 52 14.96 -9.69 -4.55
CA MET C 52 16.10 -10.60 -4.57
C MET C 52 15.65 -12.05 -4.68
N VAL C 53 16.46 -12.87 -5.37
CA VAL C 53 16.14 -14.29 -5.58
C VAL C 53 16.60 -15.13 -4.38
N GLU C 54 15.99 -16.31 -4.24
CA GLU C 54 16.30 -17.26 -3.16
C GLU C 54 16.59 -16.56 -1.83
N VAL C 55 15.66 -15.72 -1.39
CA VAL C 55 15.81 -15.00 -0.13
C VAL C 55 15.25 -15.80 1.04
N ALA C 56 16.00 -16.82 1.45
CA ALA C 56 15.60 -17.67 2.57
C ALA C 56 16.50 -17.45 3.79
N ARG C 57 17.65 -18.16 3.81
CA ARG C 57 18.62 -18.04 4.91
C ARG C 57 17.98 -18.35 6.27
N PHE C 58 17.26 -17.37 6.83
CA PHE C 58 16.59 -17.53 8.12
C PHE C 58 15.25 -16.79 8.12
N ILE C 59 14.26 -17.39 7.44
CA ILE C 59 12.93 -16.80 7.34
C ILE C 59 11.89 -17.64 8.10
N GLU C 60 11.79 -17.40 9.41
CA GLU C 60 10.85 -18.12 10.26
C GLU C 60 9.79 -17.20 10.84
N MET C 61 8.56 -17.69 10.96
CA MET C 61 7.44 -16.92 11.51
C MET C 61 6.33 -17.83 12.01
N ASN C 62 6.55 -18.45 13.17
CA ASN C 62 5.57 -19.36 13.78
C ASN C 62 4.31 -18.60 14.24
N GLY C 63 3.59 -18.02 13.27
CA GLY C 63 2.38 -17.27 13.59
C GLY C 63 1.94 -16.36 12.46
N SER C 64 1.01 -16.84 11.62
CA SER C 64 0.50 -16.05 10.49
C SER C 64 -0.63 -15.13 10.93
N PHE C 65 -0.88 -14.08 10.14
CA PHE C 65 -1.93 -13.10 10.44
C PHE C 65 -3.13 -13.30 9.52
N ALA C 66 -2.86 -13.55 8.24
CA ALA C 66 -3.91 -13.76 7.25
C ALA C 66 -3.66 -15.02 6.44
N ASP C 67 -2.65 -14.95 5.58
CA ASP C 67 -2.26 -16.07 4.73
C ASP C 67 -0.87 -16.61 5.13
N GLU C 68 -0.22 -17.34 4.23
CA GLU C 68 1.10 -17.91 4.49
C GLU C 68 2.16 -17.25 3.61
N ASN C 69 3.28 -17.93 3.37
CA ASN C 69 4.36 -17.36 2.53
C ASN C 69 5.25 -18.44 1.93
N LYS C 70 5.29 -18.49 0.60
CA LYS C 70 6.11 -19.47 -0.12
C LYS C 70 6.85 -18.81 -1.27
N ASP C 71 8.01 -19.37 -1.63
CA ASP C 71 8.83 -18.85 -2.71
C ASP C 71 9.36 -17.45 -2.39
N TRP C 72 10.12 -16.89 -3.32
CA TRP C 72 10.71 -15.56 -3.14
C TRP C 72 11.02 -14.91 -4.50
N MET D 1 -11.54 -2.47 -19.23
CA MET D 1 -10.04 -2.51 -19.34
C MET D 1 -9.40 -2.83 -17.98
N LYS D 2 -9.33 -1.84 -17.09
CA LYS D 2 -8.73 -2.03 -15.77
C LYS D 2 -9.68 -2.84 -14.86
N GLN D 3 -9.27 -3.07 -13.62
CA GLN D 3 -10.08 -3.84 -12.68
C GLN D 3 -10.56 -2.99 -11.52
N ARG D 4 -11.88 -2.80 -11.43
CA ARG D 4 -12.43 -1.99 -10.38
C ARG D 4 -12.50 -2.75 -9.06
N ILE D 5 -11.63 -2.33 -8.16
CA ILE D 5 -11.56 -2.88 -6.82
C ILE D 5 -12.11 -1.84 -5.87
N THR D 6 -13.06 -2.19 -5.04
CA THR D 6 -13.64 -1.19 -4.17
C THR D 6 -13.73 -1.61 -2.70
N VAL D 7 -13.24 -0.72 -1.83
CA VAL D 7 -13.36 -0.89 -0.38
C VAL D 7 -14.49 0.03 0.05
N THR D 8 -15.69 -0.50 0.23
CA THR D 8 -16.81 0.36 0.60
C THR D 8 -16.69 0.89 2.03
N VAL D 9 -15.69 1.75 2.26
CA VAL D 9 -15.51 2.35 3.58
C VAL D 9 -16.10 3.77 3.58
N ASP D 10 -15.25 4.79 3.75
CA ASP D 10 -15.62 6.19 3.79
C ASP D 10 -14.68 6.85 4.77
N SER D 11 -15.01 6.78 6.04
CA SER D 11 -14.17 7.35 7.07
C SER D 11 -13.11 6.38 7.57
N ASP D 12 -13.01 5.15 7.00
CA ASP D 12 -11.98 4.23 7.45
C ASP D 12 -10.64 4.67 6.90
N SER D 13 -10.21 5.88 7.29
CA SER D 13 -8.94 6.48 6.83
C SER D 13 -8.87 6.66 5.29
N TYR D 14 -9.62 5.83 4.52
CA TYR D 14 -9.64 5.88 3.07
C TYR D 14 -9.74 7.32 2.56
N GLN D 15 -10.84 7.98 2.92
CA GLN D 15 -11.10 9.33 2.46
C GLN D 15 -9.91 10.27 2.68
N LEU D 16 -9.15 10.06 3.75
CA LEU D 16 -7.98 10.90 4.05
C LEU D 16 -6.93 10.84 2.92
N LEU D 17 -6.57 9.62 2.52
CA LEU D 17 -5.58 9.44 1.45
C LEU D 17 -5.93 10.24 0.20
N LYS D 18 -7.16 10.05 -0.25
CA LYS D 18 -7.66 10.74 -1.42
C LYS D 18 -7.92 12.21 -1.09
N ALA D 19 -8.25 12.45 0.17
CA ALA D 19 -8.52 13.79 0.67
C ALA D 19 -7.27 14.65 0.59
N TYR D 20 -6.09 14.00 0.63
CA TYR D 20 -4.86 14.74 0.54
C TYR D 20 -4.47 14.93 -0.92
N ASP D 21 -4.65 13.88 -1.77
CA ASP D 21 -4.35 14.02 -3.21
C ASP D 21 -4.10 12.69 -3.91
N VAL D 22 -4.84 11.64 -3.58
CA VAL D 22 -4.61 10.36 -4.24
C VAL D 22 -5.72 9.33 -3.97
N ASN D 23 -6.69 9.23 -4.87
CA ASN D 23 -7.77 8.27 -4.71
C ASN D 23 -7.22 6.85 -4.85
N ILE D 24 -6.45 6.47 -3.82
CA ILE D 24 -5.79 5.18 -3.64
C ILE D 24 -5.18 4.49 -4.87
N SER D 25 -5.45 4.95 -6.09
CA SER D 25 -4.93 4.27 -7.27
C SER D 25 -3.53 3.74 -7.02
N GLY D 26 -2.62 4.65 -6.63
CA GLY D 26 -1.25 4.25 -6.32
C GLY D 26 -1.10 3.75 -4.90
N LEU D 27 -1.93 4.27 -3.98
CA LEU D 27 -1.88 3.86 -2.58
C LEU D 27 -2.18 2.38 -2.44
N VAL D 28 -3.38 1.95 -2.86
CA VAL D 28 -3.73 0.55 -2.79
C VAL D 28 -2.63 -0.31 -3.44
N SER D 29 -2.44 -0.12 -4.73
CA SER D 29 -1.43 -0.83 -5.52
C SER D 29 -0.01 -0.81 -4.92
N THR D 30 0.48 0.37 -4.51
CA THR D 30 1.81 0.45 -3.92
C THR D 30 1.81 -0.36 -2.65
N THR D 31 0.81 -0.07 -1.82
CA THR D 31 0.66 -0.78 -0.58
C THR D 31 0.52 -2.27 -0.83
N MET D 32 -0.27 -2.60 -1.84
CA MET D 32 -0.50 -3.98 -2.23
C MET D 32 0.80 -4.65 -2.60
N GLN D 33 1.53 -4.09 -3.56
CA GLN D 33 2.81 -4.68 -3.97
C GLN D 33 3.68 -4.97 -2.75
N ASN D 34 3.70 -4.04 -1.80
CA ASN D 34 4.49 -4.21 -0.59
C ASN D 34 3.93 -5.37 0.25
N GLU D 35 2.63 -5.35 0.53
CA GLU D 35 2.01 -6.43 1.29
C GLU D 35 1.84 -7.69 0.41
N ALA D 36 1.99 -7.51 -0.91
CA ALA D 36 1.88 -8.60 -1.87
C ALA D 36 3.22 -9.30 -2.05
N ARG D 37 4.29 -8.52 -2.06
CA ARG D 37 5.62 -9.08 -2.21
C ARG D 37 6.03 -9.82 -0.97
N ARG D 38 5.93 -9.11 0.14
CA ARG D 38 6.31 -9.66 1.41
C ARG D 38 5.22 -10.49 2.09
N LEU D 39 3.96 -10.00 2.03
CA LEU D 39 2.81 -10.66 2.69
C LEU D 39 3.20 -11.18 4.09
N ARG D 40 4.11 -10.48 4.77
CA ARG D 40 4.56 -10.87 6.10
C ARG D 40 5.60 -9.88 6.65
N ALA D 41 5.66 -9.77 7.98
CA ALA D 41 6.62 -8.87 8.64
C ALA D 41 8.06 -9.21 8.26
N GLU D 42 8.81 -8.19 7.83
CA GLU D 42 10.20 -8.36 7.42
C GLU D 42 11.05 -7.14 7.80
N ARG D 43 12.36 -7.22 7.56
CA ARG D 43 13.28 -6.11 7.87
C ARG D 43 14.63 -6.31 7.19
N TRP D 44 15.35 -7.37 7.58
CA TRP D 44 16.66 -7.69 7.01
C TRP D 44 17.70 -6.58 7.29
N LYS D 45 17.69 -5.52 6.47
CA LYS D 45 18.63 -4.40 6.63
C LYS D 45 18.38 -3.29 5.60
N VAL D 46 18.19 -3.66 4.34
CA VAL D 46 17.95 -2.69 3.27
C VAL D 46 16.51 -2.15 3.33
N GLU D 47 16.32 -1.07 4.07
CA GLU D 47 15.00 -0.47 4.23
C GLU D 47 14.87 0.82 3.42
N ASN D 48 14.24 0.71 2.25
CA ASN D 48 14.04 1.86 1.36
C ASN D 48 12.57 2.26 1.31
N GLN D 49 12.12 2.98 2.34
CA GLN D 49 10.72 3.44 2.44
C GLN D 49 10.51 4.24 3.73
N GLU D 50 10.87 3.63 4.86
CA GLU D 50 10.76 4.26 6.18
C GLU D 50 12.15 4.41 6.82
N GLY D 51 12.27 4.18 8.13
CA GLY D 51 13.56 4.31 8.80
C GLY D 51 14.09 5.73 8.84
N MET D 52 14.65 6.19 7.72
CA MET D 52 15.21 7.54 7.60
C MET D 52 16.51 7.69 8.41
N VAL D 53 17.65 7.58 7.73
CA VAL D 53 18.96 7.71 8.39
C VAL D 53 19.78 8.87 7.81
N GLU D 54 20.06 8.82 6.50
CA GLU D 54 20.83 9.86 5.83
C GLU D 54 19.90 10.92 5.24
N VAL D 55 19.04 10.48 4.30
CA VAL D 55 18.07 11.37 3.63
C VAL D 55 18.63 12.73 3.25
N ALA D 56 19.90 12.75 2.85
CA ALA D 56 20.56 13.98 2.44
C ALA D 56 20.23 14.32 0.99
N ARG D 57 19.62 15.48 0.77
CA ARG D 57 19.24 15.93 -0.58
C ARG D 57 19.36 17.45 -0.73
N PHE D 58 18.36 18.19 -0.22
CA PHE D 58 18.35 19.65 -0.31
C PHE D 58 18.14 20.30 1.06
N ILE D 59 17.03 19.94 1.71
CA ILE D 59 16.70 20.49 3.03
C ILE D 59 16.80 19.40 4.11
N GLU D 60 17.45 19.75 5.22
CA GLU D 60 17.64 18.81 6.33
C GLU D 60 16.46 18.88 7.32
N MET D 61 15.30 18.38 6.89
CA MET D 61 14.11 18.38 7.75
C MET D 61 13.33 17.06 7.62
N ASN D 62 13.25 16.32 8.73
CA ASN D 62 12.54 15.03 8.74
C ASN D 62 11.02 15.23 8.75
N GLY D 63 10.51 15.90 7.73
CA GLY D 63 9.07 16.14 7.62
C GLY D 63 8.63 16.41 6.20
N SER D 64 8.69 15.37 5.36
CA SER D 64 8.30 15.50 3.96
C SER D 64 8.04 14.13 3.33
N PHE D 65 6.86 13.57 3.60
CA PHE D 65 6.50 12.25 3.08
C PHE D 65 4.98 12.04 3.03
N ALA D 66 4.32 12.61 2.02
CA ALA D 66 2.88 12.46 1.85
C ALA D 66 2.59 11.32 0.88
N ASP D 67 2.14 11.63 -0.34
CA ASP D 67 1.87 10.61 -1.34
C ASP D 67 3.18 9.94 -1.75
N GLU D 68 4.18 10.76 -2.04
CA GLU D 68 5.50 10.29 -2.42
C GLU D 68 6.53 10.77 -1.39
N ASN D 69 7.33 9.84 -0.87
CA ASN D 69 8.35 10.18 0.12
C ASN D 69 9.50 10.98 -0.51
N LYS D 70 10.49 10.27 -1.03
CA LYS D 70 11.65 10.90 -1.68
C LYS D 70 12.50 9.84 -2.39
N ASP D 71 13.62 9.44 -1.76
CA ASP D 71 14.49 8.41 -2.35
C ASP D 71 15.33 7.74 -1.25
N TRP D 72 16.07 8.56 -0.50
CA TRP D 72 16.92 8.09 0.60
C TRP D 72 16.09 7.27 1.60
N MET C 1 -23.67 4.89 6.70
CA MET C 1 -22.93 5.66 5.66
C MET C 1 -21.63 4.96 5.24
N LYS C 2 -21.40 4.90 3.93
CA LYS C 2 -20.20 4.25 3.37
C LYS C 2 -19.75 4.95 2.10
N GLN C 3 -18.43 5.05 1.90
CA GLN C 3 -17.88 5.70 0.72
C GLN C 3 -17.17 4.71 -0.18
N ARG C 4 -17.71 4.51 -1.38
CA ARG C 4 -17.10 3.59 -2.30
C ARG C 4 -15.92 4.22 -3.00
N ILE C 5 -14.73 3.82 -2.58
CA ILE C 5 -13.50 4.27 -3.17
C ILE C 5 -12.93 3.10 -3.92
N THR C 6 -12.61 3.27 -5.16
CA THR C 6 -12.08 2.16 -5.89
C THR C 6 -10.85 2.49 -6.69
N VAL C 7 -9.92 1.53 -6.70
CA VAL C 7 -8.68 1.62 -7.44
C VAL C 7 -8.82 0.84 -8.75
N THR C 8 -9.03 1.56 -9.86
CA THR C 8 -9.17 0.92 -11.18
C THR C 8 -7.82 0.36 -11.59
N VAL C 9 -7.46 -0.78 -10.99
CA VAL C 9 -6.18 -1.40 -11.21
C VAL C 9 -6.27 -2.73 -12.01
N ASP C 10 -5.66 -3.83 -11.51
CA ASP C 10 -5.61 -5.14 -12.22
C ASP C 10 -4.30 -5.24 -13.00
N SER C 11 -3.37 -4.48 -12.51
CA SER C 11 -2.03 -4.38 -13.07
C SER C 11 -1.03 -4.04 -11.97
N ASP C 12 -1.32 -3.01 -11.18
CA ASP C 12 -0.42 -2.59 -10.12
C ASP C 12 -0.51 -3.46 -8.87
N SER C 13 -0.51 -4.79 -9.04
CA SER C 13 -0.50 -5.73 -7.91
C SER C 13 -1.75 -5.75 -7.01
N TYR C 14 -2.85 -5.10 -7.38
CA TYR C 14 -4.03 -5.11 -6.53
C TYR C 14 -4.56 -6.54 -6.34
N GLN C 15 -4.73 -7.24 -7.46
CA GLN C 15 -5.27 -8.58 -7.45
C GLN C 15 -4.60 -9.51 -6.43
N LEU C 16 -3.30 -9.30 -6.19
CA LEU C 16 -2.55 -10.14 -5.24
C LEU C 16 -3.03 -10.01 -3.79
N LEU C 17 -3.05 -8.79 -3.27
CA LEU C 17 -3.47 -8.55 -1.88
C LEU C 17 -4.79 -9.24 -1.55
N LYS C 18 -5.80 -8.94 -2.33
CA LYS C 18 -7.11 -9.54 -2.14
C LYS C 18 -7.08 -11.02 -2.48
N ALA C 19 -6.15 -11.37 -3.36
CA ALA C 19 -5.98 -12.74 -3.81
C ALA C 19 -5.45 -13.62 -2.68
N TYR C 20 -4.72 -13.02 -1.73
CA TYR C 20 -4.21 -13.78 -0.61
C TYR C 20 -5.24 -13.82 0.51
N ASP C 21 -5.98 -12.70 0.74
CA ASP C 21 -7.05 -12.70 1.77
C ASP C 21 -7.39 -11.31 2.32
N VAL C 22 -7.13 -10.25 1.56
CA VAL C 22 -7.43 -8.91 2.07
C VAL C 22 -7.84 -7.92 0.99
N ASN C 23 -9.12 -7.93 0.60
CA ASN C 23 -9.63 -7.01 -0.42
C ASN C 23 -9.52 -5.56 0.06
N ILE C 24 -8.28 -5.14 0.27
CA ILE C 24 -7.87 -3.83 0.74
C ILE C 24 -8.69 -3.14 1.83
N SER C 25 -9.88 -3.62 2.15
CA SER C 25 -10.70 -2.96 3.17
C SER C 25 -9.82 -2.45 4.31
N GLY C 26 -9.14 -3.38 5.00
CA GLY C 26 -8.24 -2.99 6.08
C GLY C 26 -6.91 -2.48 5.55
N LEU C 27 -6.41 -3.07 4.46
CA LEU C 27 -5.16 -2.65 3.86
C LEU C 27 -5.21 -1.17 3.51
N VAL C 28 -6.13 -0.81 2.62
CA VAL C 28 -6.31 0.56 2.22
C VAL C 28 -6.42 1.46 3.45
N SER C 29 -7.49 1.26 4.23
CA SER C 29 -7.75 2.03 5.45
C SER C 29 -6.56 2.12 6.39
N THR C 30 -5.86 1.02 6.63
CA THR C 30 -4.70 1.03 7.52
C THR C 30 -3.58 1.79 6.82
N THR C 31 -3.42 1.50 5.53
CA THR C 31 -2.41 2.17 4.74
C THR C 31 -2.69 3.68 4.70
N MET C 32 -3.97 4.02 4.52
CA MET C 32 -4.41 5.41 4.47
C MET C 32 -3.87 6.20 5.65
N GLN C 33 -4.06 5.66 6.86
CA GLN C 33 -3.59 6.33 8.08
C GLN C 33 -2.08 6.50 8.06
N ASN C 34 -1.36 5.44 7.69
CA ASN C 34 0.09 5.51 7.62
C ASN C 34 0.49 6.52 6.55
N GLU C 35 -0.05 6.36 5.35
CA GLU C 35 0.22 7.27 4.25
C GLU C 35 -0.26 8.67 4.61
N ALA C 36 -1.38 8.77 5.31
CA ALA C 36 -1.92 10.06 5.73
C ALA C 36 -0.99 10.72 6.74
N ARG C 37 -0.43 9.91 7.63
CA ARG C 37 0.48 10.41 8.64
C ARG C 37 1.82 10.76 8.02
N ARG C 38 2.39 9.77 7.36
CA ARG C 38 3.69 9.94 6.76
C ARG C 38 3.65 10.70 5.41
N LEU C 39 2.59 10.46 4.62
CA LEU C 39 2.44 11.08 3.28
C LEU C 39 3.81 11.28 2.61
N ARG C 40 4.31 12.53 2.58
CA ARG C 40 5.63 12.83 1.99
C ARG C 40 5.72 12.46 0.51
N ALA C 41 4.56 12.35 -0.16
CA ALA C 41 4.50 12.01 -1.58
C ALA C 41 4.83 10.55 -1.85
N GLU C 42 4.45 10.07 -3.03
CA GLU C 42 4.69 8.69 -3.41
C GLU C 42 6.01 8.55 -4.18
N ARG C 43 6.40 7.30 -4.42
CA ARG C 43 7.64 7.02 -5.14
C ARG C 43 7.37 6.24 -6.43
N TRP C 44 8.04 6.63 -7.51
CA TRP C 44 7.85 5.96 -8.79
C TRP C 44 8.57 4.61 -8.82
N LYS C 45 8.10 3.72 -9.70
CA LYS C 45 8.69 2.38 -9.83
C LYS C 45 10.18 2.46 -10.13
N VAL C 46 10.99 1.83 -9.29
CA VAL C 46 12.44 1.81 -9.47
C VAL C 46 12.91 0.50 -10.10
N GLU C 47 14.08 0.54 -10.72
CA GLU C 47 14.65 -0.62 -11.38
C GLU C 47 15.15 -1.66 -10.37
N ASN C 48 15.06 -2.94 -10.74
CA ASN C 48 15.50 -4.04 -9.88
C ASN C 48 15.32 -5.39 -10.58
N GLN C 49 14.12 -5.66 -11.08
CA GLN C 49 13.81 -6.91 -11.77
C GLN C 49 13.85 -8.11 -10.83
N GLU C 50 13.01 -8.07 -9.80
CA GLU C 50 12.92 -9.16 -8.81
C GLU C 50 14.26 -9.43 -8.13
N GLY C 51 15.00 -8.35 -7.82
CA GLY C 51 16.29 -8.51 -7.16
C GLY C 51 17.03 -7.20 -6.98
N MET C 52 18.08 -7.21 -6.15
CA MET C 52 18.90 -6.03 -5.89
C MET C 52 18.06 -4.86 -5.35
N VAL C 53 17.43 -5.06 -4.19
CA VAL C 53 16.61 -4.02 -3.57
C VAL C 53 16.34 -4.30 -2.09
N GLU C 54 16.26 -3.22 -1.30
CA GLU C 54 15.99 -3.30 0.14
C GLU C 54 16.92 -4.29 0.86
N VAL C 55 16.64 -4.50 2.16
CA VAL C 55 17.44 -5.42 2.96
C VAL C 55 16.55 -6.24 3.89
N ALA C 56 16.02 -5.58 4.93
CA ALA C 56 15.13 -6.23 5.91
C ALA C 56 15.81 -7.38 6.66
N ARG C 57 15.84 -7.28 7.99
CA ARG C 57 16.44 -8.32 8.83
C ARG C 57 16.23 -8.02 10.31
N PHE C 58 16.01 -9.07 11.10
CA PHE C 58 15.79 -8.94 12.54
C PHE C 58 14.43 -8.31 12.86
N ILE C 59 14.14 -7.16 12.26
CA ILE C 59 12.88 -6.47 12.50
C ILE C 59 11.69 -7.19 11.84
N GLU C 60 10.66 -7.46 12.64
CA GLU C 60 9.46 -8.13 12.15
C GLU C 60 8.33 -7.12 11.98
N MET C 61 7.43 -7.36 11.03
CA MET C 61 6.32 -6.43 10.77
C MET C 61 4.95 -7.12 10.89
N ASN C 62 4.90 -8.45 10.76
CA ASN C 62 3.65 -9.21 10.84
C ASN C 62 2.85 -8.89 12.11
N GLY C 63 1.55 -9.20 12.05
CA GLY C 63 0.67 -8.93 13.19
C GLY C 63 -0.82 -9.05 12.87
N SER C 64 -1.20 -8.89 11.60
CA SER C 64 -2.62 -8.96 11.22
C SER C 64 -2.82 -8.97 9.71
N PHE C 65 -4.10 -9.04 9.28
CA PHE C 65 -4.46 -9.03 7.85
C PHE C 65 -4.08 -10.35 7.16
N ALA C 66 -4.05 -11.46 7.93
CA ALA C 66 -3.71 -12.78 7.39
C ALA C 66 -2.37 -12.77 6.64
N ASP C 67 -1.51 -11.81 6.98
CA ASP C 67 -0.20 -11.68 6.35
C ASP C 67 0.62 -10.58 7.07
N GLU C 68 1.38 -9.79 6.32
CA GLU C 68 2.19 -8.72 6.92
C GLU C 68 2.79 -7.81 5.84
N ASN C 69 2.95 -6.53 6.18
CA ASN C 69 3.51 -5.56 5.25
C ASN C 69 5.05 -5.62 5.26
N LYS C 70 5.70 -4.54 4.83
CA LYS C 70 7.16 -4.49 4.78
C LYS C 70 7.76 -3.71 5.94
N ASP C 71 9.09 -3.77 6.04
CA ASP C 71 9.84 -3.08 7.08
C ASP C 71 10.76 -1.99 6.49
N TRP C 72 11.33 -2.26 5.31
CA TRP C 72 12.23 -1.30 4.66
C TRP C 72 11.45 -0.25 3.85
N MET D 1 -7.76 -4.24 -20.88
CA MET D 1 -8.62 -3.47 -19.94
C MET D 1 -8.04 -3.48 -18.53
N LYS D 2 -8.80 -2.95 -17.56
CA LYS D 2 -8.36 -2.90 -16.16
C LYS D 2 -9.46 -3.42 -15.23
N GLN D 3 -9.16 -3.52 -13.94
CA GLN D 3 -10.13 -3.99 -12.96
C GLN D 3 -10.36 -2.98 -11.87
N ARG D 4 -11.61 -2.54 -11.74
CA ARG D 4 -11.95 -1.59 -10.71
C ARG D 4 -12.12 -2.29 -9.37
N ILE D 5 -11.28 -1.91 -8.43
CA ILE D 5 -11.32 -2.49 -7.10
C ILE D 5 -11.80 -1.44 -6.10
N THR D 6 -12.93 -1.70 -5.48
CA THR D 6 -13.51 -0.71 -4.56
C THR D 6 -13.56 -1.20 -3.12
N VAL D 7 -12.99 -0.37 -2.25
CA VAL D 7 -13.01 -0.60 -0.83
C VAL D 7 -14.10 0.31 -0.26
N THR D 8 -15.36 -0.15 -0.26
CA THR D 8 -16.45 0.68 0.26
C THR D 8 -16.08 1.05 1.69
N VAL D 9 -15.54 2.24 1.85
CA VAL D 9 -15.06 2.69 3.14
C VAL D 9 -15.95 3.82 3.74
N ASP D 10 -15.34 4.87 4.33
CA ASP D 10 -16.08 5.92 5.04
C ASP D 10 -16.24 5.49 6.51
N SER D 11 -15.82 4.25 6.77
CA SER D 11 -15.82 3.66 8.09
C SER D 11 -14.38 3.27 8.42
N ASP D 12 -13.81 2.30 7.67
CA ASP D 12 -12.44 1.84 7.90
C ASP D 12 -11.51 3.02 8.24
N SER D 13 -10.98 3.73 7.22
CA SER D 13 -10.08 4.88 7.44
C SER D 13 -9.50 5.39 6.11
N TYR D 14 -10.37 5.53 5.11
CA TYR D 14 -9.98 6.00 3.76
C TYR D 14 -9.88 7.51 3.62
N GLN D 15 -10.83 8.21 4.22
CA GLN D 15 -10.91 9.66 4.09
C GLN D 15 -9.56 10.37 4.32
N LEU D 16 -8.77 9.94 5.29
CA LEU D 16 -7.47 10.57 5.58
C LEU D 16 -6.59 10.71 4.31
N LEU D 17 -6.71 9.76 3.40
CA LEU D 17 -5.94 9.81 2.14
C LEU D 17 -6.57 10.78 1.14
N LYS D 18 -7.86 10.60 0.93
CA LYS D 18 -8.61 11.43 -0.01
C LYS D 18 -8.78 12.85 0.52
N ALA D 19 -8.73 12.97 1.83
CA ALA D 19 -8.86 14.27 2.49
C ALA D 19 -7.80 15.23 1.95
N TYR D 20 -6.69 14.67 1.50
CA TYR D 20 -5.60 15.44 0.93
C TYR D 20 -5.83 15.62 -0.58
N ASP D 21 -6.30 14.53 -1.24
CA ASP D 21 -6.63 14.52 -2.68
C ASP D 21 -5.72 13.59 -3.47
N VAL D 22 -5.73 12.34 -3.04
CA VAL D 22 -4.91 11.29 -3.64
C VAL D 22 -5.77 10.17 -4.26
N ASN D 23 -7.04 10.08 -3.82
CA ASN D 23 -7.96 9.03 -4.30
C ASN D 23 -7.27 7.68 -4.42
N ILE D 24 -6.18 7.53 -3.67
CA ILE D 24 -5.40 6.31 -3.57
C ILE D 24 -5.51 5.33 -4.74
N SER D 25 -5.44 5.85 -5.92
CA SER D 25 -5.46 5.04 -7.12
C SER D 25 -4.25 4.10 -7.18
N GLY D 26 -3.07 4.71 -7.25
CA GLY D 26 -1.84 3.95 -7.27
C GLY D 26 -1.42 3.54 -5.87
N LEU D 27 -1.99 4.19 -4.86
CA LEU D 27 -1.68 3.86 -3.48
C LEU D 27 -2.15 2.46 -3.12
N VAL D 28 -3.43 2.18 -3.36
CA VAL D 28 -3.96 0.86 -3.07
C VAL D 28 -3.08 -0.17 -3.75
N SER D 29 -3.12 -0.19 -5.08
CA SER D 29 -2.29 -1.12 -5.86
C SER D 29 -0.80 -1.08 -5.45
N THR D 30 -0.28 0.11 -5.11
CA THR D 30 1.12 0.22 -4.68
C THR D 30 1.29 -0.57 -3.41
N THR D 31 0.41 -0.29 -2.46
CA THR D 31 0.44 -0.98 -1.20
C THR D 31 0.29 -2.47 -1.43
N MET D 32 -0.45 -2.84 -2.48
CA MET D 32 -0.66 -4.23 -2.81
C MET D 32 0.66 -4.89 -3.23
N GLN D 33 1.35 -4.32 -4.22
CA GLN D 33 2.63 -4.87 -4.69
C GLN D 33 3.58 -5.14 -3.53
N ASN D 34 3.64 -4.22 -2.57
CA ASN D 34 4.52 -4.39 -1.40
C ASN D 34 4.10 -5.60 -0.59
N GLU D 35 2.84 -5.65 -0.20
CA GLU D 35 2.36 -6.80 0.55
C GLU D 35 2.18 -8.01 -0.35
N ALA D 36 2.30 -7.79 -1.68
CA ALA D 36 2.23 -8.88 -2.63
C ALA D 36 3.59 -9.57 -2.63
N ARG D 37 4.64 -8.74 -2.70
CA ARG D 37 6.00 -9.24 -2.65
C ARG D 37 6.25 -9.86 -1.30
N ARG D 38 5.87 -9.12 -0.27
CA ARG D 38 6.06 -9.55 1.09
C ARG D 38 5.26 -10.83 1.41
N LEU D 39 3.99 -10.89 0.93
CA LEU D 39 3.07 -12.02 1.14
C LEU D 39 3.79 -13.30 1.61
N ARG D 40 3.47 -13.75 2.81
CA ARG D 40 4.10 -14.95 3.36
C ARG D 40 3.23 -15.61 4.45
N ALA D 41 2.99 -14.88 5.54
CA ALA D 41 2.18 -15.40 6.66
C ALA D 41 1.75 -14.28 7.61
N GLU D 42 0.75 -14.59 8.45
CA GLU D 42 0.23 -13.63 9.42
C GLU D 42 0.87 -13.80 10.79
N ARG D 43 0.34 -13.06 11.77
CA ARG D 43 0.83 -13.12 13.15
C ARG D 43 -0.02 -12.23 14.05
N TRP D 44 0.56 -11.73 15.15
CA TRP D 44 -0.18 -10.85 16.06
C TRP D 44 0.72 -9.80 16.70
N LYS D 45 0.16 -8.60 16.89
CA LYS D 45 0.89 -7.47 17.51
C LYS D 45 1.80 -6.75 16.50
N VAL D 46 1.37 -5.57 16.07
CA VAL D 46 2.16 -4.77 15.11
C VAL D 46 2.49 -3.41 15.71
N GLU D 47 3.78 -3.09 15.80
CA GLU D 47 4.23 -1.80 16.36
C GLU D 47 3.76 -0.61 15.52
N ASN D 48 3.29 -0.87 14.29
CA ASN D 48 2.82 0.18 13.40
C ASN D 48 3.94 1.14 12.99
N GLN D 49 5.09 0.56 12.62
CA GLN D 49 6.24 1.36 12.19
C GLN D 49 6.46 1.24 10.69
N GLU D 50 6.41 2.37 9.99
CA GLU D 50 6.60 2.39 8.53
C GLU D 50 8.09 2.40 8.16
N GLY D 51 8.36 2.27 6.87
CA GLY D 51 9.74 2.27 6.39
C GLY D 51 10.39 3.65 6.48
N MET D 52 11.67 3.72 6.12
CA MET D 52 12.42 4.99 6.17
C MET D 52 13.75 4.89 5.42
N VAL D 53 13.70 4.51 4.15
CA VAL D 53 14.90 4.39 3.33
C VAL D 53 14.90 5.44 2.20
N GLU D 54 15.42 6.63 2.50
CA GLU D 54 15.47 7.71 1.51
C GLU D 54 16.82 8.43 1.53
N VAL D 55 17.20 8.98 0.37
CA VAL D 55 18.47 9.70 0.23
C VAL D 55 18.44 10.64 -0.99
N ALA D 56 17.34 11.38 -1.13
CA ALA D 56 17.18 12.32 -2.24
C ALA D 56 17.74 13.71 -1.90
N ARG D 57 17.19 14.75 -2.52
CA ARG D 57 17.63 16.12 -2.28
C ARG D 57 16.80 17.12 -3.10
N PHE D 58 17.03 18.42 -2.88
CA PHE D 58 16.29 19.45 -3.60
C PHE D 58 16.57 19.41 -5.10
N ILE D 59 15.70 18.73 -5.85
CA ILE D 59 15.85 18.61 -7.30
C ILE D 59 14.54 18.13 -7.95
N GLU D 60 13.45 18.87 -7.69
CA GLU D 60 12.14 18.55 -8.24
C GLU D 60 11.17 19.73 -8.11
N MET D 61 10.12 19.74 -8.92
CA MET D 61 9.12 20.80 -8.90
C MET D 61 8.36 20.82 -7.56
N ASN D 62 8.93 21.52 -6.57
CA ASN D 62 8.33 21.61 -5.24
C ASN D 62 7.13 22.57 -5.22
N GLY D 63 6.35 22.49 -4.14
CA GLY D 63 5.19 23.35 -3.99
C GLY D 63 4.02 22.62 -3.34
N SER D 64 2.82 22.82 -3.87
CA SER D 64 1.61 22.18 -3.36
C SER D 64 1.34 22.57 -1.89
N PHE D 65 0.72 21.67 -1.13
CA PHE D 65 0.38 21.93 0.27
C PHE D 65 0.77 20.77 1.20
N ALA D 66 0.29 19.54 0.89
CA ALA D 66 0.57 18.38 1.74
C ALA D 66 1.27 17.25 0.97
N ASP D 67 0.48 16.27 0.51
CA ASP D 67 1.02 15.12 -0.21
C ASP D 67 1.13 15.40 -1.72
N GLU D 68 2.31 15.87 -2.13
CA GLU D 68 2.59 16.19 -3.53
C GLU D 68 4.09 16.44 -3.73
N ASN D 69 4.83 15.40 -4.09
CA ASN D 69 6.27 15.51 -4.30
C ASN D 69 6.87 14.22 -4.87
N LYS D 70 8.21 14.13 -4.86
CA LYS D 70 8.92 12.95 -5.36
C LYS D 70 10.39 13.02 -4.94
N ASP D 71 10.71 12.40 -3.80
CA ASP D 71 12.07 12.42 -3.27
C ASP D 71 12.84 11.14 -3.67
N TRP D 72 12.66 10.06 -2.89
CA TRP D 72 13.36 8.80 -3.17
C TRP D 72 12.42 7.60 -3.07
N MET C 1 -22.50 7.91 3.97
CA MET C 1 -23.14 6.56 3.78
C MET C 1 -22.23 5.62 2.98
N LYS C 2 -21.00 5.43 3.49
CA LYS C 2 -20.01 4.57 2.84
C LYS C 2 -19.44 5.23 1.58
N GLN C 3 -18.16 5.54 1.60
CA GLN C 3 -17.49 6.19 0.48
C GLN C 3 -16.80 5.18 -0.41
N ARG C 4 -17.38 4.95 -1.57
CA ARG C 4 -16.81 3.99 -2.49
C ARG C 4 -15.64 4.58 -3.26
N ILE C 5 -14.44 4.25 -2.80
CA ILE C 5 -13.22 4.67 -3.45
C ILE C 5 -12.70 3.48 -4.23
N THR C 6 -12.77 3.58 -5.54
CA THR C 6 -12.37 2.46 -6.37
C THR C 6 -11.17 2.76 -7.26
N VAL C 7 -10.11 1.94 -7.13
CA VAL C 7 -8.92 2.06 -7.98
C VAL C 7 -9.03 1.00 -9.07
N THR C 8 -9.34 1.42 -10.30
CA THR C 8 -9.47 0.49 -11.41
C THR C 8 -8.10 -0.07 -11.77
N VAL C 9 -7.73 -1.19 -11.14
CA VAL C 9 -6.44 -1.83 -11.35
C VAL C 9 -6.37 -2.63 -12.66
N ASP C 10 -6.01 -3.93 -12.60
CA ASP C 10 -5.84 -4.78 -13.78
C ASP C 10 -4.42 -4.63 -14.36
N SER C 11 -3.66 -3.71 -13.76
CA SER C 11 -2.27 -3.48 -14.17
C SER C 11 -1.40 -3.11 -12.97
N ASP C 12 -1.83 -2.13 -12.18
CA ASP C 12 -1.05 -1.65 -11.03
C ASP C 12 -0.47 -2.81 -10.17
N SER C 13 -1.21 -3.28 -9.14
CA SER C 13 -0.72 -4.38 -8.28
C SER C 13 -1.72 -4.69 -7.15
N TYR C 14 -3.00 -4.52 -7.47
CA TYR C 14 -4.10 -4.78 -6.55
C TYR C 14 -4.51 -6.26 -6.51
N GLN C 15 -4.63 -6.84 -7.71
CA GLN C 15 -5.07 -8.22 -7.87
C GLN C 15 -4.32 -9.19 -6.94
N LEU C 16 -3.01 -9.05 -6.79
CA LEU C 16 -2.25 -9.96 -5.93
C LEU C 16 -2.76 -9.90 -4.47
N LEU C 17 -2.72 -8.72 -3.86
CA LEU C 17 -3.15 -8.62 -2.46
C LEU C 17 -4.60 -9.05 -2.29
N LYS C 18 -5.42 -8.73 -3.28
CA LYS C 18 -6.81 -9.08 -3.23
C LYS C 18 -7.06 -10.54 -3.59
N ALA C 19 -6.23 -11.04 -4.47
CA ALA C 19 -6.34 -12.41 -4.93
C ALA C 19 -5.70 -13.38 -3.95
N TYR C 20 -4.86 -12.87 -3.05
CA TYR C 20 -4.22 -13.72 -2.08
C TYR C 20 -5.10 -13.86 -0.84
N ASP C 21 -5.86 -12.81 -0.46
CA ASP C 21 -6.78 -12.97 0.71
C ASP C 21 -7.46 -11.67 1.14
N VAL C 22 -6.91 -10.55 0.74
CA VAL C 22 -7.44 -9.25 1.09
C VAL C 22 -8.31 -8.72 -0.06
N ASN C 23 -8.85 -7.54 0.14
CA ASN C 23 -9.65 -6.85 -0.85
C ASN C 23 -9.66 -5.40 -0.44
N ILE C 24 -8.47 -4.95 -0.08
CA ILE C 24 -8.15 -3.63 0.39
C ILE C 24 -9.09 -3.07 1.48
N SER C 25 -10.16 -3.79 1.84
CA SER C 25 -11.09 -3.30 2.84
C SER C 25 -10.31 -2.60 3.96
N GLY C 26 -9.49 -3.39 4.64
CA GLY C 26 -8.67 -2.86 5.71
C GLY C 26 -7.35 -2.34 5.18
N LEU C 27 -6.88 -2.85 4.03
CA LEU C 27 -5.64 -2.40 3.45
C LEU C 27 -5.69 -0.91 3.15
N VAL C 28 -6.62 -0.49 2.27
CA VAL C 28 -6.77 0.94 1.97
C VAL C 28 -6.90 1.72 3.29
N SER C 29 -7.93 1.35 4.04
CA SER C 29 -8.25 1.95 5.34
C SER C 29 -7.08 2.02 6.33
N THR C 30 -6.39 0.90 6.57
CA THR C 30 -5.30 0.87 7.53
C THR C 30 -4.08 1.55 6.96
N THR C 31 -3.68 1.17 5.75
CA THR C 31 -2.53 1.77 5.13
C THR C 31 -2.69 3.28 5.10
N MET C 32 -3.85 3.74 4.64
CA MET C 32 -4.16 5.16 4.57
C MET C 32 -3.98 5.82 5.93
N GLN C 33 -4.54 5.22 6.98
CA GLN C 33 -4.43 5.77 8.33
C GLN C 33 -2.96 5.98 8.71
N ASN C 34 -2.12 4.98 8.42
CA ASN C 34 -0.68 5.09 8.72
C ASN C 34 -0.08 6.24 7.92
N GLU C 35 -0.24 6.16 6.60
CA GLU C 35 0.25 7.20 5.71
C GLU C 35 -0.38 8.55 6.09
N ALA C 36 -1.63 8.50 6.55
CA ALA C 36 -2.34 9.69 6.97
C ALA C 36 -1.78 10.26 8.26
N ARG C 37 -1.59 9.39 9.26
CA ARG C 37 -1.05 9.81 10.55
C ARG C 37 0.31 10.42 10.38
N ARG C 38 1.18 9.68 9.72
CA ARG C 38 2.55 10.10 9.54
C ARG C 38 2.70 11.15 8.42
N LEU C 39 1.68 11.25 7.53
CA LEU C 39 1.68 12.21 6.40
C LEU C 39 2.66 13.38 6.61
N ARG C 40 3.78 13.35 5.87
CA ARG C 40 4.84 14.40 5.95
C ARG C 40 5.98 14.01 6.90
N ALA C 41 5.79 12.95 7.70
CA ALA C 41 6.81 12.50 8.66
C ALA C 41 7.10 10.99 8.50
N GLU C 42 7.92 10.44 9.39
CA GLU C 42 8.27 9.03 9.35
C GLU C 42 8.43 8.43 10.76
N ARG C 43 9.07 7.27 10.86
CA ARG C 43 9.27 6.61 12.15
C ARG C 43 10.18 5.37 12.02
N TRP C 44 11.27 5.51 11.26
CA TRP C 44 12.22 4.40 11.05
C TRP C 44 13.13 4.19 12.27
N LYS C 45 12.53 3.88 13.42
CA LYS C 45 13.31 3.66 14.65
C LYS C 45 12.56 2.78 15.64
N VAL C 46 13.29 1.85 16.26
CA VAL C 46 12.71 0.94 17.25
C VAL C 46 13.54 0.90 18.55
N GLU C 47 12.86 1.01 19.68
CA GLU C 47 13.53 0.99 20.98
C GLU C 47 13.35 -0.36 21.69
N ASN C 48 14.44 -1.12 21.79
CA ASN C 48 14.39 -2.43 22.46
C ASN C 48 15.79 -3.01 22.63
N GLN C 49 16.40 -3.44 21.53
CA GLN C 49 17.74 -4.03 21.57
C GLN C 49 18.62 -3.43 20.47
N GLU C 50 19.87 -3.89 20.41
CA GLU C 50 20.82 -3.40 19.40
C GLU C 50 20.51 -3.98 18.02
N GLY C 51 19.37 -3.58 17.45
CA GLY C 51 18.97 -4.06 16.14
C GLY C 51 19.53 -3.22 15.01
N MET C 52 19.80 -3.85 13.87
CA MET C 52 20.35 -3.15 12.71
C MET C 52 19.24 -2.44 11.93
N VAL C 53 18.41 -3.23 11.24
CA VAL C 53 17.30 -2.68 10.45
C VAL C 53 16.00 -3.46 10.66
N GLU C 54 16.13 -4.74 10.99
CA GLU C 54 14.98 -5.61 11.21
C GLU C 54 14.39 -5.43 12.61
N VAL C 55 13.07 -5.27 12.66
CA VAL C 55 12.36 -5.09 13.93
C VAL C 55 11.25 -6.14 14.07
N ALA C 56 11.62 -7.33 14.52
CA ALA C 56 10.68 -8.43 14.70
C ALA C 56 10.42 -8.74 16.18
N ARG C 57 9.13 -8.91 16.53
CA ARG C 57 8.75 -9.21 17.92
C ARG C 57 7.23 -9.39 18.06
N PHE C 58 6.83 -10.26 19.00
CA PHE C 58 5.41 -10.53 19.29
C PHE C 58 4.77 -11.46 18.25
N ILE C 59 4.01 -12.45 18.74
CA ILE C 59 3.30 -13.42 17.88
C ILE C 59 1.92 -13.74 18.45
N GLU C 60 0.87 -13.36 17.73
CA GLU C 60 -0.50 -13.61 18.18
C GLU C 60 -0.88 -15.10 18.06
N MET C 61 -0.18 -15.94 18.83
CA MET C 61 -0.42 -17.39 18.85
C MET C 61 -0.35 -18.01 17.44
N ASN C 62 0.87 -18.09 16.90
CA ASN C 62 1.09 -18.67 15.57
C ASN C 62 0.37 -17.86 14.48
N GLY C 63 -0.04 -18.52 13.39
CA GLY C 63 -0.71 -17.83 12.30
C GLY C 63 -2.17 -18.22 12.15
N SER C 64 -3.07 -17.29 12.46
CA SER C 64 -4.51 -17.52 12.34
C SER C 64 -4.95 -17.40 10.89
N PHE C 65 -4.60 -16.29 10.26
CA PHE C 65 -4.94 -16.05 8.85
C PHE C 65 -3.67 -15.86 8.02
N ALA C 66 -3.82 -15.82 6.70
CA ALA C 66 -2.67 -15.66 5.81
C ALA C 66 -2.50 -14.24 5.29
N ASP C 67 -3.49 -13.37 5.55
CA ASP C 67 -3.43 -11.99 5.07
C ASP C 67 -3.02 -10.98 6.16
N GLU C 68 -2.73 -9.76 5.71
CA GLU C 68 -2.32 -8.66 6.59
C GLU C 68 -0.98 -8.94 7.27
N ASN C 69 0.09 -8.94 6.47
CA ASN C 69 1.45 -9.17 6.97
C ASN C 69 2.42 -8.20 6.29
N LYS C 70 2.35 -6.92 6.67
CA LYS C 70 3.20 -5.89 6.06
C LYS C 70 4.70 -6.07 6.35
N ASP C 71 5.06 -6.80 7.40
CA ASP C 71 6.48 -7.02 7.75
C ASP C 71 7.07 -5.79 8.46
N TRP C 72 8.38 -5.81 8.70
CA TRP C 72 9.06 -4.68 9.36
C TRP C 72 9.79 -3.79 8.36
N MET D 1 -10.08 -3.12 -20.61
CA MET D 1 -10.64 -4.21 -19.77
C MET D 1 -9.96 -4.27 -18.39
N LYS D 2 -9.96 -3.14 -17.68
CA LYS D 2 -9.34 -3.06 -16.35
C LYS D 2 -10.22 -3.73 -15.28
N GLN D 3 -9.80 -3.62 -14.01
CA GLN D 3 -10.54 -4.22 -12.91
C GLN D 3 -10.88 -3.17 -11.85
N ARG D 4 -12.16 -3.02 -11.55
CA ARG D 4 -12.60 -2.04 -10.56
C ARG D 4 -12.54 -2.60 -9.15
N ILE D 5 -11.69 -1.99 -8.36
CA ILE D 5 -11.56 -2.35 -6.95
C ILE D 5 -12.02 -1.16 -6.15
N THR D 6 -12.95 -1.37 -5.25
CA THR D 6 -13.50 -0.27 -4.49
C THR D 6 -13.54 -0.56 -2.99
N VAL D 7 -12.93 0.34 -2.20
CA VAL D 7 -12.98 0.26 -0.74
C VAL D 7 -14.01 1.27 -0.24
N THR D 8 -15.23 0.82 0.06
CA THR D 8 -16.24 1.76 0.52
C THR D 8 -15.93 2.25 1.92
N VAL D 9 -15.24 3.39 1.99
CA VAL D 9 -14.86 3.97 3.27
C VAL D 9 -15.98 4.85 3.83
N ASP D 10 -15.64 6.00 4.44
CA ASP D 10 -16.63 6.86 5.10
C ASP D 10 -16.72 6.43 6.57
N SER D 11 -16.08 5.28 6.85
CA SER D 11 -16.01 4.70 8.19
C SER D 11 -14.55 4.39 8.55
N ASP D 12 -13.86 3.56 7.73
CA ASP D 12 -12.48 3.15 8.01
C ASP D 12 -11.50 4.34 8.24
N SER D 13 -10.64 4.66 7.26
CA SER D 13 -9.68 5.78 7.43
C SER D 13 -9.02 6.18 6.10
N TYR D 14 -9.77 5.98 5.01
CA TYR D 14 -9.34 6.28 3.63
C TYR D 14 -9.32 7.81 3.34
N GLN D 15 -10.31 8.52 3.87
CA GLN D 15 -10.44 9.96 3.59
C GLN D 15 -9.15 10.77 3.76
N LEU D 16 -8.35 10.52 4.81
CA LEU D 16 -7.11 11.30 5.01
C LEU D 16 -6.16 11.22 3.81
N LEU D 17 -6.14 10.08 3.14
CA LEU D 17 -5.27 9.90 1.97
C LEU D 17 -5.79 10.71 0.79
N LYS D 18 -7.06 10.54 0.47
CA LYS D 18 -7.69 11.29 -0.60
C LYS D 18 -7.78 12.76 -0.21
N ALA D 19 -7.79 12.99 1.09
CA ALA D 19 -7.85 14.33 1.66
C ALA D 19 -6.59 15.12 1.31
N TYR D 20 -5.45 14.43 1.21
CA TYR D 20 -4.22 15.12 0.86
C TYR D 20 -4.05 15.18 -0.66
N ASP D 21 -4.62 14.18 -1.38
CA ASP D 21 -4.62 14.16 -2.87
C ASP D 21 -4.00 12.91 -3.47
N VAL D 22 -4.69 11.78 -3.34
CA VAL D 22 -4.18 10.53 -3.87
C VAL D 22 -5.21 9.41 -3.85
N ASN D 23 -6.00 9.30 -2.78
CA ASN D 23 -6.97 8.23 -2.66
C ASN D 23 -6.20 6.91 -2.59
N ILE D 24 -6.22 6.12 -3.65
CA ILE D 24 -5.48 4.86 -3.64
C ILE D 24 -5.02 4.38 -5.01
N SER D 25 -5.31 5.12 -6.08
CA SER D 25 -4.92 4.66 -7.42
C SER D 25 -3.52 4.02 -7.35
N GLY D 26 -2.52 4.83 -6.98
CA GLY D 26 -1.17 4.33 -6.83
C GLY D 26 -0.91 3.77 -5.44
N LEU D 27 -1.62 4.32 -4.44
CA LEU D 27 -1.50 3.88 -3.06
C LEU D 27 -1.80 2.39 -2.94
N VAL D 28 -3.03 2.00 -3.32
CA VAL D 28 -3.43 0.60 -3.27
C VAL D 28 -2.43 -0.26 -4.03
N SER D 29 -2.34 -0.05 -5.34
CA SER D 29 -1.43 -0.81 -6.18
C SER D 29 0.00 -0.87 -5.65
N THR D 30 0.53 0.26 -5.16
CA THR D 30 1.88 0.28 -4.62
C THR D 30 1.90 -0.44 -3.28
N THR D 31 0.95 -0.08 -2.43
CA THR D 31 0.85 -0.69 -1.11
C THR D 31 0.56 -2.18 -1.23
N MET D 32 -0.26 -2.56 -2.21
CA MET D 32 -0.60 -3.95 -2.45
C MET D 32 0.63 -4.74 -2.86
N GLN D 33 1.33 -4.29 -3.91
CA GLN D 33 2.53 -5.00 -4.38
C GLN D 33 3.46 -5.32 -3.21
N ASN D 34 3.53 -4.40 -2.24
CA ASN D 34 4.37 -4.62 -1.07
C ASN D 34 3.85 -5.78 -0.24
N GLU D 35 2.59 -5.69 0.19
CA GLU D 35 1.97 -6.76 0.97
C GLU D 35 1.66 -7.97 0.08
N ALA D 36 1.72 -7.79 -1.23
CA ALA D 36 1.47 -8.86 -2.18
C ALA D 36 2.77 -9.61 -2.46
N ARG D 37 3.90 -8.88 -2.37
CA ARG D 37 5.21 -9.47 -2.59
C ARG D 37 5.69 -10.16 -1.34
N ARG D 38 5.58 -9.44 -0.23
CA ARG D 38 6.05 -9.90 1.05
C ARG D 38 5.17 -11.00 1.68
N LEU D 39 3.91 -11.17 1.21
CA LEU D 39 3.00 -12.19 1.79
C LEU D 39 3.72 -13.51 2.08
N ARG D 40 3.23 -14.22 3.11
CA ARG D 40 3.80 -15.52 3.53
C ARG D 40 4.98 -15.32 4.50
N ALA D 41 4.66 -14.92 5.72
CA ALA D 41 5.66 -14.68 6.76
C ALA D 41 4.99 -14.48 8.12
N GLU D 42 5.61 -13.68 9.00
CA GLU D 42 5.06 -13.41 10.32
C GLU D 42 3.97 -12.33 10.27
N ARG D 43 3.30 -12.11 11.38
CA ARG D 43 2.22 -11.11 11.47
C ARG D 43 2.80 -9.70 11.63
N TRP D 44 3.64 -9.51 12.66
CA TRP D 44 4.26 -8.21 12.92
C TRP D 44 3.21 -7.12 13.24
N LYS D 45 3.63 -5.86 13.22
CA LYS D 45 2.76 -4.71 13.51
C LYS D 45 2.77 -4.38 15.01
N VAL D 46 3.85 -3.77 15.48
CA VAL D 46 3.99 -3.41 16.89
C VAL D 46 4.48 -1.97 17.06
N GLU D 47 4.44 -1.47 18.30
CA GLU D 47 4.86 -0.09 18.64
C GLU D 47 4.39 0.93 17.61
N ASN D 48 3.07 1.16 17.58
CA ASN D 48 2.48 2.13 16.66
C ASN D 48 1.80 3.27 17.45
N GLN D 49 2.54 3.85 18.39
CA GLN D 49 2.02 4.94 19.22
C GLN D 49 3.11 5.99 19.47
N GLU D 50 2.68 7.20 19.84
CA GLU D 50 3.62 8.30 20.12
C GLU D 50 4.61 8.49 18.97
N GLY D 51 4.08 8.54 17.74
CA GLY D 51 4.91 8.71 16.56
C GLY D 51 5.85 9.90 16.65
N MET D 52 7.10 9.64 17.02
CA MET D 52 8.12 10.69 17.18
C MET D 52 8.16 11.65 15.98
N VAL D 53 8.59 12.88 16.25
CA VAL D 53 8.71 13.93 15.24
C VAL D 53 9.80 14.94 15.65
N GLU D 54 10.99 14.80 15.09
CA GLU D 54 12.12 15.67 15.42
C GLU D 54 11.91 17.11 14.94
N VAL D 55 11.65 17.26 13.64
CA VAL D 55 11.44 18.59 13.03
C VAL D 55 12.72 19.43 13.09
N ALA D 56 13.87 18.81 12.78
CA ALA D 56 15.16 19.49 12.80
C ALA D 56 15.16 20.76 11.94
N ARG D 57 15.25 20.60 10.61
CA ARG D 57 15.27 21.74 9.69
C ARG D 57 15.30 21.25 8.23
N PHE D 58 15.15 22.19 7.30
CA PHE D 58 15.19 21.86 5.87
C PHE D 58 16.57 21.34 5.46
N ILE D 59 16.73 20.01 5.50
CA ILE D 59 18.01 19.38 5.16
C ILE D 59 17.84 18.25 4.13
N GLU D 60 16.65 18.15 3.52
CA GLU D 60 16.38 17.12 2.52
C GLU D 60 15.85 17.74 1.22
N MET D 61 14.62 17.38 0.81
CA MET D 61 14.03 17.93 -0.41
C MET D 61 13.01 19.03 -0.08
N ASN D 62 11.78 18.61 0.24
CA ASN D 62 10.72 19.56 0.58
C ASN D 62 9.53 18.85 1.20
N GLY D 63 9.51 18.79 2.54
CA GLY D 63 8.40 18.15 3.25
C GLY D 63 7.29 19.13 3.57
N SER D 64 7.23 20.26 2.86
CA SER D 64 6.20 21.27 3.07
C SER D 64 5.20 21.30 1.92
N PHE D 65 4.94 20.13 1.33
CA PHE D 65 4.01 20.02 0.21
C PHE D 65 2.87 19.05 0.54
N ALA D 66 3.17 17.75 0.55
CA ALA D 66 2.17 16.75 0.87
C ALA D 66 2.82 15.47 1.42
N ASP D 67 2.50 14.32 0.83
CA ASP D 67 3.04 13.04 1.28
C ASP D 67 4.45 12.78 0.72
N GLU D 68 5.45 13.42 1.33
CA GLU D 68 6.84 13.26 0.90
C GLU D 68 7.81 13.80 1.95
N ASN D 69 8.62 12.90 2.51
CA ASN D 69 9.61 13.25 3.54
C ASN D 69 10.37 12.02 4.04
N LYS D 70 11.39 12.24 4.87
CA LYS D 70 12.18 11.13 5.41
C LYS D 70 12.93 11.54 6.68
N ASP D 71 12.38 11.16 7.83
CA ASP D 71 12.98 11.48 9.13
C ASP D 71 13.16 13.01 9.29
N TRP D 72 14.12 13.42 10.13
CA TRP D 72 14.38 14.84 10.35
C TRP D 72 15.77 15.07 10.94
N MET C 1 -25.11 2.98 3.57
CA MET C 1 -24.58 3.96 2.59
C MET C 1 -23.16 4.40 2.96
N LYS C 2 -22.17 3.58 2.60
CA LYS C 2 -20.76 3.90 2.89
C LYS C 2 -20.14 4.63 1.70
N GLN C 3 -18.82 4.83 1.71
CA GLN C 3 -18.17 5.53 0.62
C GLN C 3 -17.33 4.61 -0.23
N ARG C 4 -17.79 4.39 -1.46
CA ARG C 4 -17.09 3.51 -2.37
C ARG C 4 -15.89 4.18 -3.01
N ILE C 5 -14.71 3.82 -2.52
CA ILE C 5 -13.46 4.29 -3.07
C ILE C 5 -12.96 3.20 -3.97
N THR C 6 -12.58 3.53 -5.18
CA THR C 6 -12.16 2.46 -6.05
C THR C 6 -10.83 2.73 -6.77
N VAL C 7 -9.94 1.75 -6.68
CA VAL C 7 -8.62 1.76 -7.33
C VAL C 7 -8.71 0.90 -8.58
N THR C 8 -8.70 1.53 -9.75
CA THR C 8 -8.78 0.75 -10.99
C THR C 8 -7.46 0.00 -11.20
N VAL C 9 -7.41 -1.19 -10.61
CA VAL C 9 -6.26 -2.08 -10.66
C VAL C 9 -6.06 -2.70 -12.04
N ASP C 10 -5.38 -3.86 -12.08
CA ASP C 10 -5.06 -4.59 -13.32
C ASP C 10 -3.70 -4.14 -13.84
N SER C 11 -3.25 -2.97 -13.38
CA SER C 11 -1.96 -2.42 -13.77
C SER C 11 -0.97 -2.46 -12.61
N ASP C 12 -1.19 -1.64 -11.57
CA ASP C 12 -0.25 -1.59 -10.44
C ASP C 12 0.04 -2.98 -9.84
N SER C 13 -0.75 -3.46 -8.86
CA SER C 13 -0.47 -4.76 -8.25
C SER C 13 -1.43 -5.06 -7.07
N TYR C 14 -2.72 -4.84 -7.31
CA TYR C 14 -3.75 -5.07 -6.29
C TYR C 14 -4.19 -6.53 -6.20
N GLN C 15 -4.40 -7.16 -7.35
CA GLN C 15 -4.93 -8.53 -7.38
C GLN C 15 -4.19 -9.48 -6.44
N LEU C 16 -2.88 -9.36 -6.30
CA LEU C 16 -2.12 -10.25 -5.41
C LEU C 16 -2.55 -10.13 -3.93
N LEU C 17 -2.48 -8.92 -3.38
CA LEU C 17 -2.83 -8.70 -1.96
C LEU C 17 -4.16 -9.35 -1.60
N LYS C 18 -5.16 -9.11 -2.42
CA LYS C 18 -6.49 -9.64 -2.20
C LYS C 18 -6.57 -11.10 -2.64
N ALA C 19 -5.76 -11.44 -3.62
CA ALA C 19 -5.71 -12.81 -4.13
C ALA C 19 -5.18 -13.74 -3.04
N TYR C 20 -4.38 -13.18 -2.14
CA TYR C 20 -3.84 -13.97 -1.05
C TYR C 20 -4.80 -13.95 0.14
N ASP C 21 -5.39 -12.79 0.50
CA ASP C 21 -6.36 -12.76 1.61
C ASP C 21 -6.75 -11.34 2.08
N VAL C 22 -6.47 -10.29 1.31
CA VAL C 22 -6.80 -8.95 1.78
C VAL C 22 -7.30 -8.01 0.68
N ASN C 23 -8.60 -8.08 0.41
CA ASN C 23 -9.21 -7.21 -0.61
C ASN C 23 -9.29 -5.76 -0.10
N ILE C 24 -8.15 -5.28 0.36
CA ILE C 24 -7.90 -3.95 0.88
C ILE C 24 -8.95 -3.31 1.80
N SER C 25 -10.14 -3.89 1.96
CA SER C 25 -11.17 -3.27 2.81
C SER C 25 -10.52 -2.64 4.07
N GLY C 26 -9.91 -3.48 4.90
CA GLY C 26 -9.23 -3.00 6.10
C GLY C 26 -7.81 -2.52 5.81
N LEU C 27 -7.18 -3.11 4.78
CA LEU C 27 -5.82 -2.73 4.39
C LEU C 27 -5.77 -1.29 3.94
N VAL C 28 -6.49 -0.98 2.86
CA VAL C 28 -6.54 0.37 2.33
C VAL C 28 -6.73 1.37 3.46
N SER C 29 -7.89 1.31 4.13
CA SER C 29 -8.19 2.20 5.25
C SER C 29 -7.04 2.24 6.26
N THR C 30 -6.37 1.10 6.46
CA THR C 30 -5.22 1.04 7.37
C THR C 30 -4.09 1.82 6.75
N THR C 31 -3.78 1.47 5.49
CA THR C 31 -2.73 2.13 4.76
C THR C 31 -3.02 3.63 4.72
N MET C 32 -4.30 3.97 4.57
CA MET C 32 -4.76 5.35 4.53
C MET C 32 -4.31 6.12 5.76
N GLN C 33 -4.64 5.63 6.95
CA GLN C 33 -4.26 6.32 8.18
C GLN C 33 -2.74 6.50 8.26
N ASN C 34 -2.00 5.44 7.95
CA ASN C 34 -0.55 5.52 7.99
C ASN C 34 -0.04 6.47 6.91
N GLU C 35 -0.50 6.29 5.67
CA GLU C 35 -0.12 7.16 4.58
C GLU C 35 -0.66 8.57 4.82
N ALA C 36 -1.85 8.66 5.44
CA ALA C 36 -2.44 9.95 5.79
C ALA C 36 -1.50 10.68 6.74
N ARG C 37 -1.01 9.93 7.72
CA ARG C 37 -0.06 10.46 8.69
C ARG C 37 1.24 10.79 7.98
N ARG C 38 1.73 9.80 7.26
CA ARG C 38 2.99 9.92 6.56
C ARG C 38 2.99 10.98 5.46
N LEU C 39 1.85 11.17 4.76
CA LEU C 39 1.73 12.17 3.68
C LEU C 39 2.73 13.32 3.83
N ARG C 40 2.67 13.99 4.98
CA ARG C 40 3.58 15.11 5.27
C ARG C 40 4.87 14.65 5.95
N ALA C 41 5.59 13.75 5.29
CA ALA C 41 6.86 13.19 5.79
C ALA C 41 7.09 11.77 5.25
N GLU C 42 7.90 11.66 4.21
CA GLU C 42 8.20 10.36 3.61
C GLU C 42 9.38 9.68 4.32
N ARG C 43 10.23 8.97 3.57
CA ARG C 43 11.37 8.27 4.16
C ARG C 43 12.59 8.33 3.23
N TRP C 44 13.27 7.21 3.02
CA TRP C 44 14.44 7.17 2.15
C TRP C 44 14.30 6.07 1.09
N LYS C 45 14.80 6.35 -0.11
CA LYS C 45 14.72 5.40 -1.23
C LYS C 45 16.09 4.76 -1.50
N VAL C 46 16.10 3.44 -1.66
CA VAL C 46 17.32 2.68 -1.92
C VAL C 46 18.17 2.54 -0.66
N GLU C 47 19.00 1.49 -0.61
CA GLU C 47 19.86 1.21 0.54
C GLU C 47 19.03 0.92 1.80
N ASN C 48 17.89 0.26 1.61
CA ASN C 48 17.00 -0.11 2.72
C ASN C 48 15.95 -1.14 2.28
N GLN C 49 16.15 -2.39 2.68
CA GLN C 49 15.21 -3.46 2.32
C GLN C 49 15.24 -4.62 3.32
N GLU C 50 14.60 -5.73 2.95
CA GLU C 50 14.53 -6.92 3.79
C GLU C 50 13.69 -6.69 5.04
N GLY C 51 14.34 -6.30 6.15
CA GLY C 51 13.61 -6.06 7.39
C GLY C 51 13.14 -7.35 8.06
N MET C 52 13.39 -7.47 9.36
CA MET C 52 12.99 -8.66 10.11
C MET C 52 11.50 -8.63 10.51
N VAL C 53 11.00 -9.75 11.00
CA VAL C 53 9.60 -9.86 11.41
C VAL C 53 9.44 -10.86 12.57
N GLU C 54 9.74 -12.13 12.30
CA GLU C 54 9.65 -13.21 13.29
C GLU C 54 8.51 -12.97 14.30
N VAL C 55 7.30 -12.81 13.78
CA VAL C 55 6.12 -12.55 14.62
C VAL C 55 5.59 -13.85 15.23
N ALA C 56 6.41 -14.49 16.07
CA ALA C 56 6.04 -15.72 16.74
C ALA C 56 5.31 -15.44 18.06
N ARG C 57 5.66 -14.33 18.71
CA ARG C 57 5.03 -13.94 19.96
C ARG C 57 4.21 -12.65 19.76
N PHE C 58 2.92 -12.73 20.04
CA PHE C 58 2.02 -11.57 19.89
C PHE C 58 2.59 -10.32 20.57
N ILE C 59 2.93 -10.45 21.86
CA ILE C 59 3.48 -9.34 22.64
C ILE C 59 2.45 -8.21 22.83
N GLU C 60 1.99 -7.64 21.72
CA GLU C 60 0.99 -6.57 21.76
C GLU C 60 -0.27 -6.97 21.00
N MET C 61 -1.40 -7.03 21.70
CA MET C 61 -2.67 -7.41 21.10
C MET C 61 -3.21 -6.32 20.16
N ASN C 62 -2.42 -5.98 19.14
CA ASN C 62 -2.81 -4.96 18.17
C ASN C 62 -3.20 -5.58 16.82
N GLY C 63 -3.26 -6.91 16.78
CA GLY C 63 -3.63 -7.60 15.54
C GLY C 63 -2.68 -7.31 14.39
N SER C 64 -3.09 -6.38 13.51
CA SER C 64 -2.28 -5.99 12.35
C SER C 64 -1.62 -7.21 11.67
N PHE C 65 -2.45 -8.14 11.21
CA PHE C 65 -1.94 -9.35 10.57
C PHE C 65 -2.92 -9.85 9.50
N ALA C 66 -2.38 -10.35 8.39
CA ALA C 66 -3.20 -10.86 7.29
C ALA C 66 -3.33 -12.38 7.38
N ASP C 67 -2.34 -13.09 6.85
CA ASP C 67 -2.33 -14.55 6.85
C ASP C 67 -0.93 -15.09 6.59
N GLU C 68 -0.49 -16.00 7.45
CA GLU C 68 0.82 -16.65 7.34
C GLU C 68 1.12 -17.52 8.56
N ASN C 69 1.40 -16.89 9.70
CA ASN C 69 1.68 -17.59 10.96
C ASN C 69 2.61 -18.81 10.76
N LYS C 70 3.79 -18.57 10.20
CA LYS C 70 4.77 -19.65 9.98
C LYS C 70 6.15 -19.09 9.60
N ASP C 71 7.20 -19.82 10.01
CA ASP C 71 8.59 -19.43 9.74
C ASP C 71 8.92 -18.04 10.32
N TRP C 72 8.99 -17.97 11.65
CA TRP C 72 9.30 -16.72 12.35
C TRP C 72 10.41 -16.94 13.39
N MET D 1 -8.14 -6.31 -19.48
CA MET D 1 -9.25 -5.46 -18.94
C MET D 1 -8.95 -5.02 -17.50
N LYS D 2 -8.96 -3.71 -17.27
CA LYS D 2 -8.68 -3.15 -15.95
C LYS D 2 -9.66 -3.67 -14.90
N GLN D 3 -9.24 -3.70 -13.65
CA GLN D 3 -10.11 -4.18 -12.57
C GLN D 3 -10.32 -3.11 -11.52
N ARG D 4 -11.58 -2.82 -11.25
CA ARG D 4 -11.91 -1.80 -10.27
C ARG D 4 -11.91 -2.35 -8.85
N ILE D 5 -11.01 -1.82 -8.03
CA ILE D 5 -10.94 -2.18 -6.63
C ILE D 5 -11.74 -1.17 -5.88
N THR D 6 -12.73 -1.59 -5.12
CA THR D 6 -13.53 -0.62 -4.39
C THR D 6 -13.68 -1.00 -2.93
N VAL D 7 -13.06 -0.21 -2.05
CA VAL D 7 -13.18 -0.40 -0.61
C VAL D 7 -14.17 0.65 -0.10
N THR D 8 -15.42 0.26 0.09
CA THR D 8 -16.41 1.20 0.55
C THR D 8 -16.12 1.61 1.97
N VAL D 9 -15.40 2.71 2.12
CA VAL D 9 -15.03 3.20 3.42
C VAL D 9 -16.18 3.98 4.06
N ASP D 10 -15.95 5.24 4.49
CA ASP D 10 -16.98 6.03 5.19
C ASP D 10 -16.97 5.65 6.68
N SER D 11 -16.31 4.52 6.98
CA SER D 11 -16.16 4.02 8.34
C SER D 11 -14.68 3.79 8.65
N ASP D 12 -14.02 2.93 7.86
CA ASP D 12 -12.60 2.58 8.07
C ASP D 12 -11.69 3.81 8.31
N SER D 13 -10.98 4.30 7.28
CA SER D 13 -10.08 5.46 7.44
C SER D 13 -9.48 5.87 6.08
N TYR D 14 -10.33 5.84 5.05
CA TYR D 14 -9.95 6.17 3.66
C TYR D 14 -9.94 7.67 3.38
N GLN D 15 -10.99 8.37 3.81
CA GLN D 15 -11.12 9.79 3.54
C GLN D 15 -9.84 10.58 3.88
N LEU D 16 -9.17 10.26 4.99
CA LEU D 16 -7.92 10.96 5.37
C LEU D 16 -6.87 10.94 4.24
N LEU D 17 -6.95 9.94 3.38
CA LEU D 17 -6.03 9.84 2.24
C LEU D 17 -6.42 10.81 1.15
N LYS D 18 -7.63 10.63 0.65
CA LYS D 18 -8.18 11.49 -0.39
C LYS D 18 -8.32 12.91 0.12
N ALA D 19 -8.41 13.03 1.44
CA ALA D 19 -8.51 14.32 2.10
C ALA D 19 -7.35 15.22 1.69
N TYR D 20 -6.25 14.58 1.27
CA TYR D 20 -5.08 15.30 0.81
C TYR D 20 -5.24 15.57 -0.69
N ASP D 21 -5.56 14.50 -1.43
CA ASP D 21 -5.78 14.58 -2.90
C ASP D 21 -5.10 13.41 -3.59
N VAL D 22 -5.46 12.22 -3.14
CA VAL D 22 -4.89 11.00 -3.63
C VAL D 22 -5.84 9.83 -3.44
N ASN D 23 -6.74 9.63 -4.41
CA ASN D 23 -7.71 8.54 -4.35
C ASN D 23 -7.02 7.18 -4.54
N ILE D 24 -6.00 6.98 -3.73
CA ILE D 24 -5.18 5.79 -3.63
C ILE D 24 -4.97 4.90 -4.88
N SER D 25 -5.37 5.38 -6.04
CA SER D 25 -5.27 4.62 -7.29
C SER D 25 -3.96 3.81 -7.32
N GLY D 26 -2.83 4.50 -7.25
CA GLY D 26 -1.55 3.81 -7.24
C GLY D 26 -1.16 3.35 -5.84
N LEU D 27 -1.76 3.94 -4.82
CA LEU D 27 -1.47 3.57 -3.45
C LEU D 27 -1.95 2.16 -3.16
N VAL D 28 -3.23 1.91 -3.36
CA VAL D 28 -3.78 0.59 -3.12
C VAL D 28 -3.07 -0.44 -3.98
N SER D 29 -3.28 -0.36 -5.28
CA SER D 29 -2.68 -1.27 -6.25
C SER D 29 -1.16 -1.45 -6.12
N THR D 30 -0.38 -0.41 -5.81
CA THR D 30 1.08 -0.59 -5.70
C THR D 30 1.48 -1.13 -4.35
N THR D 31 0.98 -0.51 -3.28
CA THR D 31 1.32 -0.97 -1.94
C THR D 31 1.06 -2.46 -1.82
N MET D 32 0.06 -2.94 -2.55
CA MET D 32 -0.27 -4.34 -2.57
C MET D 32 0.88 -5.19 -3.08
N GLN D 33 1.46 -4.85 -4.22
CA GLN D 33 2.60 -5.62 -4.77
C GLN D 33 3.67 -5.83 -3.70
N ASN D 34 3.93 -4.79 -2.92
CA ASN D 34 4.93 -4.87 -1.85
C ASN D 34 4.50 -5.81 -0.75
N GLU D 35 3.27 -5.65 -0.26
CA GLU D 35 2.74 -6.52 0.79
C GLU D 35 2.32 -7.87 0.19
N ALA D 36 2.11 -7.89 -1.13
CA ALA D 36 1.76 -9.11 -1.85
C ALA D 36 2.99 -9.98 -1.98
N ARG D 37 4.14 -9.32 -2.13
CA ARG D 37 5.40 -10.04 -2.21
C ARG D 37 5.83 -10.44 -0.81
N ARG D 38 5.94 -9.43 0.04
CA ARG D 38 6.40 -9.59 1.41
C ARG D 38 5.48 -10.46 2.30
N LEU D 39 4.21 -10.68 1.90
CA LEU D 39 3.27 -11.47 2.73
C LEU D 39 3.89 -12.76 3.30
N ARG D 40 4.90 -13.29 2.61
CA ARG D 40 5.56 -14.52 3.05
C ARG D 40 7.08 -14.35 3.06
N ALA D 41 7.75 -15.13 3.91
CA ALA D 41 9.19 -15.09 4.05
C ALA D 41 9.88 -15.89 2.93
N GLU D 42 10.56 -15.17 2.04
CA GLU D 42 11.25 -15.79 0.92
C GLU D 42 12.58 -15.07 0.65
N ARG D 43 13.60 -15.36 1.47
CA ARG D 43 14.91 -14.73 1.32
C ARG D 43 15.92 -15.32 2.30
N TRP D 44 17.16 -15.49 1.84
CA TRP D 44 18.24 -16.02 2.68
C TRP D 44 19.13 -14.89 3.19
N LYS D 45 19.47 -14.92 4.48
CA LYS D 45 20.30 -13.88 5.10
C LYS D 45 19.48 -12.60 5.32
N VAL D 46 19.62 -11.98 6.49
CA VAL D 46 18.88 -10.77 6.81
C VAL D 46 19.78 -9.67 7.39
N GLU D 47 19.69 -8.48 6.82
CA GLU D 47 20.48 -7.34 7.27
C GLU D 47 19.69 -6.50 8.29
N ASN D 48 20.18 -5.31 8.61
CA ASN D 48 19.50 -4.45 9.59
C ASN D 48 19.64 -2.96 9.23
N GLN D 49 18.53 -2.24 9.30
CA GLN D 49 18.52 -0.81 9.01
C GLN D 49 17.41 -0.11 9.79
N GLU D 50 17.81 0.72 10.76
CA GLU D 50 16.86 1.45 11.60
C GLU D 50 17.48 2.74 12.15
N GLY D 51 16.62 3.61 12.70
CA GLY D 51 17.07 4.88 13.26
C GLY D 51 16.28 6.05 12.75
N MET D 52 16.65 6.57 11.58
CA MET D 52 15.95 7.70 10.95
C MET D 52 16.03 8.96 11.83
N VAL D 53 15.13 9.91 11.58
CA VAL D 53 15.09 11.16 12.33
C VAL D 53 16.39 11.96 12.17
N GLU D 54 16.73 12.27 10.92
CA GLU D 54 17.94 13.03 10.60
C GLU D 54 17.93 14.41 11.24
N VAL D 55 16.83 15.15 11.04
CA VAL D 55 16.68 16.49 11.60
C VAL D 55 17.65 17.50 10.97
N ALA D 56 17.63 17.57 9.64
CA ALA D 56 18.48 18.49 8.90
C ALA D 56 18.02 19.93 9.05
N ARG D 57 18.80 20.87 8.51
CA ARG D 57 18.46 22.30 8.59
C ARG D 57 17.70 22.75 7.35
N PHE D 58 18.19 22.35 6.16
CA PHE D 58 17.56 22.71 4.89
C PHE D 58 17.69 24.21 4.58
N ILE D 59 17.20 24.62 3.41
CA ILE D 59 17.26 26.02 2.98
C ILE D 59 16.01 26.42 2.18
N GLU D 60 15.74 25.69 1.10
CA GLU D 60 14.58 25.97 0.26
C GLU D 60 13.31 25.36 0.85
N MET D 61 12.17 26.03 0.65
CA MET D 61 10.89 25.54 1.16
C MET D 61 10.10 24.81 0.07
N ASN D 62 9.35 25.55 -0.75
CA ASN D 62 8.56 24.96 -1.82
C ASN D 62 7.62 23.85 -1.29
N GLY D 63 7.10 23.00 -2.18
CA GLY D 63 6.22 21.93 -1.76
C GLY D 63 5.14 21.58 -2.76
N SER D 64 4.21 20.70 -2.35
CA SER D 64 3.11 20.27 -3.21
C SER D 64 1.80 20.96 -2.81
N PHE D 65 0.97 20.29 -1.99
CA PHE D 65 -0.30 20.86 -1.56
C PHE D 65 -0.74 20.32 -0.18
N ALA D 66 0.02 20.70 0.85
CA ALA D 66 -0.26 20.25 2.23
C ALA D 66 -0.22 18.71 2.35
N ASP D 67 0.39 18.07 1.35
CA ASP D 67 0.51 16.62 1.31
C ASP D 67 1.99 16.21 1.36
N GLU D 68 2.58 15.95 0.19
CA GLU D 68 4.00 15.57 0.10
C GLU D 68 4.89 16.74 0.52
N ASN D 69 5.15 16.86 1.82
CA ASN D 69 5.96 17.93 2.36
C ASN D 69 6.36 17.67 3.81
N LYS D 70 7.40 18.37 4.27
CA LYS D 70 7.90 18.24 5.65
C LYS D 70 8.78 17.00 5.82
N ASP D 71 10.06 17.15 5.47
CA ASP D 71 11.03 16.07 5.59
C ASP D 71 12.39 16.61 6.06
N TRP D 72 13.43 15.77 5.99
CA TRP D 72 14.76 16.19 6.42
C TRP D 72 15.84 15.79 5.40
N MET C 1 -22.53 6.26 7.73
CA MET C 1 -22.59 5.61 6.39
C MET C 1 -21.20 5.19 5.91
N LYS C 2 -21.14 4.47 4.80
CA LYS C 2 -19.87 4.02 4.25
C LYS C 2 -19.63 4.64 2.86
N GLN C 3 -18.36 4.79 2.49
CA GLN C 3 -18.00 5.38 1.21
C GLN C 3 -17.23 4.40 0.36
N ARG C 4 -17.83 4.00 -0.74
CA ARG C 4 -17.18 3.07 -1.64
C ARG C 4 -16.17 3.79 -2.50
N ILE C 5 -14.90 3.57 -2.22
CA ILE C 5 -13.84 4.14 -3.03
C ILE C 5 -13.16 2.99 -3.72
N THR C 6 -13.03 3.08 -5.01
CA THR C 6 -12.44 2.00 -5.73
C THR C 6 -11.30 2.43 -6.61
N VAL C 7 -10.24 1.64 -6.58
CA VAL C 7 -9.07 1.86 -7.40
C VAL C 7 -9.16 0.91 -8.58
N THR C 8 -9.46 1.43 -9.75
CA THR C 8 -9.59 0.57 -10.92
C THR C 8 -8.21 0.04 -11.34
N VAL C 9 -7.84 -1.13 -10.81
CA VAL C 9 -6.54 -1.75 -11.10
C VAL C 9 -6.56 -2.57 -12.39
N ASP C 10 -5.90 -3.75 -12.38
CA ASP C 10 -5.76 -4.59 -13.57
C ASP C 10 -4.43 -4.21 -14.26
N SER C 11 -3.85 -3.10 -13.79
CA SER C 11 -2.57 -2.59 -14.27
C SER C 11 -1.63 -2.31 -13.08
N ASP C 12 -2.10 -1.51 -12.10
CA ASP C 12 -1.29 -1.13 -10.92
C ASP C 12 -0.61 -2.35 -10.23
N SER C 13 -1.19 -2.88 -9.13
CA SER C 13 -0.60 -4.03 -8.42
C SER C 13 -1.52 -4.50 -7.27
N TYR C 14 -2.83 -4.44 -7.52
CA TYR C 14 -3.88 -4.81 -6.54
C TYR C 14 -4.16 -6.32 -6.47
N GLN C 15 -4.07 -6.99 -7.61
CA GLN C 15 -4.39 -8.42 -7.69
C GLN C 15 -3.70 -9.27 -6.60
N LEU C 16 -2.40 -9.08 -6.36
CA LEU C 16 -1.67 -9.86 -5.33
C LEU C 16 -2.37 -9.90 -3.97
N LEU C 17 -3.05 -8.80 -3.64
CA LEU C 17 -3.77 -8.71 -2.36
C LEU C 17 -5.04 -9.53 -2.38
N LYS C 18 -5.94 -9.21 -3.29
CA LYS C 18 -7.19 -9.94 -3.44
C LYS C 18 -6.90 -11.38 -3.83
N ALA C 19 -5.75 -11.56 -4.48
CA ALA C 19 -5.30 -12.85 -4.93
C ALA C 19 -5.09 -13.80 -3.75
N TYR C 20 -4.69 -13.24 -2.60
CA TYR C 20 -4.49 -14.07 -1.43
C TYR C 20 -5.80 -14.22 -0.64
N ASP C 21 -6.62 -13.14 -0.55
CA ASP C 21 -7.95 -13.20 0.13
C ASP C 21 -8.32 -11.89 0.83
N VAL C 22 -7.86 -10.77 0.30
CA VAL C 22 -8.14 -9.47 0.89
C VAL C 22 -7.91 -8.36 -0.10
N ASN C 23 -9.00 -7.86 -0.70
CA ASN C 23 -8.87 -6.76 -1.64
C ASN C 23 -8.13 -5.63 -0.91
N ILE C 24 -8.87 -4.76 -0.22
CA ILE C 24 -8.22 -3.68 0.53
C ILE C 24 -9.08 -3.05 1.62
N SER C 25 -10.24 -3.60 1.91
CA SER C 25 -11.13 -2.99 2.91
C SER C 25 -10.30 -2.44 4.09
N GLY C 26 -9.60 -3.32 4.81
CA GLY C 26 -8.78 -2.89 5.92
C GLY C 26 -7.39 -2.43 5.48
N LEU C 27 -6.88 -3.00 4.40
CA LEU C 27 -5.57 -2.64 3.87
C LEU C 27 -5.52 -1.17 3.51
N VAL C 28 -6.40 -0.76 2.58
CA VAL C 28 -6.48 0.63 2.15
C VAL C 28 -6.56 1.54 3.36
N SER C 29 -7.64 1.42 4.10
CA SER C 29 -7.89 2.22 5.29
C SER C 29 -6.71 2.24 6.26
N THR C 30 -6.05 1.10 6.46
CA THR C 30 -4.92 1.04 7.37
C THR C 30 -3.78 1.83 6.79
N THR C 31 -3.42 1.49 5.57
CA THR C 31 -2.33 2.17 4.91
C THR C 31 -2.63 3.66 4.74
N MET C 32 -3.88 3.97 4.39
CA MET C 32 -4.29 5.36 4.21
C MET C 32 -4.06 6.18 5.47
N GLN C 33 -4.66 5.79 6.60
CA GLN C 33 -4.48 6.52 7.85
C GLN C 33 -2.99 6.74 8.17
N ASN C 34 -2.18 5.73 7.87
CA ASN C 34 -0.75 5.80 8.10
C ASN C 34 -0.08 6.73 7.11
N GLU C 35 -0.28 6.48 5.82
CA GLU C 35 0.27 7.33 4.77
C GLU C 35 -0.42 8.71 4.81
N ALA C 36 -1.61 8.75 5.40
CA ALA C 36 -2.37 9.98 5.56
C ALA C 36 -1.72 10.82 6.64
N ARG C 37 -1.45 10.18 7.79
CA ARG C 37 -0.79 10.86 8.90
C ARG C 37 0.58 11.32 8.46
N ARG C 38 1.31 10.36 7.89
CA ARG C 38 2.66 10.62 7.43
C ARG C 38 2.67 11.65 6.30
N LEU C 39 1.80 11.44 5.28
CA LEU C 39 1.67 12.33 4.12
C LEU C 39 2.91 13.22 3.91
N ARG C 40 3.97 12.63 3.36
CA ARG C 40 5.22 13.36 3.11
C ARG C 40 5.78 13.09 1.72
N ALA C 41 5.98 11.80 1.37
CA ALA C 41 6.53 11.46 0.06
C ALA C 41 6.13 10.03 -0.38
N GLU C 42 7.08 9.08 -0.30
CA GLU C 42 6.84 7.70 -0.70
C GLU C 42 6.60 7.57 -2.22
N ARG C 43 7.11 6.50 -2.81
CA ARG C 43 6.97 6.27 -4.25
C ARG C 43 6.92 4.77 -4.60
N TRP C 44 6.78 4.48 -5.90
CA TRP C 44 6.71 3.10 -6.37
C TRP C 44 8.11 2.45 -6.42
N LYS C 45 8.21 1.27 -7.02
CA LYS C 45 9.48 0.56 -7.11
C LYS C 45 9.58 -0.29 -8.38
N VAL C 46 8.76 -1.34 -8.46
CA VAL C 46 8.76 -2.23 -9.63
C VAL C 46 7.34 -2.51 -10.12
N GLU C 47 7.10 -2.21 -11.40
CA GLU C 47 5.79 -2.42 -12.02
C GLU C 47 5.25 -3.82 -11.74
N ASN C 48 5.93 -4.85 -12.25
CA ASN C 48 5.51 -6.25 -12.04
C ASN C 48 4.07 -6.46 -12.53
N GLN C 49 3.75 -5.91 -13.70
CA GLN C 49 2.42 -6.03 -14.28
C GLN C 49 2.18 -7.40 -14.91
N GLU C 50 1.91 -8.40 -14.07
CA GLU C 50 1.66 -9.76 -14.56
C GLU C 50 0.19 -10.15 -14.40
N GLY C 51 -0.47 -10.43 -15.52
CA GLY C 51 -1.87 -10.81 -15.50
C GLY C 51 -2.27 -11.64 -16.71
N MET C 52 -3.59 -11.81 -16.90
CA MET C 52 -4.12 -12.59 -18.03
C MET C 52 -3.64 -14.05 -17.98
N VAL C 53 -3.25 -14.51 -16.80
CA VAL C 53 -2.79 -15.89 -16.62
C VAL C 53 -2.82 -16.30 -15.15
N GLU C 54 -3.54 -17.38 -14.85
CA GLU C 54 -3.65 -17.89 -13.48
C GLU C 54 -4.12 -19.35 -13.47
N VAL C 55 -3.84 -20.05 -12.38
CA VAL C 55 -4.24 -21.46 -12.26
C VAL C 55 -4.62 -21.83 -10.82
N ALA C 56 -5.67 -21.19 -10.31
CA ALA C 56 -6.14 -21.44 -8.94
C ALA C 56 -6.73 -22.86 -8.78
N ARG C 57 -5.84 -23.86 -8.70
CA ARG C 57 -6.28 -25.25 -8.54
C ARG C 57 -5.23 -26.08 -7.80
N PHE C 58 -5.67 -27.21 -7.22
CA PHE C 58 -4.78 -28.11 -6.48
C PHE C 58 -4.42 -27.54 -5.10
N ILE C 59 -4.09 -28.42 -4.16
CA ILE C 59 -3.74 -27.99 -2.80
C ILE C 59 -2.35 -28.49 -2.38
N GLU C 60 -1.38 -27.57 -2.38
CA GLU C 60 -0.01 -27.90 -1.99
C GLU C 60 0.63 -26.75 -1.21
N MET C 61 0.28 -26.65 0.07
CA MET C 61 0.80 -25.58 0.94
C MET C 61 0.83 -26.02 2.40
N ASN C 62 2.00 -25.91 3.04
CA ASN C 62 2.16 -26.30 4.44
C ASN C 62 2.53 -25.09 5.32
N GLY C 63 1.72 -24.02 5.23
CA GLY C 63 1.98 -22.82 6.03
C GLY C 63 0.94 -21.73 5.86
N SER C 64 0.83 -21.19 4.66
CA SER C 64 -0.13 -20.10 4.36
C SER C 64 0.27 -18.82 5.09
N PHE C 65 -0.15 -18.69 6.36
CA PHE C 65 0.17 -17.52 7.18
C PHE C 65 -0.27 -16.20 6.53
N ALA C 66 -1.26 -16.26 5.65
CA ALA C 66 -1.77 -15.05 4.98
C ALA C 66 -3.21 -15.23 4.53
N ASP C 67 -3.96 -16.06 5.26
CA ASP C 67 -5.36 -16.34 4.96
C ASP C 67 -5.51 -17.13 3.65
N GLU C 68 -6.54 -17.97 3.59
CA GLU C 68 -6.80 -18.79 2.40
C GLU C 68 -5.63 -19.75 2.09
N ASN C 69 -5.74 -20.44 0.95
CA ASN C 69 -4.72 -21.39 0.53
C ASN C 69 -4.58 -21.42 -1.01
N LYS C 70 -4.22 -20.27 -1.59
CA LYS C 70 -4.06 -20.16 -3.03
C LYS C 70 -2.77 -19.44 -3.42
N ASP C 71 -2.28 -19.73 -4.62
CA ASP C 71 -1.05 -19.12 -5.14
C ASP C 71 -0.74 -19.64 -6.53
N TRP C 72 0.07 -18.88 -7.28
CA TRP C 72 0.47 -19.25 -8.65
C TRP C 72 1.34 -18.16 -9.27
N MET D 1 -11.23 -5.12 -19.06
CA MET D 1 -9.96 -4.57 -18.50
C MET D 1 -10.25 -3.58 -17.37
N LYS D 2 -9.23 -3.34 -16.53
CA LYS D 2 -9.35 -2.43 -15.39
C LYS D 2 -10.22 -3.05 -14.31
N GLN D 3 -9.62 -3.36 -13.16
CA GLN D 3 -10.36 -3.96 -12.07
C GLN D 3 -10.82 -2.94 -11.08
N ARG D 4 -12.11 -2.80 -10.98
CA ARG D 4 -12.66 -1.86 -10.03
C ARG D 4 -12.63 -2.49 -8.64
N ILE D 5 -11.62 -2.13 -7.88
CA ILE D 5 -11.48 -2.63 -6.52
C ILE D 5 -12.00 -1.56 -5.59
N THR D 6 -13.13 -1.85 -4.96
CA THR D 6 -13.79 -0.86 -4.11
C THR D 6 -13.85 -1.26 -2.64
N VAL D 7 -13.25 -0.43 -1.81
CA VAL D 7 -13.31 -0.60 -0.37
C VAL D 7 -14.37 0.36 0.18
N THR D 8 -15.50 -0.16 0.64
CA THR D 8 -16.55 0.68 1.18
C THR D 8 -16.09 1.27 2.50
N VAL D 9 -15.28 2.32 2.40
CA VAL D 9 -14.70 2.99 3.55
C VAL D 9 -15.62 4.10 4.12
N ASP D 10 -15.06 5.25 4.55
CA ASP D 10 -15.86 6.32 5.21
C ASP D 10 -15.94 6.03 6.72
N SER D 11 -15.39 4.87 7.08
CA SER D 11 -15.30 4.41 8.45
C SER D 11 -13.84 4.14 8.78
N ASP D 12 -13.29 3.14 8.08
CA ASP D 12 -11.90 2.71 8.27
C ASP D 12 -10.91 3.89 8.36
N SER D 13 -10.41 4.41 7.20
CA SER D 13 -9.45 5.54 7.22
C SER D 13 -8.95 5.91 5.80
N TYR D 14 -9.86 5.87 4.83
CA TYR D 14 -9.57 6.18 3.42
C TYR D 14 -9.61 7.69 3.11
N GLN D 15 -10.62 8.35 3.66
CA GLN D 15 -10.87 9.77 3.37
C GLN D 15 -9.62 10.66 3.48
N LEU D 16 -8.74 10.43 4.45
CA LEU D 16 -7.54 11.27 4.56
C LEU D 16 -6.68 11.19 3.29
N LEU D 17 -6.28 9.97 2.92
CA LEU D 17 -5.42 9.76 1.74
C LEU D 17 -5.98 10.46 0.49
N LYS D 18 -7.28 10.32 0.29
CA LYS D 18 -7.95 10.95 -0.84
C LYS D 18 -8.20 12.43 -0.57
N ALA D 19 -8.42 12.73 0.70
CA ALA D 19 -8.65 14.10 1.15
C ALA D 19 -7.47 14.97 0.75
N TYR D 20 -6.29 14.35 0.68
CA TYR D 20 -5.11 15.08 0.27
C TYR D 20 -4.97 15.02 -1.25
N ASP D 21 -5.13 13.82 -1.87
CA ASP D 21 -5.07 13.71 -3.35
C ASP D 21 -4.69 12.31 -3.87
N VAL D 22 -5.07 11.23 -3.17
CA VAL D 22 -4.69 9.91 -3.66
C VAL D 22 -5.73 8.82 -3.38
N ASN D 23 -6.75 8.71 -4.26
CA ASN D 23 -7.79 7.68 -4.10
C ASN D 23 -7.22 6.28 -4.34
N ILE D 24 -6.26 5.93 -3.48
CA ILE D 24 -5.54 4.66 -3.47
C ILE D 24 -5.08 4.07 -4.81
N SER D 25 -5.46 4.65 -5.96
CA SER D 25 -5.06 4.09 -7.25
C SER D 25 -3.60 3.59 -7.18
N GLY D 26 -2.65 4.50 -6.92
CA GLY D 26 -1.25 4.11 -6.81
C GLY D 26 -0.88 3.67 -5.40
N LEU D 27 -1.57 4.23 -4.40
CA LEU D 27 -1.36 3.89 -3.01
C LEU D 27 -1.59 2.40 -2.78
N VAL D 28 -2.83 1.97 -3.05
CA VAL D 28 -3.20 0.56 -2.90
C VAL D 28 -2.17 -0.34 -3.59
N SER D 29 -2.01 -0.15 -4.90
CA SER D 29 -1.07 -0.93 -5.70
C SER D 29 0.33 -0.99 -5.07
N THR D 30 0.79 0.13 -4.51
CA THR D 30 2.09 0.17 -3.87
C THR D 30 2.05 -0.64 -2.60
N THR D 31 1.04 -0.35 -1.78
CA THR D 31 0.88 -1.06 -0.53
C THR D 31 0.66 -2.54 -0.76
N MET D 32 -0.18 -2.86 -1.73
CA MET D 32 -0.50 -4.24 -2.08
C MET D 32 0.76 -4.99 -2.48
N GLN D 33 1.45 -4.49 -3.50
CA GLN D 33 2.68 -5.14 -3.99
C GLN D 33 3.70 -5.33 -2.86
N ASN D 34 3.84 -4.30 -2.03
CA ASN D 34 4.78 -4.36 -0.91
C ASN D 34 4.33 -5.38 0.12
N GLU D 35 3.08 -5.27 0.56
CA GLU D 35 2.53 -6.23 1.50
C GLU D 35 2.45 -7.61 0.84
N ALA D 36 2.22 -7.61 -0.47
CA ALA D 36 2.16 -8.83 -1.27
C ALA D 36 3.51 -9.51 -1.36
N ARG D 37 4.55 -8.76 -1.74
CA ARG D 37 5.88 -9.34 -1.80
C ARG D 37 6.20 -9.93 -0.46
N ARG D 38 6.03 -9.09 0.55
CA ARG D 38 6.27 -9.51 1.92
C ARG D 38 5.48 -10.79 2.24
N LEU D 39 4.20 -10.82 1.83
CA LEU D 39 3.31 -11.97 2.04
C LEU D 39 4.04 -13.31 1.92
N ARG D 40 4.75 -13.49 0.80
CA ARG D 40 5.48 -14.72 0.56
C ARG D 40 6.99 -14.56 0.78
N ALA D 41 7.50 -15.20 1.82
CA ALA D 41 8.94 -15.13 2.12
C ALA D 41 9.78 -15.71 0.98
N GLU D 42 10.54 -14.84 0.31
CA GLU D 42 11.37 -15.27 -0.81
C GLU D 42 12.57 -14.33 -0.99
N ARG D 43 13.67 -14.88 -1.51
CA ARG D 43 14.89 -14.12 -1.75
C ARG D 43 15.09 -13.84 -3.25
N TRP D 44 14.59 -14.76 -4.10
CA TRP D 44 14.72 -14.62 -5.55
C TRP D 44 14.23 -13.24 -6.01
N LYS D 45 15.18 -12.38 -6.42
CA LYS D 45 14.85 -11.04 -6.88
C LYS D 45 15.88 -10.50 -7.87
N VAL D 46 15.39 -9.98 -8.99
CA VAL D 46 16.27 -9.42 -10.02
C VAL D 46 16.41 -7.89 -9.89
N GLU D 47 16.13 -7.38 -8.68
CA GLU D 47 16.24 -5.95 -8.39
C GLU D 47 15.18 -5.11 -9.10
N ASN D 48 15.21 -5.11 -10.43
CA ASN D 48 14.24 -4.34 -11.22
C ASN D 48 13.97 -4.98 -12.59
N GLN D 49 12.95 -4.47 -13.27
CA GLN D 49 12.57 -4.97 -14.59
C GLN D 49 12.69 -3.86 -15.65
N GLU D 50 11.68 -2.98 -15.69
CA GLU D 50 11.67 -1.88 -16.65
C GLU D 50 11.09 -0.61 -16.01
N GLY D 51 9.76 -0.61 -15.81
CA GLY D 51 9.10 0.54 -15.20
C GLY D 51 8.23 1.31 -16.19
N MET D 52 7.39 0.59 -16.93
CA MET D 52 6.51 1.22 -17.91
C MET D 52 5.15 0.51 -17.99
N VAL D 53 4.40 0.53 -16.89
CA VAL D 53 3.07 -0.11 -16.85
C VAL D 53 2.13 0.51 -17.89
N GLU D 54 2.28 1.81 -18.13
CA GLU D 54 1.45 2.51 -19.11
C GLU D 54 2.18 2.65 -20.45
N VAL D 55 1.41 2.77 -21.52
CA VAL D 55 1.98 2.92 -22.86
C VAL D 55 1.13 3.87 -23.72
N ALA D 56 0.89 5.07 -23.20
CA ALA D 56 0.09 6.08 -23.91
C ALA D 56 0.99 7.15 -24.54
N ARG D 57 0.93 7.26 -25.86
CA ARG D 57 1.74 8.25 -26.58
C ARG D 57 1.24 9.68 -26.33
N PHE D 58 1.36 10.13 -25.07
CA PHE D 58 0.91 11.47 -24.69
C PHE D 58 1.98 12.53 -25.03
N ILE D 59 1.63 13.79 -24.81
CA ILE D 59 2.55 14.89 -25.09
C ILE D 59 2.69 15.82 -23.87
N GLU D 60 3.90 16.35 -23.67
CA GLU D 60 4.19 17.26 -22.54
C GLU D 60 4.26 16.48 -21.21
N MET D 61 4.75 17.15 -20.17
CA MET D 61 4.90 16.52 -18.86
C MET D 61 4.74 17.52 -17.70
N ASN D 62 4.01 18.61 -17.94
CA ASN D 62 3.80 19.64 -16.91
C ASN D 62 2.65 19.25 -15.97
N GLY D 63 3.00 18.66 -14.84
CA GLY D 63 1.98 18.26 -13.87
C GLY D 63 1.79 19.29 -12.77
N SER D 64 2.63 19.21 -11.73
CA SER D 64 2.56 20.14 -10.59
C SER D 64 1.14 20.25 -10.03
N PHE D 65 0.43 19.13 -9.96
CA PHE D 65 -0.93 19.11 -9.42
C PHE D 65 -0.93 18.72 -7.94
N ALA D 66 -0.59 17.47 -7.66
CA ALA D 66 -0.54 16.96 -6.30
C ALA D 66 0.42 15.76 -6.19
N ASP D 67 -0.08 14.61 -5.72
CA ASP D 67 0.74 13.42 -5.57
C ASP D 67 0.94 12.70 -6.92
N GLU D 68 1.65 13.36 -7.84
CA GLU D 68 1.92 12.79 -9.17
C GLU D 68 0.63 12.49 -9.95
N ASN D 69 0.76 11.75 -11.04
CA ASN D 69 -0.37 11.38 -11.88
C ASN D 69 -0.15 10.03 -12.58
N LYS D 70 -1.24 9.34 -12.88
CA LYS D 70 -1.19 8.03 -13.54
C LYS D 70 -2.21 7.94 -14.67
N ASP D 71 -1.80 7.39 -15.81
CA ASP D 71 -2.68 7.25 -16.97
C ASP D 71 -2.72 5.80 -17.48
N TRP D 72 -3.51 5.59 -18.53
CA TRP D 72 -3.69 4.27 -19.16
C TRP D 72 -4.69 3.40 -18.39
N MET C 1 -23.57 8.46 5.28
CA MET C 1 -23.61 7.29 4.36
C MET C 1 -22.20 6.85 3.99
N LYS C 2 -21.99 5.54 3.86
CA LYS C 2 -20.67 4.99 3.50
C LYS C 2 -20.17 5.59 2.19
N GLN C 3 -18.87 5.47 1.94
CA GLN C 3 -18.29 6.01 0.72
C GLN C 3 -17.54 4.95 -0.05
N ARG C 4 -18.00 4.70 -1.27
CA ARG C 4 -17.36 3.73 -2.11
C ARG C 4 -16.12 4.32 -2.74
N ILE C 5 -14.99 3.75 -2.37
CA ILE C 5 -13.71 4.16 -2.89
C ILE C 5 -13.22 3.05 -3.77
N THR C 6 -12.93 3.34 -5.02
CA THR C 6 -12.53 2.29 -5.92
C THR C 6 -11.26 2.67 -6.71
N VAL C 7 -10.27 1.79 -6.64
CA VAL C 7 -9.02 1.94 -7.40
C VAL C 7 -9.09 0.98 -8.60
N THR C 8 -9.28 1.51 -9.80
CA THR C 8 -9.37 0.64 -10.97
C THR C 8 -8.01 0.04 -11.30
N VAL C 9 -7.75 -1.11 -10.72
CA VAL C 9 -6.49 -1.83 -10.90
C VAL C 9 -6.51 -2.67 -12.18
N ASP C 10 -5.74 -3.79 -12.17
CA ASP C 10 -5.59 -4.68 -13.32
C ASP C 10 -4.33 -4.25 -14.09
N SER C 11 -3.77 -3.12 -13.66
CA SER C 11 -2.53 -2.58 -14.19
C SER C 11 -1.57 -2.30 -13.04
N ASP C 12 -1.99 -1.42 -12.10
CA ASP C 12 -1.17 -1.04 -10.94
C ASP C 12 -0.51 -2.26 -10.27
N SER C 13 -1.10 -2.81 -9.18
CA SER C 13 -0.51 -3.98 -8.48
C SER C 13 -1.44 -4.47 -7.35
N TYR C 14 -2.74 -4.45 -7.63
CA TYR C 14 -3.78 -4.88 -6.68
C TYR C 14 -4.00 -6.40 -6.64
N GLN C 15 -4.06 -7.03 -7.81
CA GLN C 15 -4.35 -8.46 -7.91
C GLN C 15 -3.49 -9.33 -6.98
N LEU C 16 -2.19 -9.08 -6.89
CA LEU C 16 -1.31 -9.88 -6.02
C LEU C 16 -1.83 -9.95 -4.57
N LEU C 17 -2.51 -8.90 -4.13
CA LEU C 17 -3.09 -8.87 -2.77
C LEU C 17 -4.37 -9.68 -2.69
N LYS C 18 -5.30 -9.41 -3.60
CA LYS C 18 -6.57 -10.13 -3.65
C LYS C 18 -6.32 -11.59 -4.02
N ALA C 19 -5.22 -11.80 -4.71
CA ALA C 19 -4.82 -13.14 -5.14
C ALA C 19 -4.76 -14.10 -3.94
N TYR C 20 -4.42 -13.55 -2.77
CA TYR C 20 -4.34 -14.34 -1.54
C TYR C 20 -5.71 -14.36 -0.86
N ASP C 21 -6.41 -13.21 -0.88
CA ASP C 21 -7.73 -13.04 -0.26
C ASP C 21 -7.67 -11.98 0.84
N VAL C 22 -7.11 -10.84 0.46
CA VAL C 22 -6.95 -9.69 1.34
C VAL C 22 -7.47 -8.46 0.66
N ASN C 23 -7.05 -8.29 -0.57
CA ASN C 23 -7.47 -7.17 -1.34
C ASN C 23 -7.06 -5.89 -0.62
N ILE C 24 -8.03 -5.11 -0.15
CA ILE C 24 -7.68 -3.88 0.53
C ILE C 24 -8.57 -3.50 1.71
N SER C 25 -9.59 -4.29 2.03
CA SER C 25 -10.48 -3.92 3.13
C SER C 25 -9.65 -3.33 4.29
N GLY C 26 -8.79 -4.17 4.88
CA GLY C 26 -7.93 -3.70 5.96
C GLY C 26 -6.70 -2.98 5.45
N LEU C 27 -6.27 -3.31 4.23
CA LEU C 27 -5.11 -2.68 3.64
C LEU C 27 -5.35 -1.19 3.44
N VAL C 28 -6.35 -0.83 2.63
CA VAL C 28 -6.65 0.57 2.39
C VAL C 28 -6.80 1.33 3.71
N SER C 29 -7.88 1.07 4.45
CA SER C 29 -8.15 1.73 5.72
C SER C 29 -6.95 1.79 6.68
N THR C 30 -6.19 0.69 6.82
CA THR C 30 -5.04 0.72 7.73
C THR C 30 -3.92 1.51 7.10
N THR C 31 -3.66 1.24 5.83
CA THR C 31 -2.60 1.94 5.11
C THR C 31 -2.98 3.41 4.91
N MET C 32 -4.29 3.67 4.85
CA MET C 32 -4.84 5.03 4.68
C MET C 32 -4.36 5.95 5.77
N GLN C 33 -4.59 5.58 7.03
CA GLN C 33 -4.17 6.38 8.17
C GLN C 33 -2.68 6.70 8.09
N ASN C 34 -1.88 5.65 7.93
CA ASN C 34 -0.43 5.80 7.84
C ASN C 34 -0.06 6.73 6.68
N GLU C 35 -0.59 6.46 5.48
CA GLU C 35 -0.32 7.32 4.32
C GLU C 35 -0.98 8.69 4.52
N ALA C 36 -2.10 8.70 5.24
CA ALA C 36 -2.81 9.94 5.55
C ALA C 36 -1.97 10.82 6.47
N ARG C 37 -1.37 10.20 7.47
CA ARG C 37 -0.53 10.91 8.42
C ARG C 37 0.83 11.19 7.85
N ARG C 38 1.47 10.13 7.40
CA ARG C 38 2.82 10.21 6.90
C ARG C 38 2.91 10.72 5.45
N LEU C 39 1.90 10.46 4.62
CA LEU C 39 1.89 10.87 3.19
C LEU C 39 3.30 11.04 2.62
N ARG C 40 3.86 9.92 2.14
CA ARG C 40 5.20 9.93 1.56
C ARG C 40 5.18 9.63 0.05
N ALA C 41 4.07 9.06 -0.44
CA ALA C 41 3.96 8.72 -1.86
C ALA C 41 5.08 7.75 -2.27
N GLU C 42 5.47 6.88 -1.34
CA GLU C 42 6.53 5.91 -1.59
C GLU C 42 6.06 4.77 -2.49
N ARG C 43 5.88 5.06 -3.77
CA ARG C 43 5.46 4.05 -4.74
C ARG C 43 6.59 3.06 -5.00
N TRP C 44 6.95 2.31 -3.95
CA TRP C 44 8.04 1.32 -4.02
C TRP C 44 7.68 0.13 -4.92
N LYS C 45 7.48 0.37 -6.21
CA LYS C 45 7.15 -0.71 -7.14
C LYS C 45 7.20 -0.24 -8.61
N VAL C 46 7.43 -1.19 -9.50
CA VAL C 46 7.48 -0.91 -10.94
C VAL C 46 7.34 -2.20 -11.77
N GLU C 47 8.15 -3.20 -11.43
CA GLU C 47 8.12 -4.50 -12.12
C GLU C 47 9.02 -5.49 -11.39
N ASN C 48 8.70 -6.78 -11.49
CA ASN C 48 9.51 -7.82 -10.84
C ASN C 48 9.57 -9.10 -11.66
N GLN C 49 10.52 -9.16 -12.58
CA GLN C 49 10.70 -10.34 -13.44
C GLN C 49 12.03 -11.05 -13.13
N GLU C 50 13.05 -10.28 -12.79
CA GLU C 50 14.37 -10.84 -12.47
C GLU C 50 14.34 -11.63 -11.16
N GLY C 51 14.21 -12.95 -11.28
CA GLY C 51 14.15 -13.81 -10.10
C GLY C 51 12.74 -14.23 -9.73
N MET C 52 12.59 -14.76 -8.51
CA MET C 52 11.29 -15.22 -8.00
C MET C 52 10.86 -16.54 -8.66
N VAL C 53 11.14 -17.66 -7.97
CA VAL C 53 10.79 -18.98 -8.49
C VAL C 53 10.39 -19.93 -7.36
N GLU C 54 9.24 -20.59 -7.50
CA GLU C 54 8.74 -21.53 -6.51
C GLU C 54 8.89 -22.98 -6.98
N VAL C 55 8.28 -23.93 -6.26
CA VAL C 55 8.35 -25.34 -6.60
C VAL C 55 7.27 -26.16 -5.86
N ALA C 56 6.10 -25.53 -5.66
CA ALA C 56 4.99 -26.19 -4.95
C ALA C 56 4.36 -27.28 -5.82
N ARG C 57 5.14 -28.32 -6.11
CA ARG C 57 4.67 -29.45 -6.92
C ARG C 57 4.76 -30.77 -6.15
N PHE C 58 4.46 -30.74 -4.85
CA PHE C 58 4.52 -31.94 -4.02
C PHE C 58 3.12 -32.44 -3.66
N ILE C 59 3.03 -33.72 -3.31
CA ILE C 59 1.76 -34.33 -2.94
C ILE C 59 1.28 -33.82 -1.57
N GLU C 60 0.82 -32.58 -1.55
CA GLU C 60 0.33 -31.95 -0.33
C GLU C 60 -1.13 -31.53 -0.47
N MET C 61 -1.96 -31.86 0.51
CA MET C 61 -3.38 -31.49 0.48
C MET C 61 -3.55 -29.99 0.68
N ASN C 62 -2.72 -29.42 1.57
CA ASN C 62 -2.77 -27.98 1.86
C ASN C 62 -1.39 -27.51 2.34
N GLY C 63 -0.46 -27.32 1.40
CA GLY C 63 0.89 -26.89 1.73
C GLY C 63 0.96 -25.49 2.33
N SER C 64 1.33 -25.41 3.61
CA SER C 64 1.44 -24.13 4.29
C SER C 64 2.74 -23.42 3.90
N PHE C 65 2.76 -22.84 2.70
CA PHE C 65 3.95 -22.14 2.20
C PHE C 65 3.73 -20.63 2.17
N ALA C 66 2.67 -20.18 1.48
CA ALA C 66 2.34 -18.76 1.41
C ALA C 66 1.21 -18.42 2.39
N ASP C 67 0.12 -17.83 1.90
CA ASP C 67 -1.01 -17.49 2.75
C ASP C 67 -2.24 -18.34 2.44
N GLU C 68 -2.72 -18.28 1.20
CA GLU C 68 -3.89 -19.06 0.78
C GLU C 68 -3.60 -19.88 -0.47
N ASN C 69 -3.41 -19.18 -1.60
CA ASN C 69 -3.15 -19.83 -2.89
C ASN C 69 -1.79 -20.55 -2.93
N LYS C 70 -1.42 -21.01 -4.11
CA LYS C 70 -0.15 -21.72 -4.30
C LYS C 70 0.54 -21.26 -5.58
N ASP C 71 1.87 -21.22 -5.55
CA ASP C 71 2.67 -20.81 -6.71
C ASP C 71 3.25 -22.03 -7.44
N TRP C 72 4.06 -21.77 -8.47
CA TRP C 72 4.68 -22.84 -9.27
C TRP C 72 3.68 -23.98 -9.56
N MET D 1 -10.61 -3.93 -19.40
CA MET D 1 -11.19 -2.61 -19.01
C MET D 1 -10.83 -2.23 -17.57
N LYS D 2 -9.63 -2.65 -17.12
CA LYS D 2 -9.17 -2.36 -15.75
C LYS D 2 -10.05 -3.05 -14.71
N GLN D 3 -9.49 -3.29 -13.52
CA GLN D 3 -10.25 -3.95 -12.46
C GLN D 3 -10.64 -2.98 -11.36
N ARG D 4 -11.92 -2.67 -11.30
CA ARG D 4 -12.41 -1.74 -10.30
C ARG D 4 -12.54 -2.39 -8.93
N ILE D 5 -11.61 -2.05 -8.05
CA ILE D 5 -11.65 -2.55 -6.69
C ILE D 5 -12.10 -1.41 -5.80
N THR D 6 -13.12 -1.65 -5.01
CA THR D 6 -13.63 -0.59 -4.17
C THR D 6 -13.80 -1.01 -2.72
N VAL D 7 -13.17 -0.27 -1.81
CA VAL D 7 -13.37 -0.48 -0.37
C VAL D 7 -14.33 0.58 0.10
N THR D 8 -15.58 0.20 0.34
CA THR D 8 -16.58 1.18 0.77
C THR D 8 -16.25 1.71 2.17
N VAL D 9 -15.52 2.83 2.20
CA VAL D 9 -15.10 3.44 3.46
C VAL D 9 -16.05 4.57 3.92
N ASP D 10 -15.47 5.71 4.36
CA ASP D 10 -16.21 6.86 4.93
C ASP D 10 -16.10 6.80 6.46
N SER D 11 -15.20 5.96 6.90
CA SER D 11 -14.93 5.73 8.31
C SER D 11 -13.55 5.10 8.51
N ASP D 12 -13.26 4.03 7.76
CA ASP D 12 -11.98 3.31 7.91
C ASP D 12 -10.74 4.11 7.42
N SER D 13 -10.59 5.36 7.88
CA SER D 13 -9.42 6.20 7.53
C SER D 13 -9.21 6.43 6.02
N TYR D 14 -10.10 5.93 5.17
CA TYR D 14 -9.95 6.14 3.72
C TYR D 14 -9.92 7.62 3.36
N GLN D 15 -10.98 8.33 3.75
CA GLN D 15 -11.14 9.76 3.40
C GLN D 15 -9.90 10.59 3.67
N LEU D 16 -9.16 10.30 4.74
CA LEU D 16 -7.95 11.08 5.04
C LEU D 16 -6.99 11.12 3.83
N LEU D 17 -6.82 9.96 3.20
CA LEU D 17 -5.93 9.88 2.02
C LEU D 17 -6.48 10.70 0.85
N LYS D 18 -7.70 10.41 0.47
CA LYS D 18 -8.36 11.10 -0.62
C LYS D 18 -8.62 12.55 -0.27
N ALA D 19 -8.72 12.81 1.03
CA ALA D 19 -8.95 14.15 1.55
C ALA D 19 -7.88 15.11 1.00
N TYR D 20 -6.73 14.53 0.65
CA TYR D 20 -5.64 15.29 0.08
C TYR D 20 -5.81 15.34 -1.43
N ASP D 21 -6.02 14.14 -2.04
CA ASP D 21 -6.24 13.96 -3.49
C ASP D 21 -5.37 12.85 -4.06
N VAL D 22 -5.49 11.67 -3.46
CA VAL D 22 -4.72 10.51 -3.88
C VAL D 22 -5.53 9.23 -3.78
N ASN D 23 -6.35 9.10 -2.72
CA ASN D 23 -7.14 7.91 -2.55
C ASN D 23 -6.19 6.73 -2.42
N ILE D 24 -6.31 5.76 -3.31
CA ILE D 24 -5.43 4.60 -3.24
C ILE D 24 -4.99 4.08 -4.60
N SER D 25 -5.35 4.79 -5.68
CA SER D 25 -5.01 4.34 -7.03
C SER D 25 -3.59 3.74 -7.06
N GLY D 26 -2.59 4.58 -6.77
CA GLY D 26 -1.21 4.13 -6.71
C GLY D 26 -0.83 3.60 -5.35
N LEU D 27 -1.49 4.12 -4.30
CA LEU D 27 -1.24 3.70 -2.94
C LEU D 27 -1.54 2.21 -2.76
N VAL D 28 -2.82 1.84 -2.97
CA VAL D 28 -3.24 0.46 -2.85
C VAL D 28 -2.30 -0.42 -3.67
N SER D 29 -2.23 -0.17 -4.97
CA SER D 29 -1.36 -0.92 -5.86
C SER D 29 0.08 -1.01 -5.34
N THR D 30 0.59 0.06 -4.73
CA THR D 30 1.94 0.05 -4.18
C THR D 30 1.96 -0.81 -2.94
N THR D 31 1.08 -0.46 -2.00
CA THR D 31 0.96 -1.22 -0.77
C THR D 31 0.69 -2.68 -1.06
N MET D 32 -0.17 -2.91 -2.05
CA MET D 32 -0.55 -4.23 -2.48
C MET D 32 0.65 -5.09 -2.83
N GLN D 33 1.50 -4.62 -3.74
CA GLN D 33 2.70 -5.38 -4.13
C GLN D 33 3.58 -5.67 -2.91
N ASN D 34 3.68 -4.69 -2.00
CA ASN D 34 4.47 -4.88 -0.79
C ASN D 34 3.79 -5.90 0.12
N GLU D 35 2.51 -5.66 0.41
CA GLU D 35 1.73 -6.57 1.23
C GLU D 35 1.57 -7.91 0.50
N ALA D 36 1.57 -7.87 -0.83
CA ALA D 36 1.46 -9.07 -1.65
C ALA D 36 2.67 -9.96 -1.46
N ARG D 37 3.86 -9.37 -1.52
CA ARG D 37 5.08 -10.13 -1.33
C ARG D 37 5.25 -10.49 0.13
N ARG D 38 5.12 -9.47 0.96
CA ARG D 38 5.31 -9.60 2.38
C ARG D 38 4.17 -10.37 3.09
N LEU D 39 3.01 -10.52 2.43
CA LEU D 39 1.85 -11.23 3.01
C LEU D 39 2.29 -12.24 4.08
N ARG D 40 1.91 -11.96 5.33
CA ARG D 40 2.26 -12.80 6.48
C ARG D 40 3.62 -12.39 7.08
N ALA D 41 3.56 -11.54 8.11
CA ALA D 41 4.76 -11.05 8.80
C ALA D 41 5.58 -10.09 7.93
N GLU D 42 5.91 -8.93 8.49
CA GLU D 42 6.69 -7.92 7.79
C GLU D 42 8.19 -8.24 7.83
N ARG D 43 8.87 -8.08 6.69
CA ARG D 43 10.31 -8.34 6.60
C ARG D 43 10.80 -8.23 5.15
N TRP D 44 12.01 -8.77 4.90
CA TRP D 44 12.62 -8.76 3.56
C TRP D 44 13.33 -7.44 3.26
N LYS D 45 14.56 -7.54 2.78
CA LYS D 45 15.36 -6.36 2.44
C LYS D 45 15.37 -6.13 0.92
N VAL D 46 15.26 -4.87 0.52
CA VAL D 46 15.27 -4.48 -0.90
C VAL D 46 15.06 -2.96 -1.04
N GLU D 47 15.83 -2.20 -0.27
CA GLU D 47 15.74 -0.73 -0.28
C GLU D 47 16.30 -0.13 -1.58
N ASN D 48 15.70 -0.51 -2.71
CA ASN D 48 16.11 -0.02 -4.02
C ASN D 48 14.91 0.15 -4.95
N GLN D 49 14.52 1.39 -5.19
CA GLN D 49 13.39 1.69 -6.07
C GLN D 49 13.47 3.13 -6.59
N GLU D 50 14.62 3.46 -7.18
CA GLU D 50 14.84 4.80 -7.73
C GLU D 50 14.30 4.92 -9.15
N GLY D 51 13.24 5.73 -9.31
CA GLY D 51 12.64 5.93 -10.62
C GLY D 51 11.73 7.14 -10.67
N MET D 52 11.90 7.99 -11.67
CA MET D 52 11.07 9.19 -11.82
C MET D 52 10.39 9.25 -13.19
N VAL D 53 9.14 9.69 -13.19
CA VAL D 53 8.36 9.81 -14.42
C VAL D 53 7.00 10.47 -14.15
N GLU D 54 6.63 11.43 -14.99
CA GLU D 54 5.35 12.13 -14.83
C GLU D 54 4.88 12.78 -16.13
N VAL D 55 3.65 13.29 -16.12
CA VAL D 55 3.07 13.94 -17.30
C VAL D 55 2.95 15.46 -17.11
N ALA D 56 2.08 15.87 -16.19
CA ALA D 56 1.87 17.30 -15.91
C ALA D 56 1.17 18.01 -17.07
N ARG D 57 -0.13 17.75 -17.23
CA ARG D 57 -0.91 18.38 -18.29
C ARG D 57 -1.72 19.56 -17.75
N PHE D 58 -2.19 19.44 -16.50
CA PHE D 58 -2.97 20.51 -15.87
C PHE D 58 -2.07 21.42 -15.05
N ILE D 59 -2.05 22.71 -15.39
CA ILE D 59 -1.21 23.67 -14.68
C ILE D 59 -1.99 24.94 -14.33
N GLU D 60 -2.91 24.81 -13.38
CA GLU D 60 -3.73 25.95 -12.94
C GLU D 60 -3.40 26.30 -11.48
N MET D 61 -3.74 27.52 -11.07
CA MET D 61 -3.50 27.97 -9.70
C MET D 61 -4.50 27.34 -8.73
N ASN D 62 -4.49 26.00 -8.64
CA ASN D 62 -5.40 25.29 -7.75
C ASN D 62 -4.64 24.69 -6.56
N GLY D 63 -3.83 23.66 -6.81
CA GLY D 63 -3.05 23.01 -5.75
C GLY D 63 -3.84 22.89 -4.46
N SER D 64 -3.36 23.61 -3.43
CA SER D 64 -4.04 23.61 -2.14
C SER D 64 -4.13 22.20 -1.54
N PHE D 65 -5.20 21.93 -0.78
CA PHE D 65 -5.41 20.62 -0.15
C PHE D 65 -4.32 20.31 0.89
N ALA D 66 -3.15 19.86 0.42
CA ALA D 66 -2.02 19.53 1.29
C ALA D 66 -0.89 18.87 0.51
N ASP D 67 -1.14 17.64 0.11
CA ASP D 67 -0.17 16.84 -0.65
C ASP D 67 0.16 17.53 -1.99
N GLU D 68 -0.85 18.18 -2.59
CA GLU D 68 -0.68 18.89 -3.85
C GLU D 68 -0.51 17.92 -5.04
N ASN D 69 0.74 17.67 -5.45
CA ASN D 69 1.01 16.76 -6.58
C ASN D 69 0.42 17.30 -7.89
N LYS D 70 0.42 16.48 -8.94
CA LYS D 70 -0.12 16.88 -10.24
C LYS D 70 -0.94 15.76 -10.89
N ASP D 71 -1.25 15.91 -12.18
CA ASP D 71 -2.04 14.93 -12.92
C ASP D 71 -1.15 13.94 -13.72
N TRP D 72 -1.12 12.69 -13.26
CA TRP D 72 -0.35 11.61 -13.90
C TRP D 72 -0.24 10.39 -12.99
N MET C 1 -23.92 6.18 4.27
CA MET C 1 -22.88 5.46 5.06
C MET C 1 -22.00 4.59 4.15
N LYS C 2 -20.71 4.55 4.47
CA LYS C 2 -19.73 3.79 3.69
C LYS C 2 -19.50 4.42 2.32
N GLN C 3 -18.29 4.96 2.12
CA GLN C 3 -17.93 5.60 0.86
C GLN C 3 -17.22 4.64 -0.06
N ARG C 4 -17.79 4.45 -1.23
CA ARG C 4 -17.20 3.52 -2.18
C ARG C 4 -16.01 4.12 -2.88
N ILE C 5 -14.83 3.70 -2.44
CA ILE C 5 -13.58 4.11 -3.04
C ILE C 5 -13.14 2.99 -3.94
N THR C 6 -13.16 3.22 -5.22
CA THR C 6 -12.82 2.17 -6.16
C THR C 6 -11.56 2.51 -6.97
N VAL C 7 -10.54 1.66 -6.85
CA VAL C 7 -9.29 1.80 -7.61
C VAL C 7 -9.37 0.81 -8.77
N THR C 8 -9.64 1.32 -9.96
CA THR C 8 -9.77 0.45 -11.13
C THR C 8 -8.40 -0.16 -11.48
N VAL C 9 -8.05 -1.20 -10.74
CA VAL C 9 -6.78 -1.91 -10.91
C VAL C 9 -6.81 -2.82 -12.15
N ASP C 10 -6.12 -3.98 -12.08
CA ASP C 10 -5.99 -4.92 -13.20
C ASP C 10 -4.76 -4.56 -14.03
N SER C 11 -4.23 -3.36 -13.74
CA SER C 11 -3.03 -2.87 -14.38
C SER C 11 -1.95 -2.65 -13.32
N ASP C 12 -2.22 -1.72 -12.38
CA ASP C 12 -1.27 -1.38 -11.33
C ASP C 12 -0.66 -2.62 -10.61
N SER C 13 -1.26 -3.10 -9.51
CA SER C 13 -0.71 -4.25 -8.77
C SER C 13 -1.64 -4.66 -7.60
N TYR C 14 -2.95 -4.64 -7.87
CA TYR C 14 -3.96 -5.00 -6.85
C TYR C 14 -4.12 -6.51 -6.66
N GLN C 15 -4.11 -7.25 -7.77
CA GLN C 15 -4.31 -8.70 -7.76
C GLN C 15 -3.44 -9.42 -6.71
N LEU C 16 -2.16 -9.09 -6.65
CA LEU C 16 -1.24 -9.71 -5.68
C LEU C 16 -1.82 -9.73 -4.26
N LEU C 17 -2.57 -8.69 -3.94
CA LEU C 17 -3.21 -8.58 -2.64
C LEU C 17 -4.43 -9.49 -2.54
N LYS C 18 -5.38 -9.24 -3.41
CA LYS C 18 -6.61 -10.00 -3.45
C LYS C 18 -6.30 -11.46 -3.72
N ALA C 19 -5.16 -11.69 -4.36
CA ALA C 19 -4.72 -13.02 -4.66
C ALA C 19 -4.56 -13.83 -3.38
N TYR C 20 -4.22 -13.15 -2.27
CA TYR C 20 -4.05 -13.82 -1.00
C TYR C 20 -5.33 -13.77 -0.16
N ASP C 21 -6.15 -12.73 -0.37
CA ASP C 21 -7.46 -12.55 0.30
C ASP C 21 -7.50 -11.24 1.07
N VAL C 22 -7.29 -10.16 0.35
CA VAL C 22 -7.24 -8.86 0.97
C VAL C 22 -7.71 -7.75 0.02
N ASN C 23 -9.02 -7.64 -0.16
CA ASN C 23 -9.57 -6.60 -1.03
C ASN C 23 -9.49 -5.21 -0.40
N ILE C 24 -8.28 -4.87 0.04
CA ILE C 24 -7.90 -3.62 0.65
C ILE C 24 -8.85 -2.97 1.65
N SER C 25 -10.02 -3.53 1.90
CA SER C 25 -10.96 -2.92 2.83
C SER C 25 -10.22 -2.32 4.03
N GLY C 26 -9.54 -3.16 4.80
CA GLY C 26 -8.76 -2.69 5.93
C GLY C 26 -7.36 -2.26 5.52
N LEU C 27 -6.79 -2.95 4.53
CA LEU C 27 -5.46 -2.63 4.01
C LEU C 27 -5.38 -1.16 3.61
N VAL C 28 -6.22 -0.79 2.64
CA VAL C 28 -6.27 0.59 2.16
C VAL C 28 -6.42 1.56 3.32
N SER C 29 -7.58 1.51 3.97
CA SER C 29 -7.90 2.38 5.09
C SER C 29 -6.80 2.38 6.17
N THR C 30 -6.23 1.23 6.49
CA THR C 30 -5.16 1.16 7.49
C THR C 30 -3.93 1.81 6.91
N THR C 31 -3.56 1.37 5.70
CA THR C 31 -2.41 1.94 5.03
C THR C 31 -2.59 3.45 4.89
N MET C 32 -3.83 3.86 4.61
CA MET C 32 -4.16 5.27 4.48
C MET C 32 -3.89 6.01 5.78
N GLN C 33 -4.47 5.56 6.89
CA GLN C 33 -4.26 6.22 8.18
C GLN C 33 -2.77 6.46 8.44
N ASN C 34 -1.94 5.48 8.10
CA ASN C 34 -0.50 5.60 8.29
C ASN C 34 0.05 6.73 7.42
N GLU C 35 -0.18 6.64 6.12
CA GLU C 35 0.27 7.67 5.18
C GLU C 35 -0.56 8.95 5.34
N ALA C 36 -1.65 8.88 6.10
CA ALA C 36 -2.50 10.04 6.37
C ALA C 36 -1.94 10.78 7.58
N ARG C 37 -1.46 10.00 8.55
CA ARG C 37 -0.86 10.56 9.75
C ARG C 37 0.51 11.10 9.44
N ARG C 38 1.29 10.26 8.79
CA ARG C 38 2.65 10.60 8.43
C ARG C 38 2.69 11.64 7.28
N LEU C 39 1.57 11.76 6.55
CA LEU C 39 1.40 12.70 5.41
C LEU C 39 2.52 13.75 5.33
N ARG C 40 3.24 13.78 4.20
CA ARG C 40 4.32 14.75 4.01
C ARG C 40 4.31 15.36 2.60
N ALA C 41 4.59 14.53 1.58
CA ALA C 41 4.63 14.98 0.18
C ALA C 41 6.04 15.38 -0.24
N GLU C 42 6.57 14.69 -1.25
CA GLU C 42 7.90 14.97 -1.76
C GLU C 42 7.95 14.88 -3.29
N ARG C 43 7.87 13.65 -3.84
CA ARG C 43 7.90 13.43 -5.29
C ARG C 43 7.86 11.93 -5.62
N TRP C 44 6.72 11.46 -6.12
CA TRP C 44 6.55 10.04 -6.47
C TRP C 44 6.31 9.86 -7.97
N LYS C 45 6.96 8.84 -8.54
CA LYS C 45 6.82 8.54 -9.97
C LYS C 45 5.79 7.43 -10.23
N VAL C 46 5.17 7.45 -11.41
CA VAL C 46 4.19 6.44 -11.78
C VAL C 46 4.74 5.50 -12.86
N GLU C 47 4.20 4.27 -12.91
CA GLU C 47 4.62 3.24 -13.85
C GLU C 47 5.73 2.37 -13.27
N ASN C 48 5.81 1.12 -13.75
CA ASN C 48 6.83 0.17 -13.26
C ASN C 48 7.69 -0.36 -14.40
N GLN C 49 8.98 -0.55 -14.13
CA GLN C 49 9.93 -1.05 -15.14
C GLN C 49 10.60 -2.37 -14.71
N GLU C 50 10.24 -2.89 -13.54
CA GLU C 50 10.81 -4.15 -13.04
C GLU C 50 9.72 -5.21 -12.84
N GLY C 51 10.09 -6.47 -13.02
CA GLY C 51 9.14 -7.56 -12.86
C GLY C 51 9.76 -8.83 -12.28
N MET C 52 10.58 -8.67 -11.24
CA MET C 52 11.24 -9.81 -10.61
C MET C 52 10.19 -10.74 -9.96
N VAL C 53 10.12 -11.96 -10.46
CA VAL C 53 9.17 -12.95 -9.93
C VAL C 53 9.89 -14.28 -9.64
N GLU C 54 11.06 -14.19 -9.03
CA GLU C 54 11.85 -15.37 -8.69
C GLU C 54 12.75 -15.12 -7.48
N VAL C 55 12.97 -16.16 -6.70
CA VAL C 55 13.82 -16.08 -5.50
C VAL C 55 14.14 -17.47 -4.96
N ALA C 56 14.63 -18.34 -5.85
CA ALA C 56 14.99 -19.71 -5.49
C ALA C 56 16.26 -19.75 -4.63
N ARG C 57 16.15 -19.21 -3.42
CA ARG C 57 17.29 -19.17 -2.48
C ARG C 57 16.84 -19.52 -1.06
N PHE C 58 17.79 -19.53 -0.13
CA PHE C 58 17.50 -19.84 1.27
C PHE C 58 16.97 -18.61 2.02
N ILE C 59 17.89 -17.69 2.37
CA ILE C 59 17.56 -16.45 3.07
C ILE C 59 16.30 -16.58 3.96
N GLU C 60 16.42 -17.30 5.07
CA GLU C 60 15.30 -17.50 5.97
C GLU C 60 14.65 -16.18 6.33
N MET C 61 13.33 -16.13 6.19
CA MET C 61 12.54 -14.93 6.48
C MET C 61 11.08 -15.12 6.07
N ASN C 62 10.87 -15.88 4.99
CA ASN C 62 9.53 -16.16 4.47
C ASN C 62 8.98 -14.96 3.69
N GLY C 63 7.70 -15.01 3.34
CA GLY C 63 7.09 -13.93 2.59
C GLY C 63 6.84 -14.30 1.13
N SER C 64 6.05 -15.35 0.92
CA SER C 64 5.72 -15.84 -0.42
C SER C 64 4.92 -17.14 -0.34
N PHE C 65 3.75 -17.08 0.31
CA PHE C 65 2.89 -18.26 0.47
C PHE C 65 1.48 -17.87 0.93
N ALA C 66 0.85 -16.95 0.22
CA ALA C 66 -0.51 -16.50 0.54
C ALA C 66 -1.30 -16.15 -0.72
N ASP C 67 -0.77 -15.20 -1.47
CA ASP C 67 -1.39 -14.76 -2.73
C ASP C 67 -0.89 -15.65 -3.87
N GLU C 68 0.37 -16.09 -3.76
CA GLU C 68 1.01 -16.96 -4.75
C GLU C 68 1.99 -17.91 -4.07
N ASN C 69 2.28 -19.04 -4.71
CA ASN C 69 3.22 -20.03 -4.17
C ASN C 69 4.66 -19.68 -4.52
N LYS C 70 5.58 -20.06 -3.64
CA LYS C 70 7.02 -19.79 -3.85
C LYS C 70 7.60 -20.69 -4.94
N ASP C 71 7.02 -20.64 -6.13
CA ASP C 71 7.50 -21.46 -7.25
C ASP C 71 8.27 -20.61 -8.25
N TRP C 72 9.59 -20.74 -8.24
CA TRP C 72 10.48 -19.99 -9.13
C TRP C 72 11.80 -20.74 -9.33
N MET D 1 -11.32 -2.80 -20.31
CA MET D 1 -11.91 -3.02 -18.96
C MET D 1 -10.82 -3.30 -17.92
N LYS D 2 -10.82 -2.51 -16.85
CA LYS D 2 -9.85 -2.69 -15.77
C LYS D 2 -10.52 -3.41 -14.60
N GLN D 3 -9.84 -3.50 -13.46
CA GLN D 3 -10.42 -4.16 -12.29
C GLN D 3 -10.86 -3.15 -11.25
N ARG D 4 -12.14 -2.86 -11.22
CA ARG D 4 -12.66 -1.92 -10.27
C ARG D 4 -12.81 -2.57 -8.90
N ILE D 5 -11.83 -2.31 -8.05
CA ILE D 5 -11.86 -2.80 -6.69
C ILE D 5 -12.21 -1.63 -5.81
N THR D 6 -13.18 -1.81 -4.96
CA THR D 6 -13.61 -0.72 -4.14
C THR D 6 -13.72 -1.07 -2.67
N VAL D 7 -13.04 -0.28 -1.84
CA VAL D 7 -13.12 -0.42 -0.39
C VAL D 7 -14.07 0.66 0.10
N THR D 8 -15.31 0.31 0.33
CA THR D 8 -16.28 1.30 0.78
C THR D 8 -15.91 1.78 2.18
N VAL D 9 -15.20 2.90 2.24
CA VAL D 9 -14.74 3.47 3.51
C VAL D 9 -15.81 4.36 4.15
N ASP D 10 -15.47 5.60 4.55
CA ASP D 10 -16.40 6.49 5.24
C ASP D 10 -16.40 6.14 6.75
N SER D 11 -15.79 4.99 7.07
CA SER D 11 -15.65 4.52 8.43
C SER D 11 -14.17 4.25 8.69
N ASP D 12 -13.59 3.31 7.93
CA ASP D 12 -12.18 2.90 8.08
C ASP D 12 -11.22 4.10 8.25
N SER D 13 -10.60 4.60 7.15
CA SER D 13 -9.66 5.74 7.24
C SER D 13 -9.08 6.10 5.84
N TYR D 14 -9.98 6.08 4.85
CA TYR D 14 -9.65 6.37 3.44
C TYR D 14 -9.64 7.87 3.10
N GLN D 15 -10.66 8.59 3.57
CA GLN D 15 -10.81 10.00 3.22
C GLN D 15 -9.53 10.83 3.38
N LEU D 16 -8.74 10.60 4.44
CA LEU D 16 -7.51 11.39 4.64
C LEU D 16 -6.55 11.26 3.43
N LEU D 17 -6.25 10.01 3.06
CA LEU D 17 -5.34 9.75 1.92
C LEU D 17 -5.72 10.58 0.68
N LYS D 18 -6.99 10.51 0.33
CA LYS D 18 -7.52 11.26 -0.81
C LYS D 18 -7.68 12.73 -0.46
N ALA D 19 -7.93 12.97 0.82
CA ALA D 19 -8.09 14.32 1.36
C ALA D 19 -6.80 15.10 1.21
N TYR D 20 -5.68 14.38 1.21
CA TYR D 20 -4.40 15.04 1.06
C TYR D 20 -4.06 15.16 -0.42
N ASP D 21 -4.31 14.09 -1.22
CA ASP D 21 -4.07 14.14 -2.69
C ASP D 21 -3.84 12.76 -3.31
N VAL D 22 -4.17 11.68 -2.61
CA VAL D 22 -3.92 10.35 -3.12
C VAL D 22 -4.88 9.33 -2.52
N ASN D 23 -6.01 9.11 -3.16
CA ASN D 23 -6.94 8.11 -2.65
C ASN D 23 -6.19 6.79 -2.56
N ILE D 24 -6.20 6.02 -3.64
CA ILE D 24 -5.47 4.75 -3.63
C ILE D 24 -5.01 4.23 -4.98
N SER D 25 -5.30 4.95 -6.07
CA SER D 25 -4.88 4.45 -7.39
C SER D 25 -3.48 3.83 -7.29
N GLY D 26 -2.48 4.66 -6.93
CA GLY D 26 -1.12 4.17 -6.77
C GLY D 26 -0.87 3.62 -5.37
N LEU D 27 -1.59 4.16 -4.37
CA LEU D 27 -1.45 3.70 -2.99
C LEU D 27 -1.78 2.22 -2.90
N VAL D 28 -3.01 1.86 -3.25
CA VAL D 28 -3.45 0.48 -3.21
C VAL D 28 -2.46 -0.39 -3.96
N SER D 29 -2.35 -0.19 -5.26
CA SER D 29 -1.46 -0.95 -6.12
C SER D 29 -0.03 -1.10 -5.58
N THR D 30 0.57 -0.02 -5.08
CA THR D 30 1.92 -0.12 -4.53
C THR D 30 1.86 -0.85 -3.21
N THR D 31 0.91 -0.44 -2.38
CA THR D 31 0.72 -1.07 -1.08
C THR D 31 0.37 -2.54 -1.27
N MET D 32 -0.41 -2.84 -2.31
CA MET D 32 -0.82 -4.19 -2.63
C MET D 32 0.37 -5.07 -2.91
N GLN D 33 1.17 -4.68 -3.90
CA GLN D 33 2.34 -5.45 -4.27
C GLN D 33 3.31 -5.62 -3.10
N ASN D 34 3.44 -4.60 -2.27
CA ASN D 34 4.35 -4.69 -1.12
C ASN D 34 3.76 -5.58 -0.04
N GLU D 35 2.49 -5.33 0.30
CA GLU D 35 1.80 -6.15 1.29
C GLU D 35 1.52 -7.54 0.69
N ALA D 36 1.54 -7.62 -0.64
CA ALA D 36 1.30 -8.86 -1.35
C ALA D 36 2.58 -9.69 -1.56
N ARG D 37 3.63 -9.08 -2.14
CA ARG D 37 4.87 -9.81 -2.39
C ARG D 37 5.41 -10.37 -1.10
N ARG D 38 5.61 -9.48 -0.16
CA ARG D 38 6.11 -9.89 1.13
C ARG D 38 5.01 -10.63 1.91
N LEU D 39 3.76 -10.16 1.72
CA LEU D 39 2.59 -10.75 2.38
C LEU D 39 2.89 -11.07 3.84
N ARG D 40 3.05 -9.98 4.62
CA ARG D 40 3.36 -10.02 6.06
C ARG D 40 4.69 -9.29 6.33
N ALA D 41 4.64 -7.96 6.36
CA ALA D 41 5.84 -7.14 6.59
C ALA D 41 5.47 -5.74 7.10
N GLU D 42 6.43 -5.08 7.73
CA GLU D 42 6.22 -3.73 8.28
C GLU D 42 6.64 -2.65 7.28
N ARG D 43 7.95 -2.53 7.04
CA ARG D 43 8.48 -1.54 6.10
C ARG D 43 9.66 -2.10 5.30
N TRP D 44 9.59 -1.97 3.97
CA TRP D 44 10.64 -2.46 3.08
C TRP D 44 10.51 -1.80 1.70
N LYS D 45 11.63 -1.65 0.99
CA LYS D 45 11.61 -1.02 -0.33
C LYS D 45 12.30 -1.86 -1.40
N VAL D 46 13.62 -1.66 -1.57
CA VAL D 46 14.40 -2.40 -2.57
C VAL D 46 13.90 -2.14 -3.99
N GLU D 47 14.03 -0.89 -4.44
CA GLU D 47 13.58 -0.50 -5.78
C GLU D 47 14.71 -0.59 -6.80
N ASN D 48 15.96 -0.45 -6.33
CA ASN D 48 17.15 -0.51 -7.19
C ASN D 48 17.36 0.81 -7.94
N GLN D 49 18.43 0.87 -8.75
CA GLN D 49 18.74 2.06 -9.53
C GLN D 49 18.40 1.85 -11.00
N GLU D 50 17.45 2.64 -11.51
CA GLU D 50 17.04 2.54 -12.91
C GLU D 50 17.96 3.35 -13.82
N GLY D 51 18.08 4.65 -13.55
CA GLY D 51 18.94 5.51 -14.35
C GLY D 51 18.98 6.94 -13.84
N MET D 52 18.94 7.90 -14.77
CA MET D 52 18.97 9.32 -14.41
C MET D 52 17.56 9.86 -14.18
N VAL D 53 17.45 10.99 -13.49
CA VAL D 53 16.16 11.59 -13.21
C VAL D 53 15.53 12.17 -14.49
N GLU D 54 14.29 11.73 -14.78
CA GLU D 54 13.57 12.18 -15.97
C GLU D 54 12.80 13.47 -15.70
N VAL D 55 11.84 13.39 -14.79
CA VAL D 55 10.98 14.51 -14.43
C VAL D 55 9.91 14.77 -15.49
N ALA D 56 8.75 14.15 -15.28
CA ALA D 56 7.63 14.28 -16.20
C ALA D 56 6.30 13.93 -15.52
N ARG D 57 5.29 14.75 -15.77
CA ARG D 57 3.96 14.55 -15.19
C ARG D 57 3.19 13.46 -15.96
N PHE D 58 2.25 12.81 -15.27
CA PHE D 58 1.44 11.76 -15.89
C PHE D 58 -0.01 11.83 -15.41
N ILE D 59 -0.90 11.17 -16.17
CA ILE D 59 -2.33 11.14 -15.85
C ILE D 59 -3.02 12.45 -16.23
N GLU D 60 -4.19 12.34 -16.85
CA GLU D 60 -4.96 13.51 -17.28
C GLU D 60 -5.93 13.97 -16.19
N MET D 61 -6.38 13.02 -15.35
CA MET D 61 -7.31 13.32 -14.26
C MET D 61 -6.82 14.47 -13.38
N ASN D 62 -5.58 14.35 -12.88
CA ASN D 62 -4.98 15.39 -12.04
C ASN D 62 -3.54 15.05 -11.65
N GLY D 63 -3.36 13.92 -10.95
CA GLY D 63 -2.03 13.51 -10.52
C GLY D 63 -1.91 13.39 -9.01
N SER D 64 -1.83 12.17 -8.51
CA SER D 64 -1.72 11.93 -7.06
C SER D 64 -0.26 11.88 -6.61
N PHE D 65 0.42 13.02 -6.67
CA PHE D 65 1.82 13.11 -6.27
C PHE D 65 2.01 14.17 -5.17
N ALA D 66 1.38 13.93 -4.02
CA ALA D 66 1.46 14.86 -2.90
C ALA D 66 1.67 14.14 -1.57
N ASP D 67 2.57 13.17 -1.57
CA ASP D 67 2.88 12.41 -0.35
C ASP D 67 4.08 11.48 -0.55
N GLU D 68 3.88 10.38 -1.27
CA GLU D 68 4.95 9.41 -1.53
C GLU D 68 6.16 10.07 -2.22
N ASN D 69 7.33 9.45 -2.06
CA ASN D 69 8.57 9.96 -2.66
C ASN D 69 9.38 8.84 -3.32
N LYS D 70 10.01 9.15 -4.44
CA LYS D 70 10.82 8.16 -5.15
C LYS D 70 11.66 8.79 -6.27
N ASP D 71 11.07 9.66 -7.09
CA ASP D 71 11.80 10.28 -8.20
C ASP D 71 11.15 11.60 -8.66
N TRP D 72 10.24 11.52 -9.64
CA TRP D 72 9.57 12.70 -10.17
C TRP D 72 8.05 12.56 -10.11
N MET C 1 -22.95 6.28 5.99
CA MET C 1 -23.45 6.38 4.58
C MET C 1 -22.64 5.50 3.62
N LYS C 2 -21.39 5.18 3.98
CA LYS C 2 -20.50 4.37 3.15
C LYS C 2 -19.97 5.18 1.97
N GLN C 3 -18.65 5.32 1.89
CA GLN C 3 -18.04 6.05 0.79
C GLN C 3 -17.30 5.10 -0.13
N ARG C 4 -17.85 4.90 -1.32
CA ARG C 4 -17.23 3.98 -2.24
C ARG C 4 -16.05 4.63 -2.96
N ILE C 5 -14.88 4.13 -2.61
CA ILE C 5 -13.63 4.53 -3.20
C ILE C 5 -13.22 3.39 -4.11
N THR C 6 -12.86 3.67 -5.34
CA THR C 6 -12.52 2.57 -6.21
C THR C 6 -11.19 2.76 -6.96
N VAL C 7 -10.33 1.73 -6.91
CA VAL C 7 -9.05 1.69 -7.62
C VAL C 7 -9.23 0.87 -8.89
N THR C 8 -9.45 1.53 -10.02
CA THR C 8 -9.64 0.81 -11.27
C THR C 8 -8.30 0.18 -11.71
N VAL C 9 -7.86 -0.78 -10.91
CA VAL C 9 -6.61 -1.49 -11.13
C VAL C 9 -6.85 -2.72 -12.04
N ASP C 10 -6.34 -3.93 -11.69
CA ASP C 10 -6.49 -5.17 -12.52
C ASP C 10 -5.14 -5.64 -13.04
N SER C 11 -4.12 -5.24 -12.34
CA SER C 11 -2.75 -5.61 -12.66
C SER C 11 -1.71 -4.91 -11.80
N ASP C 12 -2.00 -3.70 -11.29
CA ASP C 12 -1.00 -2.99 -10.52
C ASP C 12 -0.92 -3.50 -9.07
N SER C 13 -0.42 -4.73 -8.93
CA SER C 13 -0.23 -5.39 -7.61
C SER C 13 -1.50 -5.53 -6.75
N TYR C 14 -2.61 -4.85 -7.10
CA TYR C 14 -3.83 -4.99 -6.31
C TYR C 14 -4.25 -6.45 -6.22
N GLN C 15 -4.37 -7.08 -7.40
CA GLN C 15 -4.80 -8.48 -7.48
C GLN C 15 -4.01 -9.39 -6.54
N LEU C 16 -2.69 -9.21 -6.43
CA LEU C 16 -1.87 -10.05 -5.54
C LEU C 16 -2.41 -10.05 -4.12
N LEU C 17 -2.54 -8.86 -3.54
CA LEU C 17 -3.03 -8.73 -2.15
C LEU C 17 -4.29 -9.56 -1.93
N LYS C 18 -5.22 -9.43 -2.86
CA LYS C 18 -6.49 -10.16 -2.80
C LYS C 18 -6.31 -11.59 -3.28
N ALA C 19 -5.37 -11.77 -4.19
CA ALA C 19 -5.06 -13.08 -4.74
C ALA C 19 -4.57 -14.00 -3.63
N TYR C 20 -4.00 -13.40 -2.58
CA TYR C 20 -3.52 -14.18 -1.46
C TYR C 20 -4.67 -14.36 -0.45
N ASP C 21 -5.44 -13.29 -0.15
CA ASP C 21 -6.62 -13.40 0.75
C ASP C 21 -6.98 -12.08 1.45
N VAL C 22 -6.59 -10.95 0.87
CA VAL C 22 -6.85 -9.64 1.45
C VAL C 22 -6.81 -8.56 0.40
N ASN C 23 -7.95 -8.29 -0.21
CA ASN C 23 -8.01 -7.26 -1.24
C ASN C 23 -7.52 -5.93 -0.63
N ILE C 24 -8.44 -5.14 -0.10
CA ILE C 24 -8.03 -3.87 0.49
C ILE C 24 -8.91 -3.39 1.63
N SER C 25 -9.99 -4.13 1.97
CA SER C 25 -10.89 -3.66 3.03
C SER C 25 -10.09 -3.05 4.20
N GLY C 26 -9.29 -3.88 4.86
CA GLY C 26 -8.46 -3.40 5.95
C GLY C 26 -7.17 -2.80 5.44
N LEU C 27 -6.74 -3.23 4.25
CA LEU C 27 -5.52 -2.77 3.64
C LEU C 27 -5.61 -1.27 3.31
N VAL C 28 -6.55 -0.89 2.44
CA VAL C 28 -6.72 0.52 2.07
C VAL C 28 -6.88 1.39 3.32
N SER C 29 -7.94 1.16 4.07
CA SER C 29 -8.23 1.91 5.28
C SER C 29 -7.02 2.04 6.19
N THR C 30 -6.23 0.96 6.33
CA THR C 30 -5.04 1.03 7.17
C THR C 30 -3.96 1.80 6.42
N THR C 31 -3.78 1.47 5.14
CA THR C 31 -2.78 2.17 4.33
C THR C 31 -3.06 3.65 4.29
N MET C 32 -4.32 4.00 4.10
CA MET C 32 -4.74 5.38 4.05
C MET C 32 -4.37 6.11 5.33
N GLN C 33 -4.83 5.62 6.48
CA GLN C 33 -4.53 6.26 7.76
C GLN C 33 -3.02 6.35 8.01
N ASN C 34 -2.26 5.31 7.67
CA ASN C 34 -0.81 5.34 7.87
C ASN C 34 -0.16 6.43 7.04
N GLU C 35 -0.36 6.39 5.73
CA GLU C 35 0.20 7.41 4.84
C GLU C 35 -0.53 8.75 5.03
N ALA C 36 -1.70 8.71 5.69
CA ALA C 36 -2.47 9.92 5.97
C ALA C 36 -2.02 10.56 7.27
N ARG C 37 -1.52 9.74 8.19
CA ARG C 37 -1.02 10.22 9.47
C ARG C 37 0.36 10.77 9.29
N ARG C 38 1.19 9.96 8.64
CA ARG C 38 2.57 10.30 8.41
C ARG C 38 2.74 11.30 7.25
N LEU C 39 2.00 11.07 6.14
CA LEU C 39 2.08 11.91 4.93
C LEU C 39 3.48 12.48 4.69
N ARG C 40 4.50 11.60 4.70
CA ARG C 40 5.90 12.00 4.47
C ARG C 40 6.85 10.80 4.56
N ALA C 41 6.40 9.63 4.11
CA ALA C 41 7.21 8.42 4.14
C ALA C 41 7.46 7.89 2.73
N GLU C 42 7.74 8.80 1.78
CA GLU C 42 8.00 8.45 0.39
C GLU C 42 9.29 7.62 0.24
N ARG C 43 9.34 6.48 0.94
CA ARG C 43 10.50 5.59 0.91
C ARG C 43 10.30 4.40 1.86
N TRP C 44 10.27 3.19 1.30
CA TRP C 44 10.08 1.97 2.12
C TRP C 44 11.40 1.52 2.75
N LYS C 45 12.21 0.77 2.01
CA LYS C 45 13.50 0.29 2.52
C LYS C 45 14.42 -0.17 1.40
N VAL C 46 15.72 -0.21 1.70
CA VAL C 46 16.73 -0.64 0.73
C VAL C 46 17.70 -1.66 1.35
N GLU C 47 17.13 -2.74 1.88
CA GLU C 47 17.91 -3.83 2.50
C GLU C 47 18.67 -3.34 3.73
N ASN C 48 17.97 -3.26 4.87
CA ASN C 48 18.60 -2.82 6.12
C ASN C 48 18.82 -4.00 7.08
N GLN C 49 19.16 -3.69 8.33
CA GLN C 49 19.42 -4.72 9.34
C GLN C 49 18.12 -5.20 10.00
N GLU C 50 17.38 -4.28 10.61
CA GLU C 50 16.13 -4.60 11.30
C GLU C 50 16.38 -5.37 12.61
N GLY C 51 16.00 -4.76 13.73
CA GLY C 51 16.19 -5.40 15.02
C GLY C 51 15.69 -4.56 16.17
N MET C 52 15.37 -5.23 17.29
CA MET C 52 14.86 -4.54 18.49
C MET C 52 13.50 -3.88 18.22
N VAL C 53 12.73 -4.45 17.30
CA VAL C 53 11.41 -3.92 16.97
C VAL C 53 10.32 -4.99 17.12
N GLU C 54 9.94 -5.27 18.37
CA GLU C 54 8.91 -6.28 18.67
C GLU C 54 9.41 -7.69 18.33
N VAL C 55 9.52 -7.98 17.03
CA VAL C 55 9.99 -9.29 16.55
C VAL C 55 9.31 -10.44 17.30
N ALA C 56 7.99 -10.35 17.47
CA ALA C 56 7.23 -11.38 18.17
C ALA C 56 7.58 -12.79 17.68
N ARG C 57 7.41 -13.00 16.37
CA ARG C 57 7.72 -14.30 15.75
C ARG C 57 8.29 -14.08 14.35
N PHE C 58 8.97 -15.11 13.82
CA PHE C 58 9.58 -15.05 12.47
C PHE C 58 10.85 -15.88 12.40
N ILE C 59 11.78 -15.65 13.34
CA ILE C 59 13.06 -16.36 13.37
C ILE C 59 12.87 -17.84 13.72
N GLU C 60 12.26 -18.59 12.80
CA GLU C 60 12.02 -20.02 12.99
C GLU C 60 12.05 -20.77 11.66
N MET C 61 12.29 -22.08 11.71
CA MET C 61 12.33 -22.89 10.50
C MET C 61 10.92 -23.25 10.02
N ASN C 62 10.23 -22.26 9.46
CA ASN C 62 8.87 -22.46 8.95
C ASN C 62 8.73 -21.94 7.52
N GLY C 63 8.20 -22.78 6.63
CA GLY C 63 8.02 -22.38 5.23
C GLY C 63 6.65 -21.79 4.96
N SER C 64 6.55 -21.05 3.85
CA SER C 64 5.28 -20.40 3.44
C SER C 64 4.96 -19.18 4.30
N PHE C 65 4.36 -18.17 3.69
CA PHE C 65 4.00 -16.94 4.40
C PHE C 65 2.85 -16.20 3.72
N ALA C 66 2.01 -15.54 4.52
CA ALA C 66 0.88 -14.78 4.03
C ALA C 66 0.24 -13.98 5.17
N ASP C 67 -1.03 -14.22 5.45
CA ASP C 67 -1.73 -13.53 6.53
C ASP C 67 -2.24 -14.53 7.56
N GLU C 68 -1.98 -14.25 8.84
CA GLU C 68 -2.42 -15.13 9.93
C GLU C 68 -2.67 -14.34 11.21
N ASN C 69 -1.59 -13.82 11.81
CA ASN C 69 -1.70 -13.04 13.03
C ASN C 69 -1.20 -11.61 12.80
N LYS C 70 0.14 -11.44 12.69
CA LYS C 70 0.77 -10.13 12.44
C LYS C 70 2.23 -10.12 12.88
N ASP C 71 2.51 -10.77 14.01
CA ASP C 71 3.86 -10.84 14.57
C ASP C 71 4.40 -9.46 14.96
N TRP C 72 4.88 -8.70 13.97
CA TRP C 72 5.42 -7.37 14.22
C TRP C 72 5.50 -6.56 12.92
N MET D 1 -6.82 -5.51 -17.99
CA MET D 1 -7.74 -4.39 -18.36
C MET D 1 -7.96 -3.44 -17.17
N LYS D 2 -9.22 -3.22 -16.77
CA LYS D 2 -9.52 -2.33 -15.64
C LYS D 2 -10.36 -3.03 -14.58
N GLN D 3 -9.80 -3.12 -13.38
CA GLN D 3 -10.47 -3.75 -12.26
C GLN D 3 -10.83 -2.71 -11.24
N ARG D 4 -12.11 -2.41 -11.15
CA ARG D 4 -12.56 -1.41 -10.22
C ARG D 4 -12.58 -1.99 -8.82
N ILE D 5 -11.59 -1.59 -8.03
CA ILE D 5 -11.48 -2.05 -6.66
C ILE D 5 -12.10 -1.03 -5.76
N THR D 6 -13.24 -1.33 -5.18
CA THR D 6 -13.89 -0.34 -4.37
C THR D 6 -14.03 -0.77 -2.92
N VAL D 7 -13.38 -0.01 -2.02
CA VAL D 7 -13.49 -0.22 -0.59
C VAL D 7 -14.47 0.83 -0.07
N THR D 8 -15.70 0.43 0.20
CA THR D 8 -16.71 1.36 0.66
C THR D 8 -16.39 1.84 2.08
N VAL D 9 -15.58 2.89 2.15
CA VAL D 9 -15.13 3.46 3.42
C VAL D 9 -16.23 4.24 4.16
N ASP D 10 -15.89 5.43 4.71
CA ASP D 10 -16.83 6.26 5.49
C ASP D 10 -16.72 5.91 6.98
N SER D 11 -15.96 4.84 7.25
CA SER D 11 -15.71 4.40 8.63
C SER D 11 -14.23 4.03 8.80
N ASP D 12 -13.72 3.11 7.95
CA ASP D 12 -12.34 2.63 8.04
C ASP D 12 -11.31 3.77 8.28
N SER D 13 -10.69 4.32 7.21
CA SER D 13 -9.69 5.40 7.37
C SER D 13 -9.08 5.79 6.01
N TYR D 14 -9.93 5.77 4.99
CA TYR D 14 -9.57 6.09 3.60
C TYR D 14 -9.56 7.58 3.29
N GLN D 15 -10.59 8.29 3.76
CA GLN D 15 -10.76 9.71 3.44
C GLN D 15 -9.50 10.54 3.62
N LEU D 16 -8.69 10.25 4.63
CA LEU D 16 -7.46 11.02 4.86
C LEU D 16 -6.42 10.88 3.73
N LEU D 17 -5.99 9.66 3.41
CA LEU D 17 -4.94 9.49 2.37
C LEU D 17 -5.28 10.20 1.08
N LYS D 18 -6.54 10.11 0.69
CA LYS D 18 -7.03 10.73 -0.52
C LYS D 18 -7.28 12.21 -0.34
N ALA D 19 -7.61 12.58 0.89
CA ALA D 19 -7.90 13.96 1.24
C ALA D 19 -6.64 14.80 1.08
N TYR D 20 -5.48 14.19 1.30
CA TYR D 20 -4.22 14.89 1.17
C TYR D 20 -3.69 14.83 -0.26
N ASP D 21 -3.79 13.67 -0.94
CA ASP D 21 -3.32 13.58 -2.35
C ASP D 21 -3.29 12.15 -2.93
N VAL D 22 -3.94 11.19 -2.29
CA VAL D 22 -3.90 9.82 -2.77
C VAL D 22 -5.25 9.14 -2.78
N ASN D 23 -6.09 9.48 -3.75
CA ASN D 23 -7.43 8.89 -3.86
C ASN D 23 -7.35 7.40 -4.17
N ILE D 24 -6.65 6.66 -3.30
CA ILE D 24 -6.43 5.21 -3.38
C ILE D 24 -5.90 4.68 -4.71
N SER D 25 -6.18 5.38 -5.82
CA SER D 25 -5.82 4.89 -7.15
C SER D 25 -4.45 4.19 -7.15
N GLY D 26 -3.39 4.92 -6.86
CA GLY D 26 -2.07 4.32 -6.83
C GLY D 26 -1.75 3.71 -5.48
N LEU D 27 -2.46 4.16 -4.45
CA LEU D 27 -2.26 3.66 -3.11
C LEU D 27 -2.51 2.16 -3.08
N VAL D 28 -3.73 1.76 -3.43
CA VAL D 28 -4.04 0.34 -3.48
C VAL D 28 -3.03 -0.39 -4.36
N SER D 29 -3.04 -0.11 -5.65
CA SER D 29 -2.11 -0.74 -6.59
C SER D 29 -0.63 -0.71 -6.13
N THR D 30 -0.11 0.42 -5.67
CA THR D 30 1.29 0.46 -5.23
C THR D 30 1.45 -0.22 -3.88
N THR D 31 0.61 0.18 -2.93
CA THR D 31 0.68 -0.40 -1.60
C THR D 31 0.58 -1.92 -1.67
N MET D 32 -0.35 -2.41 -2.49
CA MET D 32 -0.54 -3.83 -2.67
C MET D 32 0.79 -4.48 -3.03
N GLN D 33 1.53 -3.89 -3.96
CA GLN D 33 2.84 -4.44 -4.36
C GLN D 33 3.74 -4.67 -3.17
N ASN D 34 3.84 -3.67 -2.30
CA ASN D 34 4.67 -3.77 -1.11
C ASN D 34 4.18 -4.90 -0.21
N GLU D 35 2.89 -4.88 0.10
CA GLU D 35 2.31 -5.93 0.92
C GLU D 35 2.08 -7.20 0.11
N ALA D 36 2.26 -7.12 -1.21
CA ALA D 36 2.13 -8.26 -2.10
C ALA D 36 3.47 -8.97 -2.21
N ARG D 37 4.55 -8.18 -2.14
CA ARG D 37 5.89 -8.73 -2.19
C ARG D 37 6.22 -9.36 -0.87
N ARG D 38 6.08 -8.55 0.17
CA ARG D 38 6.40 -8.99 1.51
C ARG D 38 5.24 -9.74 2.20
N LEU D 39 4.00 -9.26 1.97
CA LEU D 39 2.79 -9.85 2.61
C LEU D 39 3.02 -10.14 4.10
N ARG D 40 3.31 -9.07 4.85
CA ARG D 40 3.55 -9.20 6.31
C ARG D 40 3.48 -7.85 7.07
N ALA D 41 3.11 -6.76 6.38
CA ALA D 41 3.00 -5.43 6.99
C ALA D 41 4.38 -4.81 7.24
N GLU D 42 4.97 -4.23 6.19
CA GLU D 42 6.28 -3.59 6.29
C GLU D 42 6.16 -2.11 6.66
N ARG D 43 7.22 -1.55 7.26
CA ARG D 43 7.24 -0.13 7.66
C ARG D 43 8.54 0.23 8.38
N TRP D 44 8.60 1.48 8.89
CA TRP D 44 9.76 1.99 9.63
C TRP D 44 10.94 2.36 8.73
N LYS D 45 11.39 3.62 8.85
CA LYS D 45 12.53 4.12 8.08
C LYS D 45 12.80 5.60 8.36
N VAL D 46 11.91 6.48 7.89
CA VAL D 46 12.07 7.93 8.08
C VAL D 46 13.49 8.36 7.70
N GLU D 47 13.86 8.02 6.46
CA GLU D 47 15.19 8.33 5.94
C GLU D 47 15.14 9.43 4.88
N ASN D 48 16.11 9.42 3.95
CA ASN D 48 16.17 10.42 2.87
C ASN D 48 16.68 9.78 1.58
N GLN D 49 15.91 9.95 0.51
CA GLN D 49 16.28 9.39 -0.80
C GLN D 49 15.42 10.00 -1.91
N GLU D 50 16.08 10.45 -2.99
CA GLU D 50 15.37 11.06 -4.11
C GLU D 50 15.17 10.06 -5.25
N GLY D 51 16.27 9.55 -5.81
CA GLY D 51 16.19 8.60 -6.90
C GLY D 51 17.08 8.97 -8.07
N MET D 52 18.23 8.32 -8.17
CA MET D 52 19.19 8.59 -9.25
C MET D 52 19.27 7.47 -10.28
N VAL D 53 18.82 6.26 -9.91
CA VAL D 53 18.86 5.11 -10.83
C VAL D 53 17.59 5.04 -11.69
N GLU D 54 16.47 4.64 -11.07
CA GLU D 54 15.19 4.52 -11.77
C GLU D 54 15.18 3.34 -12.75
N VAL D 55 14.08 2.61 -12.79
CA VAL D 55 13.93 1.45 -13.68
C VAL D 55 12.49 1.29 -14.15
N ALA D 56 11.87 2.38 -14.57
CA ALA D 56 10.49 2.35 -15.04
C ALA D 56 10.41 1.84 -16.47
N ARG D 57 9.81 0.66 -16.65
CA ARG D 57 9.67 0.05 -17.98
C ARG D 57 8.22 0.05 -18.44
N PHE D 58 7.34 -0.45 -17.58
CA PHE D 58 5.91 -0.53 -17.89
C PHE D 58 5.12 0.44 -17.02
N ILE D 59 5.18 1.73 -17.37
CA ILE D 59 4.48 2.79 -16.63
C ILE D 59 4.62 2.65 -15.11
N GLU D 60 5.80 2.26 -14.65
CA GLU D 60 6.07 2.09 -13.22
C GLU D 60 6.45 3.44 -12.59
N MET D 61 5.44 4.26 -12.30
CA MET D 61 5.67 5.59 -11.72
C MET D 61 4.39 6.23 -11.16
N ASN D 62 3.27 6.06 -11.87
CA ASN D 62 1.98 6.63 -11.46
C ASN D 62 1.99 8.16 -11.61
N GLY D 63 0.94 8.82 -11.10
CA GLY D 63 0.86 10.28 -11.21
C GLY D 63 0.58 10.95 -9.87
N SER D 64 1.65 11.34 -9.17
CA SER D 64 1.52 11.99 -7.88
C SER D 64 1.68 13.51 -7.98
N PHE D 65 0.90 14.25 -7.19
CA PHE D 65 0.95 15.71 -7.19
C PHE D 65 1.78 16.23 -6.01
N ALA D 66 1.48 15.73 -4.82
CA ALA D 66 2.19 16.14 -3.60
C ALA D 66 3.08 15.02 -3.09
N ASP D 67 2.45 13.88 -2.84
CA ASP D 67 3.16 12.69 -2.34
C ASP D 67 2.75 11.43 -3.13
N GLU D 68 1.83 10.63 -2.58
CA GLU D 68 1.35 9.40 -3.23
C GLU D 68 2.47 8.38 -3.48
N ASN D 69 3.39 8.69 -4.39
CA ASN D 69 4.50 7.80 -4.71
C ASN D 69 5.57 8.53 -5.54
N LYS D 70 6.80 8.02 -5.49
CA LYS D 70 7.94 8.64 -6.20
C LYS D 70 8.28 7.88 -7.49
N ASP D 71 9.25 8.42 -8.24
CA ASP D 71 9.68 7.83 -9.50
C ASP D 71 10.44 6.51 -9.28
N TRP D 72 9.72 5.40 -9.48
CA TRP D 72 10.29 4.05 -9.33
C TRP D 72 10.30 3.62 -7.86
N MET C 1 -21.55 5.42 8.76
CA MET C 1 -21.76 5.20 7.31
C MET C 1 -20.52 4.58 6.65
N LYS C 2 -20.50 4.52 5.32
CA LYS C 2 -19.38 3.96 4.58
C LYS C 2 -19.35 4.48 3.15
N GLN C 3 -18.14 4.68 2.61
CA GLN C 3 -17.98 5.17 1.25
C GLN C 3 -17.33 4.13 0.38
N ARG C 4 -17.95 3.87 -0.75
CA ARG C 4 -17.42 2.90 -1.68
C ARG C 4 -16.28 3.51 -2.47
N ILE C 5 -15.07 3.20 -2.03
CA ILE C 5 -13.86 3.70 -2.68
C ILE C 5 -13.39 2.67 -3.67
N THR C 6 -13.44 3.01 -4.93
CA THR C 6 -13.05 2.04 -5.92
C THR C 6 -11.88 2.53 -6.76
N VAL C 7 -10.81 1.72 -6.73
CA VAL C 7 -9.61 1.97 -7.49
C VAL C 7 -9.66 1.11 -8.75
N THR C 8 -9.90 1.73 -9.89
CA THR C 8 -9.97 0.99 -11.15
C THR C 8 -8.57 0.50 -11.51
N VAL C 9 -8.11 -0.43 -10.69
CA VAL C 9 -6.79 -1.02 -10.78
C VAL C 9 -6.65 -1.99 -11.98
N ASP C 10 -5.92 -3.11 -11.82
CA ASP C 10 -5.65 -4.06 -12.92
C ASP C 10 -4.39 -3.60 -13.69
N SER C 11 -3.90 -2.43 -13.29
CA SER C 11 -2.69 -1.82 -13.84
C SER C 11 -1.70 -1.61 -12.70
N ASP C 12 -2.00 -0.62 -11.86
CA ASP C 12 -1.18 -0.25 -10.71
C ASP C 12 -0.46 -1.47 -10.09
N SER C 13 -1.19 -2.28 -9.30
CA SER C 13 -0.63 -3.48 -8.63
C SER C 13 -1.58 -4.03 -7.57
N TYR C 14 -2.85 -4.14 -7.93
CA TYR C 14 -3.89 -4.64 -7.02
C TYR C 14 -4.00 -6.16 -7.01
N GLN C 15 -4.03 -6.76 -8.19
CA GLN C 15 -4.25 -8.19 -8.30
C GLN C 15 -3.37 -9.03 -7.38
N LEU C 16 -2.10 -8.67 -7.19
CA LEU C 16 -1.24 -9.45 -6.29
C LEU C 16 -1.90 -9.65 -4.91
N LEU C 17 -2.22 -8.54 -4.26
CA LEU C 17 -2.81 -8.60 -2.91
C LEU C 17 -4.06 -9.48 -2.89
N LYS C 18 -4.91 -9.29 -3.88
CA LYS C 18 -6.15 -10.07 -3.98
C LYS C 18 -5.87 -11.47 -4.49
N ALA C 19 -4.78 -11.62 -5.22
CA ALA C 19 -4.37 -12.91 -5.76
C ALA C 19 -4.25 -13.92 -4.63
N TYR C 20 -3.94 -13.43 -3.44
CA TYR C 20 -3.85 -14.26 -2.26
C TYR C 20 -5.23 -14.36 -1.64
N ASP C 21 -5.90 -13.18 -1.51
CA ASP C 21 -7.28 -13.04 -0.97
C ASP C 21 -7.39 -11.83 -0.04
N VAL C 22 -6.67 -10.77 -0.36
CA VAL C 22 -6.68 -9.56 0.45
C VAL C 22 -7.25 -8.37 -0.30
N ASN C 23 -8.58 -8.33 -0.42
CA ASN C 23 -9.25 -7.24 -1.14
C ASN C 23 -9.15 -5.89 -0.40
N ILE C 24 -7.94 -5.59 0.08
CA ILE C 24 -7.58 -4.35 0.78
C ILE C 24 -8.60 -3.76 1.76
N SER C 25 -9.75 -4.39 1.96
CA SER C 25 -10.78 -3.85 2.85
C SER C 25 -10.14 -3.21 4.09
N GLY C 26 -9.46 -4.02 4.89
CA GLY C 26 -8.79 -3.52 6.08
C GLY C 26 -7.38 -3.02 5.78
N LEU C 27 -6.80 -3.48 4.67
CA LEU C 27 -5.47 -3.09 4.28
C LEU C 27 -5.43 -1.63 3.81
N VAL C 28 -6.16 -1.33 2.72
CA VAL C 28 -6.22 0.03 2.19
C VAL C 28 -6.57 1.00 3.33
N SER C 29 -7.75 0.83 3.91
CA SER C 29 -8.21 1.63 5.03
C SER C 29 -7.14 1.74 6.12
N THR C 30 -6.32 0.70 6.30
CA THR C 30 -5.25 0.72 7.30
C THR C 30 -4.12 1.57 6.79
N THR C 31 -3.59 1.17 5.64
CA THR C 31 -2.49 1.89 5.02
C THR C 31 -2.85 3.36 4.88
N MET C 32 -4.07 3.62 4.43
CA MET C 32 -4.56 4.96 4.24
C MET C 32 -4.33 5.84 5.46
N GLN C 33 -4.58 5.32 6.66
CA GLN C 33 -4.38 6.12 7.87
C GLN C 33 -2.91 6.46 8.04
N ASN C 34 -2.05 5.45 7.91
CA ASN C 34 -0.61 5.67 8.03
C ASN C 34 -0.14 6.65 6.95
N GLU C 35 -0.46 6.36 5.68
CA GLU C 35 -0.09 7.25 4.59
C GLU C 35 -0.76 8.60 4.78
N ALA C 36 -2.03 8.58 5.20
CA ALA C 36 -2.79 9.79 5.45
C ALA C 36 -2.09 10.63 6.52
N ARG C 37 -1.65 9.96 7.57
CA ARG C 37 -0.94 10.62 8.66
C ARG C 37 0.42 11.10 8.20
N ARG C 38 1.19 10.15 7.65
CA ARG C 38 2.52 10.45 7.19
C ARG C 38 2.51 11.56 6.13
N LEU C 39 1.46 11.55 5.28
CA LEU C 39 1.28 12.54 4.21
C LEU C 39 2.48 13.47 4.01
N ARG C 40 3.46 12.99 3.22
CA ARG C 40 4.67 13.76 2.93
C ARG C 40 4.34 15.16 2.40
N ALA C 41 4.88 16.18 3.09
CA ALA C 41 4.66 17.59 2.74
C ALA C 41 4.67 17.86 1.23
N GLU C 42 5.84 17.76 0.61
CA GLU C 42 5.95 18.03 -0.84
C GLU C 42 7.20 17.37 -1.44
N ARG C 43 7.11 16.05 -1.67
CA ARG C 43 8.21 15.29 -2.26
C ARG C 43 9.42 15.19 -1.32
N TRP C 44 10.07 14.02 -1.31
CA TRP C 44 11.24 13.76 -0.47
C TRP C 44 10.85 13.51 0.98
N LYS C 45 11.44 12.48 1.59
CA LYS C 45 11.18 12.13 2.98
C LYS C 45 12.05 10.95 3.43
N VAL C 46 13.32 11.23 3.70
CA VAL C 46 14.24 10.18 4.14
C VAL C 46 15.44 10.76 4.91
N GLU C 47 16.54 11.09 4.22
CA GLU C 47 17.74 11.64 4.86
C GLU C 47 18.40 10.61 5.78
N ASN C 48 17.68 10.19 6.82
CA ASN C 48 18.18 9.20 7.77
C ASN C 48 17.34 7.93 7.76
N GLN C 49 17.67 6.99 8.65
CA GLN C 49 16.96 5.71 8.75
C GLN C 49 15.80 5.79 9.75
N GLU C 50 14.68 5.19 9.40
CA GLU C 50 13.49 5.19 10.25
C GLU C 50 12.94 3.77 10.41
N GLY C 51 12.73 3.36 11.66
CA GLY C 51 12.20 2.01 11.93
C GLY C 51 12.56 1.51 13.31
N MET C 52 13.52 0.58 13.38
CA MET C 52 13.96 0.01 14.65
C MET C 52 12.82 -0.70 15.37
N VAL C 53 12.21 -1.69 14.69
CA VAL C 53 11.11 -2.46 15.26
C VAL C 53 11.20 -3.92 14.84
N GLU C 54 11.53 -4.79 15.79
CA GLU C 54 11.66 -6.22 15.53
C GLU C 54 10.82 -7.05 16.51
N VAL C 55 10.07 -8.01 15.97
CA VAL C 55 9.21 -8.87 16.79
C VAL C 55 9.49 -10.35 16.48
N ALA C 56 10.75 -10.75 16.63
CA ALA C 56 11.15 -12.13 16.37
C ALA C 56 12.00 -12.71 17.51
N ARG C 57 11.90 -14.02 17.73
CA ARG C 57 12.66 -14.67 18.79
C ARG C 57 14.10 -14.98 18.35
N PHE C 58 14.30 -15.18 17.04
CA PHE C 58 15.64 -15.47 16.49
C PHE C 58 15.60 -15.51 14.96
N ILE C 59 15.08 -16.60 14.40
CA ILE C 59 14.98 -16.77 12.93
C ILE C 59 14.58 -18.21 12.57
N GLU C 60 13.86 -18.36 11.46
CA GLU C 60 13.42 -19.68 11.01
C GLU C 60 13.50 -19.79 9.47
N MET C 61 12.79 -20.76 8.89
CA MET C 61 12.80 -20.93 7.43
C MET C 61 11.38 -20.89 6.84
N ASN C 62 10.73 -22.07 6.72
CA ASN C 62 9.38 -22.17 6.18
C ASN C 62 9.31 -21.74 4.71
N GLY C 63 9.76 -20.52 4.40
CA GLY C 63 9.71 -20.03 3.04
C GLY C 63 8.34 -19.55 2.63
N SER C 64 7.35 -20.44 2.75
CA SER C 64 5.95 -20.12 2.40
C SER C 64 5.79 -19.88 0.89
N PHE C 65 6.50 -18.89 0.36
CA PHE C 65 6.46 -18.56 -1.08
C PHE C 65 5.06 -18.13 -1.52
N ALA C 66 4.45 -17.21 -0.77
CA ALA C 66 3.12 -16.70 -1.10
C ALA C 66 2.71 -15.58 -0.14
N ASP C 67 1.82 -15.87 0.80
CA ASP C 67 1.38 -14.89 1.78
C ASP C 67 2.36 -14.81 2.95
N GLU C 68 3.65 -14.71 2.61
CA GLU C 68 4.74 -14.63 3.59
C GLU C 68 6.08 -14.53 2.86
N ASN C 69 7.05 -13.86 3.47
CA ASN C 69 8.38 -13.69 2.86
C ASN C 69 9.37 -13.01 3.80
N LYS C 70 10.36 -13.77 4.29
CA LYS C 70 11.39 -13.25 5.20
C LYS C 70 10.85 -13.07 6.62
N ASP C 71 11.75 -13.16 7.61
CA ASP C 71 11.40 -12.97 9.01
C ASP C 71 11.00 -11.51 9.29
N TRP C 72 11.04 -11.10 10.55
CA TRP C 72 10.70 -9.74 10.92
C TRP C 72 11.79 -8.76 10.47
N MET D 1 -7.74 -2.27 -20.64
CA MET D 1 -8.77 -2.65 -19.62
C MET D 1 -8.23 -2.47 -18.20
N LYS D 2 -9.16 -2.31 -17.25
CA LYS D 2 -8.80 -2.13 -15.84
C LYS D 2 -9.73 -2.93 -14.93
N GLN D 3 -9.44 -2.98 -13.64
CA GLN D 3 -10.27 -3.73 -12.69
C GLN D 3 -10.72 -2.85 -11.53
N ARG D 4 -12.02 -2.80 -11.32
CA ARG D 4 -12.57 -1.97 -10.27
C ARG D 4 -12.47 -2.64 -8.89
N ILE D 5 -11.64 -2.04 -8.04
CA ILE D 5 -11.49 -2.48 -6.67
C ILE D 5 -12.16 -1.48 -5.79
N THR D 6 -13.04 -1.91 -4.90
CA THR D 6 -13.70 -0.94 -4.05
C THR D 6 -13.67 -1.36 -2.56
N VAL D 7 -13.07 -0.49 -1.73
CA VAL D 7 -13.05 -0.66 -0.26
C VAL D 7 -14.06 0.31 0.35
N THR D 8 -15.29 -0.13 0.58
CA THR D 8 -16.29 0.77 1.13
C THR D 8 -15.95 1.07 2.59
N VAL D 9 -15.17 2.12 2.84
CA VAL D 9 -14.75 2.42 4.21
C VAL D 9 -14.70 3.92 4.59
N ASP D 10 -14.99 4.85 3.66
CA ASP D 10 -14.95 6.31 3.89
C ASP D 10 -14.13 6.66 5.13
N SER D 11 -14.68 6.42 6.29
CA SER D 11 -14.07 6.70 7.56
C SER D 11 -12.82 5.87 7.91
N ASP D 12 -12.60 4.70 7.28
CA ASP D 12 -11.44 3.90 7.65
C ASP D 12 -10.17 4.45 7.02
N SER D 13 -9.83 5.68 7.40
CA SER D 13 -8.61 6.36 6.89
C SER D 13 -8.58 6.54 5.36
N TYR D 14 -9.29 5.69 4.61
CA TYR D 14 -9.31 5.77 3.15
C TYR D 14 -9.46 7.24 2.71
N GLN D 15 -10.54 7.85 3.22
CA GLN D 15 -10.90 9.22 2.88
C GLN D 15 -9.72 10.20 3.01
N LEU D 16 -8.91 10.02 4.05
CA LEU D 16 -7.76 10.89 4.33
C LEU D 16 -6.73 10.88 3.19
N LEU D 17 -6.43 9.69 2.67
CA LEU D 17 -5.45 9.57 1.60
C LEU D 17 -5.89 10.33 0.36
N LYS D 18 -7.11 10.08 -0.06
CA LYS D 18 -7.68 10.76 -1.21
C LYS D 18 -7.92 12.23 -0.87
N ALA D 19 -8.11 12.48 0.41
CA ALA D 19 -8.32 13.83 0.92
C ALA D 19 -7.10 14.68 0.59
N TYR D 20 -5.93 14.03 0.45
CA TYR D 20 -4.73 14.74 0.11
C TYR D 20 -4.58 14.85 -1.40
N ASP D 21 -4.80 13.72 -2.16
CA ASP D 21 -4.74 13.78 -3.65
C ASP D 21 -4.29 12.47 -4.33
N VAL D 22 -5.06 11.40 -4.18
CA VAL D 22 -4.67 10.15 -4.86
C VAL D 22 -5.83 9.17 -5.07
N ASN D 23 -6.71 9.02 -4.08
CA ASN D 23 -7.83 8.07 -4.18
C ASN D 23 -7.32 6.67 -4.45
N ILE D 24 -6.50 6.23 -3.51
CA ILE D 24 -5.86 4.92 -3.47
C ILE D 24 -5.30 4.35 -4.77
N SER D 25 -5.59 4.91 -5.94
CA SER D 25 -5.11 4.34 -7.19
C SER D 25 -3.67 3.83 -7.00
N GLY D 26 -2.78 4.71 -6.56
CA GLY D 26 -1.40 4.30 -6.32
C GLY D 26 -1.21 3.65 -4.95
N LEU D 27 -2.10 3.98 -4.00
CA LEU D 27 -2.06 3.45 -2.64
C LEU D 27 -2.42 1.97 -2.62
N VAL D 28 -3.66 1.64 -3.04
CA VAL D 28 -4.10 0.24 -3.09
C VAL D 28 -3.00 -0.60 -3.73
N SER D 29 -2.59 -0.20 -4.94
CA SER D 29 -1.55 -0.90 -5.69
C SER D 29 -0.20 -0.98 -4.96
N THR D 30 0.20 0.10 -4.29
CA THR D 30 1.48 0.10 -3.58
C THR D 30 1.35 -0.72 -2.32
N THR D 31 0.30 -0.44 -1.56
CA THR D 31 0.05 -1.16 -0.34
C THR D 31 -0.01 -2.66 -0.64
N MET D 32 -0.48 -2.99 -1.85
CA MET D 32 -0.59 -4.36 -2.31
C MET D 32 0.75 -5.09 -2.26
N GLN D 33 1.75 -4.55 -2.96
CA GLN D 33 3.08 -5.17 -3.00
C GLN D 33 3.69 -5.32 -1.60
N ASN D 34 3.60 -4.26 -0.79
CA ASN D 34 4.14 -4.29 0.56
C ASN D 34 3.40 -5.31 1.42
N GLU D 35 2.07 -5.24 1.43
CA GLU D 35 1.29 -6.20 2.19
C GLU D 35 1.34 -7.57 1.52
N ALA D 36 1.58 -7.58 0.21
CA ALA D 36 1.71 -8.84 -0.54
C ALA D 36 3.01 -9.52 -0.17
N ARG D 37 4.10 -8.74 -0.16
CA ARG D 37 5.41 -9.26 0.20
C ARG D 37 5.37 -9.82 1.60
N ARG D 38 4.98 -8.95 2.52
CA ARG D 38 4.94 -9.30 3.91
C ARG D 38 3.73 -10.16 4.29
N LEU D 39 2.53 -9.72 3.86
CA LEU D 39 1.26 -10.41 4.15
C LEU D 39 1.24 -11.01 5.58
N ARG D 40 0.57 -12.15 5.77
CA ARG D 40 0.50 -12.76 7.10
C ARG D 40 0.46 -14.29 7.03
N ALA D 41 -0.73 -14.86 6.84
CA ALA D 41 -0.89 -16.32 6.76
C ALA D 41 -2.35 -16.70 6.53
N GLU D 42 -2.69 -16.96 5.27
CA GLU D 42 -4.04 -17.35 4.89
C GLU D 42 -4.08 -18.79 4.38
N ARG D 43 -3.12 -19.14 3.52
CA ARG D 43 -3.01 -20.50 2.95
C ARG D 43 -4.03 -20.74 1.84
N TRP D 44 -3.87 -21.86 1.13
CA TRP D 44 -4.76 -22.24 0.03
C TRP D 44 -4.53 -21.36 -1.21
N LYS D 45 -3.34 -21.49 -1.80
CA LYS D 45 -2.98 -20.73 -2.98
C LYS D 45 -2.32 -21.61 -4.04
N VAL D 46 -3.13 -22.10 -4.98
CA VAL D 46 -2.63 -22.96 -6.06
C VAL D 46 -2.98 -22.36 -7.41
N GLU D 47 -2.61 -21.08 -7.59
CA GLU D 47 -2.88 -20.37 -8.84
C GLU D 47 -1.60 -19.80 -9.46
N ASN D 48 -0.79 -19.10 -8.64
CA ASN D 48 0.47 -18.51 -9.10
C ASN D 48 0.25 -17.37 -10.10
N GLN D 49 1.35 -16.74 -10.52
CA GLN D 49 1.33 -15.63 -11.48
C GLN D 49 1.09 -14.28 -10.80
N GLU D 50 2.17 -13.49 -10.70
CA GLU D 50 2.10 -12.17 -10.08
C GLU D 50 2.51 -11.08 -11.07
N GLY D 51 1.95 -9.88 -10.91
CA GLY D 51 2.25 -8.77 -11.82
C GLY D 51 3.65 -8.19 -11.62
N MET D 52 4.67 -9.03 -11.82
CA MET D 52 6.06 -8.59 -11.66
C MET D 52 6.54 -7.83 -12.90
N VAL D 53 5.94 -6.66 -13.13
CA VAL D 53 6.31 -5.83 -14.28
C VAL D 53 5.80 -4.40 -14.13
N GLU D 54 6.66 -3.43 -14.45
CA GLU D 54 6.30 -2.01 -14.37
C GLU D 54 6.96 -1.22 -15.50
N VAL D 55 6.53 0.02 -15.67
CA VAL D 55 7.09 0.88 -16.73
C VAL D 55 7.04 2.37 -16.36
N ALA D 56 7.32 2.66 -15.09
CA ALA D 56 7.33 4.05 -14.61
C ALA D 56 8.68 4.72 -14.93
N ARG D 57 8.70 5.51 -16.00
CA ARG D 57 9.94 6.20 -16.42
C ARG D 57 9.62 7.47 -17.23
N PHE D 58 10.33 8.56 -16.90
CA PHE D 58 10.17 9.84 -17.60
C PHE D 58 8.80 10.49 -17.38
N ILE D 59 7.72 9.74 -17.65
CA ILE D 59 6.35 10.24 -17.49
C ILE D 59 5.89 11.03 -18.73
N GLU D 60 4.59 11.11 -18.94
CA GLU D 60 4.03 11.83 -20.08
C GLU D 60 4.02 13.35 -19.86
N MET D 61 3.47 13.78 -18.73
CA MET D 61 3.39 15.21 -18.42
C MET D 61 3.19 15.46 -16.92
N ASN D 62 2.29 14.70 -16.30
CA ASN D 62 2.01 14.83 -14.87
C ASN D 62 3.26 14.64 -14.02
N GLY D 63 3.47 15.56 -13.07
CA GLY D 63 4.64 15.48 -12.19
C GLY D 63 4.30 14.99 -10.79
N SER D 64 5.19 14.18 -10.22
CA SER D 64 4.99 13.63 -8.87
C SER D 64 5.15 14.72 -7.79
N PHE D 65 4.25 15.69 -7.81
CA PHE D 65 4.26 16.79 -6.84
C PHE D 65 3.34 16.51 -5.65
N ALA D 66 2.65 15.37 -5.68
CA ALA D 66 1.74 14.99 -4.62
C ALA D 66 1.76 13.47 -4.43
N ASP D 67 2.40 13.04 -3.34
CA ASP D 67 2.53 11.61 -3.01
C ASP D 67 3.50 10.89 -3.97
N GLU D 68 3.20 10.96 -5.26
CA GLU D 68 4.00 10.33 -6.34
C GLU D 68 3.31 9.07 -6.86
N ASN D 69 2.64 9.23 -8.01
CA ASN D 69 1.92 8.12 -8.64
C ASN D 69 2.89 7.19 -9.39
N LYS D 70 2.34 6.10 -9.94
CA LYS D 70 3.13 5.12 -10.69
C LYS D 70 2.35 4.63 -11.92
N ASP D 71 1.86 5.58 -12.71
CA ASP D 71 1.11 5.28 -13.92
C ASP D 71 1.95 4.47 -14.92
N TRP D 72 1.41 3.33 -15.36
CA TRP D 72 2.10 2.47 -16.31
C TRP D 72 1.29 2.32 -17.61
N MET C 1 -25.03 7.44 3.99
CA MET C 1 -24.30 6.19 3.64
C MET C 1 -22.79 6.39 3.67
N LYS C 2 -22.03 5.31 3.46
CA LYS C 2 -20.57 5.37 3.46
C LYS C 2 -20.04 5.87 2.12
N GLN C 3 -18.72 5.84 1.94
CA GLN C 3 -18.12 6.30 0.68
C GLN C 3 -17.28 5.22 0.02
N ARG C 4 -17.79 4.73 -1.10
CA ARG C 4 -17.12 3.67 -1.85
C ARG C 4 -16.05 4.21 -2.79
N ILE C 5 -14.79 3.88 -2.50
CA ILE C 5 -13.69 4.29 -3.36
C ILE C 5 -13.25 3.10 -4.16
N THR C 6 -13.13 3.29 -5.46
CA THR C 6 -12.76 2.18 -6.30
C THR C 6 -11.54 2.50 -7.19
N VAL C 7 -10.55 1.62 -7.10
CA VAL C 7 -9.32 1.71 -7.89
C VAL C 7 -9.42 0.73 -9.05
N THR C 8 -9.59 1.22 -10.27
CA THR C 8 -9.67 0.32 -11.42
C THR C 8 -8.30 -0.30 -11.67
N VAL C 9 -7.91 -1.14 -10.74
CA VAL C 9 -6.63 -1.83 -10.75
C VAL C 9 -6.62 -3.00 -11.78
N ASP C 10 -5.94 -4.12 -11.47
CA ASP C 10 -5.80 -5.26 -12.40
C ASP C 10 -4.58 -5.04 -13.31
N SER C 11 -3.91 -3.94 -13.05
CA SER C 11 -2.69 -3.55 -13.75
C SER C 11 -1.64 -3.22 -12.72
N ASP C 12 -1.90 -2.16 -11.95
CA ASP C 12 -1.01 -1.69 -10.90
C ASP C 12 -0.42 -2.85 -10.08
N SER C 13 -1.14 -3.37 -9.08
CA SER C 13 -0.64 -4.49 -8.25
C SER C 13 -1.65 -4.87 -7.15
N TYR C 14 -2.93 -4.91 -7.52
CA TYR C 14 -4.02 -5.24 -6.58
C TYR C 14 -4.23 -6.75 -6.39
N GLN C 15 -4.33 -7.49 -7.50
CA GLN C 15 -4.66 -8.92 -7.45
C GLN C 15 -3.84 -9.72 -6.42
N LEU C 16 -2.56 -9.41 -6.23
CA LEU C 16 -1.74 -10.14 -5.27
C LEU C 16 -2.29 -10.03 -3.84
N LEU C 17 -2.51 -8.79 -3.38
CA LEU C 17 -3.00 -8.56 -2.01
C LEU C 17 -4.22 -9.42 -1.70
N LYS C 18 -5.15 -9.44 -2.63
CA LYS C 18 -6.37 -10.24 -2.48
C LYS C 18 -6.06 -11.71 -2.76
N ALA C 19 -5.02 -11.91 -3.56
CA ALA C 19 -4.57 -13.26 -3.92
C ALA C 19 -4.11 -13.99 -2.65
N TYR C 20 -3.65 -13.22 -1.66
CA TYR C 20 -3.23 -13.82 -0.40
C TYR C 20 -4.43 -13.93 0.54
N ASP C 21 -5.28 -12.88 0.61
CA ASP C 21 -6.51 -12.93 1.44
C ASP C 21 -7.00 -11.55 1.89
N VAL C 22 -6.51 -10.47 1.29
CA VAL C 22 -6.90 -9.15 1.72
C VAL C 22 -6.80 -8.14 0.60
N ASN C 23 -7.89 -7.94 -0.12
CA ASN C 23 -7.89 -6.96 -1.19
C ASN C 23 -7.51 -5.61 -0.56
N ILE C 24 -8.50 -4.81 -0.18
CA ILE C 24 -8.17 -3.54 0.43
C ILE C 24 -9.14 -3.06 1.51
N SER C 25 -10.21 -3.80 1.78
CA SER C 25 -11.17 -3.37 2.81
C SER C 25 -10.40 -2.77 3.99
N GLY C 26 -9.61 -3.62 4.66
CA GLY C 26 -8.79 -3.15 5.77
C GLY C 26 -7.45 -2.60 5.30
N LEU C 27 -6.96 -3.13 4.18
CA LEU C 27 -5.70 -2.69 3.60
C LEU C 27 -5.71 -1.20 3.32
N VAL C 28 -6.64 -0.77 2.45
CA VAL C 28 -6.75 0.65 2.11
C VAL C 28 -6.86 1.47 3.40
N SER C 29 -7.93 1.26 4.15
CA SER C 29 -8.14 1.97 5.40
C SER C 29 -6.89 1.93 6.30
N THR C 30 -6.19 0.80 6.35
CA THR C 30 -4.98 0.68 7.16
C THR C 30 -3.88 1.48 6.53
N THR C 31 -3.57 1.13 5.28
CA THR C 31 -2.53 1.81 4.56
C THR C 31 -2.81 3.31 4.54
N MET C 32 -4.08 3.67 4.33
CA MET C 32 -4.52 5.05 4.30
C MET C 32 -4.18 5.77 5.60
N GLN C 33 -4.64 5.26 6.73
CA GLN C 33 -4.36 5.90 8.02
C GLN C 33 -2.85 6.09 8.21
N ASN C 34 -2.06 5.11 7.78
CA ASN C 34 -0.61 5.18 7.89
C ASN C 34 -0.07 6.26 6.95
N GLU C 35 -0.42 6.19 5.68
CA GLU C 35 0.02 7.20 4.71
C GLU C 35 -0.64 8.55 5.02
N ALA C 36 -1.82 8.51 5.67
CA ALA C 36 -2.52 9.71 6.07
C ALA C 36 -1.77 10.32 7.25
N ARG C 37 -1.36 9.46 8.17
CA ARG C 37 -0.57 9.88 9.32
C ARG C 37 0.72 10.48 8.84
N ARG C 38 1.38 9.73 7.96
CA ARG C 38 2.64 10.15 7.39
C ARG C 38 2.53 11.52 6.70
N LEU C 39 1.61 11.60 5.72
CA LEU C 39 1.33 12.83 4.94
C LEU C 39 2.37 13.94 5.16
N ARG C 40 2.22 14.72 6.24
CA ARG C 40 3.15 15.81 6.56
C ARG C 40 3.17 16.93 5.50
N ALA C 41 2.32 16.84 4.49
CA ALA C 41 2.27 17.87 3.44
C ALA C 41 1.65 19.18 3.97
N GLU C 42 2.20 19.70 5.07
CA GLU C 42 1.72 20.94 5.68
C GLU C 42 2.32 22.18 5.01
N ARG C 43 3.02 21.99 3.89
CA ARG C 43 3.63 23.10 3.16
C ARG C 43 3.43 22.95 1.65
N TRP C 44 3.91 23.94 0.90
CA TRP C 44 3.78 23.94 -0.56
C TRP C 44 4.86 23.09 -1.23
N LYS C 45 4.66 22.83 -2.53
CA LYS C 45 5.59 22.03 -3.32
C LYS C 45 5.86 22.72 -4.68
N VAL C 46 7.14 22.91 -5.01
CA VAL C 46 7.51 23.56 -6.27
C VAL C 46 7.53 22.57 -7.43
N GLU C 47 8.52 21.67 -7.45
CA GLU C 47 8.65 20.68 -8.52
C GLU C 47 9.73 19.64 -8.20
N ASN C 48 9.79 18.59 -9.02
CA ASN C 48 10.77 17.52 -8.85
C ASN C 48 10.90 16.69 -10.12
N GLN C 49 12.07 16.74 -10.75
CA GLN C 49 12.32 15.99 -11.98
C GLN C 49 13.45 14.97 -11.80
N GLU C 50 13.23 13.76 -12.33
CA GLU C 50 14.21 12.68 -12.23
C GLU C 50 14.29 12.14 -10.80
N GLY C 51 14.31 10.81 -10.66
CA GLY C 51 14.38 10.21 -9.34
C GLY C 51 14.42 8.70 -9.37
N MET C 52 15.54 8.13 -8.91
CA MET C 52 15.72 6.68 -8.85
C MET C 52 16.58 6.30 -7.65
N VAL C 53 16.14 6.75 -6.47
CA VAL C 53 16.85 6.49 -5.21
C VAL C 53 16.33 5.26 -4.49
N GLU C 54 15.11 4.83 -4.83
CA GLU C 54 14.49 3.67 -4.20
C GLU C 54 15.35 2.41 -4.37
N VAL C 55 15.19 1.46 -3.46
CA VAL C 55 15.95 0.21 -3.50
C VAL C 55 15.02 -1.01 -3.38
N ALA C 56 13.90 -0.99 -4.09
CA ALA C 56 12.94 -2.09 -4.07
C ALA C 56 13.05 -2.92 -5.36
N ARG C 57 12.70 -4.21 -5.26
CA ARG C 57 12.77 -5.14 -6.40
C ARG C 57 14.21 -5.61 -6.63
N PHE C 58 14.36 -6.66 -7.43
CA PHE C 58 15.69 -7.22 -7.74
C PHE C 58 16.34 -7.85 -6.51
N ILE C 59 16.52 -7.06 -5.45
CA ILE C 59 17.15 -7.56 -4.22
C ILE C 59 16.12 -8.10 -3.22
N GLU C 60 15.27 -7.23 -2.67
CA GLU C 60 14.25 -7.64 -1.68
C GLU C 60 14.84 -8.59 -0.63
N MET C 61 15.75 -8.07 0.18
CA MET C 61 16.41 -8.85 1.22
C MET C 61 15.53 -9.06 2.45
N ASN C 62 15.10 -7.95 3.08
CA ASN C 62 14.26 -8.02 4.28
C ASN C 62 12.78 -8.29 3.96
N GLY C 63 12.03 -8.65 4.99
CA GLY C 63 10.61 -8.94 4.84
C GLY C 63 9.98 -9.43 6.14
N SER C 64 8.84 -8.85 6.52
CA SER C 64 8.16 -9.24 7.76
C SER C 64 6.74 -9.72 7.49
N PHE C 65 6.39 -10.88 8.06
CA PHE C 65 5.04 -11.45 7.90
C PHE C 65 4.65 -11.53 6.42
N ALA C 66 3.36 -11.74 6.15
CA ALA C 66 2.88 -11.80 4.77
C ALA C 66 2.68 -10.39 4.23
N ASP C 67 1.81 -9.65 4.90
CA ASP C 67 1.48 -8.29 4.50
C ASP C 67 1.67 -7.31 5.67
N GLU C 68 2.94 -7.05 6.01
CA GLU C 68 3.29 -6.13 7.10
C GLU C 68 4.82 -5.90 7.12
N ASN C 69 5.28 -4.86 6.43
CA ASN C 69 6.73 -4.58 6.35
C ASN C 69 7.05 -3.09 6.40
N LYS C 70 8.33 -2.76 6.21
CA LYS C 70 8.80 -1.37 6.23
C LYS C 70 9.32 -0.92 4.85
N ASP C 71 9.41 0.41 4.69
CA ASP C 71 9.87 1.04 3.45
C ASP C 71 11.40 1.23 3.45
N TRP C 72 11.92 1.90 2.42
CA TRP C 72 13.36 2.14 2.29
C TRP C 72 13.71 3.58 2.68
N MET D 1 -6.72 -4.57 -19.77
CA MET D 1 -7.96 -4.52 -18.96
C MET D 1 -7.73 -3.85 -17.60
N LYS D 2 -8.82 -3.60 -16.87
CA LYS D 2 -8.76 -2.96 -15.56
C LYS D 2 -9.80 -3.58 -14.62
N GLN D 3 -9.46 -3.72 -13.35
CA GLN D 3 -10.37 -4.29 -12.37
C GLN D 3 -10.79 -3.25 -11.34
N ARG D 4 -12.08 -3.09 -11.17
CA ARG D 4 -12.60 -2.11 -10.25
C ARG D 4 -12.51 -2.60 -8.81
N ILE D 5 -11.61 -2.02 -8.05
CA ILE D 5 -11.49 -2.37 -6.65
C ILE D 5 -12.14 -1.30 -5.84
N THR D 6 -13.27 -1.62 -5.24
CA THR D 6 -14.00 -0.63 -4.46
C THR D 6 -14.08 -1.05 -2.99
N VAL D 7 -13.46 -0.26 -2.13
CA VAL D 7 -13.55 -0.45 -0.67
C VAL D 7 -14.54 0.57 -0.16
N THR D 8 -15.69 0.13 0.31
CA THR D 8 -16.67 1.08 0.81
C THR D 8 -16.16 1.69 2.11
N VAL D 9 -15.45 2.81 2.00
CA VAL D 9 -14.87 3.47 3.18
C VAL D 9 -15.75 4.59 3.71
N ASP D 10 -15.14 5.52 4.47
CA ASP D 10 -15.85 6.61 5.13
C ASP D 10 -16.14 6.19 6.59
N SER D 11 -15.78 4.93 6.87
CA SER D 11 -15.86 4.33 8.18
C SER D 11 -14.44 3.95 8.58
N ASP D 12 -13.83 3.06 7.78
CA ASP D 12 -12.47 2.59 8.01
C ASP D 12 -11.48 3.76 8.22
N SER D 13 -10.86 4.29 7.16
CA SER D 13 -9.90 5.40 7.29
C SER D 13 -9.32 5.83 5.91
N TYR D 14 -10.19 5.85 4.89
CA TYR D 14 -9.81 6.19 3.51
C TYR D 14 -9.76 7.70 3.23
N GLN D 15 -10.81 8.44 3.60
CA GLN D 15 -10.89 9.87 3.26
C GLN D 15 -9.62 10.67 3.58
N LEU D 16 -8.94 10.40 4.68
CA LEU D 16 -7.71 11.17 5.00
C LEU D 16 -6.71 11.19 3.83
N LEU D 17 -6.51 10.05 3.20
CA LEU D 17 -5.56 9.97 2.06
C LEU D 17 -6.06 10.75 0.86
N LYS D 18 -7.30 10.53 0.49
CA LYS D 18 -7.89 11.22 -0.65
C LYS D 18 -8.14 12.69 -0.31
N ALA D 19 -8.39 12.92 0.97
CA ALA D 19 -8.64 14.26 1.48
C ALA D 19 -7.44 15.15 1.22
N TYR D 20 -6.25 14.56 1.16
CA TYR D 20 -5.05 15.33 0.90
C TYR D 20 -4.81 15.43 -0.60
N ASP D 21 -4.99 14.32 -1.37
CA ASP D 21 -4.83 14.36 -2.84
C ASP D 21 -4.46 13.01 -3.45
N VAL D 22 -4.87 11.92 -2.82
CA VAL D 22 -4.54 10.58 -3.31
C VAL D 22 -5.46 9.53 -2.75
N ASN D 23 -6.50 9.18 -3.50
CA ASN D 23 -7.42 8.15 -3.04
C ASN D 23 -6.61 6.86 -2.85
N ILE D 24 -6.70 5.92 -3.77
CA ILE D 24 -5.92 4.70 -3.64
C ILE D 24 -5.44 4.13 -4.96
N SER D 25 -5.65 4.87 -6.05
CA SER D 25 -5.25 4.36 -7.37
C SER D 25 -3.88 3.68 -7.27
N GLY D 26 -2.87 4.47 -6.94
CA GLY D 26 -1.53 3.96 -6.75
C GLY D 26 -1.31 3.46 -5.34
N LEU D 27 -2.10 3.96 -4.39
CA LEU D 27 -1.99 3.57 -3.01
C LEU D 27 -2.30 2.07 -2.83
N VAL D 28 -3.49 1.66 -3.27
CA VAL D 28 -3.89 0.25 -3.18
C VAL D 28 -2.81 -0.59 -3.87
N SER D 29 -2.65 -0.36 -5.16
CA SER D 29 -1.65 -1.06 -5.96
C SER D 29 -0.25 -1.02 -5.35
N THR D 30 0.20 0.14 -4.85
CA THR D 30 1.53 0.24 -4.27
C THR D 30 1.57 -0.54 -2.99
N THR D 31 0.67 -0.19 -2.08
CA THR D 31 0.60 -0.88 -0.81
C THR D 31 0.45 -2.37 -1.06
N MET D 32 -0.41 -2.73 -2.00
CA MET D 32 -0.61 -4.12 -2.34
C MET D 32 0.68 -4.73 -2.85
N GLN D 33 1.26 -4.15 -3.90
CA GLN D 33 2.51 -4.68 -4.46
C GLN D 33 3.55 -4.90 -3.37
N ASN D 34 3.70 -3.93 -2.46
CA ASN D 34 4.66 -4.05 -1.38
C ASN D 34 4.31 -5.21 -0.45
N GLU D 35 3.10 -5.15 0.10
CA GLU D 35 2.61 -6.20 1.00
C GLU D 35 2.34 -7.50 0.22
N ALA D 36 2.27 -7.39 -1.11
CA ALA D 36 2.04 -8.54 -1.99
C ALA D 36 3.36 -9.19 -2.38
N ARG D 37 4.42 -8.39 -2.43
CA ARG D 37 5.72 -8.89 -2.80
C ARG D 37 6.40 -9.51 -1.61
N ARG D 38 6.37 -8.76 -0.53
CA ARG D 38 7.01 -9.16 0.70
C ARG D 38 6.41 -10.44 1.35
N LEU D 39 5.11 -10.74 1.15
CA LEU D 39 4.53 -11.94 1.78
C LEU D 39 5.39 -13.18 1.54
N ARG D 40 5.44 -14.07 2.54
CA ARG D 40 6.23 -15.31 2.45
C ARG D 40 7.73 -15.05 2.61
N ALA D 41 8.26 -14.10 1.84
CA ALA D 41 9.68 -13.77 1.91
C ALA D 41 10.02 -12.99 3.19
N GLU D 42 9.87 -13.65 4.34
CA GLU D 42 10.14 -13.02 5.63
C GLU D 42 11.56 -13.30 6.14
N ARG D 43 12.12 -12.32 6.84
CA ARG D 43 13.47 -12.44 7.41
C ARG D 43 13.62 -11.50 8.61
N TRP D 44 13.68 -12.07 9.81
CA TRP D 44 13.82 -11.31 11.05
C TRP D 44 15.18 -10.60 11.13
N LYS D 45 15.16 -9.32 11.49
CA LYS D 45 16.37 -8.51 11.62
C LYS D 45 16.04 -7.10 12.10
N VAL D 46 17.02 -6.45 12.73
CA VAL D 46 16.82 -5.09 13.24
C VAL D 46 16.49 -4.11 12.11
N GLU D 47 15.33 -3.48 12.21
CA GLU D 47 14.87 -2.52 11.19
C GLU D 47 15.88 -1.39 10.99
N ASN D 48 15.90 -0.86 9.77
CA ASN D 48 16.80 0.24 9.41
C ASN D 48 16.41 0.83 8.05
N GLN D 49 16.64 2.13 7.90
CA GLN D 49 16.31 2.84 6.65
C GLN D 49 16.98 4.22 6.61
N GLU D 50 18.32 4.22 6.68
CA GLU D 50 19.09 5.46 6.64
C GLU D 50 20.17 5.41 5.56
N GLY D 51 19.74 5.47 4.30
CA GLY D 51 20.67 5.42 3.18
C GLY D 51 20.35 6.43 2.09
N MET D 52 21.35 6.75 1.28
CA MET D 52 21.18 7.70 0.18
C MET D 52 20.87 9.12 0.70
N VAL D 53 20.52 10.02 -0.19
CA VAL D 53 20.22 11.41 0.20
C VAL D 53 19.08 12.01 -0.62
N GLU D 54 18.98 11.63 -1.89
CA GLU D 54 17.94 12.15 -2.78
C GLU D 54 16.62 11.41 -2.59
N VAL D 55 15.52 12.11 -2.87
CA VAL D 55 14.17 11.56 -2.75
C VAL D 55 13.27 12.14 -3.86
N ALA D 56 13.32 11.53 -5.04
CA ALA D 56 12.54 12.01 -6.18
C ALA D 56 11.89 10.87 -6.98
N ARG D 57 10.92 11.25 -7.81
CA ARG D 57 10.20 10.30 -8.67
C ARG D 57 9.57 11.05 -9.86
N PHE D 58 9.39 10.34 -10.97
CA PHE D 58 8.80 10.94 -12.18
C PHE D 58 8.41 9.88 -13.21
N ILE D 59 7.60 10.27 -14.20
CA ILE D 59 7.14 9.35 -15.25
C ILE D 59 6.69 8.01 -14.65
N GLU D 60 5.66 8.07 -13.81
CA GLU D 60 5.13 6.87 -13.16
C GLU D 60 3.70 6.56 -13.62
N MET D 61 2.87 7.60 -13.71
CA MET D 61 1.47 7.45 -14.14
C MET D 61 0.64 6.79 -13.03
N ASN D 62 0.93 5.51 -12.75
CA ASN D 62 0.23 4.78 -11.70
C ASN D 62 1.12 4.61 -10.48
N GLY D 63 1.40 5.72 -9.81
CA GLY D 63 2.24 5.70 -8.62
C GLY D 63 2.02 6.92 -7.75
N SER D 64 0.86 6.97 -7.08
CA SER D 64 0.50 8.08 -6.22
C SER D 64 0.16 9.33 -7.06
N PHE D 65 -0.20 10.42 -6.39
CA PHE D 65 -0.55 11.66 -7.10
C PHE D 65 0.30 12.84 -6.61
N ALA D 66 -0.14 13.49 -5.53
CA ALA D 66 0.60 14.62 -4.98
C ALA D 66 1.28 14.22 -3.66
N ASP D 67 0.78 14.73 -2.53
CA ASP D 67 1.35 14.40 -1.22
C ASP D 67 2.79 14.93 -1.07
N GLU D 68 3.32 14.86 0.15
CA GLU D 68 4.67 15.32 0.46
C GLU D 68 4.83 16.83 0.23
N ASN D 69 6.04 17.36 0.49
CA ASN D 69 6.31 18.79 0.32
C ASN D 69 7.43 19.03 -0.72
N LYS D 70 8.69 19.13 -0.26
CA LYS D 70 9.81 19.36 -1.18
C LYS D 70 11.16 19.50 -0.45
N ASP D 71 11.73 18.39 -0.02
CA ASP D 71 13.02 18.39 0.67
C ASP D 71 14.17 18.37 -0.35
N TRP D 72 14.08 17.44 -1.30
CA TRP D 72 15.09 17.30 -2.34
C TRP D 72 14.73 18.17 -3.55
N MET C 1 -19.73 6.51 7.36
CA MET C 1 -20.74 5.76 6.56
C MET C 1 -20.04 4.80 5.58
N LYS C 2 -20.60 4.65 4.37
CA LYS C 2 -20.00 3.77 3.36
C LYS C 2 -19.64 4.55 2.11
N GLN C 3 -18.37 4.87 1.96
CA GLN C 3 -17.89 5.59 0.78
C GLN C 3 -17.19 4.62 -0.13
N ARG C 4 -17.78 4.35 -1.27
CA ARG C 4 -17.17 3.41 -2.17
C ARG C 4 -16.02 4.04 -2.92
N ILE C 5 -14.83 3.66 -2.50
CA ILE C 5 -13.61 4.09 -3.15
C ILE C 5 -13.16 2.90 -3.95
N THR C 6 -13.04 3.08 -5.24
CA THR C 6 -12.68 1.98 -6.07
C THR C 6 -11.43 2.31 -6.90
N VAL C 7 -10.38 1.47 -6.79
CA VAL C 7 -9.16 1.66 -7.57
C VAL C 7 -9.19 0.71 -8.76
N THR C 8 -9.39 1.25 -9.94
CA THR C 8 -9.46 0.43 -11.14
C THR C 8 -8.08 -0.14 -11.49
N VAL C 9 -7.77 -1.31 -10.96
CA VAL C 9 -6.49 -1.95 -11.20
C VAL C 9 -6.53 -2.76 -12.51
N ASP C 10 -6.04 -4.02 -12.50
CA ASP C 10 -5.95 -4.82 -13.73
C ASP C 10 -4.64 -4.48 -14.44
N SER C 11 -3.98 -3.43 -13.94
CA SER C 11 -2.70 -2.97 -14.45
C SER C 11 -1.76 -2.66 -13.29
N ASP C 12 -2.23 -1.81 -12.34
CA ASP C 12 -1.42 -1.39 -11.19
C ASP C 12 -0.72 -2.57 -10.46
N SER C 13 -1.23 -3.01 -9.29
CA SER C 13 -0.63 -4.12 -8.53
C SER C 13 -1.47 -4.49 -7.30
N TYR C 14 -2.79 -4.37 -7.48
CA TYR C 14 -3.80 -4.68 -6.45
C TYR C 14 -4.13 -6.18 -6.37
N GLN C 15 -4.18 -6.82 -7.53
CA GLN C 15 -4.56 -8.23 -7.64
C GLN C 15 -3.83 -9.15 -6.66
N LEU C 16 -2.52 -9.01 -6.49
CA LEU C 16 -1.77 -9.89 -5.57
C LEU C 16 -2.38 -9.90 -4.15
N LEU C 17 -2.73 -8.71 -3.66
CA LEU C 17 -3.31 -8.59 -2.31
C LEU C 17 -4.61 -9.40 -2.20
N LYS C 18 -5.50 -9.15 -3.13
CA LYS C 18 -6.79 -9.85 -3.17
C LYS C 18 -6.62 -11.28 -3.64
N ALA C 19 -5.61 -11.48 -4.47
CA ALA C 19 -5.28 -12.78 -5.00
C ALA C 19 -4.91 -13.74 -3.89
N TYR C 20 -4.39 -13.19 -2.79
CA TYR C 20 -4.02 -14.01 -1.66
C TYR C 20 -5.21 -14.17 -0.72
N ASP C 21 -5.95 -13.07 -0.41
CA ASP C 21 -7.15 -13.17 0.46
C ASP C 21 -7.56 -11.83 1.08
N VAL C 22 -7.11 -10.71 0.53
CA VAL C 22 -7.44 -9.42 1.10
C VAL C 22 -7.31 -8.30 0.09
N ASN C 23 -8.44 -7.89 -0.48
CA ASN C 23 -8.42 -6.79 -1.44
C ASN C 23 -7.81 -5.57 -0.73
N ILE C 24 -8.65 -4.70 -0.21
CA ILE C 24 -8.13 -3.53 0.51
C ILE C 24 -9.05 -3.02 1.61
N SER C 25 -10.14 -3.73 1.88
CA SER C 25 -11.09 -3.26 2.90
C SER C 25 -10.34 -2.64 4.10
N GLY C 26 -9.56 -3.46 4.81
CA GLY C 26 -8.78 -2.97 5.93
C GLY C 26 -7.41 -2.49 5.51
N LEU C 27 -6.89 -3.02 4.41
CA LEU C 27 -5.59 -2.63 3.90
C LEU C 27 -5.59 -1.14 3.62
N VAL C 28 -6.46 -0.73 2.69
CA VAL C 28 -6.57 0.67 2.33
C VAL C 28 -6.69 1.52 3.60
N SER C 29 -7.76 1.32 4.35
CA SER C 29 -7.99 2.08 5.59
C SER C 29 -6.77 2.10 6.52
N THR C 30 -6.09 0.97 6.71
CA THR C 30 -4.93 0.94 7.59
C THR C 30 -3.77 1.64 6.90
N THR C 31 -3.55 1.28 5.63
CA THR C 31 -2.50 1.89 4.86
C THR C 31 -2.75 3.39 4.70
N MET C 32 -4.04 3.73 4.62
CA MET C 32 -4.49 5.11 4.49
C MET C 32 -4.13 5.91 5.73
N GLN C 33 -4.58 5.46 6.91
CA GLN C 33 -4.27 6.17 8.16
C GLN C 33 -2.77 6.45 8.26
N ASN C 34 -1.95 5.53 7.74
CA ASN C 34 -0.51 5.68 7.76
C ASN C 34 -0.07 6.70 6.71
N GLU C 35 -0.55 6.52 5.48
CA GLU C 35 -0.24 7.45 4.39
C GLU C 35 -0.90 8.80 4.66
N ALA C 36 -1.95 8.78 5.46
CA ALA C 36 -2.65 10.00 5.84
C ALA C 36 -1.80 10.78 6.83
N ARG C 37 -1.33 10.09 7.87
CA ARG C 37 -0.47 10.70 8.87
C ARG C 37 0.87 11.06 8.27
N ARG C 38 1.51 10.05 7.70
CA ARG C 38 2.82 10.21 7.11
C ARG C 38 2.79 11.23 5.96
N LEU C 39 1.78 11.08 5.07
CA LEU C 39 1.62 11.98 3.93
C LEU C 39 2.97 12.47 3.39
N ARG C 40 3.75 11.55 2.83
CA ARG C 40 5.08 11.87 2.31
C ARG C 40 5.25 11.48 0.83
N ALA C 41 5.65 10.23 0.57
CA ALA C 41 5.85 9.76 -0.80
C ALA C 41 6.57 8.40 -0.83
N GLU C 42 6.40 7.67 -1.93
CA GLU C 42 7.03 6.36 -2.12
C GLU C 42 7.34 6.11 -3.61
N ARG C 43 7.29 4.84 -4.03
CA ARG C 43 7.56 4.49 -5.43
C ARG C 43 6.44 3.59 -5.99
N TRP C 44 6.56 3.23 -7.27
CA TRP C 44 5.55 2.39 -7.93
C TRP C 44 6.17 1.19 -8.65
N LYS C 45 5.32 0.33 -9.20
CA LYS C 45 5.75 -0.86 -9.93
C LYS C 45 6.18 -0.50 -11.35
N VAL C 46 7.38 -0.94 -11.74
CA VAL C 46 7.91 -0.67 -13.07
C VAL C 46 7.33 -1.62 -14.12
N GLU C 47 6.35 -1.11 -14.88
CA GLU C 47 5.68 -1.88 -15.95
C GLU C 47 5.56 -3.38 -15.64
N ASN C 48 5.08 -3.69 -14.43
CA ASN C 48 4.88 -5.09 -14.01
C ASN C 48 6.17 -5.93 -14.12
N GLN C 49 7.33 -5.31 -13.96
CA GLN C 49 8.60 -6.03 -14.04
C GLN C 49 9.08 -6.44 -12.64
N GLU C 50 9.88 -7.50 -12.56
CA GLU C 50 10.42 -7.98 -11.28
C GLU C 50 11.40 -6.97 -10.67
N GLY C 51 10.91 -5.77 -10.38
CA GLY C 51 11.76 -4.73 -9.80
C GLY C 51 11.62 -4.61 -8.29
N MET C 52 10.65 -3.80 -7.85
CA MET C 52 10.41 -3.59 -6.41
C MET C 52 11.70 -3.19 -5.67
N VAL C 53 11.70 -3.31 -4.34
CA VAL C 53 12.87 -2.96 -3.54
C VAL C 53 13.55 -4.21 -2.98
N GLU C 54 12.84 -4.92 -2.10
CA GLU C 54 13.36 -6.14 -1.49
C GLU C 54 12.20 -7.01 -1.01
N VAL C 55 11.54 -6.56 0.06
CA VAL C 55 10.40 -7.27 0.64
C VAL C 55 10.74 -8.73 0.93
N ALA C 56 11.91 -8.93 1.55
CA ALA C 56 12.43 -10.25 1.92
C ALA C 56 11.36 -11.34 1.96
N ARG C 57 11.59 -12.42 1.22
CA ARG C 57 10.65 -13.54 1.17
C ARG C 57 10.71 -14.38 2.44
N PHE C 58 9.55 -14.88 2.87
CA PHE C 58 9.48 -15.70 4.08
C PHE C 58 10.37 -16.94 3.96
N ILE C 59 11.22 -17.15 4.96
CA ILE C 59 12.15 -18.27 4.98
C ILE C 59 11.84 -19.28 6.10
N GLU C 60 11.09 -18.86 7.12
CA GLU C 60 10.74 -19.75 8.24
C GLU C 60 9.98 -20.99 7.74
N MET C 61 10.71 -22.09 7.55
CA MET C 61 10.11 -23.34 7.06
C MET C 61 9.12 -23.93 8.06
N ASN C 62 8.10 -24.62 7.54
CA ASN C 62 7.06 -25.25 8.38
C ASN C 62 6.15 -24.19 9.03
N GLY C 63 5.84 -23.14 8.27
CA GLY C 63 4.97 -22.09 8.77
C GLY C 63 3.70 -21.94 7.96
N SER C 64 3.19 -20.71 7.86
CA SER C 64 1.97 -20.43 7.11
C SER C 64 1.67 -18.93 7.10
N PHE C 65 0.67 -18.50 7.89
CA PHE C 65 0.31 -17.07 7.99
C PHE C 65 0.00 -16.48 6.61
N ALA C 66 -1.28 -16.53 6.22
CA ALA C 66 -1.71 -15.97 4.93
C ALA C 66 -1.13 -14.56 4.75
N ASP C 67 -1.55 -13.68 5.63
CA ASP C 67 -1.09 -12.29 5.65
C ASP C 67 -1.18 -11.73 7.08
N GLU C 68 -0.22 -10.87 7.43
CA GLU C 68 -0.18 -10.30 8.79
C GLU C 68 0.08 -8.79 8.80
N ASN C 69 -0.13 -8.13 7.65
CA ASN C 69 0.09 -6.68 7.52
C ASN C 69 1.55 -6.33 7.79
N LYS C 70 2.40 -6.54 6.78
CA LYS C 70 3.83 -6.24 6.91
C LYS C 70 4.41 -5.73 5.59
N ASP C 71 5.39 -4.83 5.69
CA ASP C 71 6.03 -4.25 4.51
C ASP C 71 7.37 -4.94 4.20
N TRP C 72 8.35 -4.80 5.11
CA TRP C 72 9.68 -5.41 4.96
C TRP C 72 10.69 -4.77 5.92
N MET D 1 -7.42 -2.81 -19.84
CA MET D 1 -7.47 -3.39 -18.47
C MET D 1 -7.96 -2.38 -17.44
N LYS D 2 -8.82 -2.82 -16.53
CA LYS D 2 -9.36 -1.96 -15.45
C LYS D 2 -10.21 -2.76 -14.48
N GLN D 3 -9.61 -3.16 -13.37
CA GLN D 3 -10.32 -3.91 -12.35
C GLN D 3 -10.78 -2.98 -11.25
N ARG D 4 -12.08 -2.85 -11.12
CA ARG D 4 -12.61 -1.95 -10.11
C ARG D 4 -12.56 -2.57 -8.72
N ILE D 5 -11.59 -2.14 -7.95
CA ILE D 5 -11.43 -2.62 -6.58
C ILE D 5 -11.99 -1.55 -5.67
N THR D 6 -13.11 -1.83 -5.05
CA THR D 6 -13.77 -0.83 -4.23
C THR D 6 -13.83 -1.20 -2.74
N VAL D 7 -13.18 -0.38 -1.91
CA VAL D 7 -13.26 -0.53 -0.46
C VAL D 7 -14.23 0.53 0.02
N THR D 8 -15.44 0.13 0.37
CA THR D 8 -16.44 1.09 0.80
C THR D 8 -16.08 1.67 2.17
N VAL D 9 -15.25 2.71 2.15
CA VAL D 9 -14.80 3.35 3.38
C VAL D 9 -15.83 4.36 3.92
N ASP D 10 -15.38 5.53 4.40
CA ASP D 10 -16.25 6.54 5.01
C ASP D 10 -16.43 6.20 6.50
N SER D 11 -15.86 5.05 6.88
CA SER D 11 -15.86 4.56 8.24
C SER D 11 -14.41 4.25 8.62
N ASP D 12 -13.80 3.29 7.92
CA ASP D 12 -12.43 2.88 8.17
C ASP D 12 -11.44 4.06 8.31
N SER D 13 -10.79 4.50 7.22
CA SER D 13 -9.83 5.63 7.29
C SER D 13 -9.24 5.95 5.90
N TYR D 14 -10.09 5.91 4.88
CA TYR D 14 -9.71 6.18 3.48
C TYR D 14 -9.71 7.69 3.17
N GLN D 15 -10.72 8.38 3.68
CA GLN D 15 -10.92 9.80 3.38
C GLN D 15 -9.66 10.67 3.55
N LEU D 16 -8.84 10.43 4.56
CA LEU D 16 -7.62 11.25 4.73
C LEU D 16 -6.68 11.16 3.52
N LEU D 17 -6.39 9.93 3.09
CA LEU D 17 -5.49 9.70 1.94
C LEU D 17 -5.96 10.47 0.70
N LYS D 18 -7.25 10.42 0.46
CA LYS D 18 -7.87 11.09 -0.67
C LYS D 18 -8.06 12.57 -0.37
N ALA D 19 -8.28 12.85 0.90
CA ALA D 19 -8.46 14.22 1.38
C ALA D 19 -7.19 15.02 1.13
N TYR D 20 -6.04 14.34 1.08
CA TYR D 20 -4.79 15.02 0.84
C TYR D 20 -4.53 15.14 -0.66
N ASP D 21 -4.83 14.08 -1.47
CA ASP D 21 -4.68 14.15 -2.96
C ASP D 21 -4.07 12.89 -3.58
N VAL D 22 -4.63 11.72 -3.24
CA VAL D 22 -4.10 10.48 -3.79
C VAL D 22 -5.09 9.30 -3.71
N ASN D 23 -5.87 9.22 -2.63
CA ASN D 23 -6.79 8.11 -2.44
C ASN D 23 -6.00 6.79 -2.50
N ILE D 24 -6.17 5.99 -3.55
CA ILE D 24 -5.43 4.74 -3.63
C ILE D 24 -4.99 4.31 -5.01
N SER D 25 -5.27 5.12 -6.03
CA SER D 25 -4.89 4.74 -7.40
C SER D 25 -3.51 4.06 -7.38
N GLY D 26 -2.47 4.83 -7.00
CA GLY D 26 -1.14 4.27 -6.91
C GLY D 26 -0.87 3.69 -5.53
N LEU D 27 -1.56 4.22 -4.51
CA LEU D 27 -1.40 3.76 -3.15
C LEU D 27 -1.68 2.26 -3.08
N VAL D 28 -2.90 1.84 -3.42
CA VAL D 28 -3.22 0.42 -3.41
C VAL D 28 -2.21 -0.35 -4.28
N SER D 29 -2.08 0.06 -5.53
CA SER D 29 -1.18 -0.58 -6.49
C SER D 29 0.23 -0.82 -5.92
N THR D 30 0.82 0.19 -5.30
CA THR D 30 2.15 0.03 -4.74
C THR D 30 2.09 -0.63 -3.37
N THR D 31 1.19 -0.15 -2.51
CA THR D 31 1.04 -0.71 -1.18
C THR D 31 0.75 -2.21 -1.26
N MET D 32 -0.21 -2.58 -2.10
CA MET D 32 -0.56 -3.98 -2.27
C MET D 32 0.67 -4.82 -2.55
N GLN D 33 1.50 -4.39 -3.49
CA GLN D 33 2.72 -5.12 -3.83
C GLN D 33 3.60 -5.36 -2.59
N ASN D 34 3.62 -4.38 -1.68
CA ASN D 34 4.41 -4.51 -0.47
C ASN D 34 3.76 -5.53 0.48
N GLU D 35 2.45 -5.38 0.70
CA GLU D 35 1.71 -6.31 1.54
C GLU D 35 1.49 -7.65 0.80
N ALA D 36 1.57 -7.60 -0.52
CA ALA D 36 1.40 -8.78 -1.37
C ALA D 36 2.66 -9.63 -1.38
N ARG D 37 3.81 -8.97 -1.26
CA ARG D 37 5.08 -9.68 -1.23
C ARG D 37 5.36 -10.21 0.15
N ARG D 38 5.27 -9.30 1.11
CA ARG D 38 5.58 -9.64 2.48
C ARG D 38 4.51 -10.49 3.20
N LEU D 39 3.26 -10.48 2.70
CA LEU D 39 2.15 -11.25 3.32
C LEU D 39 2.63 -12.52 4.04
N ARG D 40 2.77 -12.44 5.38
CA ARG D 40 3.20 -13.59 6.20
C ARG D 40 3.46 -13.15 7.65
N ALA D 41 4.64 -12.57 7.91
CA ALA D 41 5.03 -12.11 9.25
C ALA D 41 6.54 -11.85 9.33
N GLU D 42 7.31 -12.90 9.66
CA GLU D 42 8.77 -12.83 9.77
C GLU D 42 9.25 -11.62 10.59
N ARG D 43 9.39 -11.83 11.90
CA ARG D 43 9.85 -10.78 12.81
C ARG D 43 11.19 -10.18 12.36
N TRP D 44 12.28 -10.90 12.62
CA TRP D 44 13.63 -10.46 12.24
C TRP D 44 13.90 -9.00 12.62
N LYS D 45 13.73 -8.07 11.67
CA LYS D 45 13.96 -6.65 11.91
C LYS D 45 13.55 -5.82 10.68
N VAL D 46 12.46 -5.08 10.81
CA VAL D 46 11.96 -4.23 9.72
C VAL D 46 12.97 -3.14 9.33
N GLU D 47 12.94 -2.73 8.07
CA GLU D 47 13.85 -1.70 7.58
C GLU D 47 13.08 -0.50 6.99
N ASN D 48 13.58 0.08 5.90
CA ASN D 48 12.94 1.22 5.25
C ASN D 48 12.96 1.06 3.73
N GLN D 49 11.89 1.49 3.08
CA GLN D 49 11.78 1.40 1.63
C GLN D 49 12.53 2.53 0.92
N GLU D 50 13.47 2.16 0.05
CA GLU D 50 14.24 3.15 -0.71
C GLU D 50 13.50 3.53 -2.00
N GLY D 51 13.54 4.82 -2.36
CA GLY D 51 12.85 5.29 -3.55
C GLY D 51 13.75 6.01 -4.53
N MET D 52 13.80 5.51 -5.76
CA MET D 52 14.61 6.11 -6.82
C MET D 52 13.72 6.65 -7.95
N VAL D 53 14.28 7.52 -8.78
CA VAL D 53 13.53 8.12 -9.90
C VAL D 53 14.16 7.79 -11.25
N GLU D 54 13.43 8.07 -12.32
CA GLU D 54 13.87 7.79 -13.69
C GLU D 54 14.26 9.07 -14.45
N VAL D 55 13.30 9.63 -15.18
CA VAL D 55 13.53 10.85 -15.96
C VAL D 55 12.80 12.03 -15.32
N ALA D 56 11.51 11.84 -15.08
CA ALA D 56 10.67 12.85 -14.45
C ALA D 56 10.96 14.27 -14.96
N ARG D 57 11.13 14.39 -16.28
CA ARG D 57 11.41 15.67 -16.92
C ARG D 57 11.15 15.60 -18.43
N PHE D 58 10.09 16.28 -18.87
CA PHE D 58 9.73 16.29 -20.29
C PHE D 58 8.75 17.43 -20.60
N ILE D 59 7.67 17.51 -19.80
CA ILE D 59 6.66 18.54 -19.98
C ILE D 59 6.72 19.56 -18.84
N GLU D 60 6.07 20.71 -19.03
CA GLU D 60 6.06 21.75 -18.01
C GLU D 60 4.87 21.57 -17.05
N MET D 61 4.59 22.60 -16.24
CA MET D 61 3.49 22.58 -15.27
C MET D 61 3.89 21.87 -13.97
N ASN D 62 3.20 22.23 -12.88
CA ASN D 62 3.48 21.65 -11.56
C ASN D 62 3.00 20.20 -11.45
N GLY D 63 3.95 19.26 -11.50
CA GLY D 63 3.62 17.85 -11.39
C GLY D 63 4.19 17.21 -10.14
N SER D 64 4.17 17.94 -9.03
CA SER D 64 4.70 17.44 -7.76
C SER D 64 4.34 18.36 -6.59
N PHE D 65 3.10 18.27 -6.11
CA PHE D 65 2.65 19.10 -4.99
C PHE D 65 2.71 18.31 -3.68
N ALA D 66 1.75 17.40 -3.51
CA ALA D 66 1.69 16.55 -2.32
C ALA D 66 1.80 15.07 -2.72
N ASP D 67 0.91 14.69 -3.61
CA ASP D 67 0.87 13.32 -4.13
C ASP D 67 0.25 13.30 -5.53
N GLU D 68 -0.06 12.10 -6.02
CA GLU D 68 -0.65 11.94 -7.36
C GLU D 68 0.35 12.37 -8.44
N ASN D 69 -0.15 12.69 -9.63
CA ASN D 69 0.68 13.08 -10.77
C ASN D 69 1.38 11.87 -11.37
N LYS D 70 0.86 11.40 -12.51
CA LYS D 70 1.41 10.22 -13.19
C LYS D 70 2.80 10.51 -13.79
N ASP D 71 3.77 10.82 -12.93
CA ASP D 71 5.13 11.11 -13.39
C ASP D 71 6.13 10.09 -12.82
N TRP D 72 7.42 10.39 -12.95
CA TRP D 72 8.48 9.50 -12.46
C TRP D 72 8.94 9.88 -11.05
N MET C 1 -22.30 6.60 5.79
CA MET C 1 -22.40 5.18 5.38
C MET C 1 -21.29 4.79 4.41
N LYS C 2 -20.84 3.53 4.50
CA LYS C 2 -19.76 2.99 3.65
C LYS C 2 -19.57 3.81 2.37
N GLN C 3 -18.38 4.41 2.22
CA GLN C 3 -18.06 5.22 1.04
C GLN C 3 -17.21 4.43 0.06
N ARG C 4 -17.73 4.27 -1.15
CA ARG C 4 -17.04 3.49 -2.16
C ARG C 4 -15.91 4.24 -2.85
N ILE C 5 -14.69 3.78 -2.59
CA ILE C 5 -13.49 4.32 -3.20
C ILE C 5 -12.88 3.19 -3.98
N THR C 6 -12.69 3.38 -5.27
CA THR C 6 -12.14 2.31 -6.05
C THR C 6 -11.01 2.76 -6.94
N VAL C 7 -10.00 1.90 -7.02
CA VAL C 7 -8.85 2.11 -7.89
C VAL C 7 -9.07 1.25 -9.13
N THR C 8 -9.38 1.86 -10.26
CA THR C 8 -9.62 1.09 -11.47
C THR C 8 -8.30 0.50 -11.96
N VAL C 9 -7.80 -0.43 -11.17
CA VAL C 9 -6.54 -1.09 -11.46
C VAL C 9 -6.81 -2.42 -12.18
N ASP C 10 -6.10 -3.47 -11.79
CA ASP C 10 -6.22 -4.78 -12.38
C ASP C 10 -5.01 -5.57 -11.91
N SER C 11 -3.89 -5.41 -12.59
CA SER C 11 -2.68 -6.09 -12.23
C SER C 11 -1.67 -5.17 -11.53
N ASP C 12 -2.05 -3.92 -11.15
CA ASP C 12 -1.08 -3.07 -10.48
C ASP C 12 -1.00 -3.47 -9.01
N SER C 13 -0.46 -4.67 -8.79
CA SER C 13 -0.31 -5.24 -7.45
C SER C 13 -1.64 -5.46 -6.70
N TYR C 14 -2.67 -4.64 -6.99
CA TYR C 14 -3.97 -4.77 -6.34
C TYR C 14 -4.44 -6.22 -6.30
N GLN C 15 -4.58 -6.81 -7.49
CA GLN C 15 -5.07 -8.17 -7.63
C GLN C 15 -4.34 -9.16 -6.70
N LEU C 16 -3.04 -9.01 -6.51
CA LEU C 16 -2.27 -9.92 -5.64
C LEU C 16 -2.80 -9.94 -4.20
N LEU C 17 -3.05 -8.75 -3.67
CA LEU C 17 -3.56 -8.65 -2.29
C LEU C 17 -4.83 -9.46 -2.12
N LYS C 18 -5.76 -9.25 -3.04
CA LYS C 18 -7.04 -9.97 -3.02
C LYS C 18 -6.85 -11.39 -3.50
N ALA C 19 -5.88 -11.56 -4.38
CA ALA C 19 -5.54 -12.87 -4.93
C ALA C 19 -5.15 -13.83 -3.81
N TYR C 20 -4.59 -13.29 -2.73
CA TYR C 20 -4.21 -14.10 -1.61
C TYR C 20 -5.39 -14.25 -0.65
N ASP C 21 -6.11 -13.14 -0.37
CA ASP C 21 -7.34 -13.18 0.49
C ASP C 21 -7.60 -11.86 1.23
N VAL C 22 -7.16 -10.75 0.65
CA VAL C 22 -7.34 -9.44 1.27
C VAL C 22 -7.18 -8.36 0.22
N ASN C 23 -8.29 -8.03 -0.45
CA ASN C 23 -8.26 -6.99 -1.48
C ASN C 23 -7.67 -5.73 -0.87
N ILE C 24 -8.49 -4.89 -0.26
CA ILE C 24 -7.99 -3.66 0.35
C ILE C 24 -8.83 -3.11 1.48
N SER C 25 -9.97 -3.74 1.81
CA SER C 25 -10.84 -3.18 2.86
C SER C 25 -10.02 -2.60 4.02
N GLY C 26 -9.30 -3.47 4.73
CA GLY C 26 -8.45 -3.01 5.82
C GLY C 26 -7.09 -2.56 5.33
N LEU C 27 -6.73 -3.01 4.13
CA LEU C 27 -5.47 -2.68 3.52
C LEU C 27 -5.42 -1.19 3.17
N VAL C 28 -6.32 -0.72 2.29
CA VAL C 28 -6.34 0.68 1.94
C VAL C 28 -6.35 1.54 3.21
N SER C 29 -7.39 1.37 4.04
CA SER C 29 -7.53 2.12 5.29
C SER C 29 -6.28 2.10 6.17
N THR C 30 -5.62 0.94 6.28
CA THR C 30 -4.42 0.84 7.09
C THR C 30 -3.34 1.65 6.43
N THR C 31 -3.13 1.38 5.16
CA THR C 31 -2.15 2.09 4.40
C THR C 31 -2.51 3.58 4.36
N MET C 32 -3.81 3.86 4.32
CA MET C 32 -4.32 5.22 4.30
C MET C 32 -4.01 5.92 5.60
N GLN C 33 -4.46 5.37 6.71
CA GLN C 33 -4.21 5.97 8.02
C GLN C 33 -2.73 6.29 8.20
N ASN C 34 -1.88 5.44 7.62
CA ASN C 34 -0.43 5.64 7.69
C ASN C 34 0.02 6.73 6.72
N GLU C 35 -0.38 6.63 5.45
CA GLU C 35 -0.05 7.65 4.47
C GLU C 35 -0.82 8.95 4.75
N ALA C 36 -1.90 8.82 5.53
CA ALA C 36 -2.74 9.94 5.92
C ALA C 36 -2.18 10.66 7.14
N ARG C 37 -1.83 9.88 8.17
CA ARG C 37 -1.27 10.45 9.40
C ARG C 37 -0.02 11.24 9.10
N ARG C 38 0.90 10.57 8.42
CA ARG C 38 2.17 11.19 8.08
C ARG C 38 1.98 12.45 7.22
N LEU C 39 1.11 12.35 6.20
CA LEU C 39 0.82 13.47 5.28
C LEU C 39 1.96 14.49 5.18
N ARG C 40 2.83 14.31 4.19
CA ARG C 40 3.96 15.21 3.97
C ARG C 40 3.54 16.50 3.26
N ALA C 41 4.19 17.60 3.64
CA ALA C 41 3.92 18.90 3.03
C ALA C 41 5.24 19.62 2.74
N GLU C 42 5.82 20.23 3.78
CA GLU C 42 7.09 20.94 3.65
C GLU C 42 8.24 19.97 3.41
N ARG C 43 8.61 19.23 4.45
CA ARG C 43 9.72 18.28 4.37
C ARG C 43 9.74 17.31 5.55
N TRP C 44 9.70 17.86 6.78
CA TRP C 44 9.73 17.03 7.99
C TRP C 44 8.39 17.08 8.75
N LYS C 45 8.31 17.94 9.77
CA LYS C 45 7.09 18.06 10.57
C LYS C 45 6.24 19.25 10.12
N VAL C 46 5.03 18.97 9.67
CA VAL C 46 4.11 20.02 9.22
C VAL C 46 2.74 19.90 9.90
N GLU C 47 1.91 18.95 9.44
CA GLU C 47 0.57 18.76 10.01
C GLU C 47 0.25 17.28 10.22
N ASN C 48 -0.31 16.95 11.37
CA ASN C 48 -0.67 15.57 11.70
C ASN C 48 -1.96 15.53 12.52
N GLN C 49 -2.82 14.56 12.23
CA GLN C 49 -4.09 14.41 12.93
C GLN C 49 -4.16 13.11 13.75
N GLU C 50 -4.70 13.21 14.97
CA GLU C 50 -4.84 12.06 15.86
C GLU C 50 -6.31 11.65 16.00
N GLY C 51 -6.57 10.35 15.86
CA GLY C 51 -7.92 9.83 15.97
C GLY C 51 -8.37 9.12 14.70
N MET C 52 -9.66 9.19 14.41
CA MET C 52 -10.23 8.55 13.20
C MET C 52 -9.98 7.04 13.19
N VAL C 53 -10.85 6.31 13.87
CA VAL C 53 -10.75 4.84 13.95
C VAL C 53 -12.10 4.23 14.35
N GLU C 54 -12.23 2.91 14.24
CA GLU C 54 -13.47 2.21 14.60
C GLU C 54 -13.78 2.39 16.09
N VAL C 55 -12.89 1.85 16.94
CA VAL C 55 -13.05 1.93 18.39
C VAL C 55 -14.20 1.06 18.90
N ALA C 56 -14.74 0.21 18.04
CA ALA C 56 -15.84 -0.68 18.41
C ALA C 56 -16.95 0.07 19.17
N ARG C 57 -17.13 1.34 18.83
CA ARG C 57 -18.14 2.19 19.48
C ARG C 57 -19.32 2.52 18.55
N PHE C 58 -19.14 2.33 17.24
CA PHE C 58 -20.19 2.62 16.27
C PHE C 58 -20.94 1.35 15.88
N ILE C 59 -20.19 0.28 15.56
CA ILE C 59 -20.78 -0.99 15.16
C ILE C 59 -20.05 -2.17 15.81
N GLU C 60 -20.75 -3.28 15.99
CA GLU C 60 -20.17 -4.47 16.61
C GLU C 60 -20.14 -5.66 15.64
N MET C 61 -18.94 -6.09 15.27
CA MET C 61 -18.74 -7.21 14.35
C MET C 61 -17.27 -7.63 14.28
N ASN C 62 -16.99 -8.89 14.58
CA ASN C 62 -15.61 -9.39 14.56
C ASN C 62 -15.08 -9.55 13.13
N GLY C 63 -15.60 -10.54 12.41
CA GLY C 63 -15.15 -10.79 11.04
C GLY C 63 -13.77 -11.42 10.99
N SER C 64 -13.41 -12.00 9.84
CA SER C 64 -12.10 -12.66 9.67
C SER C 64 -11.99 -13.36 8.32
N PHE C 65 -11.09 -12.84 7.47
CA PHE C 65 -10.88 -13.43 6.14
C PHE C 65 -9.62 -14.28 6.12
N ALA C 66 -8.45 -13.63 6.20
CA ALA C 66 -7.17 -14.34 6.21
C ALA C 66 -6.03 -13.45 6.74
N ASP C 67 -5.02 -13.18 5.92
CA ASP C 67 -3.89 -12.34 6.33
C ASP C 67 -4.22 -10.87 6.14
N GLU C 68 -4.95 -10.30 7.10
CA GLU C 68 -5.35 -8.89 7.05
C GLU C 68 -4.92 -8.11 8.30
N ASN C 69 -5.20 -6.80 8.32
CA ASN C 69 -4.85 -5.94 9.44
C ASN C 69 -6.08 -5.67 10.33
N LYS C 70 -5.89 -5.73 11.65
CA LYS C 70 -6.99 -5.51 12.59
C LYS C 70 -6.60 -4.52 13.69
N ASP C 71 -7.28 -3.37 13.74
CA ASP C 71 -7.03 -2.35 14.75
C ASP C 71 -7.96 -2.53 15.96
N TRP C 72 -9.26 -2.66 15.68
CA TRP C 72 -10.25 -2.83 16.73
C TRP C 72 -11.04 -4.14 16.56
N MET D 1 -9.50 -2.39 -21.02
CA MET D 1 -10.13 -3.05 -19.84
C MET D 1 -9.41 -2.69 -18.54
N LYS D 2 -10.10 -2.89 -17.40
CA LYS D 2 -9.52 -2.58 -16.09
C LYS D 2 -10.39 -3.15 -14.97
N GLN D 3 -9.81 -3.26 -13.76
CA GLN D 3 -10.54 -3.78 -12.62
C GLN D 3 -10.84 -2.71 -11.59
N ARG D 4 -12.12 -2.37 -11.47
CA ARG D 4 -12.54 -1.38 -10.49
C ARG D 4 -12.60 -2.04 -9.13
N ILE D 5 -11.57 -1.78 -8.32
CA ILE D 5 -11.49 -2.33 -6.97
C ILE D 5 -11.96 -1.24 -6.03
N THR D 6 -13.05 -1.47 -5.34
CA THR D 6 -13.58 -0.44 -4.47
C THR D 6 -13.55 -0.83 -3.00
N VAL D 7 -12.91 0.01 -2.18
CA VAL D 7 -12.88 -0.19 -0.73
C VAL D 7 -13.92 0.75 -0.11
N THR D 8 -15.10 0.23 0.19
CA THR D 8 -16.15 1.07 0.76
C THR D 8 -15.79 1.47 2.19
N VAL D 9 -15.26 2.68 2.33
CA VAL D 9 -14.82 3.19 3.63
C VAL D 9 -15.94 3.91 4.39
N ASP D 10 -15.68 5.13 4.89
CA ASP D 10 -16.63 5.88 5.73
C ASP D 10 -16.45 5.42 7.18
N SER D 11 -15.66 4.35 7.35
CA SER D 11 -15.35 3.80 8.65
C SER D 11 -13.84 3.56 8.76
N ASP D 12 -13.29 2.70 7.88
CA ASP D 12 -11.87 2.35 7.88
C ASP D 12 -10.95 3.57 8.17
N SER D 13 -10.48 4.27 7.12
CA SER D 13 -9.58 5.44 7.28
C SER D 13 -9.04 5.87 5.89
N TYR D 14 -9.92 5.81 4.91
CA TYR D 14 -9.63 6.16 3.51
C TYR D 14 -9.75 7.66 3.19
N GLN D 15 -10.82 8.28 3.68
CA GLN D 15 -11.11 9.68 3.37
C GLN D 15 -9.91 10.61 3.57
N LEU D 16 -9.06 10.36 4.57
CA LEU D 16 -7.88 11.21 4.80
C LEU D 16 -6.94 11.21 3.59
N LEU D 17 -6.49 10.03 3.19
CA LEU D 17 -5.56 9.89 2.07
C LEU D 17 -5.99 10.71 0.85
N LYS D 18 -7.25 10.56 0.48
CA LYS D 18 -7.82 11.29 -0.66
C LYS D 18 -8.10 12.73 -0.28
N ALA D 19 -8.33 12.94 1.01
CA ALA D 19 -8.58 14.28 1.55
C ALA D 19 -7.35 15.15 1.36
N TYR D 20 -6.17 14.53 1.37
CA TYR D 20 -4.95 15.27 1.16
C TYR D 20 -4.64 15.35 -0.33
N ASP D 21 -4.84 14.23 -1.07
CA ASP D 21 -4.64 14.23 -2.55
C ASP D 21 -4.26 12.85 -3.12
N VAL D 22 -4.64 11.75 -2.49
CA VAL D 22 -4.28 10.43 -3.01
C VAL D 22 -5.43 9.42 -3.01
N ASN D 23 -6.31 9.52 -4.02
CA ASN D 23 -7.45 8.61 -4.13
C ASN D 23 -7.00 7.17 -4.45
N ILE D 24 -6.08 6.68 -3.61
CA ILE D 24 -5.49 5.35 -3.64
C ILE D 24 -5.07 4.77 -5.00
N SER D 25 -5.42 5.39 -6.11
CA SER D 25 -5.09 4.82 -7.42
C SER D 25 -3.69 4.18 -7.40
N GLY D 26 -2.66 4.99 -7.17
CA GLY D 26 -1.29 4.48 -7.09
C GLY D 26 -0.94 3.98 -5.69
N LEU D 27 -1.60 4.54 -4.68
CA LEU D 27 -1.38 4.14 -3.29
C LEU D 27 -1.67 2.66 -3.10
N VAL D 28 -2.93 2.27 -3.36
CA VAL D 28 -3.33 0.87 -3.24
C VAL D 28 -2.31 -0.02 -3.97
N SER D 29 -2.22 0.15 -5.28
CA SER D 29 -1.27 -0.61 -6.09
C SER D 29 0.15 -0.59 -5.49
N THR D 30 0.55 0.51 -4.85
CA THR D 30 1.87 0.58 -4.22
C THR D 30 1.88 -0.28 -2.99
N THR D 31 0.91 -0.05 -2.11
CA THR D 31 0.82 -0.82 -0.88
C THR D 31 0.62 -2.30 -1.20
N MET D 32 -0.25 -2.57 -2.17
CA MET D 32 -0.56 -3.93 -2.59
C MET D 32 0.71 -4.71 -2.93
N GLN D 33 1.58 -4.14 -3.77
CA GLN D 33 2.82 -4.81 -4.15
C GLN D 33 3.65 -5.17 -2.90
N ASN D 34 3.63 -4.31 -1.90
CA ASN D 34 4.35 -4.55 -0.65
C ASN D 34 3.67 -5.68 0.11
N GLU D 35 2.36 -5.55 0.31
CA GLU D 35 1.58 -6.56 1.00
C GLU D 35 1.44 -7.82 0.13
N ALA D 36 1.66 -7.67 -1.18
CA ALA D 36 1.56 -8.77 -2.12
C ALA D 36 2.89 -9.51 -2.24
N ARG D 37 3.99 -8.80 -2.01
CA ARG D 37 5.30 -9.42 -2.07
C ARG D 37 5.57 -10.18 -0.81
N ARG D 38 5.43 -9.46 0.30
CA ARG D 38 5.68 -10.02 1.59
C ARG D 38 4.47 -10.80 2.14
N LEU D 39 3.26 -10.26 1.87
CA LEU D 39 1.98 -10.86 2.34
C LEU D 39 2.02 -11.21 3.83
N ARG D 40 2.53 -12.39 4.17
CA ARG D 40 2.61 -12.82 5.57
C ARG D 40 3.84 -12.23 6.26
N ALA D 41 5.03 -12.54 5.73
CA ALA D 41 6.29 -12.05 6.30
C ALA D 41 6.43 -12.46 7.77
N GLU D 42 7.29 -11.75 8.51
CA GLU D 42 7.52 -12.06 9.93
C GLU D 42 7.25 -10.83 10.80
N ARG D 43 7.10 -11.06 12.10
CA ARG D 43 6.85 -9.97 13.05
C ARG D 43 8.15 -9.26 13.42
N TRP D 44 8.82 -8.71 12.42
CA TRP D 44 10.10 -8.02 12.63
C TRP D 44 9.90 -6.53 12.99
N LYS D 45 8.96 -5.87 12.31
CA LYS D 45 8.69 -4.46 12.57
C LYS D 45 7.93 -4.24 13.87
N VAL D 46 8.67 -4.12 14.97
CA VAL D 46 8.07 -3.90 16.28
C VAL D 46 7.74 -2.42 16.49
N GLU D 47 6.53 -2.17 17.01
CA GLU D 47 6.05 -0.80 17.26
C GLU D 47 5.87 -0.01 15.96
N ASN D 48 4.63 0.06 15.50
CA ASN D 48 4.29 0.77 14.26
C ASN D 48 3.65 2.13 14.59
N GLN D 49 2.70 2.57 13.76
CA GLN D 49 2.02 3.86 13.95
C GLN D 49 2.92 5.03 13.62
N GLU D 50 4.09 5.10 14.26
CA GLU D 50 5.06 6.17 14.02
C GLU D 50 5.57 6.11 12.58
N GLY D 51 5.55 7.25 11.89
CA GLY D 51 6.01 7.30 10.51
C GLY D 51 7.23 8.19 10.30
N MET D 52 7.86 8.64 11.39
CA MET D 52 9.04 9.49 11.30
C MET D 52 10.26 8.80 11.92
N VAL D 53 10.94 8.00 11.11
CA VAL D 53 12.13 7.27 11.55
C VAL D 53 13.39 7.71 10.78
N GLU D 54 13.27 7.79 9.45
CA GLU D 54 14.39 8.21 8.60
C GLU D 54 13.94 9.24 7.57
N VAL D 55 12.96 8.85 6.75
CA VAL D 55 12.45 9.73 5.69
C VAL D 55 13.41 9.78 4.51
N ALA D 56 14.50 9.01 4.58
CA ALA D 56 15.51 8.95 3.53
C ALA D 56 16.69 8.06 3.91
N ARG D 57 17.32 7.46 2.89
CA ARG D 57 18.46 6.57 3.11
C ARG D 57 19.05 6.12 1.77
N PHE D 58 18.20 5.62 0.88
CA PHE D 58 18.63 5.17 -0.44
C PHE D 58 18.26 6.20 -1.51
N ILE D 59 18.89 6.09 -2.68
CA ILE D 59 18.67 7.00 -3.83
C ILE D 59 17.22 7.48 -3.96
N GLU D 60 17.07 8.74 -4.34
CA GLU D 60 15.76 9.37 -4.51
C GLU D 60 14.95 8.71 -5.65
N MET D 61 13.74 9.24 -5.89
CA MET D 61 12.88 8.71 -6.93
C MET D 61 12.18 9.83 -7.71
N ASN D 62 11.31 10.58 -7.01
CA ASN D 62 10.58 11.68 -7.66
C ASN D 62 11.17 13.04 -7.27
N GLY D 63 11.18 13.35 -5.97
CA GLY D 63 11.74 14.63 -5.52
C GLY D 63 10.89 15.29 -4.45
N SER D 64 9.92 16.10 -4.88
CA SER D 64 9.05 16.81 -3.94
C SER D 64 7.65 17.04 -4.50
N PHE D 65 6.79 16.03 -4.36
CA PHE D 65 5.40 16.12 -4.82
C PHE D 65 4.46 16.27 -3.63
N ALA D 66 3.16 16.40 -3.89
CA ALA D 66 2.16 16.56 -2.82
C ALA D 66 2.42 15.56 -1.69
N ASP D 67 2.31 14.29 -2.02
CA ASP D 67 2.54 13.21 -1.05
C ASP D 67 2.70 11.86 -1.77
N GLU D 68 3.95 11.40 -1.84
CA GLU D 68 4.29 10.13 -2.47
C GLU D 68 5.78 9.84 -2.30
N ASN D 69 6.10 8.82 -1.51
CA ASN D 69 7.50 8.48 -1.25
C ASN D 69 7.69 6.99 -0.95
N LYS D 70 8.94 6.55 -0.98
CA LYS D 70 9.28 5.16 -0.70
C LYS D 70 9.52 4.99 0.80
N ASP D 71 9.30 3.78 1.32
CA ASP D 71 9.50 3.51 2.74
C ASP D 71 10.98 3.69 3.11
N TRP D 72 11.23 4.17 4.33
CA TRP D 72 12.60 4.40 4.80
C TRP D 72 12.92 3.53 6.02
N MET C 1 -21.48 6.02 7.14
CA MET C 1 -21.95 4.62 6.91
C MET C 1 -20.94 3.81 6.07
N LYS C 2 -20.84 4.12 4.78
CA LYS C 2 -19.90 3.44 3.90
C LYS C 2 -19.69 4.23 2.60
N GLN C 3 -18.44 4.59 2.34
CA GLN C 3 -18.08 5.34 1.15
C GLN C 3 -17.32 4.46 0.18
N ARG C 4 -17.90 4.26 -0.99
CA ARG C 4 -17.27 3.41 -1.96
C ARG C 4 -16.15 4.11 -2.70
N ILE C 5 -14.93 3.73 -2.35
CA ILE C 5 -13.74 4.26 -2.99
C ILE C 5 -13.15 3.13 -3.81
N THR C 6 -12.87 3.36 -5.06
CA THR C 6 -12.36 2.27 -5.86
C THR C 6 -11.12 2.65 -6.69
N VAL C 7 -10.08 1.79 -6.61
CA VAL C 7 -8.87 1.95 -7.41
C VAL C 7 -8.96 0.98 -8.57
N THR C 8 -9.23 1.46 -9.77
CA THR C 8 -9.36 0.58 -10.91
C THR C 8 -7.99 0.02 -11.30
N VAL C 9 -7.66 -1.14 -10.75
CA VAL C 9 -6.36 -1.77 -11.01
C VAL C 9 -6.42 -2.69 -12.24
N ASP C 10 -5.63 -3.78 -12.22
CA ASP C 10 -5.49 -4.73 -13.35
C ASP C 10 -4.01 -4.75 -13.79
N SER C 11 -3.20 -3.96 -13.09
CA SER C 11 -1.77 -3.86 -13.36
C SER C 11 -0.98 -3.32 -12.15
N ASP C 12 -1.57 -2.43 -11.35
CA ASP C 12 -0.85 -1.83 -10.23
C ASP C 12 -0.64 -2.75 -8.99
N SER C 13 -0.75 -4.06 -9.16
CA SER C 13 -0.48 -5.04 -8.07
C SER C 13 -1.63 -5.26 -7.09
N TYR C 14 -2.80 -4.71 -7.38
CA TYR C 14 -3.97 -4.88 -6.51
C TYR C 14 -4.41 -6.35 -6.41
N GLN C 15 -4.48 -7.00 -7.56
CA GLN C 15 -4.96 -8.39 -7.64
C GLN C 15 -4.29 -9.33 -6.62
N LEU C 16 -2.97 -9.19 -6.42
CA LEU C 16 -2.23 -10.05 -5.48
C LEU C 16 -2.77 -9.94 -4.04
N LEU C 17 -2.93 -8.71 -3.56
CA LEU C 17 -3.43 -8.47 -2.20
C LEU C 17 -4.69 -9.27 -1.91
N LYS C 18 -5.69 -9.06 -2.74
CA LYS C 18 -6.96 -9.77 -2.61
C LYS C 18 -6.79 -11.23 -2.99
N ALA C 19 -5.78 -11.48 -3.83
CA ALA C 19 -5.47 -12.82 -4.28
C ALA C 19 -4.98 -13.66 -3.10
N TYR C 20 -4.40 -13.01 -2.08
CA TYR C 20 -3.93 -13.73 -0.93
C TYR C 20 -5.05 -13.86 0.10
N ASP C 21 -5.90 -12.80 0.28
CA ASP C 21 -7.06 -12.87 1.20
C ASP C 21 -7.41 -11.52 1.83
N VAL C 22 -7.22 -10.42 1.12
CA VAL C 22 -7.53 -9.10 1.67
C VAL C 22 -7.92 -8.09 0.60
N ASN C 23 -9.21 -8.05 0.27
CA ASN C 23 -9.71 -7.12 -0.73
C ASN C 23 -9.63 -5.69 -0.19
N ILE C 24 -8.42 -5.27 0.12
CA ILE C 24 -8.03 -3.95 0.63
C ILE C 24 -8.94 -3.28 1.66
N SER C 25 -10.15 -3.78 1.92
CA SER C 25 -11.04 -3.13 2.86
C SER C 25 -10.25 -2.58 4.07
N GLY C 26 -9.60 -3.46 4.83
CA GLY C 26 -8.79 -3.02 5.97
C GLY C 26 -7.43 -2.49 5.53
N LEU C 27 -6.89 -3.06 4.44
CA LEU C 27 -5.60 -2.64 3.92
C LEU C 27 -5.62 -1.16 3.54
N VAL C 28 -6.48 -0.80 2.58
CA VAL C 28 -6.59 0.59 2.14
C VAL C 28 -6.66 1.55 3.34
N SER C 29 -7.74 1.43 4.10
CA SER C 29 -7.99 2.24 5.27
C SER C 29 -6.81 2.32 6.25
N THR C 30 -6.17 1.18 6.53
CA THR C 30 -5.02 1.19 7.44
C THR C 30 -3.85 1.83 6.73
N THR C 31 -3.64 1.42 5.48
CA THR C 31 -2.59 1.97 4.66
C THR C 31 -2.70 3.50 4.63
N MET C 32 -3.95 3.99 4.57
CA MET C 32 -4.24 5.43 4.55
C MET C 32 -3.64 6.13 5.75
N GLN C 33 -4.00 5.70 6.96
CA GLN C 33 -3.49 6.32 8.18
C GLN C 33 -1.96 6.44 8.15
N ASN C 34 -1.31 5.41 7.61
CA ASN C 34 0.15 5.41 7.51
C ASN C 34 0.61 6.43 6.47
N GLU C 35 0.03 6.35 5.28
CA GLU C 35 0.35 7.29 4.22
C GLU C 35 -0.16 8.69 4.56
N ALA C 36 -1.17 8.76 5.43
CA ALA C 36 -1.74 10.03 5.86
C ALA C 36 -0.86 10.67 6.93
N ARG C 37 -0.44 9.88 7.91
CA ARG C 37 0.44 10.40 8.96
C ARG C 37 1.75 10.85 8.37
N ARG C 38 2.31 9.94 7.59
CA ARG C 38 3.59 10.16 6.97
C ARG C 38 3.52 10.95 5.65
N LEU C 39 2.63 10.53 4.74
CA LEU C 39 2.46 11.15 3.41
C LEU C 39 3.81 11.35 2.70
N ARG C 40 4.18 10.36 1.87
CA ARG C 40 5.44 10.41 1.11
C ARG C 40 6.63 9.96 1.97
N ALA C 41 7.51 10.91 2.34
CA ALA C 41 8.69 10.60 3.16
C ALA C 41 9.72 9.75 2.40
N GLU C 42 10.96 10.22 2.36
CA GLU C 42 12.03 9.52 1.65
C GLU C 42 12.67 8.42 2.49
N ARG C 43 12.02 7.26 2.54
CA ARG C 43 12.51 6.09 3.28
C ARG C 43 11.60 4.89 3.05
N TRP C 44 12.17 3.82 2.50
CA TRP C 44 11.40 2.62 2.21
C TRP C 44 12.05 1.37 2.82
N LYS C 45 11.74 0.21 2.24
CA LYS C 45 12.28 -1.07 2.73
C LYS C 45 13.74 -1.28 2.33
N VAL C 46 14.36 -2.28 2.96
CA VAL C 46 15.75 -2.64 2.70
C VAL C 46 16.09 -4.00 3.33
N GLU C 47 16.64 -4.90 2.52
CA GLU C 47 16.99 -6.24 3.00
C GLU C 47 18.50 -6.41 3.12
N ASN C 48 18.99 -6.35 4.35
CA ASN C 48 20.42 -6.49 4.63
C ASN C 48 20.66 -7.15 5.99
N GLN C 49 19.80 -8.10 6.36
CA GLN C 49 19.92 -8.80 7.64
C GLN C 49 19.61 -10.29 7.51
N GLU C 50 20.60 -11.12 7.84
CA GLU C 50 20.42 -12.57 7.78
C GLU C 50 19.97 -13.13 9.13
N GLY C 51 19.26 -14.25 9.09
CA GLY C 51 18.78 -14.87 10.31
C GLY C 51 18.26 -16.28 10.10
N MET C 52 16.99 -16.50 10.42
CA MET C 52 16.37 -17.82 10.26
C MET C 52 14.91 -17.82 10.71
N VAL C 53 14.65 -17.26 11.89
CA VAL C 53 13.29 -17.20 12.44
C VAL C 53 12.73 -15.77 12.43
N GLU C 54 11.41 -15.66 12.52
CA GLU C 54 10.72 -14.36 12.52
C GLU C 54 11.31 -13.43 13.59
N VAL C 55 11.13 -13.81 14.86
CA VAL C 55 11.63 -13.03 16.00
C VAL C 55 11.05 -11.60 16.06
N ALA C 56 10.04 -11.32 15.24
CA ALA C 56 9.40 -10.00 15.20
C ALA C 56 10.44 -8.88 15.28
N ARG C 57 11.56 -9.07 14.57
CA ARG C 57 12.65 -8.09 14.56
C ARG C 57 13.06 -7.71 13.14
N PHE C 58 12.51 -6.60 12.65
CA PHE C 58 12.81 -6.10 11.31
C PHE C 58 12.43 -4.62 11.18
N ILE C 59 12.77 -4.02 10.05
CA ILE C 59 12.47 -2.60 9.82
C ILE C 59 11.37 -2.43 8.76
N GLU C 60 11.75 -2.10 7.52
CA GLU C 60 10.76 -1.92 6.45
C GLU C 60 9.77 -0.81 6.79
N MET C 61 8.66 -0.74 6.04
CA MET C 61 7.64 0.28 6.29
C MET C 61 6.45 -0.27 7.10
N ASN C 62 6.77 -1.09 8.12
CA ASN C 62 5.74 -1.68 8.98
C ASN C 62 4.91 -2.75 8.24
N GLY C 63 4.28 -2.34 7.15
CA GLY C 63 3.46 -3.26 6.37
C GLY C 63 2.06 -3.41 6.97
N SER C 64 1.21 -4.18 6.30
CA SER C 64 -0.16 -4.40 6.76
C SER C 64 -0.29 -5.77 7.42
N PHE C 65 -0.62 -6.80 6.62
CA PHE C 65 -0.76 -8.18 7.12
C PHE C 65 -1.32 -9.10 6.02
N ALA C 66 -1.33 -10.40 6.32
CA ALA C 66 -1.84 -11.40 5.38
C ALA C 66 -3.27 -11.81 5.76
N ASP C 67 -3.37 -12.77 6.68
CA ASP C 67 -4.67 -13.26 7.14
C ASP C 67 -4.53 -14.00 8.48
N GLU C 68 -4.03 -15.22 8.44
CA GLU C 68 -3.84 -16.04 9.64
C GLU C 68 -2.40 -15.94 10.16
N ASN C 69 -1.45 -15.71 9.25
CA ASN C 69 -0.03 -15.60 9.57
C ASN C 69 0.22 -14.89 10.90
N LYS C 70 0.75 -15.63 11.87
CA LYS C 70 1.04 -15.08 13.20
C LYS C 70 1.78 -16.10 14.07
N ASP C 71 3.06 -15.83 14.34
CA ASP C 71 3.87 -16.72 15.16
C ASP C 71 4.77 -15.93 16.13
N TRP C 72 5.66 -15.12 15.57
CA TRP C 72 6.58 -14.30 16.36
C TRP C 72 6.44 -12.82 16.00
N MET D 1 -8.00 -5.92 -18.36
CA MET D 1 -8.94 -4.76 -18.35
C MET D 1 -9.09 -4.19 -16.94
N LYS D 2 -9.01 -2.86 -16.82
CA LYS D 2 -9.12 -2.19 -15.51
C LYS D 2 -10.10 -2.89 -14.57
N GLN D 3 -9.58 -3.27 -13.40
CA GLN D 3 -10.40 -3.92 -12.39
C GLN D 3 -10.80 -2.91 -11.33
N ARG D 4 -12.09 -2.61 -11.27
CA ARG D 4 -12.58 -1.65 -10.31
C ARG D 4 -12.67 -2.27 -8.93
N ILE D 5 -11.68 -1.98 -8.10
CA ILE D 5 -11.64 -2.46 -6.73
C ILE D 5 -12.13 -1.35 -5.83
N THR D 6 -13.22 -1.60 -5.13
CA THR D 6 -13.82 -0.58 -4.30
C THR D 6 -13.95 -1.00 -2.83
N VAL D 7 -13.36 -0.19 -1.96
CA VAL D 7 -13.47 -0.39 -0.51
C VAL D 7 -14.52 0.59 0.01
N THR D 8 -15.71 0.09 0.31
CA THR D 8 -16.77 0.97 0.81
C THR D 8 -16.42 1.44 2.23
N VAL D 9 -15.38 2.24 2.29
CA VAL D 9 -14.85 2.79 3.54
C VAL D 9 -15.80 3.83 4.16
N ASP D 10 -15.32 5.03 4.56
CA ASP D 10 -16.17 6.04 5.24
C ASP D 10 -16.22 5.74 6.75
N SER D 11 -15.61 4.62 7.12
CA SER D 11 -15.50 4.18 8.50
C SER D 11 -14.04 3.90 8.81
N ASP D 12 -13.48 2.89 8.13
CA ASP D 12 -12.09 2.49 8.31
C ASP D 12 -11.15 3.70 8.47
N SER D 13 -10.68 4.30 7.37
CA SER D 13 -9.78 5.46 7.42
C SER D 13 -9.31 5.87 6.02
N TYR D 14 -10.25 5.91 5.08
CA TYR D 14 -9.96 6.27 3.68
C TYR D 14 -9.93 7.78 3.44
N GLN D 15 -10.91 8.50 3.99
CA GLN D 15 -11.03 9.93 3.76
C GLN D 15 -9.72 10.69 3.96
N LEU D 16 -8.93 10.32 4.96
CA LEU D 16 -7.65 11.01 5.19
C LEU D 16 -6.80 11.09 3.90
N LEU D 17 -6.53 9.94 3.32
CA LEU D 17 -5.72 9.88 2.09
C LEU D 17 -6.32 10.71 0.96
N LYS D 18 -7.61 10.52 0.72
CA LYS D 18 -8.32 11.25 -0.33
C LYS D 18 -8.55 12.70 0.07
N ALA D 19 -8.61 12.94 1.36
CA ALA D 19 -8.81 14.28 1.92
C ALA D 19 -7.74 15.22 1.39
N TYR D 20 -6.60 14.63 1.02
CA TYR D 20 -5.50 15.38 0.46
C TYR D 20 -5.69 15.47 -1.04
N ASP D 21 -5.92 14.30 -1.69
CA ASP D 21 -6.17 14.23 -3.15
C ASP D 21 -5.55 12.96 -3.78
N VAL D 22 -5.78 11.80 -3.17
CA VAL D 22 -5.21 10.57 -3.70
C VAL D 22 -6.09 9.33 -3.39
N ASN D 23 -7.07 9.07 -4.25
CA ASN D 23 -7.96 7.92 -4.06
C ASN D 23 -7.23 6.60 -4.26
N ILE D 24 -6.19 6.39 -3.45
CA ILE D 24 -5.35 5.20 -3.41
C ILE D 24 -5.00 4.49 -4.75
N SER D 25 -5.45 4.99 -5.89
CA SER D 25 -5.17 4.33 -7.19
C SER D 25 -3.74 3.77 -7.19
N GLY D 26 -2.75 4.65 -7.07
CA GLY D 26 -1.36 4.21 -7.03
C GLY D 26 -0.94 3.76 -5.64
N LEU D 27 -1.51 4.38 -4.61
CA LEU D 27 -1.21 4.07 -3.23
C LEU D 27 -1.59 2.62 -2.87
N VAL D 28 -2.89 2.30 -2.98
CA VAL D 28 -3.39 0.97 -2.68
C VAL D 28 -2.61 -0.10 -3.46
N SER D 29 -2.74 -0.04 -4.78
CA SER D 29 -2.07 -0.93 -5.68
C SER D 29 -0.56 -1.02 -5.38
N THR D 30 0.08 0.13 -5.09
CA THR D 30 1.50 0.14 -4.76
C THR D 30 1.68 -0.60 -3.45
N THR D 31 0.90 -0.19 -2.46
CA THR D 31 0.93 -0.83 -1.17
C THR D 31 0.72 -2.33 -1.37
N MET D 32 -0.16 -2.67 -2.31
CA MET D 32 -0.46 -4.05 -2.62
C MET D 32 0.78 -4.82 -3.06
N GLN D 33 1.50 -4.34 -4.07
CA GLN D 33 2.71 -5.02 -4.52
C GLN D 33 3.65 -5.31 -3.35
N ASN D 34 3.76 -4.37 -2.42
CA ASN D 34 4.62 -4.54 -1.25
C ASN D 34 4.04 -5.60 -0.32
N GLU D 35 2.78 -5.43 0.04
CA GLU D 35 2.10 -6.40 0.91
C GLU D 35 1.90 -7.73 0.16
N ALA D 36 1.92 -7.66 -1.18
CA ALA D 36 1.76 -8.82 -2.03
C ALA D 36 3.07 -9.58 -2.13
N ARG D 37 4.16 -8.85 -2.38
CA ARG D 37 5.48 -9.45 -2.49
C ARG D 37 5.84 -10.14 -1.21
N ARG D 38 5.74 -9.37 -0.13
CA ARG D 38 6.09 -9.89 1.18
C ARG D 38 5.04 -10.89 1.67
N LEU D 39 3.75 -10.49 1.63
CA LEU D 39 2.64 -11.34 2.06
C LEU D 39 2.97 -12.20 3.29
N ARG D 40 3.81 -11.67 4.19
CA ARG D 40 4.22 -12.38 5.41
C ARG D 40 5.17 -11.52 6.25
N ALA D 41 4.70 -10.34 6.68
CA ALA D 41 5.52 -9.43 7.48
C ALA D 41 4.71 -8.28 8.08
N GLU D 42 4.88 -8.09 9.39
CA GLU D 42 4.19 -7.03 10.13
C GLU D 42 4.83 -6.87 11.52
N ARG D 43 5.18 -5.64 11.88
CA ARG D 43 5.81 -5.40 13.18
C ARG D 43 5.84 -3.91 13.56
N TRP D 44 6.83 -3.17 13.05
CA TRP D 44 6.94 -1.74 13.36
C TRP D 44 7.48 -0.95 12.16
N LYS D 45 7.56 0.37 12.33
CA LYS D 45 8.04 1.27 11.26
C LYS D 45 9.34 1.98 11.65
N VAL D 46 9.22 3.16 12.28
CA VAL D 46 10.38 3.96 12.71
C VAL D 46 11.51 3.99 11.66
N GLU D 47 11.25 4.66 10.54
CA GLU D 47 12.24 4.78 9.47
C GLU D 47 13.19 5.96 9.75
N ASN D 48 14.48 5.79 9.44
CA ASN D 48 15.47 6.83 9.67
C ASN D 48 16.02 7.41 8.36
N GLN D 49 17.04 6.76 7.78
CA GLN D 49 17.65 7.22 6.53
C GLN D 49 18.43 6.11 5.83
N GLU D 50 17.88 5.59 4.72
CA GLU D 50 18.52 4.53 3.95
C GLU D 50 17.64 4.07 2.78
N GLY D 51 18.29 3.64 1.69
CA GLY D 51 17.57 3.17 0.51
C GLY D 51 18.51 2.66 -0.57
N MET D 52 18.07 1.65 -1.33
CA MET D 52 18.91 1.08 -2.40
C MET D 52 18.23 -0.09 -3.12
N VAL D 53 17.44 -0.89 -2.40
CA VAL D 53 16.77 -2.05 -2.99
C VAL D 53 15.66 -1.62 -3.97
N GLU D 54 16.02 -1.59 -5.25
CA GLU D 54 15.08 -1.21 -6.31
C GLU D 54 15.27 -2.09 -7.56
N VAL D 55 14.47 -1.86 -8.59
CA VAL D 55 14.56 -2.64 -9.83
C VAL D 55 14.09 -1.85 -11.06
N ALA D 56 12.99 -1.10 -10.91
CA ALA D 56 12.43 -0.29 -12.00
C ALA D 56 11.98 -1.18 -13.17
N ARG D 57 10.75 -1.70 -13.07
CA ARG D 57 10.20 -2.58 -14.11
C ARG D 57 8.75 -2.19 -14.44
N PHE D 58 8.43 -0.89 -14.34
CA PHE D 58 7.09 -0.39 -14.63
C PHE D 58 7.16 1.03 -15.20
N ILE D 59 5.99 1.63 -15.46
CA ILE D 59 5.93 2.98 -16.00
C ILE D 59 4.95 3.87 -15.23
N GLU D 60 5.47 4.96 -14.67
CA GLU D 60 4.65 5.89 -13.89
C GLU D 60 3.68 6.67 -14.79
N MET D 61 2.47 6.13 -14.96
CA MET D 61 1.46 6.77 -15.79
C MET D 61 0.49 7.60 -14.95
N ASN D 62 1.03 8.59 -14.23
CA ASN D 62 0.23 9.48 -13.38
C ASN D 62 1.11 10.56 -12.75
N GLY D 63 0.59 11.23 -11.70
CA GLY D 63 1.38 12.28 -11.05
C GLY D 63 0.55 13.15 -10.13
N SER D 64 -0.44 13.85 -10.70
CA SER D 64 -1.30 14.75 -9.92
C SER D 64 -2.03 14.01 -8.79
N PHE D 65 -1.42 14.01 -7.61
CA PHE D 65 -1.99 13.36 -6.42
C PHE D 65 -1.58 14.10 -5.14
N ALA D 66 -2.25 13.78 -4.02
CA ALA D 66 -1.98 14.42 -2.74
C ALA D 66 -0.49 14.40 -2.37
N ASP D 67 -0.08 13.32 -1.71
CA ASP D 67 1.30 13.16 -1.27
C ASP D 67 1.88 11.84 -1.78
N GLU D 68 1.45 10.73 -1.17
CA GLU D 68 1.91 9.39 -1.56
C GLU D 68 3.39 9.38 -1.99
N ASN D 69 3.72 8.72 -3.10
CA ASN D 69 5.11 8.64 -3.59
C ASN D 69 6.00 7.88 -2.60
N LYS D 70 7.20 7.52 -3.03
CA LYS D 70 8.12 6.77 -2.15
C LYS D 70 9.56 6.83 -2.65
N ASP D 71 9.94 5.91 -3.55
CA ASP D 71 11.30 5.87 -4.08
C ASP D 71 11.35 5.12 -5.42
N TRP D 72 11.07 3.82 -5.38
CA TRP D 72 11.06 2.98 -6.58
C TRP D 72 9.61 2.78 -7.06
N MET C 1 -20.92 6.32 5.63
CA MET C 1 -22.03 5.58 4.97
C MET C 1 -21.52 4.64 3.88
N LYS C 2 -20.46 3.86 4.18
CA LYS C 2 -19.87 2.92 3.22
C LYS C 2 -19.45 3.63 1.94
N GLN C 3 -18.43 4.48 2.02
CA GLN C 3 -17.94 5.18 0.86
C GLN C 3 -17.25 4.21 -0.08
N ARG C 4 -17.83 4.06 -1.25
CA ARG C 4 -17.27 3.16 -2.22
C ARG C 4 -16.08 3.84 -2.88
N ILE C 5 -14.91 3.48 -2.40
CA ILE C 5 -13.67 4.00 -2.92
C ILE C 5 -13.11 2.97 -3.85
N THR C 6 -12.92 3.30 -5.12
CA THR C 6 -12.46 2.30 -6.04
C THR C 6 -11.28 2.75 -6.90
N VAL C 7 -10.20 1.93 -6.88
CA VAL C 7 -9.02 2.17 -7.71
C VAL C 7 -9.12 1.24 -8.92
N THR C 8 -9.36 1.80 -10.10
CA THR C 8 -9.47 0.98 -11.30
C THR C 8 -8.08 0.44 -11.67
N VAL C 9 -7.79 -0.78 -11.21
CA VAL C 9 -6.47 -1.39 -11.45
C VAL C 9 -6.50 -2.39 -12.62
N ASP C 10 -6.14 -3.69 -12.39
CA ASP C 10 -6.05 -4.70 -13.46
C ASP C 10 -4.60 -4.83 -13.92
N SER C 11 -3.72 -4.24 -13.12
CA SER C 11 -2.29 -4.25 -13.37
C SER C 11 -1.48 -3.70 -12.19
N ASP C 12 -1.98 -2.62 -11.56
CA ASP C 12 -1.25 -1.97 -10.48
C ASP C 12 -1.16 -2.81 -9.18
N SER C 13 -0.75 -4.07 -9.31
CA SER C 13 -0.55 -4.98 -8.15
C SER C 13 -1.73 -5.09 -7.19
N TYR C 14 -2.91 -4.61 -7.57
CA TYR C 14 -4.06 -4.69 -6.67
C TYR C 14 -4.52 -6.12 -6.45
N GLN C 15 -4.85 -6.80 -7.54
CA GLN C 15 -5.37 -8.14 -7.47
C GLN C 15 -4.54 -9.09 -6.60
N LEU C 16 -3.22 -8.85 -6.49
CA LEU C 16 -2.38 -9.71 -5.66
C LEU C 16 -2.80 -9.66 -4.17
N LEU C 17 -2.80 -8.45 -3.60
CA LEU C 17 -3.16 -8.28 -2.17
C LEU C 17 -4.43 -9.04 -1.82
N LYS C 18 -5.43 -8.84 -2.66
CA LYS C 18 -6.74 -9.47 -2.46
C LYS C 18 -6.75 -10.92 -2.92
N ALA C 19 -5.86 -11.22 -3.86
CA ALA C 19 -5.73 -12.57 -4.38
C ALA C 19 -5.14 -13.49 -3.32
N TYR C 20 -4.43 -12.89 -2.36
CA TYR C 20 -3.85 -13.68 -1.29
C TYR C 20 -4.85 -13.83 -0.16
N ASP C 21 -5.61 -12.76 0.21
CA ASP C 21 -6.63 -12.93 1.27
C ASP C 21 -7.19 -11.62 1.81
N VAL C 22 -6.55 -10.52 1.49
CA VAL C 22 -6.99 -9.23 1.96
C VAL C 22 -7.57 -8.40 0.84
N ASN C 23 -8.84 -8.66 0.51
CA ASN C 23 -9.49 -7.93 -0.57
C ASN C 23 -9.60 -6.45 -0.24
N ILE C 24 -8.43 -5.86 -0.06
CA ILE C 24 -8.21 -4.44 0.24
C ILE C 24 -9.08 -3.81 1.31
N SER C 25 -10.24 -4.38 1.61
CA SER C 25 -11.17 -3.73 2.53
C SER C 25 -10.45 -3.05 3.70
N GLY C 26 -9.77 -3.85 4.53
CA GLY C 26 -9.02 -3.30 5.66
C GLY C 26 -7.64 -2.82 5.24
N LEU C 27 -7.21 -3.23 4.06
CA LEU C 27 -5.91 -2.84 3.54
C LEU C 27 -5.85 -1.34 3.29
N VAL C 28 -6.72 -0.86 2.38
CA VAL C 28 -6.74 0.57 2.10
C VAL C 28 -6.84 1.34 3.41
N SER C 29 -7.90 1.07 4.16
CA SER C 29 -8.11 1.72 5.46
C SER C 29 -6.86 1.64 6.35
N THR C 30 -6.12 0.53 6.31
CA THR C 30 -4.92 0.39 7.13
C THR C 30 -3.81 1.24 6.54
N THR C 31 -3.52 0.98 5.25
CA THR C 31 -2.47 1.71 4.58
C THR C 31 -2.72 3.21 4.65
N MET C 32 -3.97 3.60 4.39
CA MET C 32 -4.39 5.00 4.42
C MET C 32 -3.99 5.67 5.73
N GLN C 33 -4.24 5.01 6.87
CA GLN C 33 -3.89 5.59 8.17
C GLN C 33 -2.38 5.85 8.26
N ASN C 34 -1.59 4.85 7.89
CA ASN C 34 -0.13 5.00 7.90
C ASN C 34 0.29 6.14 6.98
N GLU C 35 -0.19 6.10 5.73
CA GLU C 35 0.12 7.15 4.77
C GLU C 35 -0.47 8.48 5.24
N ALA C 36 -1.63 8.43 5.91
CA ALA C 36 -2.27 9.62 6.46
C ALA C 36 -1.42 10.19 7.59
N ARG C 37 -0.95 9.30 8.47
CA ARG C 37 -0.10 9.71 9.59
C ARG C 37 1.15 10.36 9.06
N ARG C 38 1.82 9.63 8.18
CA ARG C 38 3.05 10.10 7.60
C ARG C 38 2.81 11.30 6.68
N LEU C 39 1.89 11.13 5.71
CA LEU C 39 1.51 12.17 4.74
C LEU C 39 2.63 13.22 4.53
N ARG C 40 3.72 12.78 3.88
CA ARG C 40 4.86 13.66 3.61
C ARG C 40 5.84 13.02 2.62
N ALA C 41 6.62 12.05 3.11
CA ALA C 41 7.60 11.34 2.29
C ALA C 41 7.22 9.86 2.17
N GLU C 42 8.06 9.08 1.49
CA GLU C 42 7.80 7.66 1.32
C GLU C 42 8.81 6.78 2.05
N ARG C 43 10.02 6.68 1.52
CA ARG C 43 11.06 5.84 2.13
C ARG C 43 11.56 6.42 3.46
N TRP C 44 11.63 5.57 4.47
CA TRP C 44 12.11 5.97 5.79
C TRP C 44 13.00 4.87 6.40
N LYS C 45 14.23 4.78 5.88
CA LYS C 45 15.21 3.77 6.32
C LYS C 45 14.58 2.37 6.37
N VAL C 46 14.09 1.92 5.22
CA VAL C 46 13.46 0.59 5.10
C VAL C 46 13.89 -0.09 3.78
N GLU C 47 15.15 -0.54 3.73
CA GLU C 47 15.66 -1.22 2.54
C GLU C 47 15.67 -2.74 2.73
N ASN C 48 16.29 -3.20 3.82
CA ASN C 48 16.36 -4.64 4.10
C ASN C 48 16.39 -4.90 5.61
N GLN C 49 15.39 -5.66 6.08
CA GLN C 49 15.29 -6.02 7.49
C GLN C 49 14.70 -7.43 7.64
N GLU C 50 13.38 -7.54 7.44
CA GLU C 50 12.68 -8.83 7.53
C GLU C 50 12.73 -9.43 8.93
N GLY C 51 11.62 -9.30 9.66
CA GLY C 51 11.53 -9.85 11.00
C GLY C 51 11.48 -11.37 11.01
N MET C 52 12.60 -11.99 11.36
CA MET C 52 12.70 -13.46 11.40
C MET C 52 12.83 -13.96 12.85
N VAL C 53 11.73 -13.87 13.59
CA VAL C 53 11.69 -14.32 14.99
C VAL C 53 10.45 -15.18 15.24
N GLU C 54 10.54 -16.45 14.84
CA GLU C 54 9.42 -17.38 14.99
C GLU C 54 9.68 -18.41 16.07
N VAL C 55 9.09 -18.21 17.25
CA VAL C 55 9.25 -19.13 18.37
C VAL C 55 8.26 -20.30 18.25
N ALA C 56 8.45 -21.11 17.19
CA ALA C 56 7.58 -22.27 16.95
C ALA C 56 8.37 -23.49 16.46
N ARG C 57 7.72 -24.66 16.49
CA ARG C 57 8.33 -25.92 16.04
C ARG C 57 7.27 -26.97 15.74
N PHE C 58 7.70 -28.18 15.36
CA PHE C 58 6.80 -29.30 15.04
C PHE C 58 6.15 -29.11 13.66
N ILE C 59 6.61 -29.90 12.68
CA ILE C 59 6.09 -29.84 11.31
C ILE C 59 6.44 -28.51 10.65
N GLU C 60 7.66 -28.43 10.11
CA GLU C 60 8.14 -27.21 9.45
C GLU C 60 7.33 -26.93 8.18
N MET C 61 6.34 -26.03 8.29
CA MET C 61 5.49 -25.69 7.14
C MET C 61 5.70 -24.25 6.69
N ASN C 62 5.06 -23.90 5.57
CA ASN C 62 5.17 -22.54 5.00
C ASN C 62 4.54 -21.47 5.90
N GLY C 63 5.12 -21.28 7.08
CA GLY C 63 4.62 -20.28 8.02
C GLY C 63 3.31 -20.69 8.66
N SER C 64 2.19 -20.43 7.98
CA SER C 64 0.88 -20.80 8.50
C SER C 64 -0.14 -20.98 7.37
N PHE C 65 -0.80 -19.89 6.98
CA PHE C 65 -1.80 -19.94 5.91
C PHE C 65 -1.74 -18.68 5.03
N ALA C 66 -1.97 -17.51 5.64
CA ALA C 66 -1.94 -16.25 4.93
C ALA C 66 -1.77 -15.05 5.88
N ASP C 67 -2.72 -14.11 5.87
CA ASP C 67 -2.66 -12.93 6.73
C ASP C 67 -3.46 -13.11 8.02
N GLU C 68 -2.76 -13.42 9.11
CA GLU C 68 -3.40 -13.62 10.41
C GLU C 68 -2.46 -13.26 11.57
N ASN C 69 -1.55 -12.31 11.35
CA ASN C 69 -0.58 -11.86 12.36
C ASN C 69 -0.24 -12.97 13.37
N LYS C 70 0.43 -14.01 12.90
CA LYS C 70 0.81 -15.14 13.75
C LYS C 70 2.20 -14.92 14.36
N ASP C 71 2.28 -13.98 15.30
CA ASP C 71 3.55 -13.67 15.97
C ASP C 71 3.80 -14.64 17.14
N TRP C 72 4.89 -14.40 17.88
CA TRP C 72 5.24 -15.25 19.02
C TRP C 72 5.67 -14.43 20.22
N MET D 1 -6.28 -4.73 -18.92
CA MET D 1 -7.42 -3.77 -19.03
C MET D 1 -7.58 -2.99 -17.72
N LYS D 2 -8.80 -2.91 -17.18
CA LYS D 2 -9.06 -2.21 -15.92
C LYS D 2 -9.98 -3.02 -15.03
N GLN D 3 -9.65 -3.10 -13.76
CA GLN D 3 -10.47 -3.82 -12.82
C GLN D 3 -10.82 -2.92 -11.66
N ARG D 4 -12.11 -2.72 -11.46
CA ARG D 4 -12.55 -1.84 -10.42
C ARG D 4 -12.55 -2.53 -9.06
N ILE D 5 -11.72 -2.02 -8.17
CA ILE D 5 -11.65 -2.52 -6.81
C ILE D 5 -12.16 -1.41 -5.93
N THR D 6 -13.09 -1.72 -5.05
CA THR D 6 -13.62 -0.69 -4.21
C THR D 6 -13.60 -1.06 -2.74
N VAL D 7 -13.10 -0.13 -1.92
CA VAL D 7 -13.10 -0.29 -0.48
C VAL D 7 -14.26 0.54 0.04
N THR D 8 -15.43 -0.08 0.17
CA THR D 8 -16.61 0.64 0.63
C THR D 8 -16.44 1.02 2.10
N VAL D 9 -15.48 1.91 2.32
CA VAL D 9 -15.12 2.40 3.63
C VAL D 9 -15.76 3.77 3.90
N ASP D 10 -14.98 4.76 4.34
CA ASP D 10 -15.48 6.09 4.65
C ASP D 10 -14.44 6.76 5.53
N SER D 11 -14.50 6.52 6.84
CA SER D 11 -13.57 7.11 7.76
C SER D 11 -12.50 6.12 8.21
N ASP D 12 -12.37 4.94 7.58
CA ASP D 12 -11.33 4.02 8.02
C ASP D 12 -10.01 4.49 7.43
N SER D 13 -9.62 5.71 7.80
CA SER D 13 -8.39 6.34 7.31
C SER D 13 -8.40 6.59 5.79
N TYR D 14 -9.23 5.85 5.02
CA TYR D 14 -9.33 6.03 3.57
C TYR D 14 -9.45 7.50 3.20
N GLN D 15 -10.52 8.13 3.72
CA GLN D 15 -10.80 9.53 3.42
C GLN D 15 -9.57 10.44 3.58
N LEU D 16 -8.73 10.22 4.60
CA LEU D 16 -7.54 11.05 4.82
C LEU D 16 -6.63 11.09 3.58
N LEU D 17 -6.46 9.94 2.94
CA LEU D 17 -5.62 9.84 1.74
C LEU D 17 -6.21 10.66 0.61
N LYS D 18 -7.51 10.52 0.40
CA LYS D 18 -8.21 11.26 -0.64
C LYS D 18 -8.39 12.71 -0.21
N ALA D 19 -8.41 12.91 1.09
CA ALA D 19 -8.55 14.24 1.68
C ALA D 19 -7.33 15.10 1.36
N TYR D 20 -6.15 14.46 1.29
CA TYR D 20 -4.93 15.18 0.98
C TYR D 20 -4.72 15.25 -0.55
N ASP D 21 -5.26 14.24 -1.30
CA ASP D 21 -5.23 14.20 -2.79
C ASP D 21 -4.60 12.92 -3.34
N VAL D 22 -5.21 11.77 -3.05
CA VAL D 22 -4.69 10.50 -3.53
C VAL D 22 -5.75 9.40 -3.61
N ASN D 23 -6.55 9.23 -2.55
CA ASN D 23 -7.51 8.14 -2.53
C ASN D 23 -6.70 6.86 -2.45
N ILE D 24 -6.72 6.03 -3.48
CA ILE D 24 -5.93 4.82 -3.47
C ILE D 24 -5.45 4.36 -4.84
N SER D 25 -5.77 5.12 -5.89
CA SER D 25 -5.38 4.73 -7.24
C SER D 25 -3.96 4.14 -7.22
N GLY D 26 -2.99 4.98 -6.85
CA GLY D 26 -1.61 4.51 -6.74
C GLY D 26 -1.30 3.93 -5.36
N LEU D 27 -1.99 4.44 -4.34
CA LEU D 27 -1.80 3.95 -2.97
C LEU D 27 -2.04 2.45 -2.90
N VAL D 28 -3.27 2.04 -3.23
CA VAL D 28 -3.60 0.63 -3.23
C VAL D 28 -2.53 -0.13 -4.00
N SER D 29 -2.36 0.21 -5.26
CA SER D 29 -1.35 -0.42 -6.12
C SER D 29 0.04 -0.46 -5.47
N THR D 30 0.49 0.64 -4.88
CA THR D 30 1.79 0.69 -4.23
C THR D 30 1.74 -0.17 -2.99
N THR D 31 0.74 0.08 -2.18
CA THR D 31 0.57 -0.67 -0.96
C THR D 31 0.38 -2.15 -1.26
N MET D 32 -0.30 -2.43 -2.37
CA MET D 32 -0.57 -3.79 -2.78
C MET D 32 0.71 -4.53 -3.10
N GLN D 33 1.51 -4.02 -4.01
CA GLN D 33 2.77 -4.68 -4.36
C GLN D 33 3.64 -4.91 -3.12
N ASN D 34 3.57 -4.00 -2.15
CA ASN D 34 4.34 -4.14 -0.93
C ASN D 34 3.71 -5.20 -0.02
N GLU D 35 2.41 -5.06 0.24
CA GLU D 35 1.68 -6.04 1.06
C GLU D 35 1.51 -7.35 0.30
N ALA D 36 1.61 -7.27 -1.04
CA ALA D 36 1.48 -8.43 -1.91
C ALA D 36 2.79 -9.21 -1.97
N ARG D 37 3.90 -8.49 -1.85
CA ARG D 37 5.22 -9.12 -1.87
C ARG D 37 5.54 -9.73 -0.52
N ARG D 38 5.41 -8.91 0.49
CA ARG D 38 5.73 -9.32 1.84
C ARG D 38 4.63 -10.19 2.48
N LEU D 39 3.35 -9.85 2.18
CA LEU D 39 2.18 -10.57 2.74
C LEU D 39 2.44 -11.13 4.16
N ARG D 40 3.11 -10.33 5.01
CA ARG D 40 3.43 -10.71 6.40
C ARG D 40 4.55 -9.82 6.96
N ALA D 41 4.20 -8.57 7.29
CA ALA D 41 5.19 -7.62 7.84
C ALA D 41 4.58 -6.73 8.92
N GLU D 42 5.41 -6.28 9.85
CA GLU D 42 4.97 -5.42 10.94
C GLU D 42 5.64 -4.03 10.86
N ARG D 43 5.93 -3.42 12.02
CA ARG D 43 6.56 -2.10 12.05
C ARG D 43 7.43 -1.92 13.30
N TRP D 44 8.37 -2.84 13.50
CA TRP D 44 9.27 -2.78 14.66
C TRP D 44 10.32 -1.68 14.50
N LYS D 45 9.87 -0.44 14.42
CA LYS D 45 10.77 0.71 14.27
C LYS D 45 10.32 1.86 15.16
N VAL D 46 11.24 2.41 15.96
CA VAL D 46 10.90 3.51 16.86
C VAL D 46 12.12 4.41 17.14
N GLU D 47 12.28 5.44 16.30
CA GLU D 47 13.38 6.39 16.44
C GLU D 47 12.90 7.81 16.12
N ASN D 48 13.41 8.40 15.03
CA ASN D 48 13.03 9.76 14.61
C ASN D 48 13.70 10.84 15.47
N GLN D 49 14.44 11.72 14.80
CA GLN D 49 15.14 12.82 15.46
C GLN D 49 15.30 14.02 14.53
N GLU D 50 15.89 13.79 13.35
CA GLU D 50 16.08 14.84 12.36
C GLU D 50 14.88 14.91 11.40
N GLY D 51 14.90 15.92 10.52
CA GLY D 51 13.81 16.07 9.55
C GLY D 51 14.23 15.81 8.13
N MET D 52 15.24 16.55 7.66
CA MET D 52 15.74 16.40 6.29
C MET D 52 16.34 15.02 6.07
N VAL D 53 16.25 14.52 4.83
CA VAL D 53 16.78 13.21 4.48
C VAL D 53 16.83 13.01 2.94
N GLU D 54 17.35 14.00 2.24
CA GLU D 54 17.46 13.93 0.78
C GLU D 54 18.91 13.73 0.33
N VAL D 55 19.09 13.37 -0.94
CA VAL D 55 20.42 13.15 -1.50
C VAL D 55 20.62 13.90 -2.83
N ALA D 56 19.94 15.05 -2.95
CA ALA D 56 20.04 15.87 -4.15
C ALA D 56 21.25 16.81 -4.09
N ARG D 57 22.11 16.75 -5.11
CA ARG D 57 23.30 17.60 -5.16
C ARG D 57 23.32 18.47 -6.42
N PHE D 58 22.73 19.66 -6.31
CA PHE D 58 22.68 20.61 -7.43
C PHE D 58 21.93 20.03 -8.63
N ILE D 59 20.62 19.82 -8.46
CA ILE D 59 19.77 19.27 -9.52
C ILE D 59 18.36 19.87 -9.47
N GLU D 60 18.27 21.15 -9.10
CA GLU D 60 16.99 21.86 -9.01
C GLU D 60 16.09 21.25 -7.92
N MET D 61 14.88 21.78 -7.77
CA MET D 61 13.93 21.29 -6.78
C MET D 61 12.54 21.89 -7.02
N ASN D 62 11.62 21.07 -7.52
CA ASN D 62 10.26 21.50 -7.80
C ASN D 62 9.23 20.47 -7.34
N GLY D 63 8.00 20.92 -7.12
CA GLY D 63 6.94 20.02 -6.68
C GLY D 63 6.16 20.57 -5.50
N SER D 64 5.72 19.69 -4.60
CA SER D 64 4.98 20.10 -3.42
C SER D 64 5.21 19.14 -2.24
N PHE D 65 4.46 19.33 -1.17
CA PHE D 65 4.59 18.49 0.02
C PHE D 65 3.29 17.73 0.33
N ALA D 66 3.43 16.51 0.84
CA ALA D 66 2.30 15.66 1.20
C ALA D 66 1.55 15.09 -0.02
N ASP D 67 2.11 15.26 -1.20
CA ASP D 67 1.47 14.76 -2.42
C ASP D 67 2.47 13.98 -3.28
N GLU D 68 3.31 14.71 -4.00
CA GLU D 68 4.33 14.10 -4.86
C GLU D 68 5.73 14.43 -4.35
N ASN D 69 5.95 14.20 -3.05
CA ASN D 69 7.24 14.48 -2.43
C ASN D 69 8.30 13.46 -2.87
N LYS D 70 7.86 12.23 -3.19
CA LYS D 70 8.75 11.16 -3.63
C LYS D 70 10.13 11.21 -2.94
N ASP D 71 10.12 11.47 -1.64
CA ASP D 71 11.35 11.56 -0.84
C ASP D 71 12.20 12.77 -1.24
N TRP D 72 12.65 12.82 -2.50
CA TRP D 72 13.47 13.93 -2.98
C TRP D 72 13.43 14.07 -4.52
N MET C 1 -22.55 1.42 5.87
CA MET C 1 -22.46 2.66 5.06
C MET C 1 -21.07 2.83 4.43
N LYS C 2 -20.23 3.72 4.99
CA LYS C 2 -18.89 3.96 4.46
C LYS C 2 -18.95 4.58 3.05
N GLN C 3 -17.86 4.44 2.29
CA GLN C 3 -17.78 4.97 0.93
C GLN C 3 -17.15 3.96 0.02
N ARG C 4 -17.70 3.82 -1.18
CA ARG C 4 -17.16 2.90 -2.13
C ARG C 4 -15.97 3.55 -2.83
N ILE C 5 -14.78 3.23 -2.36
CA ILE C 5 -13.57 3.74 -2.95
C ILE C 5 -13.04 2.70 -3.89
N THR C 6 -13.13 2.97 -5.16
CA THR C 6 -12.70 2.00 -6.14
C THR C 6 -11.54 2.51 -6.96
N VAL C 7 -10.46 1.76 -6.91
CA VAL C 7 -9.26 2.04 -7.68
C VAL C 7 -9.29 1.14 -8.91
N THR C 8 -9.65 1.70 -10.05
CA THR C 8 -9.72 0.91 -11.26
C THR C 8 -8.29 0.54 -11.68
N VAL C 9 -7.65 -0.28 -10.86
CA VAL C 9 -6.28 -0.66 -11.10
C VAL C 9 -6.11 -2.00 -11.81
N ASP C 10 -5.77 -3.09 -11.08
CA ASP C 10 -5.47 -4.38 -11.71
C ASP C 10 -4.13 -4.16 -12.41
N SER C 11 -4.19 -3.22 -13.35
CA SER C 11 -3.04 -2.75 -14.08
C SER C 11 -1.84 -2.71 -13.14
N ASP C 12 -1.84 -1.77 -12.16
CA ASP C 12 -0.69 -1.60 -11.28
C ASP C 12 -0.36 -2.81 -10.37
N SER C 13 -1.28 -3.23 -9.45
CA SER C 13 -0.96 -4.38 -8.56
C SER C 13 -2.02 -4.60 -7.45
N TYR C 14 -3.29 -4.39 -7.78
CA TYR C 14 -4.38 -4.58 -6.81
C TYR C 14 -4.78 -6.03 -6.68
N GLN C 15 -5.03 -6.68 -7.80
CA GLN C 15 -5.51 -8.06 -7.81
C GLN C 15 -4.65 -8.97 -6.93
N LEU C 16 -3.35 -8.67 -6.78
CA LEU C 16 -2.48 -9.50 -5.95
C LEU C 16 -3.03 -9.63 -4.52
N LEU C 17 -3.21 -8.49 -3.85
CA LEU C 17 -3.68 -8.49 -2.45
C LEU C 17 -5.00 -9.23 -2.27
N LYS C 18 -5.98 -8.88 -3.10
CA LYS C 18 -7.30 -9.50 -3.03
C LYS C 18 -7.26 -10.92 -3.56
N ALA C 19 -6.31 -11.19 -4.43
CA ALA C 19 -6.14 -12.52 -5.02
C ALA C 19 -5.92 -13.55 -3.92
N TYR C 20 -5.33 -13.11 -2.81
CA TYR C 20 -5.08 -13.99 -1.68
C TYR C 20 -6.30 -14.01 -0.77
N ASP C 21 -6.89 -12.81 -0.54
CA ASP C 21 -8.09 -12.68 0.30
C ASP C 21 -8.14 -11.33 1.02
N VAL C 22 -7.17 -10.47 0.81
CA VAL C 22 -7.11 -9.18 1.47
C VAL C 22 -7.76 -8.07 0.63
N ASN C 23 -9.09 -8.11 0.53
CA ASN C 23 -9.83 -7.10 -0.27
C ASN C 23 -9.64 -5.67 0.27
N ILE C 24 -8.38 -5.33 0.54
CA ILE C 24 -7.91 -4.04 1.03
C ILE C 24 -8.75 -3.34 2.09
N SER C 25 -9.92 -3.86 2.48
CA SER C 25 -10.75 -3.20 3.48
C SER C 25 -9.89 -2.63 4.61
N GLY C 26 -9.10 -3.51 5.23
CA GLY C 26 -8.22 -3.10 6.31
C GLY C 26 -6.87 -2.64 5.81
N LEU C 27 -6.43 -3.17 4.66
CA LEU C 27 -5.15 -2.79 4.08
C LEU C 27 -5.15 -1.30 3.73
N VAL C 28 -6.00 -0.91 2.77
CA VAL C 28 -6.12 0.50 2.38
C VAL C 28 -6.32 1.36 3.62
N SER C 29 -7.41 1.11 4.32
CA SER C 29 -7.75 1.82 5.55
C SER C 29 -6.56 1.88 6.53
N THR C 30 -5.65 0.90 6.47
CA THR C 30 -4.47 0.91 7.32
C THR C 30 -3.42 1.80 6.68
N THR C 31 -3.10 1.50 5.41
CA THR C 31 -2.13 2.29 4.66
C THR C 31 -2.55 3.75 4.68
N MET C 32 -3.83 3.97 4.32
CA MET C 32 -4.43 5.30 4.28
C MET C 32 -4.17 6.07 5.56
N GLN C 33 -4.44 5.46 6.71
CA GLN C 33 -4.23 6.10 8.00
C GLN C 33 -2.75 6.46 8.20
N ASN C 34 -1.87 5.50 7.93
CA ASN C 34 -0.44 5.74 8.09
C ASN C 34 0.01 6.91 7.23
N GLU C 35 -0.28 6.86 5.93
CA GLU C 35 0.10 7.96 5.04
C GLU C 35 -0.73 9.20 5.34
N ALA C 36 -1.98 9.01 5.80
CA ALA C 36 -2.85 10.13 6.19
C ALA C 36 -2.29 10.81 7.44
N ARG C 37 -1.63 10.01 8.28
CA ARG C 37 -1.02 10.52 9.49
C ARG C 37 0.34 11.12 9.18
N ARG C 38 1.12 10.30 8.50
CA ARG C 38 2.49 10.65 8.15
C ARG C 38 2.60 11.73 7.07
N LEU C 39 1.53 11.99 6.30
CA LEU C 39 1.57 13.00 5.22
C LEU C 39 2.35 14.26 5.65
N ARG C 40 3.13 14.81 4.71
CA ARG C 40 3.94 16.01 4.97
C ARG C 40 5.18 15.72 5.82
N ALA C 41 5.05 14.80 6.78
CA ALA C 41 6.17 14.44 7.65
C ALA C 41 7.26 13.69 6.89
N GLU C 42 8.42 13.54 7.54
CA GLU C 42 9.55 12.83 6.94
C GLU C 42 9.26 11.33 6.79
N ARG C 43 10.30 10.55 6.51
CA ARG C 43 10.14 9.11 6.32
C ARG C 43 10.66 8.32 7.53
N TRP C 44 9.79 7.52 8.14
CA TRP C 44 10.16 6.70 9.29
C TRP C 44 9.73 5.25 9.09
N LYS C 45 10.37 4.57 8.14
CA LYS C 45 10.06 3.17 7.84
C LYS C 45 11.33 2.39 7.51
N VAL C 46 11.26 1.06 7.60
CA VAL C 46 12.42 0.22 7.30
C VAL C 46 12.09 -1.27 7.45
N GLU C 47 12.62 -2.08 6.53
CA GLU C 47 12.38 -3.53 6.55
C GLU C 47 13.70 -4.30 6.35
N ASN C 48 13.85 -5.40 7.09
CA ASN C 48 15.04 -6.24 7.02
C ASN C 48 14.91 -7.44 7.98
N GLN C 49 16.04 -8.00 8.42
CA GLN C 49 16.05 -9.14 9.35
C GLN C 49 15.71 -10.44 8.61
N GLU C 50 16.70 -11.30 8.44
CA GLU C 50 16.51 -12.57 7.76
C GLU C 50 17.11 -13.73 8.56
N GLY C 51 16.28 -14.70 8.91
CA GLY C 51 16.73 -15.86 9.68
C GLY C 51 15.65 -16.90 9.88
N MET C 52 15.71 -17.60 11.02
CA MET C 52 14.73 -18.64 11.33
C MET C 52 14.04 -18.37 12.69
N VAL C 53 14.46 -19.09 13.74
CA VAL C 53 13.88 -18.92 15.08
C VAL C 53 12.40 -19.30 15.09
N GLU C 54 12.12 -20.59 15.26
CA GLU C 54 10.75 -21.09 15.28
C GLU C 54 10.01 -20.73 16.57
N VAL C 55 8.87 -20.07 16.42
CA VAL C 55 8.04 -19.65 17.54
C VAL C 55 6.56 -19.58 17.14
N ALA C 56 6.11 -20.60 16.41
CA ALA C 56 4.72 -20.66 15.94
C ALA C 56 3.73 -20.81 17.10
N ARG C 57 3.47 -19.71 17.80
CA ARG C 57 2.54 -19.71 18.93
C ARG C 57 1.27 -18.92 18.60
N PHE C 58 1.42 -17.59 18.48
CA PHE C 58 0.29 -16.70 18.17
C PHE C 58 0.73 -15.23 18.18
N ILE C 59 -0.07 -14.38 17.51
CA ILE C 59 0.22 -12.95 17.44
C ILE C 59 -0.87 -12.19 16.69
N GLU C 60 -1.19 -12.64 15.47
CA GLU C 60 -2.23 -12.02 14.66
C GLU C 60 -3.17 -13.09 14.09
N MET C 61 -4.45 -12.73 13.98
CA MET C 61 -5.45 -13.65 13.45
C MET C 61 -5.82 -13.31 12.00
N ASN C 62 -4.80 -13.26 11.14
CA ASN C 62 -5.00 -12.94 9.73
C ASN C 62 -4.35 -14.02 8.83
N GLY C 63 -4.39 -13.80 7.52
CA GLY C 63 -3.82 -14.74 6.58
C GLY C 63 -4.80 -15.84 6.20
N SER C 64 -5.37 -15.74 5.00
CA SER C 64 -6.33 -16.74 4.53
C SER C 64 -5.63 -17.99 4.00
N PHE C 65 -4.65 -17.80 3.13
CA PHE C 65 -3.89 -18.93 2.57
C PHE C 65 -2.61 -18.46 1.89
N ALA C 66 -2.75 -17.63 0.86
CA ALA C 66 -1.59 -17.11 0.14
C ALA C 66 -0.90 -16.00 0.95
N ASP C 67 -1.67 -15.34 1.79
CA ASP C 67 -1.16 -14.25 2.64
C ASP C 67 -0.90 -14.72 4.08
N GLU C 68 0.09 -14.09 4.72
CA GLU C 68 0.47 -14.41 6.11
C GLU C 68 0.51 -15.92 6.37
N ASN C 69 1.41 -16.61 5.67
CA ASN C 69 1.57 -18.06 5.83
C ASN C 69 2.17 -18.42 7.19
N LYS C 70 1.46 -18.03 8.25
CA LYS C 70 1.89 -18.29 9.64
C LYS C 70 3.21 -17.59 9.97
N ASP C 71 4.33 -18.18 9.51
CA ASP C 71 5.67 -17.63 9.75
C ASP C 71 5.96 -17.46 11.26
N TRP C 72 7.13 -16.89 11.58
CA TRP C 72 7.52 -16.68 12.97
C TRP C 72 7.92 -15.22 13.22
N MET D 1 -6.50 -1.87 -20.73
CA MET D 1 -7.41 -2.69 -19.87
C MET D 1 -7.22 -2.36 -18.39
N LYS D 2 -8.30 -2.49 -17.61
CA LYS D 2 -8.26 -2.23 -16.16
C LYS D 2 -9.38 -2.99 -15.44
N GLN D 3 -9.33 -2.99 -14.12
CA GLN D 3 -10.35 -3.63 -13.30
C GLN D 3 -10.74 -2.73 -12.15
N ARG D 4 -12.05 -2.58 -11.90
CA ARG D 4 -12.51 -1.74 -10.82
C ARG D 4 -12.40 -2.47 -9.50
N ILE D 5 -11.56 -1.93 -8.62
CA ILE D 5 -11.34 -2.50 -7.31
C ILE D 5 -11.81 -1.50 -6.26
N THR D 6 -12.84 -1.87 -5.48
CA THR D 6 -13.40 -0.93 -4.52
C THR D 6 -13.35 -1.40 -3.06
N VAL D 7 -12.79 -0.54 -2.20
CA VAL D 7 -12.75 -0.75 -0.75
C VAL D 7 -13.81 0.16 -0.10
N THR D 8 -15.02 -0.34 0.17
CA THR D 8 -16.04 0.50 0.77
C THR D 8 -15.67 0.79 2.22
N VAL D 9 -14.96 1.90 2.45
CA VAL D 9 -14.51 2.25 3.80
C VAL D 9 -14.75 3.68 4.25
N ASP D 10 -14.76 4.64 3.30
CA ASP D 10 -14.95 6.06 3.61
C ASP D 10 -14.13 6.40 4.84
N SER D 11 -14.79 6.21 5.95
CA SER D 11 -14.30 6.42 7.27
C SER D 11 -13.08 5.57 7.65
N ASP D 12 -12.78 4.46 6.95
CA ASP D 12 -11.63 3.67 7.36
C ASP D 12 -10.33 4.31 6.86
N SER D 13 -10.07 5.52 7.35
CA SER D 13 -8.86 6.29 7.00
C SER D 13 -8.70 6.56 5.49
N TYR D 14 -9.36 5.78 4.64
CA TYR D 14 -9.29 5.97 3.19
C TYR D 14 -9.46 7.44 2.83
N GLN D 15 -10.58 8.01 3.31
CA GLN D 15 -10.94 9.39 3.02
C GLN D 15 -9.79 10.37 3.28
N LEU D 16 -9.08 10.21 4.41
CA LEU D 16 -7.97 11.11 4.75
C LEU D 16 -6.91 11.15 3.65
N LEU D 17 -6.55 9.97 3.14
CA LEU D 17 -5.54 9.87 2.08
C LEU D 17 -5.93 10.74 0.89
N LYS D 18 -7.17 10.62 0.48
CA LYS D 18 -7.69 11.38 -0.65
C LYS D 18 -8.04 12.79 -0.25
N ALA D 19 -8.48 12.94 0.99
CA ALA D 19 -8.84 14.22 1.55
C ALA D 19 -7.64 15.16 1.48
N TYR D 20 -6.44 14.60 1.58
CA TYR D 20 -5.23 15.39 1.51
C TYR D 20 -4.78 15.53 0.05
N ASP D 21 -4.82 14.43 -0.73
CA ASP D 21 -4.45 14.47 -2.19
C ASP D 21 -3.90 13.14 -2.69
N VAL D 22 -4.41 12.03 -2.16
CA VAL D 22 -3.97 10.71 -2.58
C VAL D 22 -5.00 9.68 -2.16
N ASN D 23 -5.99 9.42 -3.01
CA ASN D 23 -7.01 8.43 -2.68
C ASN D 23 -6.33 7.07 -2.52
N ILE D 24 -6.24 6.32 -3.59
CA ILE D 24 -5.57 5.00 -3.53
C ILE D 24 -4.94 4.60 -4.86
N SER D 25 -5.06 5.44 -5.89
CA SER D 25 -4.53 5.11 -7.21
C SER D 25 -3.18 4.39 -7.07
N GLY D 26 -2.19 5.08 -6.50
CA GLY D 26 -0.88 4.47 -6.30
C GLY D 26 -0.81 3.67 -5.01
N LEU D 27 -1.61 4.06 -4.01
CA LEU D 27 -1.62 3.38 -2.74
C LEU D 27 -2.07 1.93 -2.90
N VAL D 28 -3.31 1.73 -3.36
CA VAL D 28 -3.81 0.38 -3.56
C VAL D 28 -2.82 -0.41 -4.42
N SER D 29 -2.60 0.04 -5.64
CA SER D 29 -1.69 -0.60 -6.58
C SER D 29 -0.29 -0.91 -6.01
N THR D 30 0.32 0.04 -5.30
CA THR D 30 1.67 -0.18 -4.77
C THR D 30 1.67 -0.92 -3.45
N THR D 31 0.87 -0.45 -2.50
CA THR D 31 0.82 -1.08 -1.18
C THR D 31 0.53 -2.57 -1.26
N MET D 32 -0.29 -2.96 -2.23
CA MET D 32 -0.64 -4.36 -2.41
C MET D 32 0.58 -5.18 -2.83
N GLN D 33 1.27 -4.76 -3.88
CA GLN D 33 2.47 -5.49 -4.34
C GLN D 33 3.45 -5.73 -3.18
N ASN D 34 3.64 -4.72 -2.33
CA ASN D 34 4.54 -4.85 -1.18
C ASN D 34 3.99 -5.90 -0.22
N GLU D 35 2.75 -5.69 0.22
CA GLU D 35 2.11 -6.62 1.13
C GLU D 35 1.84 -7.95 0.43
N ALA D 36 1.77 -7.95 -0.89
CA ALA D 36 1.58 -9.17 -1.67
C ALA D 36 2.87 -9.97 -1.63
N ARG D 37 4.00 -9.26 -1.72
CA ARG D 37 5.30 -9.91 -1.64
C ARG D 37 5.56 -10.34 -0.22
N ARG D 38 5.42 -9.38 0.68
CA ARG D 38 5.68 -9.60 2.08
C ARG D 38 4.58 -10.42 2.78
N LEU D 39 3.31 -10.09 2.51
CA LEU D 39 2.14 -10.74 3.09
C LEU D 39 2.36 -11.15 4.55
N ARG D 40 2.73 -10.19 5.38
CA ARG D 40 2.97 -10.45 6.80
C ARG D 40 2.91 -9.16 7.63
N ALA D 41 2.54 -9.29 8.90
CA ALA D 41 2.43 -8.14 9.80
C ALA D 41 3.77 -7.42 9.96
N GLU D 42 3.75 -6.09 9.90
CA GLU D 42 4.95 -5.29 10.04
C GLU D 42 5.34 -5.13 11.50
N ARG D 43 6.64 -5.02 11.76
CA ARG D 43 7.14 -4.85 13.12
C ARG D 43 7.55 -3.39 13.35
N TRP D 44 7.13 -2.82 14.47
CA TRP D 44 7.45 -1.43 14.80
C TRP D 44 8.81 -1.31 15.50
N LYS D 45 9.48 -0.18 15.27
CA LYS D 45 10.80 0.09 15.86
C LYS D 45 11.78 -1.06 15.59
N VAL D 46 12.03 -1.34 14.32
CA VAL D 46 12.97 -2.39 13.93
C VAL D 46 14.41 -1.87 13.96
N GLU D 47 15.36 -2.65 13.44
CA GLU D 47 16.76 -2.24 13.41
C GLU D 47 17.36 -2.38 12.01
N ASN D 48 18.49 -1.70 11.80
CA ASN D 48 19.20 -1.73 10.51
C ASN D 48 20.48 -0.88 10.56
N GLN D 49 21.25 -0.91 9.48
CA GLN D 49 22.49 -0.15 9.39
C GLN D 49 22.77 0.28 7.95
N GLU D 50 22.84 1.59 7.71
CA GLU D 50 23.09 2.12 6.37
C GLU D 50 21.95 1.74 5.42
N GLY D 51 22.28 1.31 4.19
CA GLY D 51 21.25 0.93 3.24
C GLY D 51 21.81 0.65 1.85
N MET D 52 21.05 -0.09 1.05
CA MET D 52 21.47 -0.44 -0.31
C MET D 52 20.67 0.33 -1.37
N VAL D 53 19.53 0.91 -0.96
CA VAL D 53 18.67 1.68 -1.87
C VAL D 53 17.86 0.75 -2.78
N GLU D 54 16.59 1.08 -3.00
CA GLU D 54 15.71 0.29 -3.84
C GLU D 54 16.12 0.41 -5.32
N VAL D 55 16.26 1.65 -5.78
CA VAL D 55 16.66 1.95 -7.16
C VAL D 55 15.61 1.50 -8.21
N ALA D 56 14.51 0.90 -7.76
CA ALA D 56 13.45 0.45 -8.68
C ALA D 56 14.02 -0.38 -9.84
N ARG D 57 14.28 -1.67 -9.58
CA ARG D 57 14.84 -2.55 -10.60
C ARG D 57 13.85 -2.84 -11.74
N PHE D 58 13.71 -1.89 -12.65
CA PHE D 58 12.82 -2.02 -13.81
C PHE D 58 11.34 -2.06 -13.38
N ILE D 59 10.51 -2.81 -14.12
CA ILE D 59 9.08 -2.93 -13.83
C ILE D 59 8.31 -1.64 -14.17
N GLU D 60 8.74 -0.52 -13.59
CA GLU D 60 8.10 0.79 -13.82
C GLU D 60 6.89 0.98 -12.89
N MET D 61 6.40 2.21 -12.81
CA MET D 61 5.25 2.53 -11.96
C MET D 61 4.40 3.64 -12.57
N ASN D 62 3.07 3.44 -12.57
CA ASN D 62 2.14 4.41 -13.13
C ASN D 62 1.34 5.10 -12.03
N GLY D 63 2.04 5.84 -11.17
CA GLY D 63 1.37 6.53 -10.07
C GLY D 63 1.44 8.05 -10.20
N SER D 64 0.82 8.75 -9.24
CA SER D 64 0.79 10.21 -9.25
C SER D 64 0.10 10.73 -7.99
N PHE D 65 0.74 11.69 -7.32
CA PHE D 65 0.19 12.27 -6.09
C PHE D 65 0.97 13.52 -5.67
N ALA D 66 0.47 14.20 -4.63
CA ALA D 66 1.12 15.42 -4.13
C ALA D 66 2.24 15.07 -3.15
N ASP D 67 1.90 14.95 -1.88
CA ASP D 67 2.87 14.63 -0.84
C ASP D 67 3.40 13.19 -1.01
N GLU D 68 4.44 13.04 -1.84
CA GLU D 68 5.05 11.74 -2.11
C GLU D 68 6.03 11.32 -1.02
N ASN D 69 6.63 10.13 -1.17
CA ASN D 69 7.59 9.62 -0.20
C ASN D 69 9.01 9.55 -0.79
N LYS D 70 9.37 10.57 -1.58
CA LYS D 70 10.69 10.65 -2.21
C LYS D 70 10.88 9.56 -3.27
N ASP D 71 12.12 9.34 -3.70
CA ASP D 71 12.45 8.35 -4.71
C ASP D 71 12.48 6.93 -4.11
N TRP D 72 13.43 6.11 -4.55
CA TRP D 72 13.57 4.73 -4.06
C TRP D 72 14.66 4.64 -2.98
#